data_9E9A
#
_entry.id   9E9A
#
_entity_poly.entity_id   1
_entity_poly.type   'polypeptide(L)'
_entity_poly.pdbx_seq_one_letter_code
;MAHHHHHHMGTLEAQTQGPGSMISGLNPTLRLFKDHKILYSNMERGLKPLLEVDNFINKYIQNKEGLEIYDKVVGKAAAV
IIYNIGLQNVQAGVVSQPAKDFLESRGIKVAYKKLVEKINDRAESLIESLENPEEVYKYMIKRGIIVNNL
;
_entity_poly.pdbx_strand_id   A
#
# COMPACT_ATOMS: atom_id res chain seq x y z
N MET A 1 -60.41 -11.33 30.95
CA MET A 1 -60.95 -10.14 30.27
C MET A 1 -60.26 -9.95 28.90
N ALA A 2 -61.06 -9.99 27.81
CA ALA A 2 -60.54 -9.84 26.44
C ALA A 2 -60.57 -8.36 26.01
N HIS A 3 -59.72 -8.01 25.04
CA HIS A 3 -59.65 -6.65 24.47
C HIS A 3 -60.02 -6.70 22.99
N HIS A 4 -61.05 -5.91 22.59
CA HIS A 4 -61.46 -5.78 21.19
C HIS A 4 -60.50 -4.83 20.46
N HIS A 5 -59.89 -5.34 19.38
CA HIS A 5 -58.91 -4.59 18.58
C HIS A 5 -59.58 -3.86 17.43
N HIS A 6 -59.06 -2.67 17.11
CA HIS A 6 -59.49 -1.88 15.96
C HIS A 6 -58.54 -2.14 14.77
N HIS A 7 -59.10 -2.66 13.67
CA HIS A 7 -58.31 -3.01 12.47
C HIS A 7 -57.70 -1.77 11.77
N HIS A 8 -56.52 -1.95 11.15
CA HIS A 8 -55.78 -0.86 10.48
C HIS A 8 -55.14 -1.41 9.18
N MET A 9 -55.25 -0.64 8.08
CA MET A 9 -54.69 -1.02 6.76
C MET A 9 -53.15 -1.03 6.80
N GLY A 10 -52.52 -1.99 6.09
CA GLY A 10 -51.05 -2.06 5.99
C GLY A 10 -50.45 -0.83 5.31
N THR A 11 -50.91 -0.57 4.07
CA THR A 11 -50.52 0.59 3.24
C THR A 11 -48.98 0.80 3.22
N LEU A 12 -48.23 -0.22 2.80
CA LEU A 12 -46.75 -0.17 2.78
C LEU A 12 -46.21 -0.16 1.34
N GLU A 13 -45.03 0.45 1.17
CA GLU A 13 -44.42 0.79 -0.13
C GLU A 13 -42.91 0.85 0.11
N ALA A 14 -42.24 -0.29 -0.05
CA ALA A 14 -40.83 -0.46 0.29
C ALA A 14 -39.91 0.03 -0.84
N GLN A 15 -38.59 0.01 -0.60
CA GLN A 15 -37.56 0.52 -1.53
C GLN A 15 -36.64 -0.63 -2.00
N THR A 16 -35.93 -0.40 -3.12
CA THR A 16 -34.97 -1.35 -3.71
C THR A 16 -33.80 -1.63 -2.75
N GLN A 17 -33.27 -2.86 -2.82
CA GLN A 17 -32.15 -3.30 -1.97
C GLN A 17 -30.81 -2.93 -2.62
N GLY A 18 -29.78 -2.68 -1.79
CA GLY A 18 -28.46 -2.28 -2.27
C GLY A 18 -27.67 -3.41 -2.95
N PRO A 19 -26.46 -3.10 -3.53
CA PRO A 19 -25.60 -4.11 -4.18
C PRO A 19 -25.01 -5.14 -3.18
N GLY A 20 -24.60 -6.31 -3.68
CA GLY A 20 -23.94 -7.34 -2.85
C GLY A 20 -22.45 -7.06 -2.68
N SER A 21 -21.60 -8.02 -3.07
CA SER A 21 -20.12 -7.90 -3.01
C SER A 21 -19.45 -8.97 -3.90
N MET A 22 -18.12 -8.91 -3.97
CA MET A 22 -17.30 -9.86 -4.76
C MET A 22 -15.91 -10.01 -4.15
N ILE A 23 -15.24 -11.15 -4.43
CA ILE A 23 -13.85 -11.41 -4.01
C ILE A 23 -12.97 -11.70 -5.24
N SER A 24 -11.64 -11.56 -5.06
CA SER A 24 -10.65 -11.90 -6.09
C SER A 24 -9.62 -12.86 -5.50
N GLY A 25 -9.28 -13.91 -6.27
CA GLY A 25 -8.32 -14.94 -5.84
C GLY A 25 -6.89 -14.42 -5.74
N LEU A 26 -6.62 -13.25 -6.32
CA LEU A 26 -5.33 -12.54 -6.21
C LEU A 26 -5.03 -12.14 -4.75
N ASN A 27 -6.12 -11.91 -3.96
CA ASN A 27 -6.06 -11.49 -2.54
C ASN A 27 -5.54 -10.03 -2.39
N PRO A 28 -5.88 -9.31 -1.27
CA PRO A 28 -5.49 -7.91 -1.06
C PRO A 28 -3.96 -7.76 -0.81
N THR A 29 -3.23 -7.43 -1.89
CA THR A 29 -1.79 -7.12 -1.83
C THR A 29 -1.51 -5.85 -0.98
N LEU A 30 -2.57 -5.05 -0.74
CA LEU A 30 -2.52 -3.87 0.14
C LEU A 30 -3.44 -4.17 1.32
N ARG A 31 -3.07 -3.79 2.55
CA ARG A 31 -3.91 -4.10 3.72
C ARG A 31 -3.68 -3.08 4.83
N LEU A 32 -4.72 -2.85 5.65
CA LEU A 32 -4.65 -1.99 6.84
C LEU A 32 -5.00 -2.84 8.06
N PHE A 33 -4.26 -2.65 9.17
CA PHE A 33 -4.49 -3.37 10.43
C PHE A 33 -4.62 -2.35 11.58
N LYS A 34 -5.28 -2.77 12.67
CA LYS A 34 -5.28 -2.04 13.95
C LYS A 34 -5.12 -3.07 15.09
N ASP A 35 -4.01 -2.96 15.87
CA ASP A 35 -3.63 -3.95 16.92
C ASP A 35 -3.39 -5.33 16.26
N HIS A 36 -2.74 -5.27 15.09
CA HIS A 36 -2.41 -6.42 14.19
C HIS A 36 -3.68 -7.10 13.61
N LYS A 37 -4.85 -6.57 13.93
CA LYS A 37 -6.15 -7.12 13.51
C LYS A 37 -6.53 -6.53 12.16
N ILE A 38 -6.96 -7.39 11.22
CA ILE A 38 -7.37 -6.95 9.86
C ILE A 38 -8.48 -5.90 9.95
N LEU A 39 -8.13 -4.66 9.60
CA LEU A 39 -9.06 -3.52 9.62
C LEU A 39 -9.66 -3.35 8.23
N TYR A 40 -8.79 -3.39 7.22
CA TYR A 40 -9.18 -3.15 5.83
C TYR A 40 -8.30 -3.99 4.90
N SER A 41 -8.83 -4.28 3.70
CA SER A 41 -8.17 -5.10 2.69
C SER A 41 -8.42 -4.48 1.30
N ASN A 42 -7.34 -4.28 0.51
CA ASN A 42 -7.42 -3.57 -0.79
C ASN A 42 -6.32 -4.06 -1.75
N MET A 43 -6.45 -3.74 -3.04
CA MET A 43 -5.41 -3.99 -4.05
C MET A 43 -4.70 -2.67 -4.41
N GLU A 44 -3.47 -2.77 -4.93
CA GLU A 44 -2.72 -1.60 -5.41
C GLU A 44 -3.00 -1.39 -6.91
N ARG A 45 -3.43 -2.46 -7.61
CA ARG A 45 -3.90 -2.40 -9.01
C ARG A 45 -5.39 -2.72 -9.10
N GLY A 46 -6.05 -2.19 -10.14
CA GLY A 46 -7.49 -2.32 -10.32
C GLY A 46 -8.24 -1.07 -9.90
N LEU A 47 -9.51 -1.24 -9.48
CA LEU A 47 -10.38 -0.13 -9.04
C LEU A 47 -10.12 0.18 -7.56
N LYS A 48 -10.04 1.49 -7.25
CA LYS A 48 -9.69 2.00 -5.90
C LYS A 48 -8.30 1.42 -5.43
N PRO A 49 -7.18 1.81 -6.13
CA PRO A 49 -5.81 1.38 -5.77
C PRO A 49 -5.23 2.08 -4.51
N LEU A 50 -3.93 1.80 -4.26
CA LEU A 50 -3.16 2.43 -3.17
C LEU A 50 -3.09 3.96 -3.36
N LEU A 51 -3.14 4.39 -4.63
CA LEU A 51 -3.08 5.80 -5.02
C LEU A 51 -4.37 6.54 -4.60
N GLU A 52 -5.53 5.94 -4.92
CA GLU A 52 -6.85 6.54 -4.62
C GLU A 52 -7.19 6.48 -3.12
N VAL A 53 -6.90 5.35 -2.45
CA VAL A 53 -7.15 5.25 -0.98
C VAL A 53 -6.22 6.24 -0.20
N ASP A 54 -5.07 6.58 -0.83
CA ASP A 54 -4.19 7.66 -0.36
C ASP A 54 -4.82 9.05 -0.63
N ASN A 55 -5.39 9.21 -1.84
CA ASN A 55 -5.88 10.51 -2.35
C ASN A 55 -7.06 11.02 -1.50
N PHE A 56 -7.69 10.09 -0.76
CA PHE A 56 -8.60 10.44 0.33
C PHE A 56 -8.43 9.47 1.51
N ILE A 57 -7.22 9.49 2.15
CA ILE A 57 -7.00 8.78 3.46
C ILE A 57 -7.96 9.31 4.53
N ASN A 58 -7.98 10.64 4.69
CA ASN A 58 -8.75 11.33 5.74
C ASN A 58 -10.24 11.04 5.62
N LYS A 59 -10.70 10.96 4.36
CA LYS A 59 -12.12 10.83 4.03
C LYS A 59 -12.58 9.36 4.07
N TYR A 60 -11.72 8.44 3.63
CA TYR A 60 -12.06 7.00 3.61
C TYR A 60 -11.81 6.35 4.98
N ILE A 61 -10.67 6.72 5.57
CA ILE A 61 -10.13 6.14 6.81
C ILE A 61 -10.20 7.18 7.93
N GLN A 62 -11.24 7.08 8.79
CA GLN A 62 -11.37 7.96 9.96
C GLN A 62 -10.30 7.60 11.03
N ASN A 63 -9.92 6.30 11.07
CA ASN A 63 -9.00 5.73 12.08
C ASN A 63 -7.55 5.68 11.53
N LYS A 64 -7.19 6.67 10.69
CA LYS A 64 -5.81 6.85 10.15
C LYS A 64 -4.74 6.94 11.25
N GLU A 65 -5.19 7.41 12.41
CA GLU A 65 -4.32 7.68 13.58
C GLU A 65 -3.74 6.37 14.16
N GLY A 66 -2.40 6.22 14.09
CA GLY A 66 -1.68 5.09 14.71
C GLY A 66 -1.98 3.73 14.08
N LEU A 67 -2.45 3.76 12.81
CA LEU A 67 -2.88 2.56 12.08
C LEU A 67 -1.66 1.82 11.47
N GLU A 68 -1.86 0.56 11.06
CA GLU A 68 -0.84 -0.24 10.34
C GLU A 68 -1.22 -0.41 8.87
N ILE A 69 -0.21 -0.59 8.00
CA ILE A 69 -0.41 -0.87 6.57
C ILE A 69 0.50 -2.05 6.11
N TYR A 70 0.12 -2.66 4.98
CA TYR A 70 0.85 -3.75 4.31
C TYR A 70 0.83 -3.47 2.80
N ASP A 71 1.98 -3.61 2.14
CA ASP A 71 2.14 -3.44 0.69
C ASP A 71 2.96 -4.60 0.09
N LYS A 72 3.30 -4.48 -1.21
CA LYS A 72 4.09 -5.48 -1.93
C LYS A 72 5.59 -5.15 -1.86
N VAL A 73 5.93 -4.00 -2.45
CA VAL A 73 7.30 -3.57 -2.73
C VAL A 73 7.43 -2.08 -2.36
N VAL A 74 8.26 -1.79 -1.35
CA VAL A 74 8.53 -0.41 -0.94
C VAL A 74 9.74 0.11 -1.76
N GLY A 75 9.42 0.64 -2.95
CA GLY A 75 10.39 1.37 -3.78
C GLY A 75 10.46 2.84 -3.39
N LYS A 76 11.03 3.69 -4.27
CA LYS A 76 11.08 5.15 -4.05
C LYS A 76 9.67 5.76 -4.00
N ALA A 77 8.81 5.36 -4.95
CA ALA A 77 7.41 5.82 -5.02
C ALA A 77 6.59 5.37 -3.81
N ALA A 78 6.81 4.13 -3.39
CA ALA A 78 6.15 3.57 -2.20
C ALA A 78 6.67 4.26 -0.92
N ALA A 79 7.96 4.66 -0.92
CA ALA A 79 8.60 5.39 0.21
C ALA A 79 7.97 6.79 0.39
N VAL A 80 7.93 7.55 -0.71
CA VAL A 80 7.34 8.90 -0.69
C VAL A 80 5.84 8.80 -0.34
N ILE A 81 5.12 7.83 -0.95
CA ILE A 81 3.68 7.63 -0.69
C ILE A 81 3.41 7.26 0.79
N ILE A 82 4.16 6.29 1.35
CA ILE A 82 3.98 5.87 2.76
C ILE A 82 4.29 7.05 3.70
N TYR A 83 5.31 7.86 3.35
CA TYR A 83 5.65 9.08 4.10
C TYR A 83 4.51 10.13 4.00
N ASN A 84 3.85 10.19 2.83
CA ASN A 84 2.71 11.09 2.56
C ASN A 84 1.47 10.67 3.35
N ILE A 85 1.28 9.34 3.48
CA ILE A 85 0.20 8.76 4.29
C ILE A 85 0.47 9.03 5.77
N GLY A 86 1.72 8.79 6.17
CA GLY A 86 2.22 9.16 7.50
C GLY A 86 1.85 8.12 8.52
N LEU A 87 2.08 6.84 8.18
CA LEU A 87 1.83 5.71 9.07
C LEU A 87 3.13 5.26 9.72
N GLN A 88 3.00 4.79 10.97
CA GLN A 88 4.12 4.52 11.88
C GLN A 88 4.39 3.01 11.97
N ASN A 89 3.46 2.21 11.42
CA ASN A 89 3.51 0.74 11.48
C ASN A 89 3.17 0.20 10.08
N VAL A 90 4.18 -0.43 9.44
CA VAL A 90 4.08 -0.84 8.03
C VAL A 90 4.68 -2.26 7.84
N GLN A 91 4.18 -2.99 6.84
CA GLN A 91 4.74 -4.27 6.44
C GLN A 91 4.79 -4.33 4.89
N ALA A 92 5.80 -5.01 4.35
CA ALA A 92 5.96 -5.22 2.89
C ALA A 92 6.57 -6.60 2.64
N GLY A 93 6.59 -7.02 1.36
CA GLY A 93 7.26 -8.26 0.95
C GLY A 93 8.73 -7.99 0.65
N VAL A 94 8.96 -6.95 -0.18
CA VAL A 94 10.29 -6.51 -0.59
C VAL A 94 10.48 -5.01 -0.37
N VAL A 95 11.74 -4.56 -0.14
CA VAL A 95 12.04 -3.10 -0.03
C VAL A 95 13.41 -2.66 -0.61
N SER A 96 13.45 -1.52 -1.32
CA SER A 96 14.70 -0.87 -1.75
C SER A 96 15.47 -0.34 -0.51
N GLN A 97 16.83 -0.39 -0.54
CA GLN A 97 17.68 0.04 0.62
C GLN A 97 17.41 1.52 1.02
N PRO A 98 17.44 2.54 0.09
CA PRO A 98 17.17 3.95 0.48
C PRO A 98 15.76 4.12 1.09
N ALA A 99 14.82 3.30 0.60
CA ALA A 99 13.42 3.32 1.06
C ALA A 99 13.31 2.81 2.52
N LYS A 100 13.89 1.62 2.79
CA LYS A 100 13.86 1.01 4.14
C LYS A 100 14.56 1.92 5.14
N ASP A 101 15.70 2.46 4.69
CA ASP A 101 16.51 3.40 5.46
C ASP A 101 15.68 4.63 5.83
N PHE A 102 14.98 5.22 4.84
CA PHE A 102 14.20 6.46 5.03
C PHE A 102 13.06 6.21 6.04
N LEU A 103 12.36 5.09 5.86
CA LEU A 103 11.23 4.68 6.71
C LEU A 103 11.66 4.52 8.20
N GLU A 104 12.69 3.69 8.43
CA GLU A 104 13.25 3.48 9.79
C GLU A 104 13.87 4.76 10.35
N SER A 105 14.28 5.64 9.44
CA SER A 105 14.94 6.95 9.77
C SER A 105 13.89 7.95 10.27
N ARG A 106 12.66 7.88 9.70
CA ARG A 106 11.52 8.71 10.17
C ARG A 106 10.94 8.15 11.49
N GLY A 107 11.46 6.97 11.91
CA GLY A 107 11.00 6.31 13.14
C GLY A 107 9.79 5.42 12.90
N ILE A 108 9.59 5.03 11.62
CA ILE A 108 8.47 4.17 11.22
C ILE A 108 8.87 2.70 11.48
N LYS A 109 8.10 2.03 12.35
CA LYS A 109 8.26 0.61 12.65
C LYS A 109 7.76 -0.21 11.45
N VAL A 110 8.67 -0.91 10.76
CA VAL A 110 8.34 -1.62 9.51
C VAL A 110 8.84 -3.09 9.57
N ALA A 111 8.12 -3.99 8.85
CA ALA A 111 8.50 -5.41 8.69
C ALA A 111 8.58 -5.78 7.18
N TYR A 112 9.80 -5.96 6.67
CA TYR A 112 10.06 -6.15 5.20
C TYR A 112 11.45 -6.77 4.93
N LYS A 113 11.70 -7.15 3.66
CA LYS A 113 12.92 -7.91 3.26
C LYS A 113 13.54 -7.35 1.95
N LYS A 114 14.88 -7.11 1.98
CA LYS A 114 15.73 -7.16 0.76
C LYS A 114 17.21 -7.00 1.18
N LEU A 115 18.12 -7.82 0.60
CA LEU A 115 19.57 -7.67 0.83
C LEU A 115 20.18 -6.83 -0.29
N VAL A 116 20.30 -5.51 -0.06
CA VAL A 116 20.93 -4.55 -0.98
C VAL A 116 21.58 -3.44 -0.16
N GLU A 117 22.46 -2.68 -0.81
CA GLU A 117 23.18 -1.54 -0.19
C GLU A 117 22.84 -0.24 -0.94
N LYS A 118 22.62 -0.36 -2.26
CA LYS A 118 22.49 0.80 -3.16
C LYS A 118 21.70 0.41 -4.41
N ILE A 119 20.56 1.09 -4.66
CA ILE A 119 19.82 1.01 -5.92
C ILE A 119 20.35 2.15 -6.80
N ASN A 120 20.84 1.82 -8.00
CA ASN A 120 21.50 2.79 -8.91
C ASN A 120 20.49 3.86 -9.42
N ASP A 121 20.38 4.93 -8.64
CA ASP A 121 19.54 6.09 -8.93
C ASP A 121 20.38 7.34 -8.64
N ARG A 122 20.58 8.17 -9.69
CA ARG A 122 21.58 9.28 -9.65
C ARG A 122 21.20 10.42 -8.68
N ALA A 123 19.93 10.42 -8.19
CA ALA A 123 19.46 11.42 -7.20
C ALA A 123 20.20 11.30 -5.87
N GLU A 124 20.59 10.06 -5.53
CA GLU A 124 21.30 9.72 -4.28
C GLU A 124 22.63 10.51 -4.17
N SER A 125 23.47 10.41 -5.22
CA SER A 125 24.81 11.02 -5.25
C SER A 125 24.76 12.54 -5.55
N LEU A 126 23.59 13.05 -5.95
CA LEU A 126 23.43 14.46 -6.35
C LEU A 126 22.86 15.31 -5.20
N ILE A 127 21.71 14.88 -4.64
CA ILE A 127 20.94 15.65 -3.64
C ILE A 127 21.59 15.52 -2.25
N GLU A 128 21.83 16.67 -1.59
CA GLU A 128 22.52 16.75 -0.28
C GLU A 128 21.55 16.41 0.85
N SER A 129 20.43 17.14 0.89
CA SER A 129 19.36 16.94 1.86
C SER A 129 18.31 15.97 1.28
N LEU A 130 18.32 14.72 1.78
CA LEU A 130 17.32 13.68 1.41
C LEU A 130 16.06 13.79 2.31
N GLU A 131 15.83 15.01 2.85
CA GLU A 131 14.73 15.34 3.77
C GLU A 131 13.42 15.47 3.00
N ASN A 132 13.52 16.16 1.85
CA ASN A 132 12.36 16.55 1.03
C ASN A 132 12.08 15.45 -0.01
N PRO A 133 10.89 14.78 0.06
CA PRO A 133 10.50 13.69 -0.86
C PRO A 133 10.23 14.20 -2.30
N GLU A 134 10.08 15.54 -2.44
CA GLU A 134 9.79 16.19 -3.72
C GLU A 134 11.03 16.26 -4.62
N GLU A 135 12.21 16.31 -4.01
CA GLU A 135 13.48 16.34 -4.76
C GLU A 135 13.66 15.02 -5.51
N VAL A 136 13.55 13.90 -4.78
CA VAL A 136 13.69 12.55 -5.33
C VAL A 136 12.50 12.16 -6.22
N TYR A 137 11.29 12.67 -5.89
CA TYR A 137 10.03 12.42 -6.65
C TYR A 137 10.21 12.75 -8.16
N LYS A 138 10.90 13.84 -8.47
CA LYS A 138 11.15 14.27 -9.86
C LYS A 138 12.00 13.23 -10.62
N TYR A 139 13.03 12.73 -9.93
CA TYR A 139 13.97 11.73 -10.46
C TYR A 139 13.29 10.35 -10.54
N MET A 140 12.32 10.16 -9.65
CA MET A 140 11.43 8.99 -9.59
C MET A 140 10.56 8.91 -10.86
N ILE A 141 10.16 10.10 -11.40
CA ILE A 141 9.47 10.22 -12.70
C ILE A 141 10.45 9.89 -13.84
N LYS A 142 11.69 10.39 -13.72
CA LYS A 142 12.75 10.24 -14.75
C LYS A 142 13.11 8.76 -15.00
N ARG A 143 13.26 7.98 -13.92
CA ARG A 143 13.51 6.54 -14.01
C ARG A 143 12.16 5.78 -14.15
N GLY A 144 11.06 6.45 -13.78
CA GLY A 144 9.70 5.91 -14.00
C GLY A 144 9.32 4.79 -13.04
N ILE A 145 9.90 4.80 -11.83
CA ILE A 145 9.62 3.77 -10.79
C ILE A 145 8.38 4.13 -9.95
N ILE A 146 7.51 5.02 -10.48
CA ILE A 146 6.24 5.37 -9.83
C ILE A 146 5.16 4.36 -10.20
N VAL A 147 5.27 3.84 -11.44
CA VAL A 147 4.43 2.74 -11.93
C VAL A 147 5.12 1.41 -11.56
N ASN A 148 4.39 0.53 -10.87
CA ASN A 148 4.89 -0.80 -10.49
C ASN A 148 4.87 -1.75 -11.72
N ASN A 149 5.90 -1.59 -12.55
CA ASN A 149 6.05 -2.33 -13.80
C ASN A 149 7.55 -2.39 -14.15
N LEU A 150 8.13 -3.59 -14.06
CA LEU A 150 9.59 -3.82 -14.24
C LEU A 150 10.01 -3.75 -15.73
N MET A 1 -31.99 -41.56 -41.13
CA MET A 1 -33.02 -40.52 -41.33
C MET A 1 -33.99 -40.53 -40.14
N ALA A 2 -33.94 -39.47 -39.31
CA ALA A 2 -34.82 -39.30 -38.13
C ALA A 2 -35.09 -37.81 -37.90
N HIS A 3 -36.36 -37.40 -38.11
CA HIS A 3 -36.79 -36.00 -37.95
C HIS A 3 -37.00 -35.66 -36.46
N HIS A 4 -36.00 -35.01 -35.87
CA HIS A 4 -36.04 -34.57 -34.46
C HIS A 4 -36.13 -33.05 -34.38
N HIS A 5 -37.14 -32.53 -33.66
CA HIS A 5 -37.37 -31.09 -33.47
C HIS A 5 -37.47 -30.80 -31.96
N HIS A 6 -36.38 -30.27 -31.37
CA HIS A 6 -36.33 -29.96 -29.93
C HIS A 6 -36.89 -28.55 -29.66
N HIS A 7 -37.73 -28.45 -28.61
CA HIS A 7 -38.42 -27.21 -28.22
C HIS A 7 -37.84 -26.67 -26.89
N HIS A 8 -38.04 -25.37 -26.66
CA HIS A 8 -37.75 -24.70 -25.38
C HIS A 8 -38.99 -23.88 -24.97
N MET A 9 -39.48 -24.10 -23.75
CA MET A 9 -40.67 -23.40 -23.21
C MET A 9 -40.37 -21.91 -22.95
N GLY A 10 -39.07 -21.61 -22.70
CA GLY A 10 -38.65 -20.26 -22.32
C GLY A 10 -38.92 -19.99 -20.85
N THR A 11 -38.02 -20.48 -19.98
CA THR A 11 -38.15 -20.35 -18.53
C THR A 11 -37.96 -18.88 -18.11
N LEU A 12 -38.97 -18.32 -17.42
CA LEU A 12 -38.99 -16.90 -17.01
C LEU A 12 -38.37 -16.75 -15.62
N GLU A 13 -37.02 -16.59 -15.60
CA GLU A 13 -36.25 -16.37 -14.36
C GLU A 13 -35.57 -15.00 -14.43
N ALA A 14 -36.28 -14.03 -15.04
CA ALA A 14 -35.80 -12.66 -15.17
C ALA A 14 -36.16 -11.86 -13.91
N GLN A 15 -35.16 -11.64 -13.03
CA GLN A 15 -35.35 -10.86 -11.78
C GLN A 15 -34.04 -10.17 -11.39
N THR A 16 -34.17 -9.09 -10.59
CA THR A 16 -33.03 -8.30 -10.10
C THR A 16 -32.31 -9.05 -8.97
N GLN A 17 -31.09 -9.55 -9.25
CA GLN A 17 -30.24 -10.25 -8.26
C GLN A 17 -28.95 -9.46 -8.01
N GLY A 18 -28.28 -9.76 -6.89
CA GLY A 18 -27.02 -9.13 -6.52
C GLY A 18 -25.81 -9.94 -7.02
N PRO A 19 -24.69 -9.26 -7.43
CA PRO A 19 -23.48 -9.93 -7.96
C PRO A 19 -22.69 -10.69 -6.86
N GLY A 20 -22.00 -11.77 -7.27
CA GLY A 20 -21.22 -12.60 -6.34
C GLY A 20 -19.94 -11.94 -5.84
N SER A 21 -19.18 -12.65 -5.00
CA SER A 21 -17.97 -12.13 -4.35
C SER A 21 -16.78 -12.08 -5.34
N MET A 22 -16.18 -10.89 -5.47
CA MET A 22 -15.00 -10.67 -6.33
C MET A 22 -13.75 -11.34 -5.70
N ILE A 23 -13.15 -12.27 -6.45
CA ILE A 23 -11.93 -12.99 -6.02
C ILE A 23 -11.03 -13.25 -7.24
N SER A 24 -9.71 -13.19 -7.04
CA SER A 24 -8.71 -13.42 -8.08
C SER A 24 -7.38 -13.84 -7.43
N GLY A 25 -6.51 -14.47 -8.25
CA GLY A 25 -5.17 -14.90 -7.80
C GLY A 25 -4.13 -13.80 -7.85
N LEU A 26 -4.59 -12.54 -7.94
CA LEU A 26 -3.73 -11.34 -7.92
C LEU A 26 -3.17 -11.11 -6.51
N ASN A 27 -4.03 -11.36 -5.48
CA ASN A 27 -3.74 -11.09 -4.06
C ASN A 27 -3.65 -9.58 -3.77
N PRO A 28 -4.42 -9.06 -2.76
CA PRO A 28 -4.35 -7.64 -2.35
C PRO A 28 -2.97 -7.30 -1.74
N THR A 29 -2.14 -6.61 -2.54
CA THR A 29 -0.82 -6.13 -2.11
C THR A 29 -0.96 -5.12 -0.96
N LEU A 30 -2.07 -4.38 -0.94
CA LEU A 30 -2.21 -3.18 -0.11
C LEU A 30 -3.30 -3.39 0.95
N ARG A 31 -2.89 -3.69 2.19
CA ARG A 31 -3.82 -4.02 3.29
C ARG A 31 -3.73 -3.01 4.42
N LEU A 32 -4.77 -3.02 5.28
CA LEU A 32 -4.81 -2.28 6.54
C LEU A 32 -5.07 -3.27 7.67
N PHE A 33 -4.38 -3.07 8.80
CA PHE A 33 -4.37 -3.97 9.95
C PHE A 33 -4.75 -3.20 11.20
N LYS A 34 -5.48 -3.86 12.10
CA LYS A 34 -5.73 -3.36 13.46
C LYS A 34 -5.25 -4.43 14.42
N ASP A 35 -4.39 -4.05 15.40
CA ASP A 35 -3.61 -4.96 16.28
C ASP A 35 -2.94 -6.10 15.47
N HIS A 36 -2.41 -5.71 14.29
CA HIS A 36 -1.72 -6.57 13.30
C HIS A 36 -2.66 -7.60 12.61
N LYS A 37 -3.97 -7.50 12.89
CA LYS A 37 -5.01 -8.37 12.34
C LYS A 37 -5.53 -7.78 11.04
N ILE A 38 -5.77 -8.61 10.03
CA ILE A 38 -6.31 -8.18 8.73
C ILE A 38 -7.68 -7.51 8.93
N LEU A 39 -7.71 -6.19 8.71
CA LEU A 39 -8.90 -5.35 8.91
C LEU A 39 -9.48 -4.95 7.55
N TYR A 40 -8.58 -4.72 6.59
CA TYR A 40 -8.91 -4.29 5.24
C TYR A 40 -7.87 -4.88 4.26
N SER A 41 -8.26 -5.04 2.99
CA SER A 41 -7.42 -5.58 1.92
C SER A 41 -7.84 -4.93 0.60
N ASN A 42 -6.84 -4.46 -0.17
CA ASN A 42 -7.07 -3.72 -1.43
C ASN A 42 -5.88 -3.93 -2.38
N MET A 43 -6.10 -3.66 -3.67
CA MET A 43 -5.07 -3.77 -4.73
C MET A 43 -5.21 -2.56 -5.67
N GLU A 44 -4.29 -2.45 -6.66
CA GLU A 44 -4.29 -1.35 -7.64
C GLU A 44 -5.52 -1.43 -8.58
N ARG A 45 -6.09 -2.64 -8.69
CA ARG A 45 -7.28 -2.91 -9.52
C ARG A 45 -8.56 -2.82 -8.67
N GLY A 46 -9.71 -2.79 -9.37
CA GLY A 46 -11.02 -2.69 -8.72
C GLY A 46 -11.60 -1.28 -8.85
N LEU A 47 -12.45 -0.89 -7.89
CA LEU A 47 -13.10 0.43 -7.88
C LEU A 47 -12.27 1.45 -7.08
N LYS A 48 -11.41 0.97 -6.17
CA LYS A 48 -10.53 1.82 -5.35
C LYS A 48 -9.05 1.46 -5.63
N PRO A 49 -8.39 2.13 -6.62
CA PRO A 49 -6.96 1.89 -6.93
C PRO A 49 -6.01 2.44 -5.84
N LEU A 50 -4.74 1.99 -5.92
CA LEU A 50 -3.69 2.32 -4.93
C LEU A 50 -3.53 3.85 -4.79
N LEU A 51 -3.65 4.56 -5.92
CA LEU A 51 -3.45 6.01 -5.98
C LEU A 51 -4.61 6.78 -5.31
N GLU A 52 -5.86 6.31 -5.47
CA GLU A 52 -7.03 6.96 -4.84
C GLU A 52 -7.08 6.69 -3.34
N VAL A 53 -6.87 5.41 -2.94
CA VAL A 53 -7.06 4.98 -1.52
C VAL A 53 -6.10 5.73 -0.56
N ASP A 54 -4.83 5.91 -0.95
CA ASP A 54 -3.83 6.60 -0.10
C ASP A 54 -4.04 8.13 -0.16
N ASN A 55 -4.41 8.63 -1.36
CA ASN A 55 -4.54 10.07 -1.64
C ASN A 55 -5.66 10.66 -0.80
N PHE A 56 -6.67 9.82 -0.48
CA PHE A 56 -7.65 10.15 0.55
C PHE A 56 -7.46 9.19 1.73
N ILE A 57 -6.28 9.30 2.37
CA ILE A 57 -6.05 8.80 3.72
C ILE A 57 -6.82 9.63 4.75
N ASN A 58 -7.06 10.91 4.42
CA ASN A 58 -7.86 11.82 5.28
C ASN A 58 -9.34 11.43 5.25
N LYS A 59 -9.77 10.74 4.18
CA LYS A 59 -11.14 10.22 4.07
C LYS A 59 -11.22 8.82 4.70
N TYR A 60 -10.28 7.96 4.28
CA TYR A 60 -10.25 6.54 4.69
C TYR A 60 -9.91 6.41 6.18
N ILE A 61 -8.93 7.20 6.60
CA ILE A 61 -8.27 7.09 7.90
C ILE A 61 -8.38 8.46 8.60
N GLN A 62 -9.60 9.03 8.55
CA GLN A 62 -9.89 10.34 9.16
C GLN A 62 -9.64 10.32 10.67
N ASN A 63 -9.99 9.20 11.31
CA ASN A 63 -9.87 9.02 12.77
C ASN A 63 -9.39 7.59 13.09
N LYS A 64 -8.82 6.90 12.07
CA LYS A 64 -8.39 5.50 12.17
C LYS A 64 -6.87 5.44 12.42
N GLU A 65 -6.34 6.43 13.19
CA GLU A 65 -4.93 6.49 13.56
C GLU A 65 -4.59 5.36 14.55
N GLY A 66 -3.43 4.72 14.33
CA GLY A 66 -3.00 3.57 15.12
C GLY A 66 -2.96 2.30 14.29
N LEU A 67 -3.64 2.31 13.11
CA LEU A 67 -3.64 1.17 12.17
C LEU A 67 -2.26 0.97 11.54
N GLU A 68 -2.04 -0.24 11.03
CA GLU A 68 -0.84 -0.62 10.31
C GLU A 68 -1.19 -0.79 8.83
N ILE A 69 -0.30 -0.35 7.93
CA ILE A 69 -0.52 -0.50 6.47
C ILE A 69 0.45 -1.57 5.96
N TYR A 70 0.07 -2.24 4.87
CA TYR A 70 0.86 -3.31 4.25
C TYR A 70 0.92 -3.08 2.75
N ASP A 71 2.12 -3.20 2.18
CA ASP A 71 2.32 -3.36 0.72
C ASP A 71 3.28 -4.55 0.52
N LYS A 72 3.51 -4.94 -0.74
CA LYS A 72 4.48 -6.00 -1.06
C LYS A 72 5.85 -5.39 -1.33
N VAL A 73 5.92 -4.46 -2.31
CA VAL A 73 7.16 -3.83 -2.77
C VAL A 73 7.18 -2.34 -2.41
N VAL A 74 8.02 -1.97 -1.44
CA VAL A 74 8.22 -0.55 -1.07
C VAL A 74 9.43 0.01 -1.84
N GLY A 75 9.10 0.62 -2.98
CA GLY A 75 10.06 1.32 -3.82
C GLY A 75 10.07 2.80 -3.51
N LYS A 76 10.58 3.59 -4.46
CA LYS A 76 10.72 5.05 -4.31
C LYS A 76 9.34 5.72 -4.10
N ALA A 77 8.36 5.32 -4.93
CA ALA A 77 6.97 5.86 -4.89
C ALA A 77 6.24 5.48 -3.60
N ALA A 78 6.33 4.21 -3.25
CA ALA A 78 5.73 3.69 -2.01
C ALA A 78 6.33 4.40 -0.80
N ALA A 79 7.67 4.66 -0.85
CA ALA A 79 8.41 5.31 0.23
C ALA A 79 7.98 6.76 0.41
N VAL A 80 7.98 7.54 -0.70
CA VAL A 80 7.60 8.95 -0.65
C VAL A 80 6.14 9.10 -0.20
N ILE A 81 5.26 8.18 -0.65
CA ILE A 81 3.84 8.22 -0.27
C ILE A 81 3.66 7.96 1.23
N ILE A 82 4.17 6.82 1.72
CA ILE A 82 4.05 6.44 3.14
C ILE A 82 4.69 7.52 4.06
N TYR A 83 5.81 8.09 3.59
CA TYR A 83 6.53 9.19 4.26
C TYR A 83 5.66 10.47 4.34
N ASN A 84 5.00 10.81 3.21
CA ASN A 84 4.14 12.01 3.07
C ASN A 84 2.84 11.87 3.88
N ILE A 85 2.31 10.65 3.98
CA ILE A 85 1.13 10.35 4.79
C ILE A 85 1.50 10.35 6.29
N GLY A 86 2.54 9.59 6.64
CA GLY A 86 3.11 9.59 7.99
C GLY A 86 2.59 8.45 8.85
N LEU A 87 2.43 7.28 8.23
CA LEU A 87 1.99 6.05 8.92
C LEU A 87 3.21 5.42 9.61
N GLN A 88 3.15 5.29 10.94
CA GLN A 88 4.31 4.83 11.76
C GLN A 88 4.24 3.32 12.04
N ASN A 89 3.13 2.67 11.64
CA ASN A 89 2.94 1.21 11.75
C ASN A 89 2.77 0.66 10.32
N VAL A 90 3.82 -0.01 9.77
CA VAL A 90 3.85 -0.44 8.36
C VAL A 90 4.49 -1.84 8.22
N GLN A 91 4.11 -2.56 7.14
CA GLN A 91 4.65 -3.86 6.80
C GLN A 91 4.80 -3.99 5.26
N ALA A 92 5.90 -4.64 4.81
CA ALA A 92 6.13 -4.98 3.39
C ALA A 92 6.85 -6.32 3.26
N GLY A 93 6.97 -6.80 2.01
CA GLY A 93 7.74 -8.02 1.71
C GLY A 93 9.18 -7.67 1.41
N VAL A 94 9.36 -6.67 0.52
CA VAL A 94 10.67 -6.17 0.08
C VAL A 94 10.67 -4.64 0.13
N VAL A 95 11.86 -4.04 0.30
CA VAL A 95 12.02 -2.57 0.30
C VAL A 95 13.36 -2.14 -0.35
N SER A 96 13.41 -0.91 -0.92
CA SER A 96 14.68 -0.27 -1.34
C SER A 96 15.50 0.12 -0.08
N GLN A 97 16.85 0.17 -0.19
CA GLN A 97 17.73 0.52 0.97
C GLN A 97 17.42 1.95 1.51
N PRO A 98 17.42 3.05 0.66
CA PRO A 98 17.16 4.43 1.18
C PRO A 98 15.72 4.58 1.72
N ALA A 99 14.77 3.84 1.11
CA ALA A 99 13.37 3.80 1.55
C ALA A 99 13.32 3.29 3.00
N LYS A 100 13.94 2.12 3.23
CA LYS A 100 14.03 1.47 4.54
C LYS A 100 14.69 2.37 5.58
N ASP A 101 15.84 2.93 5.16
CA ASP A 101 16.69 3.77 5.98
C ASP A 101 15.93 5.00 6.49
N PHE A 102 15.20 5.69 5.59
CA PHE A 102 14.50 6.95 5.92
C PHE A 102 13.21 6.69 6.70
N LEU A 103 12.56 5.55 6.38
CA LEU A 103 11.33 5.13 7.07
C LEU A 103 11.61 4.86 8.56
N GLU A 104 12.56 3.97 8.83
CA GLU A 104 12.96 3.62 10.21
C GLU A 104 13.60 4.82 10.93
N SER A 105 14.18 5.72 10.12
CA SER A 105 14.84 6.96 10.64
C SER A 105 13.80 7.97 11.14
N ARG A 106 12.66 8.08 10.41
CA ARG A 106 11.53 8.96 10.79
C ARG A 106 10.71 8.37 11.95
N GLY A 107 11.15 7.21 12.48
CA GLY A 107 10.49 6.54 13.59
C GLY A 107 9.32 5.70 13.13
N ILE A 108 9.28 5.38 11.82
CA ILE A 108 8.25 4.52 11.25
C ILE A 108 8.65 3.07 11.53
N LYS A 109 7.87 2.40 12.38
CA LYS A 109 8.08 0.99 12.71
C LYS A 109 7.57 0.14 11.56
N VAL A 110 8.50 -0.53 10.85
CA VAL A 110 8.16 -1.29 9.64
C VAL A 110 8.68 -2.74 9.72
N ALA A 111 7.88 -3.69 9.18
CA ALA A 111 8.30 -5.11 9.02
C ALA A 111 8.51 -5.47 7.53
N TYR A 112 9.77 -5.39 7.06
CA TYR A 112 10.13 -5.66 5.65
C TYR A 112 11.56 -6.22 5.49
N LYS A 113 11.87 -6.69 4.27
CA LYS A 113 13.16 -7.34 3.94
C LYS A 113 13.83 -6.66 2.72
N LYS A 114 15.16 -6.85 2.61
CA LYS A 114 15.96 -6.40 1.44
C LYS A 114 17.39 -6.95 1.53
N LEU A 115 18.00 -7.30 0.39
CA LEU A 115 19.46 -7.44 0.31
C LEU A 115 19.99 -6.41 -0.70
N VAL A 116 20.34 -5.23 -0.16
CA VAL A 116 20.99 -4.11 -0.87
C VAL A 116 21.66 -3.22 0.18
N GLU A 117 22.89 -2.78 -0.12
CA GLU A 117 23.64 -1.86 0.75
C GLU A 117 23.44 -0.41 0.24
N LYS A 118 23.16 -0.30 -1.07
CA LYS A 118 22.74 0.93 -1.75
C LYS A 118 21.95 0.57 -3.01
N ILE A 119 21.43 1.58 -3.72
CA ILE A 119 20.73 1.37 -5.00
C ILE A 119 21.53 2.06 -6.12
N ASN A 120 21.86 1.29 -7.19
CA ASN A 120 22.54 1.84 -8.39
C ASN A 120 21.56 2.78 -9.13
N ASP A 121 21.54 4.03 -8.68
CA ASP A 121 20.54 5.02 -9.06
C ASP A 121 21.16 6.42 -9.03
N ARG A 122 20.88 7.22 -10.07
CA ARG A 122 21.41 8.60 -10.20
C ARG A 122 20.89 9.47 -9.04
N ALA A 123 19.56 9.50 -8.86
CA ALA A 123 18.89 10.33 -7.83
C ALA A 123 19.34 9.98 -6.40
N GLU A 124 19.73 8.71 -6.19
CA GLU A 124 20.20 8.19 -4.89
C GLU A 124 21.54 8.87 -4.53
N SER A 125 22.50 8.75 -5.46
CA SER A 125 23.88 9.24 -5.24
C SER A 125 23.99 10.77 -5.46
N LEU A 126 23.04 11.37 -6.19
CA LEU A 126 23.09 12.79 -6.59
C LEU A 126 22.45 13.68 -5.52
N ILE A 127 21.20 13.35 -5.15
CA ILE A 127 20.41 14.14 -4.20
C ILE A 127 20.86 13.81 -2.77
N GLU A 128 21.81 14.61 -2.28
CA GLU A 128 22.36 14.49 -0.92
C GLU A 128 21.36 15.02 0.10
N SER A 129 20.76 16.15 -0.24
CA SER A 129 19.63 16.75 0.50
C SER A 129 18.33 15.92 0.28
N LEU A 130 18.33 14.67 0.78
CA LEU A 130 17.21 13.70 0.57
C LEU A 130 16.14 13.88 1.68
N GLU A 131 16.21 15.02 2.39
CA GLU A 131 15.21 15.42 3.39
C GLU A 131 13.91 15.92 2.71
N ASN A 132 14.03 16.30 1.42
CA ASN A 132 12.88 16.73 0.59
C ASN A 132 12.38 15.54 -0.27
N PRO A 133 11.17 14.96 0.03
CA PRO A 133 10.53 13.92 -0.83
C PRO A 133 10.03 14.47 -2.17
N GLU A 134 9.90 15.81 -2.24
CA GLU A 134 9.41 16.54 -3.43
C GLU A 134 10.44 16.51 -4.57
N GLU A 135 11.72 16.68 -4.21
CA GLU A 135 12.82 16.73 -5.20
C GLU A 135 13.06 15.35 -5.83
N VAL A 136 13.09 14.30 -4.99
CA VAL A 136 13.24 12.91 -5.46
C VAL A 136 12.01 12.46 -6.27
N TYR A 137 10.83 12.98 -5.89
CA TYR A 137 9.54 12.72 -6.58
C TYR A 137 9.63 13.10 -8.07
N LYS A 138 10.37 14.19 -8.37
CA LYS A 138 10.56 14.70 -9.74
C LYS A 138 11.34 13.69 -10.61
N TYR A 139 12.35 13.06 -10.00
CA TYR A 139 13.18 12.03 -10.66
C TYR A 139 12.39 10.70 -10.76
N MET A 140 11.55 10.47 -9.74
CA MET A 140 10.60 9.35 -9.69
C MET A 140 9.61 9.38 -10.87
N ILE A 141 9.18 10.60 -11.25
CA ILE A 141 8.33 10.83 -12.44
C ILE A 141 9.04 10.33 -13.72
N LYS A 142 10.32 10.71 -13.86
CA LYS A 142 11.15 10.43 -15.05
C LYS A 142 11.44 8.93 -15.21
N ARG A 143 12.05 8.36 -14.16
CA ARG A 143 12.48 6.95 -14.13
C ARG A 143 11.26 5.99 -14.06
N GLY A 144 10.09 6.53 -13.68
CA GLY A 144 8.81 5.84 -13.88
C GLY A 144 8.56 4.71 -12.90
N ILE A 145 9.22 4.81 -11.73
CA ILE A 145 9.11 3.79 -10.65
C ILE A 145 7.90 4.04 -9.74
N ILE A 146 6.93 4.82 -10.26
CA ILE A 146 5.62 5.05 -9.61
C ILE A 146 4.65 3.92 -9.98
N VAL A 147 4.83 3.38 -11.19
CA VAL A 147 4.14 2.19 -11.66
C VAL A 147 5.15 1.00 -11.61
N ASN A 148 4.75 -0.11 -10.97
CA ASN A 148 5.59 -1.32 -10.81
C ASN A 148 5.91 -1.93 -12.20
N ASN A 149 4.93 -1.82 -13.13
CA ASN A 149 5.10 -2.20 -14.53
C ASN A 149 5.37 -0.94 -15.37
N LEU A 150 6.65 -0.54 -15.44
CA LEU A 150 7.09 0.61 -16.25
C LEU A 150 7.41 0.18 -17.69
N MET A 1 -55.27 -41.42 -59.15
CA MET A 1 -54.18 -40.91 -58.30
C MET A 1 -54.49 -39.47 -57.86
N ALA A 2 -54.83 -39.30 -56.56
CA ALA A 2 -55.24 -38.02 -55.99
C ALA A 2 -54.02 -37.08 -55.84
N HIS A 3 -53.81 -36.23 -56.86
CA HIS A 3 -52.65 -35.31 -56.92
C HIS A 3 -52.94 -34.04 -56.11
N HIS A 4 -52.96 -34.19 -54.78
CA HIS A 4 -53.16 -33.09 -53.83
C HIS A 4 -52.15 -33.27 -52.68
N HIS A 5 -51.18 -32.35 -52.59
CA HIS A 5 -50.17 -32.35 -51.51
C HIS A 5 -50.02 -30.94 -50.94
N HIS A 6 -50.10 -30.83 -49.60
CA HIS A 6 -49.94 -29.56 -48.85
C HIS A 6 -48.95 -29.77 -47.70
N HIS A 7 -48.10 -28.76 -47.45
CA HIS A 7 -47.10 -28.78 -46.37
C HIS A 7 -46.54 -27.36 -46.18
N HIS A 8 -47.00 -26.66 -45.14
CA HIS A 8 -46.43 -25.38 -44.70
C HIS A 8 -46.63 -25.22 -43.19
N MET A 9 -45.53 -25.09 -42.44
CA MET A 9 -45.54 -24.94 -40.97
C MET A 9 -44.48 -23.89 -40.57
N GLY A 10 -44.91 -22.88 -39.81
CA GLY A 10 -44.03 -21.80 -39.36
C GLY A 10 -44.21 -21.52 -37.87
N THR A 11 -43.11 -21.59 -37.11
CA THR A 11 -43.12 -21.40 -35.64
C THR A 11 -42.02 -20.42 -35.20
N LEU A 12 -42.22 -19.82 -34.02
CA LEU A 12 -41.29 -18.88 -33.39
C LEU A 12 -41.13 -19.25 -31.90
N GLU A 13 -39.88 -19.38 -31.44
CA GLU A 13 -39.56 -19.79 -30.06
C GLU A 13 -38.08 -19.47 -29.82
N ALA A 14 -37.82 -18.53 -28.91
CA ALA A 14 -36.47 -18.05 -28.59
C ALA A 14 -36.15 -18.30 -27.11
N GLN A 15 -35.04 -18.99 -26.87
CA GLN A 15 -34.52 -19.31 -25.53
C GLN A 15 -32.99 -19.06 -25.49
N THR A 16 -32.34 -19.51 -24.41
CA THR A 16 -30.87 -19.43 -24.22
C THR A 16 -30.43 -17.96 -24.05
N GLN A 17 -30.49 -17.48 -22.80
CA GLN A 17 -30.10 -16.11 -22.42
C GLN A 17 -29.91 -16.08 -20.90
N GLY A 18 -28.72 -15.72 -20.45
CA GLY A 18 -28.42 -15.61 -19.03
C GLY A 18 -26.93 -15.38 -18.79
N PRO A 19 -26.43 -14.11 -18.90
CA PRO A 19 -25.00 -13.78 -18.67
C PRO A 19 -24.56 -13.96 -17.20
N GLY A 20 -23.26 -13.83 -16.97
CA GLY A 20 -22.69 -13.94 -15.62
C GLY A 20 -21.38 -13.19 -15.53
N SER A 21 -21.15 -12.52 -14.40
CA SER A 21 -19.94 -11.74 -14.13
C SER A 21 -19.31 -12.21 -12.81
N MET A 22 -18.38 -13.19 -12.92
CA MET A 22 -17.64 -13.70 -11.75
C MET A 22 -16.60 -12.65 -11.30
N ILE A 23 -16.52 -12.41 -9.98
CA ILE A 23 -15.50 -11.54 -9.38
C ILE A 23 -14.10 -12.13 -9.66
N SER A 24 -13.33 -11.45 -10.51
CA SER A 24 -12.02 -11.90 -10.96
C SER A 24 -10.95 -10.86 -10.55
N GLY A 25 -9.95 -11.32 -9.78
CA GLY A 25 -8.80 -10.53 -9.39
C GLY A 25 -7.59 -11.43 -9.18
N LEU A 26 -6.69 -11.01 -8.28
CA LEU A 26 -5.47 -11.76 -7.94
C LEU A 26 -5.34 -11.82 -6.41
N ASN A 27 -4.79 -10.74 -5.82
CA ASN A 27 -4.50 -10.64 -4.37
C ASN A 27 -4.27 -9.15 -4.04
N PRO A 28 -4.87 -8.64 -2.92
CA PRO A 28 -4.72 -7.23 -2.50
C PRO A 28 -3.29 -6.94 -1.99
N THR A 29 -2.46 -6.47 -2.92
CA THR A 29 -1.05 -6.11 -2.67
C THR A 29 -0.89 -4.92 -1.69
N LEU A 30 -2.00 -4.22 -1.34
CA LEU A 30 -2.01 -3.14 -0.33
C LEU A 30 -3.04 -3.51 0.74
N ARG A 31 -2.57 -3.88 1.93
CA ARG A 31 -3.45 -4.30 3.02
C ARG A 31 -3.34 -3.30 4.18
N LEU A 32 -4.46 -3.06 4.84
CA LEU A 32 -4.58 -2.20 6.03
C LEU A 32 -5.04 -3.12 7.18
N PHE A 33 -4.38 -2.97 8.32
CA PHE A 33 -4.41 -3.94 9.43
C PHE A 33 -4.33 -3.15 10.75
N LYS A 34 -5.34 -3.33 11.62
CA LYS A 34 -5.42 -2.63 12.91
C LYS A 34 -6.23 -3.49 13.89
N ASP A 35 -5.83 -3.43 15.18
CA ASP A 35 -6.52 -4.11 16.30
C ASP A 35 -6.50 -5.64 16.09
N HIS A 36 -5.41 -6.14 15.46
CA HIS A 36 -5.22 -7.55 15.09
C HIS A 36 -6.35 -8.05 14.18
N LYS A 37 -6.86 -7.13 13.35
CA LYS A 37 -7.92 -7.42 12.37
C LYS A 37 -7.53 -6.80 11.03
N ILE A 38 -7.84 -7.49 9.92
CA ILE A 38 -7.73 -6.91 8.58
C ILE A 38 -8.76 -5.78 8.46
N LEU A 39 -8.24 -4.56 8.46
CA LEU A 39 -9.05 -3.33 8.44
C LEU A 39 -9.63 -3.18 7.02
N TYR A 40 -8.74 -3.29 6.03
CA TYR A 40 -9.08 -3.11 4.62
C TYR A 40 -8.08 -3.89 3.75
N SER A 41 -8.51 -4.23 2.53
CA SER A 41 -7.67 -4.92 1.54
C SER A 41 -7.98 -4.36 0.15
N ASN A 42 -6.93 -3.93 -0.59
CA ASN A 42 -7.06 -3.29 -1.90
C ASN A 42 -5.80 -3.55 -2.75
N MET A 43 -5.90 -3.38 -4.07
CA MET A 43 -4.76 -3.55 -5.00
C MET A 43 -4.32 -2.19 -5.58
N GLU A 44 -3.20 -2.19 -6.29
CA GLU A 44 -2.60 -0.97 -6.88
C GLU A 44 -3.29 -0.53 -8.18
N ARG A 45 -4.16 -1.38 -8.74
CA ARG A 45 -4.83 -1.15 -10.03
C ARG A 45 -6.36 -1.09 -9.89
N GLY A 46 -7.06 -1.01 -11.04
CA GLY A 46 -8.53 -0.97 -11.10
C GLY A 46 -9.07 0.46 -11.05
N LEU A 47 -10.37 0.60 -10.71
CA LEU A 47 -11.02 1.92 -10.52
C LEU A 47 -10.58 2.56 -9.18
N LYS A 48 -9.95 1.75 -8.31
CA LYS A 48 -9.39 2.20 -7.04
C LYS A 48 -7.92 1.75 -6.94
N PRO A 49 -6.98 2.51 -7.59
CA PRO A 49 -5.52 2.23 -7.47
C PRO A 49 -4.95 2.66 -6.10
N LEU A 50 -3.64 2.32 -5.89
CA LEU A 50 -2.94 2.65 -4.63
C LEU A 50 -2.91 4.17 -4.44
N LEU A 51 -2.71 4.91 -5.56
CA LEU A 51 -2.70 6.41 -5.54
C LEU A 51 -3.98 6.95 -4.85
N GLU A 52 -5.14 6.44 -5.29
CA GLU A 52 -6.47 6.89 -4.83
C GLU A 52 -6.79 6.42 -3.41
N VAL A 53 -6.40 5.17 -3.04
CA VAL A 53 -6.65 4.69 -1.66
C VAL A 53 -5.82 5.51 -0.64
N ASP A 54 -4.59 5.88 -1.05
CA ASP A 54 -3.67 6.71 -0.26
C ASP A 54 -4.19 8.15 -0.14
N ASN A 55 -4.71 8.67 -1.28
CA ASN A 55 -4.98 10.12 -1.48
C ASN A 55 -6.08 10.60 -0.50
N PHE A 56 -6.85 9.63 0.00
CA PHE A 56 -7.77 9.87 1.11
C PHE A 56 -7.78 8.63 2.04
N ILE A 57 -6.63 8.34 2.70
CA ILE A 57 -6.60 7.36 3.82
C ILE A 57 -7.38 7.89 5.03
N ASN A 58 -7.08 9.11 5.47
CA ASN A 58 -7.73 9.74 6.65
C ASN A 58 -9.24 9.91 6.44
N LYS A 59 -9.65 10.16 5.18
CA LYS A 59 -11.06 10.34 4.80
C LYS A 59 -11.76 8.98 4.66
N TYR A 60 -11.08 7.99 4.06
CA TYR A 60 -11.65 6.63 3.90
C TYR A 60 -11.75 5.93 5.27
N ILE A 61 -10.79 6.25 6.16
CA ILE A 61 -10.60 5.60 7.46
C ILE A 61 -10.65 6.67 8.57
N GLN A 62 -11.79 6.79 9.24
CA GLN A 62 -11.98 7.74 10.38
C GLN A 62 -11.23 7.26 11.64
N ASN A 63 -10.85 5.98 11.65
CA ASN A 63 -10.19 5.30 12.78
C ASN A 63 -8.73 4.94 12.38
N LYS A 64 -8.11 5.81 11.53
CA LYS A 64 -6.72 5.62 11.02
C LYS A 64 -5.63 5.70 12.12
N GLU A 65 -6.05 6.02 13.34
CA GLU A 65 -5.16 6.04 14.51
C GLU A 65 -4.81 4.59 14.90
N GLY A 66 -3.50 4.29 14.99
CA GLY A 66 -3.02 2.95 15.33
C GLY A 66 -3.07 1.98 14.14
N LEU A 67 -3.31 2.52 12.93
CA LEU A 67 -3.37 1.74 11.68
C LEU A 67 -1.96 1.28 11.29
N GLU A 68 -1.87 0.03 10.85
CA GLU A 68 -0.65 -0.56 10.28
C GLU A 68 -0.95 -0.93 8.84
N ILE A 69 -0.06 -0.58 7.92
CA ILE A 69 -0.27 -0.84 6.48
C ILE A 69 0.71 -1.95 6.05
N TYR A 70 0.41 -2.57 4.92
CA TYR A 70 1.19 -3.67 4.36
C TYR A 70 1.35 -3.44 2.85
N ASP A 71 2.53 -2.94 2.49
CA ASP A 71 2.99 -2.81 1.10
C ASP A 71 3.59 -4.15 0.63
N LYS A 72 3.98 -4.20 -0.65
CA LYS A 72 4.65 -5.34 -1.26
C LYS A 72 6.15 -5.03 -1.37
N VAL A 73 6.47 -4.01 -2.18
CA VAL A 73 7.83 -3.49 -2.36
C VAL A 73 7.82 -2.01 -1.94
N VAL A 74 8.74 -1.62 -1.05
CA VAL A 74 8.89 -0.21 -0.65
C VAL A 74 10.13 0.37 -1.35
N GLY A 75 9.89 0.91 -2.54
CA GLY A 75 10.86 1.76 -3.24
C GLY A 75 10.80 3.19 -2.73
N LYS A 76 11.51 4.12 -3.39
CA LYS A 76 11.53 5.53 -2.93
C LYS A 76 10.16 6.23 -3.17
N ALA A 77 9.35 5.72 -4.12
CA ALA A 77 7.97 6.18 -4.31
C ALA A 77 7.09 5.78 -3.11
N ALA A 78 7.19 4.51 -2.71
CA ALA A 78 6.46 4.01 -1.53
C ALA A 78 6.95 4.72 -0.27
N ALA A 79 8.26 5.09 -0.24
CA ALA A 79 8.88 5.84 0.88
C ALA A 79 8.33 7.26 1.01
N VAL A 80 8.33 8.01 -0.10
CA VAL A 80 7.83 9.40 -0.13
C VAL A 80 6.34 9.41 0.20
N ILE A 81 5.58 8.42 -0.34
CA ILE A 81 4.14 8.33 -0.12
C ILE A 81 3.82 8.03 1.36
N ILE A 82 4.41 6.96 1.91
CA ILE A 82 4.19 6.56 3.32
C ILE A 82 4.57 7.72 4.26
N TYR A 83 5.66 8.45 3.92
CA TYR A 83 6.11 9.62 4.68
C TYR A 83 5.07 10.78 4.61
N ASN A 84 4.57 11.04 3.40
CA ASN A 84 3.64 12.17 3.11
C ASN A 84 2.26 11.96 3.79
N ILE A 85 1.79 10.70 3.84
CA ILE A 85 0.53 10.35 4.53
C ILE A 85 0.76 10.35 6.05
N GLY A 86 1.80 9.61 6.49
CA GLY A 86 2.27 9.67 7.88
C GLY A 86 1.96 8.40 8.65
N LEU A 87 2.15 7.24 8.00
CA LEU A 87 2.00 5.94 8.66
C LEU A 87 3.22 5.71 9.57
N GLN A 88 2.97 5.26 10.81
CA GLN A 88 4.01 4.99 11.81
C GLN A 88 4.19 3.48 11.97
N ASN A 89 3.19 2.70 11.52
CA ASN A 89 3.18 1.23 11.60
C ASN A 89 3.03 0.68 10.16
N VAL A 90 4.10 0.06 9.64
CA VAL A 90 4.14 -0.41 8.24
C VAL A 90 4.86 -1.76 8.15
N GLN A 91 4.40 -2.59 7.22
CA GLN A 91 4.98 -3.87 6.92
C GLN A 91 5.08 -3.98 5.39
N ALA A 92 6.11 -4.67 4.89
CA ALA A 92 6.33 -4.89 3.46
C ALA A 92 6.93 -6.27 3.25
N GLY A 93 7.04 -6.70 1.98
CA GLY A 93 7.76 -7.91 1.64
C GLY A 93 9.23 -7.61 1.47
N VAL A 94 9.51 -6.68 0.53
CA VAL A 94 10.86 -6.21 0.21
C VAL A 94 10.95 -4.69 0.34
N VAL A 95 12.17 -4.17 0.61
CA VAL A 95 12.41 -2.71 0.63
C VAL A 95 13.81 -2.32 0.09
N SER A 96 13.89 -1.15 -0.58
CA SER A 96 15.14 -0.53 -1.03
C SER A 96 15.91 0.07 0.16
N GLN A 97 17.26 0.18 0.03
CA GLN A 97 18.14 0.70 1.12
C GLN A 97 17.76 2.16 1.54
N PRO A 98 17.66 3.16 0.60
CA PRO A 98 17.35 4.56 1.01
C PRO A 98 15.95 4.66 1.66
N ALA A 99 15.02 3.83 1.16
CA ALA A 99 13.62 3.80 1.63
C ALA A 99 13.54 3.29 3.09
N LYS A 100 14.15 2.11 3.35
CA LYS A 100 14.20 1.50 4.70
C LYS A 100 14.88 2.45 5.69
N ASP A 101 16.06 2.98 5.28
CA ASP A 101 16.89 3.84 6.12
C ASP A 101 16.12 5.12 6.47
N PHE A 102 15.42 5.69 5.47
CA PHE A 102 14.66 6.94 5.65
C PHE A 102 13.54 6.73 6.67
N LEU A 103 12.77 5.64 6.45
CA LEU A 103 11.64 5.23 7.31
C LEU A 103 12.07 5.06 8.79
N GLU A 104 13.14 4.28 9.01
CA GLU A 104 13.69 4.00 10.36
C GLU A 104 14.23 5.28 11.02
N SER A 105 14.85 6.14 10.21
CA SER A 105 15.41 7.42 10.65
C SER A 105 14.30 8.42 11.03
N ARG A 106 13.12 8.29 10.38
CA ARG A 106 11.91 9.07 10.71
C ARG A 106 11.19 8.50 11.96
N GLY A 107 11.67 7.34 12.46
CA GLY A 107 11.12 6.69 13.65
C GLY A 107 9.87 5.89 13.34
N ILE A 108 9.74 5.43 12.09
CA ILE A 108 8.59 4.66 11.63
C ILE A 108 8.86 3.18 11.96
N LYS A 109 7.93 2.55 12.69
CA LYS A 109 8.01 1.12 13.03
C LYS A 109 7.67 0.31 11.77
N VAL A 110 8.71 -0.28 11.15
CA VAL A 110 8.56 -1.02 9.89
C VAL A 110 8.98 -2.49 10.04
N ALA A 111 8.31 -3.40 9.29
CA ALA A 111 8.62 -4.85 9.28
C ALA A 111 8.72 -5.35 7.82
N TYR A 112 9.96 -5.58 7.34
CA TYR A 112 10.22 -5.93 5.92
C TYR A 112 11.54 -6.71 5.74
N LYS A 113 11.82 -7.12 4.48
CA LYS A 113 13.06 -7.84 4.10
C LYS A 113 13.88 -7.00 3.09
N LYS A 114 15.23 -7.10 3.22
CA LYS A 114 16.17 -6.24 2.50
C LYS A 114 17.63 -6.73 2.66
N LEU A 115 18.25 -7.13 1.53
CA LEU A 115 19.71 -7.25 1.41
C LEU A 115 20.13 -6.45 0.17
N VAL A 116 20.47 -5.17 0.38
CA VAL A 116 20.88 -4.21 -0.67
C VAL A 116 21.72 -3.09 -0.02
N GLU A 117 22.78 -2.67 -0.69
CA GLU A 117 23.62 -1.53 -0.26
C GLU A 117 23.44 -0.35 -1.22
N LYS A 118 23.13 -0.66 -2.49
CA LYS A 118 23.10 0.33 -3.59
C LYS A 118 21.90 0.07 -4.53
N ILE A 119 21.03 1.07 -4.70
CA ILE A 119 20.02 1.11 -5.78
C ILE A 119 20.52 2.21 -6.74
N ASN A 120 21.13 1.76 -7.85
CA ASN A 120 21.78 2.64 -8.84
C ASN A 120 20.72 3.37 -9.69
N ASP A 121 20.30 4.55 -9.20
CA ASP A 121 19.46 5.48 -9.97
C ASP A 121 20.05 6.89 -9.82
N ARG A 122 19.76 7.77 -10.78
CA ARG A 122 20.45 9.07 -10.90
C ARG A 122 20.08 10.04 -9.75
N ALA A 123 18.96 9.79 -9.05
CA ALA A 123 18.58 10.55 -7.85
C ALA A 123 19.61 10.33 -6.74
N GLU A 124 19.97 9.05 -6.52
CA GLU A 124 20.99 8.66 -5.52
C GLU A 124 22.34 9.38 -5.81
N SER A 125 22.68 9.45 -7.11
CA SER A 125 23.95 10.01 -7.59
C SER A 125 24.07 11.54 -7.37
N LEU A 126 23.05 12.31 -7.81
CA LEU A 126 23.12 13.80 -7.81
C LEU A 126 22.69 14.39 -6.47
N ILE A 127 21.56 13.88 -5.96
CA ILE A 127 20.89 14.43 -4.77
C ILE A 127 21.66 14.13 -3.48
N GLU A 128 22.02 15.21 -2.77
CA GLU A 128 22.69 15.16 -1.46
C GLU A 128 21.65 14.89 -0.36
N SER A 129 20.58 15.72 -0.35
CA SER A 129 19.47 15.61 0.59
C SER A 129 18.51 14.47 0.17
N LEU A 130 18.93 13.23 0.49
CA LEU A 130 18.14 12.00 0.27
C LEU A 130 16.77 12.10 0.98
N GLU A 131 16.76 12.84 2.10
CA GLU A 131 15.58 13.00 2.96
C GLU A 131 14.48 13.88 2.32
N ASN A 132 14.81 14.59 1.22
CA ASN A 132 13.88 15.56 0.60
C ASN A 132 13.03 14.83 -0.46
N PRO A 133 11.70 14.62 -0.16
CA PRO A 133 10.83 13.80 -1.03
C PRO A 133 10.37 14.53 -2.30
N GLU A 134 10.47 15.88 -2.29
CA GLU A 134 10.03 16.72 -3.41
C GLU A 134 10.90 16.52 -4.66
N GLU A 135 12.23 16.56 -4.46
CA GLU A 135 13.20 16.53 -5.57
C GLU A 135 13.36 15.12 -6.15
N VAL A 136 13.32 14.09 -5.28
CA VAL A 136 13.42 12.68 -5.73
C VAL A 136 12.17 12.25 -6.48
N TYR A 137 11.02 12.81 -6.07
CA TYR A 137 9.68 12.56 -6.68
C TYR A 137 9.70 12.82 -8.20
N LYS A 138 10.48 13.82 -8.61
CA LYS A 138 10.63 14.21 -10.04
C LYS A 138 11.30 13.08 -10.85
N TYR A 139 12.37 12.54 -10.27
CA TYR A 139 13.15 11.43 -10.85
C TYR A 139 12.29 10.15 -10.88
N MET A 140 11.53 9.94 -9.79
CA MET A 140 10.54 8.85 -9.63
C MET A 140 9.52 8.78 -10.78
N ILE A 141 9.03 9.96 -11.22
CA ILE A 141 8.02 10.05 -12.30
C ILE A 141 8.60 9.48 -13.61
N LYS A 142 9.80 9.95 -13.97
CA LYS A 142 10.48 9.55 -15.23
C LYS A 142 11.00 8.10 -15.16
N ARG A 143 11.35 7.65 -13.93
CA ARG A 143 11.79 6.26 -13.67
C ARG A 143 10.54 5.33 -13.59
N GLY A 144 9.38 5.94 -13.31
CA GLY A 144 8.07 5.27 -13.29
C GLY A 144 7.89 4.22 -12.19
N ILE A 145 8.54 4.42 -11.03
CA ILE A 145 8.45 3.46 -9.90
C ILE A 145 7.26 3.77 -8.95
N ILE A 146 6.38 4.71 -9.36
CA ILE A 146 5.21 5.14 -8.54
C ILE A 146 3.96 4.33 -8.94
N VAL A 147 3.88 3.98 -10.24
CA VAL A 147 2.72 3.30 -10.86
C VAL A 147 3.26 2.21 -11.82
N ASN A 148 2.54 1.09 -11.97
CA ASN A 148 2.90 0.02 -12.94
C ASN A 148 1.64 -0.79 -13.35
N ASN A 149 1.65 -1.29 -14.60
CA ASN A 149 0.53 -2.08 -15.15
C ASN A 149 1.08 -3.27 -16.00
N LEU A 150 1.44 -4.35 -15.29
CA LEU A 150 1.89 -5.61 -15.90
C LEU A 150 0.76 -6.65 -15.72
N MET A 1 -32.26 -30.82 -46.29
CA MET A 1 -32.49 -29.96 -45.08
C MET A 1 -33.97 -29.58 -44.94
N ALA A 2 -34.88 -30.34 -45.59
CA ALA A 2 -36.34 -30.09 -45.60
C ALA A 2 -36.91 -30.01 -44.16
N HIS A 3 -36.60 -31.03 -43.35
CA HIS A 3 -36.99 -31.08 -41.93
C HIS A 3 -35.75 -31.44 -41.11
N HIS A 4 -35.41 -30.58 -40.14
CA HIS A 4 -34.21 -30.70 -39.31
C HIS A 4 -34.43 -29.97 -37.97
N HIS A 5 -34.01 -30.58 -36.84
CA HIS A 5 -34.12 -29.97 -35.49
C HIS A 5 -33.14 -30.61 -34.50
N HIS A 6 -32.53 -29.77 -33.61
CA HIS A 6 -31.53 -30.21 -32.60
C HIS A 6 -31.15 -29.03 -31.66
N HIS A 7 -30.33 -29.32 -30.63
CA HIS A 7 -29.77 -28.32 -29.72
C HIS A 7 -28.43 -28.82 -29.16
N HIS A 8 -27.56 -27.90 -28.73
CA HIS A 8 -26.26 -28.23 -28.11
C HIS A 8 -26.45 -28.53 -26.61
N MET A 9 -25.71 -29.53 -26.12
CA MET A 9 -25.76 -29.95 -24.70
C MET A 9 -24.75 -29.15 -23.87
N GLY A 10 -25.25 -28.24 -23.00
CA GLY A 10 -24.41 -27.45 -22.09
C GLY A 10 -24.81 -27.69 -20.64
N THR A 11 -25.74 -26.86 -20.14
CA THR A 11 -26.29 -26.97 -18.79
C THR A 11 -27.70 -26.35 -18.73
N LEU A 12 -28.47 -26.75 -17.72
CA LEU A 12 -29.83 -26.25 -17.48
C LEU A 12 -30.16 -26.49 -15.99
N GLU A 13 -30.54 -25.39 -15.29
CA GLU A 13 -30.92 -25.42 -13.87
C GLU A 13 -31.42 -24.01 -13.49
N ALA A 14 -32.51 -23.93 -12.71
CA ALA A 14 -33.19 -22.66 -12.45
C ALA A 14 -33.51 -22.49 -10.96
N GLN A 15 -34.25 -23.45 -10.40
CA GLN A 15 -34.77 -23.40 -9.02
C GLN A 15 -34.15 -24.50 -8.15
N THR A 16 -34.55 -24.53 -6.86
CA THR A 16 -34.10 -25.53 -5.85
C THR A 16 -32.60 -25.39 -5.48
N GLN A 17 -31.95 -24.35 -6.04
CA GLN A 17 -30.52 -24.05 -5.82
C GLN A 17 -30.40 -22.85 -4.86
N GLY A 18 -29.94 -23.10 -3.61
CA GLY A 18 -29.81 -22.08 -2.57
C GLY A 18 -28.38 -21.58 -2.41
N PRO A 19 -27.67 -21.95 -1.29
CA PRO A 19 -26.22 -21.63 -1.10
C PRO A 19 -25.35 -22.22 -2.24
N GLY A 20 -24.93 -21.36 -3.18
CA GLY A 20 -24.14 -21.76 -4.33
C GLY A 20 -23.31 -20.60 -4.85
N SER A 21 -21.98 -20.67 -4.68
CA SER A 21 -21.06 -19.59 -5.08
C SER A 21 -19.66 -20.18 -5.35
N MET A 22 -18.92 -19.56 -6.28
CA MET A 22 -17.55 -19.94 -6.61
C MET A 22 -16.56 -19.36 -5.59
N ILE A 23 -15.68 -20.22 -5.04
CA ILE A 23 -14.60 -19.77 -4.16
C ILE A 23 -13.56 -18.99 -4.98
N SER A 24 -13.27 -17.76 -4.54
CA SER A 24 -12.29 -16.89 -5.19
C SER A 24 -11.21 -16.51 -4.15
N GLY A 25 -10.05 -17.18 -4.22
CA GLY A 25 -8.97 -16.97 -3.26
C GLY A 25 -7.88 -16.08 -3.83
N LEU A 26 -8.29 -14.98 -4.48
CA LEU A 26 -7.36 -14.00 -5.08
C LEU A 26 -6.69 -13.20 -3.97
N ASN A 27 -5.45 -13.59 -3.63
CA ASN A 27 -4.68 -12.95 -2.55
C ASN A 27 -4.46 -11.45 -2.84
N PRO A 28 -4.79 -10.55 -1.87
CA PRO A 28 -4.62 -9.10 -2.02
C PRO A 28 -3.14 -8.67 -1.91
N THR A 29 -2.76 -7.68 -2.74
CA THR A 29 -1.40 -7.11 -2.72
C THR A 29 -1.30 -6.07 -1.60
N LEU A 30 -2.41 -5.34 -1.39
CA LEU A 30 -2.52 -4.26 -0.40
C LEU A 30 -3.45 -4.73 0.74
N ARG A 31 -2.99 -4.64 1.99
CA ARG A 31 -3.81 -4.91 3.17
C ARG A 31 -3.60 -3.77 4.17
N LEU A 32 -4.70 -3.21 4.67
CA LEU A 32 -4.68 -2.09 5.61
C LEU A 32 -5.30 -2.58 6.93
N PHE A 33 -4.66 -2.21 8.03
CA PHE A 33 -5.10 -2.55 9.38
C PHE A 33 -5.48 -1.26 10.11
N LYS A 34 -6.53 -1.32 10.91
CA LYS A 34 -6.99 -0.22 11.77
C LYS A 34 -7.70 -0.83 12.97
N ASP A 35 -7.50 -0.22 14.16
CA ASP A 35 -8.08 -0.71 15.43
C ASP A 35 -7.54 -2.12 15.75
N HIS A 36 -6.24 -2.34 15.40
CA HIS A 36 -5.49 -3.59 15.67
C HIS A 36 -6.03 -4.79 14.84
N LYS A 37 -6.93 -4.52 13.88
CA LYS A 37 -7.63 -5.56 13.10
C LYS A 37 -7.48 -5.30 11.60
N ILE A 38 -7.55 -6.37 10.78
CA ILE A 38 -7.54 -6.25 9.32
C ILE A 38 -8.77 -5.49 8.85
N LEU A 39 -8.54 -4.25 8.38
CA LEU A 39 -9.61 -3.35 7.95
C LEU A 39 -9.97 -3.67 6.49
N TYR A 40 -8.95 -3.61 5.63
CA TYR A 40 -9.09 -3.67 4.18
C TYR A 40 -8.07 -4.66 3.60
N SER A 41 -8.39 -5.27 2.46
CA SER A 41 -7.53 -6.24 1.80
C SER A 41 -7.99 -6.37 0.34
N ASN A 42 -7.25 -5.74 -0.56
CA ASN A 42 -7.57 -5.69 -1.99
C ASN A 42 -6.26 -5.55 -2.81
N MET A 43 -6.32 -5.83 -4.11
CA MET A 43 -5.20 -5.56 -5.04
C MET A 43 -5.44 -4.21 -5.74
N GLU A 44 -4.35 -3.57 -6.23
CA GLU A 44 -4.42 -2.21 -6.80
C GLU A 44 -5.19 -2.17 -8.14
N ARG A 45 -5.14 -3.28 -8.89
CA ARG A 45 -5.74 -3.35 -10.23
C ARG A 45 -7.19 -3.84 -10.14
N GLY A 46 -8.13 -2.94 -10.53
CA GLY A 46 -9.56 -3.25 -10.59
C GLY A 46 -10.38 -2.29 -9.75
N LEU A 47 -10.00 -2.17 -8.46
CA LEU A 47 -10.73 -1.37 -7.45
C LEU A 47 -9.73 -0.77 -6.45
N LYS A 48 -9.97 0.53 -6.09
CA LYS A 48 -9.19 1.30 -5.08
C LYS A 48 -7.67 0.99 -5.07
N PRO A 49 -6.90 1.49 -6.10
CA PRO A 49 -5.41 1.39 -6.09
C PRO A 49 -4.80 2.21 -4.94
N LEU A 50 -3.49 2.00 -4.72
CA LEU A 50 -2.75 2.60 -3.58
C LEU A 50 -2.77 4.15 -3.58
N LEU A 51 -3.14 4.77 -4.73
CA LEU A 51 -3.36 6.22 -4.86
C LEU A 51 -4.77 6.62 -4.36
N GLU A 52 -5.79 5.88 -4.83
CA GLU A 52 -7.22 6.19 -4.57
C GLU A 52 -7.65 5.88 -3.13
N VAL A 53 -7.11 4.79 -2.54
CA VAL A 53 -7.34 4.48 -1.11
C VAL A 53 -6.60 5.50 -0.21
N ASP A 54 -5.47 6.01 -0.74
CA ASP A 54 -4.67 7.07 -0.11
C ASP A 54 -5.41 8.42 -0.13
N ASN A 55 -6.21 8.64 -1.19
CA ASN A 55 -6.83 9.95 -1.49
C ASN A 55 -7.84 10.35 -0.39
N PHE A 56 -8.20 9.37 0.46
CA PHE A 56 -8.88 9.63 1.71
C PHE A 56 -8.39 8.65 2.81
N ILE A 57 -7.09 8.77 3.19
CA ILE A 57 -6.56 8.15 4.44
C ILE A 57 -7.18 8.83 5.69
N ASN A 58 -7.42 10.14 5.57
CA ASN A 58 -8.04 10.96 6.64
C ASN A 58 -9.50 10.51 6.93
N LYS A 59 -10.22 10.13 5.84
CA LYS A 59 -11.62 9.68 5.90
C LYS A 59 -11.66 8.22 6.37
N TYR A 60 -10.84 7.37 5.72
CA TYR A 60 -10.84 5.91 5.94
C TYR A 60 -10.32 5.59 7.35
N ILE A 61 -9.28 6.35 7.75
CA ILE A 61 -8.58 6.17 9.04
C ILE A 61 -8.66 7.50 9.82
N GLN A 62 -9.74 7.68 10.57
CA GLN A 62 -9.98 8.90 11.36
C GLN A 62 -9.23 8.86 12.70
N ASN A 63 -9.31 7.71 13.41
CA ASN A 63 -8.76 7.58 14.78
C ASN A 63 -7.25 7.27 14.75
N LYS A 64 -6.80 6.55 13.71
CA LYS A 64 -5.39 6.19 13.46
C LYS A 64 -4.70 5.34 14.57
N GLU A 65 -5.43 5.00 15.65
CA GLU A 65 -4.93 4.09 16.69
C GLU A 65 -4.92 2.64 16.16
N GLY A 66 -3.78 1.93 16.31
CA GLY A 66 -3.65 0.57 15.78
C GLY A 66 -3.68 0.52 14.26
N LEU A 67 -3.36 1.67 13.62
CA LEU A 67 -3.26 1.79 12.18
C LEU A 67 -1.93 1.20 11.73
N GLU A 68 -2.05 0.25 10.82
CA GLU A 68 -0.93 -0.40 10.15
C GLU A 68 -1.26 -0.53 8.66
N ILE A 69 -0.25 -0.85 7.84
CA ILE A 69 -0.46 -1.21 6.43
C ILE A 69 0.55 -2.30 6.01
N TYR A 70 0.20 -3.00 4.93
CA TYR A 70 1.01 -4.05 4.33
C TYR A 70 0.94 -3.88 2.80
N ASP A 71 2.10 -3.77 2.18
CA ASP A 71 2.26 -3.80 0.71
C ASP A 71 3.16 -5.00 0.34
N LYS A 72 3.59 -5.05 -0.93
CA LYS A 72 4.46 -6.12 -1.44
C LYS A 72 5.91 -5.62 -1.61
N VAL A 73 6.06 -4.62 -2.50
CA VAL A 73 7.33 -4.03 -2.90
C VAL A 73 7.37 -2.54 -2.47
N VAL A 74 8.43 -2.12 -1.75
CA VAL A 74 8.64 -0.69 -1.42
C VAL A 74 9.85 -0.14 -2.19
N GLY A 75 9.56 0.62 -3.26
CA GLY A 75 10.57 1.37 -4.01
C GLY A 75 10.58 2.84 -3.59
N LYS A 76 11.15 3.71 -4.46
CA LYS A 76 11.21 5.17 -4.21
C LYS A 76 9.79 5.77 -4.14
N ALA A 77 8.90 5.35 -5.07
CA ALA A 77 7.50 5.82 -5.12
C ALA A 77 6.71 5.36 -3.90
N ALA A 78 6.91 4.10 -3.50
CA ALA A 78 6.24 3.53 -2.32
C ALA A 78 6.73 4.22 -1.03
N ALA A 79 8.03 4.57 -0.99
CA ALA A 79 8.67 5.25 0.16
C ALA A 79 8.13 6.69 0.35
N VAL A 80 8.13 7.46 -0.75
CA VAL A 80 7.64 8.84 -0.72
C VAL A 80 6.14 8.83 -0.42
N ILE A 81 5.38 7.86 -1.00
CA ILE A 81 3.94 7.71 -0.77
C ILE A 81 3.66 7.47 0.72
N ILE A 82 4.31 6.46 1.32
CA ILE A 82 4.06 6.09 2.73
C ILE A 82 4.45 7.26 3.66
N TYR A 83 5.55 7.96 3.31
CA TYR A 83 6.02 9.13 4.07
C TYR A 83 5.01 10.30 3.95
N ASN A 84 4.42 10.47 2.75
CA ASN A 84 3.42 11.51 2.44
C ASN A 84 2.11 11.27 3.21
N ILE A 85 1.71 9.99 3.26
CA ILE A 85 0.53 9.52 4.00
C ILE A 85 0.71 9.79 5.51
N GLY A 86 1.89 9.39 6.01
CA GLY A 86 2.19 9.48 7.43
C GLY A 86 1.71 8.25 8.16
N LEU A 87 1.94 7.08 7.53
CA LEU A 87 1.65 5.76 8.12
C LEU A 87 2.83 5.42 9.05
N GLN A 88 2.53 5.13 10.32
CA GLN A 88 3.57 4.93 11.36
C GLN A 88 3.87 3.44 11.61
N ASN A 89 3.02 2.55 11.07
CA ASN A 89 3.16 1.08 11.25
C ASN A 89 2.94 0.41 9.89
N VAL A 90 4.02 -0.12 9.29
CA VAL A 90 3.99 -0.64 7.92
C VAL A 90 4.70 -1.98 7.85
N GLN A 91 4.33 -2.80 6.86
CA GLN A 91 4.99 -4.05 6.54
C GLN A 91 5.03 -4.23 5.02
N ALA A 92 6.11 -4.84 4.51
CA ALA A 92 6.25 -5.19 3.07
C ALA A 92 7.02 -6.50 2.96
N GLY A 93 7.08 -7.05 1.74
CA GLY A 93 7.85 -8.24 1.48
C GLY A 93 9.29 -7.88 1.17
N VAL A 94 9.46 -6.94 0.24
CA VAL A 94 10.77 -6.42 -0.16
C VAL A 94 10.77 -4.88 -0.08
N VAL A 95 11.98 -4.31 0.09
CA VAL A 95 12.17 -2.86 0.10
C VAL A 95 13.51 -2.47 -0.57
N SER A 96 13.61 -1.20 -0.99
CA SER A 96 14.88 -0.58 -1.44
C SER A 96 15.76 -0.24 -0.22
N GLN A 97 17.04 0.06 -0.47
CA GLN A 97 18.01 0.47 0.57
C GLN A 97 17.54 1.78 1.28
N PRO A 98 17.38 2.94 0.52
CA PRO A 98 17.10 4.23 1.17
C PRO A 98 15.69 4.29 1.76
N ALA A 99 14.77 3.46 1.22
CA ALA A 99 13.38 3.42 1.70
C ALA A 99 13.35 2.86 3.14
N LYS A 100 13.99 1.70 3.35
CA LYS A 100 14.20 1.08 4.69
C LYS A 100 14.88 2.11 5.62
N ASP A 101 16.08 2.52 5.19
CA ASP A 101 16.98 3.35 5.99
C ASP A 101 16.36 4.71 6.38
N PHE A 102 15.58 5.34 5.48
CA PHE A 102 14.93 6.63 5.79
C PHE A 102 13.71 6.42 6.68
N LEU A 103 12.78 5.55 6.24
CA LEU A 103 11.47 5.38 6.87
C LEU A 103 11.57 4.94 8.35
N GLU A 104 12.46 3.95 8.61
CA GLU A 104 12.69 3.46 9.98
C GLU A 104 13.50 4.47 10.82
N SER A 105 14.30 5.31 10.14
CA SER A 105 15.06 6.41 10.79
C SER A 105 14.17 7.65 11.07
N ARG A 106 13.07 7.83 10.30
CA ARG A 106 12.08 8.92 10.56
C ARG A 106 11.23 8.54 11.79
N GLY A 107 11.39 7.28 12.25
CA GLY A 107 10.70 6.77 13.42
C GLY A 107 9.41 6.04 13.06
N ILE A 108 9.31 5.56 11.81
CA ILE A 108 8.15 4.76 11.38
C ILE A 108 8.48 3.27 11.62
N LYS A 109 7.60 2.59 12.40
CA LYS A 109 7.73 1.16 12.75
C LYS A 109 7.43 0.31 11.51
N VAL A 110 8.48 -0.19 10.82
CA VAL A 110 8.27 -0.98 9.58
C VAL A 110 8.91 -2.37 9.69
N ALA A 111 8.25 -3.36 9.03
CA ALA A 111 8.75 -4.74 8.90
C ALA A 111 8.88 -5.12 7.42
N TYR A 112 10.09 -4.97 6.85
CA TYR A 112 10.38 -5.38 5.46
C TYR A 112 11.88 -5.72 5.28
N LYS A 113 12.23 -6.32 4.11
CA LYS A 113 13.56 -6.90 3.91
C LYS A 113 14.28 -6.31 2.69
N LYS A 114 15.60 -6.07 2.88
CA LYS A 114 16.53 -5.66 1.83
C LYS A 114 17.95 -6.04 2.26
N LEU A 115 18.79 -6.42 1.30
CA LEU A 115 20.24 -6.49 1.50
C LEU A 115 20.91 -5.98 0.22
N VAL A 116 21.20 -4.67 0.23
CA VAL A 116 21.87 -3.93 -0.86
C VAL A 116 22.58 -2.73 -0.23
N GLU A 117 23.38 -2.02 -1.05
CA GLU A 117 24.17 -0.86 -0.62
C GLU A 117 23.66 0.40 -1.32
N LYS A 118 23.61 0.32 -2.66
CA LYS A 118 23.24 1.44 -3.55
C LYS A 118 22.13 0.98 -4.51
N ILE A 119 21.20 1.88 -4.84
CA ILE A 119 20.26 1.66 -5.95
C ILE A 119 20.84 2.38 -7.18
N ASN A 120 21.03 1.64 -8.30
CA ASN A 120 21.73 2.19 -9.48
C ASN A 120 20.80 3.13 -10.29
N ASP A 121 20.74 4.40 -9.84
CA ASP A 121 20.02 5.50 -10.52
C ASP A 121 20.71 6.83 -10.22
N ARG A 122 20.26 7.89 -10.93
CA ARG A 122 20.88 9.22 -10.87
C ARG A 122 20.63 9.88 -9.50
N ALA A 123 19.37 9.80 -9.01
CA ALA A 123 18.92 10.48 -7.78
C ALA A 123 19.72 10.03 -6.56
N GLU A 124 20.00 8.73 -6.54
CA GLU A 124 20.76 8.06 -5.47
C GLU A 124 22.13 8.73 -5.29
N SER A 125 22.86 8.92 -6.41
CA SER A 125 24.25 9.40 -6.40
C SER A 125 24.36 10.93 -6.46
N LEU A 126 23.24 11.65 -6.74
CA LEU A 126 23.28 13.12 -6.94
C LEU A 126 22.72 13.90 -5.73
N ILE A 127 21.47 13.56 -5.32
CA ILE A 127 20.72 14.34 -4.31
C ILE A 127 21.33 14.13 -2.90
N GLU A 128 22.10 15.15 -2.48
CA GLU A 128 22.77 15.19 -1.17
C GLU A 128 21.77 15.45 -0.03
N SER A 129 20.86 16.41 -0.30
CA SER A 129 19.81 16.83 0.63
C SER A 129 18.83 15.68 0.89
N LEU A 130 18.98 15.05 2.06
CA LEU A 130 18.17 13.89 2.48
C LEU A 130 16.85 14.34 3.13
N GLU A 131 16.73 15.66 3.37
CA GLU A 131 15.54 16.31 3.94
C GLU A 131 14.53 16.70 2.85
N ASN A 132 14.89 16.46 1.58
CA ASN A 132 14.15 16.94 0.41
C ASN A 132 13.32 15.82 -0.26
N PRO A 133 11.97 15.75 -0.01
CA PRO A 133 11.07 14.78 -0.67
C PRO A 133 10.57 15.27 -2.05
N GLU A 134 10.87 16.54 -2.41
CA GLU A 134 10.44 17.16 -3.67
C GLU A 134 11.28 16.62 -4.84
N GLU A 135 12.61 16.71 -4.68
CA GLU A 135 13.59 16.36 -5.72
C GLU A 135 13.62 14.85 -5.96
N VAL A 136 13.53 14.03 -4.90
CA VAL A 136 13.55 12.57 -5.06
C VAL A 136 12.26 12.08 -5.74
N TYR A 137 11.14 12.78 -5.46
CA TYR A 137 9.85 12.56 -6.14
C TYR A 137 9.94 12.96 -7.63
N LYS A 138 10.71 14.02 -7.91
CA LYS A 138 10.86 14.55 -9.27
C LYS A 138 11.72 13.62 -10.14
N TYR A 139 12.83 13.13 -9.57
CA TYR A 139 13.76 12.18 -10.23
C TYR A 139 13.11 10.79 -10.37
N MET A 140 12.21 10.48 -9.42
CA MET A 140 11.31 9.31 -9.47
C MET A 140 10.49 9.28 -10.79
N ILE A 141 10.06 10.49 -11.25
CA ILE A 141 9.34 10.68 -12.53
C ILE A 141 10.27 10.34 -13.71
N LYS A 142 11.50 10.89 -13.68
CA LYS A 142 12.50 10.71 -14.76
C LYS A 142 12.88 9.23 -14.93
N ARG A 143 13.22 8.57 -13.81
CA ARG A 143 13.60 7.15 -13.81
C ARG A 143 12.36 6.26 -14.07
N GLY A 144 11.17 6.83 -13.81
CA GLY A 144 9.90 6.17 -14.09
C GLY A 144 9.69 4.92 -13.25
N ILE A 145 9.85 5.08 -11.93
CA ILE A 145 9.57 3.99 -10.96
C ILE A 145 8.23 4.20 -10.23
N ILE A 146 7.40 5.16 -10.69
CA ILE A 146 6.13 5.54 -10.00
C ILE A 146 4.96 4.63 -10.40
N VAL A 147 4.98 4.19 -11.66
CA VAL A 147 3.94 3.32 -12.23
C VAL A 147 4.41 1.87 -12.15
N ASN A 148 3.55 1.01 -11.59
CA ASN A 148 3.85 -0.42 -11.39
C ASN A 148 3.98 -1.15 -12.75
N ASN A 149 3.12 -0.78 -13.72
CA ASN A 149 3.09 -1.44 -15.06
C ASN A 149 3.90 -0.64 -16.11
N LEU A 150 5.05 -0.09 -15.68
CA LEU A 150 5.99 0.70 -16.52
C LEU A 150 5.26 1.84 -17.30
N MET A 1 5.66 -84.68 5.66
CA MET A 1 4.43 -84.65 6.47
C MET A 1 3.86 -83.22 6.44
N ALA A 2 2.82 -83.02 5.59
CA ALA A 2 2.19 -81.71 5.34
C ALA A 2 1.53 -81.15 6.61
N HIS A 3 2.12 -80.05 7.13
CA HIS A 3 1.63 -79.32 8.33
C HIS A 3 1.89 -77.80 8.13
N HIS A 4 1.10 -76.98 8.85
CA HIS A 4 1.21 -75.50 8.80
C HIS A 4 0.61 -74.88 10.07
N HIS A 5 0.60 -73.54 10.11
CA HIS A 5 0.03 -72.76 11.24
C HIS A 5 -1.34 -72.16 10.85
N HIS A 6 -1.86 -71.25 11.69
CA HIS A 6 -3.15 -70.55 11.43
C HIS A 6 -2.92 -69.04 11.41
N HIS A 7 -3.52 -68.37 10.42
CA HIS A 7 -3.39 -66.90 10.23
C HIS A 7 -4.50 -66.17 11.00
N HIS A 8 -4.20 -64.92 11.41
CA HIS A 8 -5.09 -64.10 12.28
C HIS A 8 -5.47 -62.81 11.56
N MET A 9 -6.75 -62.43 11.62
CA MET A 9 -7.27 -61.21 10.95
C MET A 9 -7.53 -60.10 11.97
N GLY A 10 -6.71 -59.03 11.92
CA GLY A 10 -6.78 -57.93 12.90
C GLY A 10 -7.75 -56.83 12.49
N THR A 11 -8.37 -56.18 13.49
CA THR A 11 -9.31 -55.07 13.28
C THR A 11 -8.56 -53.76 12.96
N LEU A 12 -9.31 -52.70 12.63
CA LEU A 12 -8.76 -51.38 12.28
C LEU A 12 -9.30 -50.31 13.26
N GLU A 13 -8.90 -49.03 13.04
CA GLU A 13 -9.18 -47.90 13.93
C GLU A 13 -8.98 -46.61 13.13
N ALA A 14 -10.07 -46.10 12.58
CA ALA A 14 -10.08 -44.92 11.72
C ALA A 14 -10.34 -43.68 12.58
N GLN A 15 -9.24 -42.95 12.90
CA GLN A 15 -9.24 -41.82 13.86
C GLN A 15 -9.91 -40.56 13.27
N THR A 16 -10.21 -39.58 14.15
CA THR A 16 -10.90 -38.32 13.80
C THR A 16 -10.05 -37.43 12.86
N GLN A 17 -10.71 -36.44 12.22
CA GLN A 17 -10.08 -35.51 11.26
C GLN A 17 -10.41 -34.06 11.65
N GLY A 18 -9.65 -33.11 11.07
CA GLY A 18 -9.79 -31.68 11.37
C GLY A 18 -10.33 -30.87 10.19
N PRO A 19 -11.07 -29.74 10.44
CA PRO A 19 -11.55 -28.83 9.37
C PRO A 19 -10.39 -28.13 8.63
N GLY A 20 -10.62 -27.78 7.34
CA GLY A 20 -9.59 -27.17 6.50
C GLY A 20 -9.57 -25.66 6.61
N SER A 21 -8.36 -25.08 6.77
CA SER A 21 -8.16 -23.62 6.89
C SER A 21 -8.51 -22.91 5.57
N MET A 22 -9.11 -21.70 5.67
CA MET A 22 -9.51 -20.90 4.50
C MET A 22 -8.29 -20.27 3.82
N ILE A 23 -7.80 -20.95 2.77
CA ILE A 23 -6.61 -20.56 2.01
C ILE A 23 -6.96 -19.46 0.99
N SER A 24 -6.46 -18.24 1.24
CA SER A 24 -6.55 -17.14 0.29
C SER A 24 -5.49 -17.34 -0.81
N GLY A 25 -5.92 -18.02 -1.90
CA GLY A 25 -5.08 -18.26 -3.08
C GLY A 25 -4.59 -16.96 -3.70
N LEU A 26 -5.48 -15.96 -3.72
CA LEU A 26 -5.16 -14.58 -4.11
C LEU A 26 -5.12 -13.72 -2.83
N ASN A 27 -3.90 -13.45 -2.33
CA ASN A 27 -3.69 -12.49 -1.23
C ASN A 27 -3.73 -11.05 -1.80
N PRO A 28 -4.40 -10.09 -1.09
CA PRO A 28 -4.46 -8.67 -1.52
C PRO A 28 -3.14 -7.93 -1.24
N THR A 29 -2.78 -7.01 -2.13
CA THR A 29 -1.50 -6.28 -2.08
C THR A 29 -1.54 -5.11 -1.09
N LEU A 30 -2.74 -4.73 -0.61
CA LEU A 30 -2.91 -3.56 0.29
C LEU A 30 -3.72 -4.00 1.51
N ARG A 31 -3.05 -4.25 2.64
CA ARG A 31 -3.71 -4.74 3.85
C ARG A 31 -3.51 -3.75 5.01
N LEU A 32 -4.57 -3.56 5.79
CA LEU A 32 -4.57 -2.71 6.98
C LEU A 32 -4.87 -3.60 8.19
N PHE A 33 -4.21 -3.30 9.32
CA PHE A 33 -4.28 -4.09 10.55
C PHE A 33 -4.54 -3.13 11.73
N LYS A 34 -5.45 -3.52 12.64
CA LYS A 34 -5.80 -2.72 13.83
C LYS A 34 -6.53 -3.58 14.89
N ASP A 35 -6.17 -3.35 16.17
CA ASP A 35 -6.81 -3.97 17.34
C ASP A 35 -6.73 -5.51 17.28
N HIS A 36 -5.47 -5.97 17.08
CA HIS A 36 -5.10 -7.41 17.09
C HIS A 36 -5.81 -8.23 15.98
N LYS A 37 -6.34 -7.53 14.95
CA LYS A 37 -7.12 -8.18 13.86
C LYS A 37 -6.91 -7.43 12.54
N ILE A 38 -7.07 -8.12 11.41
CA ILE A 38 -6.99 -7.50 10.07
C ILE A 38 -8.15 -6.49 9.90
N LEU A 39 -7.79 -5.22 9.73
CA LEU A 39 -8.76 -4.11 9.63
C LEU A 39 -9.36 -4.08 8.20
N TYR A 40 -8.52 -4.34 7.19
CA TYR A 40 -8.91 -4.27 5.78
C TYR A 40 -7.88 -5.03 4.90
N SER A 41 -8.29 -5.47 3.71
CA SER A 41 -7.42 -6.13 2.75
C SER A 41 -8.04 -5.96 1.35
N ASN A 42 -7.26 -5.40 0.41
CA ASN A 42 -7.74 -5.00 -0.93
C ASN A 42 -6.56 -5.06 -1.94
N MET A 43 -6.87 -5.39 -3.19
CA MET A 43 -5.94 -5.27 -4.31
C MET A 43 -6.23 -3.98 -5.07
N GLU A 44 -5.21 -3.45 -5.74
CA GLU A 44 -5.30 -2.17 -6.49
C GLU A 44 -6.22 -2.28 -7.72
N ARG A 45 -6.57 -3.52 -8.08
CA ARG A 45 -7.39 -3.85 -9.25
C ARG A 45 -8.88 -3.83 -8.89
N GLY A 46 -9.70 -3.16 -9.72
CA GLY A 46 -11.13 -2.99 -9.47
C GLY A 46 -11.41 -1.64 -8.83
N LEU A 47 -11.12 -1.56 -7.51
CA LEU A 47 -11.25 -0.31 -6.72
C LEU A 47 -10.11 0.68 -7.04
N LYS A 48 -9.99 1.73 -6.21
CA LYS A 48 -8.92 2.73 -6.33
C LYS A 48 -7.55 2.05 -6.07
N PRO A 49 -6.55 2.19 -7.01
CA PRO A 49 -5.18 1.66 -6.81
C PRO A 49 -4.46 2.34 -5.62
N LEU A 50 -3.25 1.84 -5.28
CA LEU A 50 -2.50 2.31 -4.08
C LEU A 50 -2.34 3.84 -4.05
N LEU A 51 -2.04 4.44 -5.19
CA LEU A 51 -1.81 5.90 -5.28
C LEU A 51 -3.13 6.67 -5.00
N GLU A 52 -4.24 6.16 -5.57
CA GLU A 52 -5.58 6.76 -5.42
C GLU A 52 -6.22 6.55 -4.02
N VAL A 53 -5.90 5.44 -3.33
CA VAL A 53 -6.44 5.21 -1.96
C VAL A 53 -5.67 6.08 -0.94
N ASP A 54 -4.39 6.35 -1.23
CA ASP A 54 -3.56 7.34 -0.50
C ASP A 54 -3.97 8.79 -0.87
N ASN A 55 -4.49 8.95 -2.11
CA ASN A 55 -4.99 10.25 -2.62
C ASN A 55 -6.23 10.66 -1.81
N PHE A 56 -6.82 9.69 -1.08
CA PHE A 56 -7.80 9.97 -0.02
C PHE A 56 -7.37 9.26 1.29
N ILE A 57 -6.20 9.69 1.84
CA ILE A 57 -5.86 9.42 3.27
C ILE A 57 -6.84 10.14 4.19
N ASN A 58 -7.11 11.41 3.88
CA ASN A 58 -7.97 12.29 4.70
C ASN A 58 -9.44 11.82 4.69
N LYS A 59 -9.83 11.06 3.64
CA LYS A 59 -11.19 10.49 3.53
C LYS A 59 -11.24 9.10 4.21
N TYR A 60 -10.32 8.18 3.83
CA TYR A 60 -10.41 6.75 4.26
C TYR A 60 -9.91 6.59 5.72
N ILE A 61 -8.79 7.26 6.01
CA ILE A 61 -8.08 7.16 7.29
C ILE A 61 -8.20 8.52 8.01
N GLN A 62 -9.43 9.05 8.00
CA GLN A 62 -9.81 10.25 8.75
C GLN A 62 -9.73 10.00 10.27
N ASN A 63 -10.06 8.75 10.68
CA ASN A 63 -10.04 8.33 12.09
C ASN A 63 -9.51 6.88 12.21
N LYS A 64 -9.02 6.30 11.09
CA LYS A 64 -8.40 4.94 11.10
C LYS A 64 -6.93 4.99 11.56
N GLU A 65 -6.49 6.16 12.06
CA GLU A 65 -5.13 6.41 12.57
C GLU A 65 -4.82 5.43 13.74
N GLY A 66 -3.55 5.00 13.83
CA GLY A 66 -3.11 3.97 14.79
C GLY A 66 -3.05 2.59 14.15
N LEU A 67 -3.16 2.56 12.81
CA LEU A 67 -3.22 1.33 12.00
C LEU A 67 -1.84 0.96 11.44
N GLU A 68 -1.73 -0.28 10.98
CA GLU A 68 -0.56 -0.80 10.28
C GLU A 68 -0.94 -1.04 8.82
N ILE A 69 -0.07 -0.65 7.88
CA ILE A 69 -0.33 -0.85 6.44
C ILE A 69 0.61 -1.95 5.91
N TYR A 70 0.19 -2.63 4.84
CA TYR A 70 0.94 -3.70 4.19
C TYR A 70 0.89 -3.49 2.67
N ASP A 71 2.08 -3.40 2.07
CA ASP A 71 2.30 -3.22 0.62
C ASP A 71 3.16 -4.40 0.09
N LYS A 72 3.32 -4.53 -1.23
CA LYS A 72 4.13 -5.60 -1.84
C LYS A 72 5.62 -5.19 -1.85
N VAL A 73 5.91 -4.13 -2.62
CA VAL A 73 7.29 -3.67 -2.91
C VAL A 73 7.40 -2.15 -2.62
N VAL A 74 8.19 -1.80 -1.60
CA VAL A 74 8.38 -0.40 -1.21
C VAL A 74 9.61 0.17 -1.96
N GLY A 75 9.34 0.61 -3.20
CA GLY A 75 10.32 1.33 -4.02
C GLY A 75 10.30 2.83 -3.73
N LYS A 76 10.81 3.65 -4.68
CA LYS A 76 10.93 5.11 -4.50
C LYS A 76 9.55 5.79 -4.29
N ALA A 77 8.57 5.45 -5.15
CA ALA A 77 7.18 6.01 -5.06
C ALA A 77 6.48 5.60 -3.76
N ALA A 78 6.55 4.31 -3.45
CA ALA A 78 5.97 3.77 -2.22
C ALA A 78 6.62 4.41 -0.98
N ALA A 79 7.94 4.69 -1.09
CA ALA A 79 8.73 5.31 0.00
C ALA A 79 8.30 6.74 0.26
N VAL A 80 8.27 7.56 -0.82
CA VAL A 80 7.89 8.97 -0.73
C VAL A 80 6.48 9.08 -0.18
N ILE A 81 5.56 8.19 -0.65
CA ILE A 81 4.16 8.21 -0.21
C ILE A 81 4.05 7.86 1.30
N ILE A 82 4.58 6.70 1.72
CA ILE A 82 4.49 6.24 3.12
C ILE A 82 5.12 7.29 4.09
N TYR A 83 6.23 7.89 3.65
CA TYR A 83 7.00 8.89 4.42
C TYR A 83 6.30 10.28 4.44
N ASN A 84 5.59 10.62 3.34
CA ASN A 84 4.84 11.89 3.20
C ASN A 84 3.55 11.88 4.05
N ILE A 85 2.87 10.72 4.06
CA ILE A 85 1.71 10.50 4.93
C ILE A 85 2.19 10.48 6.39
N GLY A 86 3.07 9.50 6.70
CA GLY A 86 3.70 9.40 8.00
C GLY A 86 3.08 8.29 8.82
N LEU A 87 3.11 7.07 8.25
CA LEU A 87 2.65 5.85 8.93
C LEU A 87 3.62 5.51 10.07
N GLN A 88 3.09 4.82 11.10
CA GLN A 88 3.86 4.40 12.28
C GLN A 88 4.25 2.92 12.17
N ASN A 89 3.36 2.12 11.58
CA ASN A 89 3.48 0.66 11.49
C ASN A 89 3.18 0.24 10.05
N VAL A 90 4.14 -0.46 9.43
CA VAL A 90 4.10 -0.89 8.02
C VAL A 90 4.69 -2.30 7.88
N GLN A 91 4.27 -3.02 6.84
CA GLN A 91 4.82 -4.31 6.46
C GLN A 91 4.91 -4.34 4.92
N ALA A 92 5.93 -5.00 4.38
CA ALA A 92 6.10 -5.20 2.92
C ALA A 92 6.72 -6.56 2.64
N GLY A 93 6.62 -7.02 1.38
CA GLY A 93 7.24 -8.27 0.96
C GLY A 93 8.70 -8.04 0.65
N VAL A 94 8.95 -6.92 -0.05
CA VAL A 94 10.30 -6.45 -0.42
C VAL A 94 10.36 -4.92 -0.27
N VAL A 95 11.59 -4.41 -0.08
CA VAL A 95 11.85 -2.95 -0.02
C VAL A 95 13.11 -2.58 -0.85
N SER A 96 13.31 -1.27 -1.09
CA SER A 96 14.60 -0.71 -1.56
C SER A 96 15.35 -0.14 -0.33
N GLN A 97 16.70 -0.11 -0.38
CA GLN A 97 17.55 0.36 0.75
C GLN A 97 17.15 1.78 1.24
N PRO A 98 17.07 2.86 0.36
CA PRO A 98 16.75 4.25 0.83
C PRO A 98 15.42 4.31 1.60
N ALA A 99 14.41 3.60 1.05
CA ALA A 99 13.08 3.49 1.66
C ALA A 99 13.17 2.92 3.08
N LYS A 100 13.84 1.75 3.16
CA LYS A 100 14.07 1.01 4.41
C LYS A 100 14.72 1.90 5.49
N ASP A 101 15.80 2.56 5.04
CA ASP A 101 16.62 3.46 5.84
C ASP A 101 15.77 4.60 6.44
N PHE A 102 15.02 5.33 5.59
CA PHE A 102 14.25 6.52 6.03
C PHE A 102 13.12 6.11 6.99
N LEU A 103 12.46 5.00 6.64
CA LEU A 103 11.31 4.47 7.40
C LEU A 103 11.71 4.09 8.84
N GLU A 104 12.72 3.21 8.97
CA GLU A 104 13.20 2.78 10.32
C GLU A 104 13.84 3.94 11.10
N SER A 105 14.36 4.92 10.35
CA SER A 105 15.04 6.10 10.93
C SER A 105 14.03 7.08 11.55
N ARG A 106 12.87 7.23 10.90
CA ARG A 106 11.76 8.08 11.41
C ARG A 106 10.97 7.38 12.53
N GLY A 107 11.36 6.14 12.86
CA GLY A 107 10.73 5.38 13.93
C GLY A 107 9.45 4.72 13.46
N ILE A 108 9.40 4.38 12.16
CA ILE A 108 8.31 3.62 11.59
C ILE A 108 8.68 2.14 11.76
N LYS A 109 7.90 1.41 12.59
CA LYS A 109 8.10 -0.03 12.80
C LYS A 109 7.62 -0.78 11.56
N VAL A 110 8.59 -1.17 10.71
CA VAL A 110 8.27 -1.84 9.43
C VAL A 110 8.80 -3.29 9.44
N ALA A 111 7.99 -4.21 8.88
CA ALA A 111 8.40 -5.63 8.67
C ALA A 111 8.53 -5.91 7.16
N TYR A 112 9.75 -5.71 6.61
CA TYR A 112 10.05 -5.93 5.18
C TYR A 112 11.41 -6.61 5.00
N LYS A 113 11.75 -6.91 3.74
CA LYS A 113 12.97 -7.63 3.37
C LYS A 113 13.69 -6.90 2.22
N LYS A 114 14.97 -6.51 2.47
CA LYS A 114 15.98 -6.34 1.43
C LYS A 114 17.35 -6.11 2.07
N LEU A 115 18.34 -6.94 1.69
CA LEU A 115 19.73 -6.78 2.11
C LEU A 115 20.51 -6.19 0.92
N VAL A 116 20.64 -4.84 0.92
CA VAL A 116 21.48 -4.08 -0.04
C VAL A 116 22.01 -2.84 0.69
N GLU A 117 23.10 -2.26 0.16
CA GLU A 117 23.75 -1.07 0.75
C GLU A 117 23.40 0.20 -0.04
N LYS A 118 23.16 0.04 -1.36
CA LYS A 118 22.93 1.18 -2.28
C LYS A 118 22.14 0.72 -3.53
N ILE A 119 21.24 1.62 -4.02
CA ILE A 119 20.53 1.44 -5.31
C ILE A 119 21.09 2.51 -6.26
N ASN A 120 22.03 2.10 -7.12
CA ASN A 120 22.73 3.01 -8.04
C ASN A 120 21.80 3.48 -9.17
N ASP A 121 21.02 4.54 -8.88
CA ASP A 121 20.15 5.20 -9.88
C ASP A 121 20.51 6.69 -9.94
N ARG A 122 19.88 7.41 -10.87
CA ARG A 122 20.22 8.82 -11.19
C ARG A 122 19.86 9.75 -10.02
N ALA A 123 18.77 9.44 -9.31
CA ALA A 123 18.33 10.21 -8.14
C ALA A 123 19.37 10.10 -7.01
N GLU A 124 19.82 8.85 -6.72
CA GLU A 124 20.69 8.53 -5.54
C GLU A 124 21.87 9.52 -5.38
N SER A 125 22.72 9.62 -6.43
CA SER A 125 23.93 10.46 -6.41
C SER A 125 23.59 11.96 -6.47
N LEU A 126 22.38 12.30 -6.96
CA LEU A 126 21.93 13.69 -7.11
C LEU A 126 21.38 14.22 -5.76
N ILE A 127 20.74 13.33 -4.96
CA ILE A 127 20.09 13.71 -3.70
C ILE A 127 21.15 14.22 -2.71
N GLU A 128 21.15 15.53 -2.51
CA GLU A 128 22.04 16.21 -1.53
C GLU A 128 21.36 16.20 -0.17
N SER A 129 20.25 16.90 -0.16
CA SER A 129 19.37 17.06 0.98
C SER A 129 18.25 16.01 0.99
N LEU A 130 18.19 15.24 2.10
CA LEU A 130 17.16 14.20 2.34
C LEU A 130 15.85 14.84 2.86
N GLU A 131 15.95 16.12 3.25
CA GLU A 131 14.81 16.96 3.69
C GLU A 131 13.95 17.42 2.49
N ASN A 132 14.37 17.07 1.24
CA ASN A 132 13.63 17.40 0.00
C ASN A 132 12.99 16.11 -0.58
N PRO A 133 11.71 15.72 -0.17
CA PRO A 133 10.99 14.59 -0.78
C PRO A 133 10.21 15.01 -2.05
N GLU A 134 10.24 16.33 -2.33
CA GLU A 134 9.64 16.91 -3.54
C GLU A 134 10.55 16.72 -4.75
N GLU A 135 11.86 16.93 -4.56
CA GLU A 135 12.83 16.95 -5.68
C GLU A 135 13.09 15.52 -6.22
N VAL A 136 13.14 14.56 -5.29
CA VAL A 136 13.24 13.14 -5.65
C VAL A 136 12.01 12.68 -6.43
N TYR A 137 10.85 13.30 -6.10
CA TYR A 137 9.56 13.07 -6.77
C TYR A 137 9.61 13.51 -8.26
N LYS A 138 10.36 14.60 -8.59
CA LYS A 138 10.60 15.01 -10.01
C LYS A 138 11.43 13.93 -10.74
N TYR A 139 12.47 13.44 -10.04
CA TYR A 139 13.36 12.36 -10.54
C TYR A 139 12.62 11.01 -10.60
N MET A 140 11.63 10.87 -9.72
CA MET A 140 10.73 9.71 -9.69
C MET A 140 9.80 9.68 -10.93
N ILE A 141 9.29 10.87 -11.32
CA ILE A 141 8.50 11.06 -12.56
C ILE A 141 9.37 10.68 -13.78
N LYS A 142 10.57 11.27 -13.81
CA LYS A 142 11.51 11.20 -14.95
C LYS A 142 12.03 9.77 -15.18
N ARG A 143 12.55 9.15 -14.10
CA ARG A 143 13.04 7.75 -14.13
C ARG A 143 11.84 6.76 -14.26
N GLY A 144 10.64 7.24 -13.88
CA GLY A 144 9.38 6.54 -14.19
C GLY A 144 9.12 5.34 -13.29
N ILE A 145 9.57 5.43 -12.02
CA ILE A 145 9.43 4.33 -11.05
C ILE A 145 8.18 4.52 -10.15
N ILE A 146 7.24 5.41 -10.56
CA ILE A 146 5.95 5.57 -9.87
C ILE A 146 4.95 4.55 -10.42
N VAL A 147 5.10 4.25 -11.73
CA VAL A 147 4.35 3.20 -12.41
C VAL A 147 5.27 1.99 -12.65
N ASN A 148 5.03 0.91 -11.88
CA ASN A 148 5.76 -0.36 -12.02
C ASN A 148 4.74 -1.49 -12.04
N ASN A 149 4.62 -2.11 -13.21
CA ASN A 149 3.66 -3.17 -13.49
C ASN A 149 4.09 -3.92 -14.74
N LEU A 150 4.26 -5.24 -14.58
CA LEU A 150 4.57 -6.17 -15.66
C LEU A 150 4.03 -7.57 -15.29
N MET A 1 -82.58 -9.32 -14.67
CA MET A 1 -81.11 -9.42 -14.52
C MET A 1 -80.70 -9.09 -13.06
N ALA A 2 -79.56 -9.66 -12.63
CA ALA A 2 -79.01 -9.48 -11.26
C ALA A 2 -77.52 -9.16 -11.34
N HIS A 3 -77.12 -7.99 -10.80
CA HIS A 3 -75.72 -7.56 -10.75
C HIS A 3 -75.22 -7.56 -9.29
N HIS A 4 -74.76 -8.72 -8.82
CA HIS A 4 -74.14 -8.86 -7.51
C HIS A 4 -72.68 -8.38 -7.57
N HIS A 5 -72.27 -7.60 -6.58
CA HIS A 5 -70.87 -7.11 -6.45
C HIS A 5 -70.52 -6.95 -4.97
N HIS A 6 -69.34 -7.47 -4.60
CA HIS A 6 -68.80 -7.35 -3.25
C HIS A 6 -67.27 -7.42 -3.32
N HIS A 7 -66.59 -6.31 -2.97
CA HIS A 7 -65.12 -6.30 -2.85
C HIS A 7 -64.71 -6.77 -1.45
N HIS A 8 -63.45 -7.18 -1.33
CA HIS A 8 -62.83 -7.52 -0.04
C HIS A 8 -61.85 -6.42 0.34
N MET A 9 -62.00 -5.86 1.55
CA MET A 9 -61.00 -4.96 2.12
C MET A 9 -59.86 -5.79 2.75
N GLY A 10 -58.62 -5.52 2.30
CA GLY A 10 -57.44 -6.25 2.79
C GLY A 10 -56.15 -5.59 2.33
N THR A 11 -55.11 -5.64 3.17
CA THR A 11 -53.79 -5.07 2.90
C THR A 11 -52.70 -5.98 3.51
N LEU A 12 -51.67 -6.30 2.70
CA LEU A 12 -50.52 -7.09 3.13
C LEU A 12 -49.34 -6.69 2.24
N GLU A 13 -48.20 -6.33 2.86
CA GLU A 13 -46.99 -5.92 2.16
C GLU A 13 -45.84 -5.95 3.17
N ALA A 14 -44.73 -6.62 2.83
CA ALA A 14 -43.63 -6.86 3.79
C ALA A 14 -42.25 -6.52 3.18
N GLN A 15 -41.21 -6.59 4.02
CA GLN A 15 -39.82 -6.34 3.62
C GLN A 15 -38.86 -7.16 4.51
N THR A 16 -37.76 -7.64 3.90
CA THR A 16 -36.73 -8.44 4.59
C THR A 16 -35.33 -7.98 4.15
N GLN A 17 -34.31 -8.29 4.96
CA GLN A 17 -32.89 -8.06 4.61
C GLN A 17 -32.10 -9.37 4.78
N GLY A 18 -31.07 -9.55 3.95
CA GLY A 18 -30.20 -10.74 4.01
C GLY A 18 -28.85 -10.47 3.36
N PRO A 19 -27.93 -9.69 4.00
CA PRO A 19 -26.60 -9.38 3.44
C PRO A 19 -25.59 -10.54 3.60
N GLY A 20 -24.53 -10.53 2.77
CA GLY A 20 -23.48 -11.56 2.78
C GLY A 20 -22.13 -11.01 2.36
N SER A 21 -21.03 -11.62 2.84
CA SER A 21 -19.66 -11.14 2.59
C SER A 21 -19.00 -11.93 1.41
N MET A 22 -18.44 -11.18 0.44
CA MET A 22 -17.79 -11.77 -0.75
C MET A 22 -16.28 -11.93 -0.53
N ILE A 23 -15.76 -13.15 -0.73
CA ILE A 23 -14.31 -13.44 -0.66
C ILE A 23 -13.63 -13.06 -2.00
N SER A 24 -12.39 -12.52 -1.92
CA SER A 24 -11.60 -12.15 -3.10
C SER A 24 -11.01 -13.41 -3.80
N GLY A 25 -10.79 -13.32 -5.14
CA GLY A 25 -10.27 -14.46 -5.92
C GLY A 25 -8.79 -14.73 -5.65
N LEU A 26 -7.99 -13.66 -5.67
CA LEU A 26 -6.57 -13.70 -5.28
C LEU A 26 -6.44 -13.20 -3.83
N ASN A 27 -5.21 -13.08 -3.32
CA ASN A 27 -4.94 -12.48 -2.00
C ASN A 27 -4.58 -10.98 -2.16
N PRO A 28 -5.11 -10.07 -1.28
CA PRO A 28 -4.88 -8.62 -1.40
C PRO A 28 -3.44 -8.22 -1.00
N THR A 29 -2.69 -7.62 -1.96
CA THR A 29 -1.34 -7.08 -1.69
C THR A 29 -1.42 -5.91 -0.70
N LEU A 30 -2.49 -5.11 -0.81
CA LEU A 30 -2.64 -3.86 -0.07
C LEU A 30 -3.64 -4.10 1.07
N ARG A 31 -3.15 -4.26 2.29
CA ARG A 31 -4.00 -4.63 3.42
C ARG A 31 -3.68 -3.73 4.62
N LEU A 32 -4.72 -3.26 5.30
CA LEU A 32 -4.59 -2.35 6.44
C LEU A 32 -5.16 -3.10 7.66
N PHE A 33 -4.38 -3.13 8.76
CA PHE A 33 -4.73 -3.85 10.01
C PHE A 33 -4.94 -2.84 11.13
N LYS A 34 -5.81 -3.18 12.09
CA LYS A 34 -6.05 -2.40 13.31
C LYS A 34 -6.55 -3.35 14.40
N ASP A 35 -5.86 -3.34 15.56
CA ASP A 35 -6.11 -4.28 16.70
C ASP A 35 -5.89 -5.74 16.28
N HIS A 36 -4.88 -5.95 15.38
CA HIS A 36 -4.56 -7.27 14.77
C HIS A 36 -5.69 -7.83 13.89
N LYS A 37 -6.69 -6.99 13.60
CA LYS A 37 -7.85 -7.34 12.79
C LYS A 37 -7.69 -6.75 11.39
N ILE A 38 -8.22 -7.45 10.38
CA ILE A 38 -8.17 -6.97 8.99
C ILE A 38 -9.16 -5.80 8.83
N LEU A 39 -8.60 -4.60 8.74
CA LEU A 39 -9.37 -3.34 8.69
C LEU A 39 -9.81 -3.07 7.25
N TYR A 40 -8.88 -3.28 6.31
CA TYR A 40 -9.15 -3.17 4.85
C TYR A 40 -8.28 -4.21 4.10
N SER A 41 -8.76 -4.66 2.93
CA SER A 41 -8.11 -5.67 2.11
C SER A 41 -8.45 -5.41 0.64
N ASN A 42 -7.43 -5.08 -0.17
CA ASN A 42 -7.59 -4.77 -1.60
C ASN A 42 -6.30 -5.12 -2.37
N MET A 43 -6.46 -5.51 -3.64
CA MET A 43 -5.36 -5.59 -4.59
C MET A 43 -5.51 -4.36 -5.48
N GLU A 44 -4.51 -3.46 -5.41
CA GLU A 44 -4.63 -2.04 -5.84
C GLU A 44 -5.23 -1.86 -7.26
N ARG A 45 -4.83 -2.74 -8.19
CA ARG A 45 -5.22 -2.64 -9.59
C ARG A 45 -6.62 -3.23 -9.83
N GLY A 46 -7.30 -2.74 -10.89
CA GLY A 46 -8.69 -3.11 -11.16
C GLY A 46 -9.64 -2.01 -10.73
N LEU A 47 -9.53 -1.62 -9.44
CA LEU A 47 -10.27 -0.47 -8.88
C LEU A 47 -9.55 0.05 -7.63
N LYS A 48 -9.35 1.39 -7.59
CA LYS A 48 -8.74 2.13 -6.46
C LYS A 48 -7.29 1.67 -6.17
N PRO A 49 -6.27 2.28 -6.85
CA PRO A 49 -4.85 1.96 -6.60
C PRO A 49 -4.36 2.48 -5.23
N LEU A 50 -3.13 2.05 -4.86
CA LEU A 50 -2.49 2.43 -3.59
C LEU A 50 -2.36 3.95 -3.51
N LEU A 51 -1.95 4.56 -4.63
CA LEU A 51 -1.74 6.02 -4.71
C LEU A 51 -3.05 6.80 -4.46
N GLU A 52 -4.19 6.23 -4.89
CA GLU A 52 -5.51 6.80 -4.68
C GLU A 52 -5.98 6.68 -3.21
N VAL A 53 -5.99 5.43 -2.69
CA VAL A 53 -6.60 5.12 -1.37
C VAL A 53 -5.86 5.80 -0.22
N ASP A 54 -4.52 5.83 -0.33
CA ASP A 54 -3.63 6.45 0.65
C ASP A 54 -3.66 7.98 0.56
N ASN A 55 -3.90 8.51 -0.66
CA ASN A 55 -3.89 9.97 -0.91
C ASN A 55 -5.05 10.62 -0.16
N PHE A 56 -6.14 9.87 0.02
CA PHE A 56 -7.17 10.24 0.99
C PHE A 56 -7.26 9.12 2.04
N ILE A 57 -6.15 8.95 2.80
CA ILE A 57 -6.13 8.06 3.99
C ILE A 57 -6.99 8.65 5.10
N ASN A 58 -6.99 9.98 5.26
CA ASN A 58 -7.79 10.66 6.31
C ASN A 58 -9.29 10.61 6.01
N LYS A 59 -9.61 10.56 4.71
CA LYS A 59 -10.99 10.33 4.23
C LYS A 59 -11.40 8.88 4.50
N TYR A 60 -10.50 7.91 4.20
CA TYR A 60 -10.78 6.48 4.41
C TYR A 60 -10.69 6.09 5.91
N ILE A 61 -9.80 6.77 6.64
CA ILE A 61 -9.36 6.43 8.01
C ILE A 61 -9.56 7.71 8.85
N GLN A 62 -10.81 7.94 9.27
CA GLN A 62 -11.19 9.16 10.00
C GLN A 62 -10.73 9.12 11.46
N ASN A 63 -10.97 7.98 12.10
CA ASN A 63 -10.66 7.75 13.53
C ASN A 63 -10.06 6.34 13.73
N LYS A 64 -9.74 5.66 12.59
CA LYS A 64 -9.08 4.32 12.60
C LYS A 64 -7.53 4.43 12.70
N GLU A 65 -7.06 5.59 13.19
CA GLU A 65 -5.63 5.91 13.37
C GLU A 65 -5.02 4.99 14.46
N GLY A 66 -3.70 4.73 14.35
CA GLY A 66 -3.00 3.73 15.16
C GLY A 66 -2.93 2.39 14.45
N LEU A 67 -3.33 2.40 13.17
CA LEU A 67 -3.35 1.22 12.31
C LEU A 67 -1.96 0.93 11.69
N GLU A 68 -1.81 -0.27 11.14
CA GLU A 68 -0.68 -0.64 10.27
C GLU A 68 -1.17 -0.77 8.83
N ILE A 69 -0.32 -0.44 7.86
CA ILE A 69 -0.59 -0.74 6.44
C ILE A 69 0.40 -1.82 5.94
N TYR A 70 0.01 -2.56 4.90
CA TYR A 70 0.80 -3.64 4.29
C TYR A 70 0.72 -3.55 2.76
N ASP A 71 1.87 -3.72 2.10
CA ASP A 71 1.94 -3.93 0.63
C ASP A 71 3.05 -4.96 0.32
N LYS A 72 3.37 -5.22 -0.96
CA LYS A 72 4.41 -6.18 -1.34
C LYS A 72 5.78 -5.49 -1.47
N VAL A 73 5.88 -4.56 -2.42
CA VAL A 73 7.16 -3.89 -2.79
C VAL A 73 7.10 -2.42 -2.37
N VAL A 74 8.11 -1.95 -1.62
CA VAL A 74 8.24 -0.53 -1.24
C VAL A 74 9.43 0.13 -1.98
N GLY A 75 9.09 1.01 -2.93
CA GLY A 75 10.05 1.89 -3.58
C GLY A 75 9.96 3.31 -3.02
N LYS A 76 10.67 4.25 -3.67
CA LYS A 76 10.70 5.67 -3.23
C LYS A 76 9.31 6.34 -3.36
N ALA A 77 8.43 5.80 -4.22
CA ALA A 77 7.04 6.29 -4.35
C ALA A 77 6.19 5.92 -3.14
N ALA A 78 6.28 4.65 -2.74
CA ALA A 78 5.63 4.16 -1.53
C ALA A 78 6.17 4.94 -0.32
N ALA A 79 7.49 5.21 -0.34
CA ALA A 79 8.19 5.95 0.72
C ALA A 79 7.67 7.39 0.85
N VAL A 80 7.62 8.11 -0.28
CA VAL A 80 7.20 9.51 -0.30
C VAL A 80 5.72 9.62 0.12
N ILE A 81 4.87 8.68 -0.37
CA ILE A 81 3.44 8.71 -0.03
C ILE A 81 3.23 8.46 1.47
N ILE A 82 3.82 7.36 1.98
CA ILE A 82 3.63 6.93 3.37
C ILE A 82 4.13 8.01 4.34
N TYR A 83 5.24 8.68 3.99
CA TYR A 83 5.79 9.75 4.83
C TYR A 83 4.95 11.06 4.71
N ASN A 84 4.49 11.38 3.49
CA ASN A 84 3.64 12.59 3.22
C ASN A 84 2.35 12.54 4.06
N ILE A 85 1.80 11.33 4.14
CA ILE A 85 0.73 10.99 5.06
C ILE A 85 1.21 11.12 6.52
N GLY A 86 2.28 10.38 6.83
CA GLY A 86 2.78 10.27 8.18
C GLY A 86 2.22 9.05 8.91
N LEU A 87 2.30 7.87 8.24
CA LEU A 87 1.95 6.57 8.87
C LEU A 87 3.16 6.11 9.72
N GLN A 88 2.88 5.40 10.82
CA GLN A 88 3.91 5.00 11.80
C GLN A 88 4.19 3.50 11.77
N ASN A 89 3.17 2.73 11.38
CA ASN A 89 3.24 1.25 11.34
C ASN A 89 2.96 0.75 9.93
N VAL A 90 3.97 0.15 9.32
CA VAL A 90 3.90 -0.37 7.93
C VAL A 90 4.57 -1.75 7.83
N GLN A 91 4.16 -2.55 6.84
CA GLN A 91 4.71 -3.85 6.56
C GLN A 91 4.77 -4.08 5.03
N ALA A 92 5.86 -4.71 4.56
CA ALA A 92 6.00 -5.14 3.15
C ALA A 92 6.78 -6.46 3.09
N GLY A 93 6.86 -7.02 1.87
CA GLY A 93 7.69 -8.20 1.63
C GLY A 93 9.11 -7.79 1.32
N VAL A 94 9.24 -6.86 0.35
CA VAL A 94 10.52 -6.32 -0.11
C VAL A 94 10.50 -4.79 -0.13
N VAL A 95 11.70 -4.19 -0.11
CA VAL A 95 11.91 -2.74 -0.20
C VAL A 95 13.28 -2.43 -0.80
N SER A 96 13.40 -1.26 -1.47
CA SER A 96 14.70 -0.72 -1.92
C SER A 96 15.51 -0.19 -0.70
N GLN A 97 16.87 -0.25 -0.78
CA GLN A 97 17.76 0.17 0.34
C GLN A 97 17.45 1.63 0.83
N PRO A 98 17.48 2.70 -0.06
CA PRO A 98 17.30 4.09 0.41
C PRO A 98 15.90 4.35 0.99
N ALA A 99 14.87 3.63 0.47
CA ALA A 99 13.47 3.79 0.95
C ALA A 99 13.34 3.30 2.40
N LYS A 100 13.92 2.11 2.69
CA LYS A 100 13.94 1.54 4.06
C LYS A 100 14.75 2.43 5.00
N ASP A 101 15.96 2.77 4.53
CA ASP A 101 16.91 3.67 5.21
C ASP A 101 16.26 5.05 5.53
N PHE A 102 15.35 5.48 4.65
CA PHE A 102 14.59 6.72 4.82
C PHE A 102 13.51 6.54 5.91
N LEU A 103 12.69 5.51 5.72
CA LEU A 103 11.45 5.27 6.48
C LEU A 103 11.72 5.02 7.98
N GLU A 104 12.65 4.09 8.26
CA GLU A 104 13.02 3.74 9.64
C GLU A 104 13.72 4.92 10.34
N SER A 105 14.42 5.73 9.54
CA SER A 105 15.18 6.90 10.03
C SER A 105 14.25 8.08 10.31
N ARG A 106 13.10 8.13 9.61
CA ARG A 106 12.01 9.09 9.92
C ARG A 106 11.30 8.69 11.22
N GLY A 107 11.62 7.49 11.73
CA GLY A 107 11.04 6.98 12.97
C GLY A 107 9.89 6.02 12.71
N ILE A 108 9.64 5.69 11.43
CA ILE A 108 8.48 4.86 11.05
C ILE A 108 8.82 3.38 11.30
N LYS A 109 7.98 2.73 12.13
CA LYS A 109 8.12 1.31 12.49
C LYS A 109 7.61 0.46 11.33
N VAL A 110 8.55 -0.15 10.58
CA VAL A 110 8.23 -0.92 9.37
C VAL A 110 8.78 -2.36 9.47
N ALA A 111 8.05 -3.33 8.90
CA ALA A 111 8.47 -4.75 8.85
C ALA A 111 8.58 -5.23 7.38
N TYR A 112 9.81 -5.22 6.82
CA TYR A 112 10.09 -5.59 5.41
C TYR A 112 11.58 -5.90 5.19
N LYS A 113 11.91 -6.49 4.03
CA LYS A 113 13.28 -6.91 3.70
C LYS A 113 13.87 -6.08 2.54
N LYS A 114 15.09 -5.53 2.76
CA LYS A 114 15.93 -4.98 1.68
C LYS A 114 17.20 -5.83 1.61
N LEU A 115 17.67 -6.13 0.39
CA LEU A 115 19.04 -6.60 0.18
C LEU A 115 19.54 -6.05 -1.18
N VAL A 116 20.18 -4.88 -1.10
CA VAL A 116 20.90 -4.19 -2.20
C VAL A 116 21.89 -3.19 -1.55
N GLU A 117 22.77 -2.61 -2.38
CA GLU A 117 23.87 -1.72 -1.94
C GLU A 117 23.59 -0.27 -2.39
N LYS A 118 23.43 -0.10 -3.72
CA LYS A 118 23.30 1.22 -4.37
C LYS A 118 22.50 1.09 -5.68
N ILE A 119 21.64 2.08 -5.97
CA ILE A 119 20.96 2.19 -7.28
C ILE A 119 21.86 3.04 -8.19
N ASN A 120 22.20 2.50 -9.37
CA ASN A 120 23.11 3.13 -10.33
C ASN A 120 22.39 4.26 -11.10
N ASP A 121 22.37 5.44 -10.46
CA ASP A 121 21.85 6.69 -11.04
C ASP A 121 22.61 7.85 -10.38
N ARG A 122 22.56 9.06 -10.99
CA ARG A 122 23.18 10.28 -10.41
C ARG A 122 22.59 10.59 -9.03
N ALA A 123 21.32 10.19 -8.84
CA ALA A 123 20.54 10.38 -7.61
C ALA A 123 21.25 9.85 -6.36
N GLU A 124 22.01 8.76 -6.49
CA GLU A 124 22.79 8.18 -5.39
C GLU A 124 23.74 9.22 -4.75
N SER A 125 24.44 9.99 -5.61
CA SER A 125 25.33 11.09 -5.17
C SER A 125 24.61 12.47 -5.08
N LEU A 126 23.44 12.60 -5.74
CA LEU A 126 22.75 13.92 -5.90
C LEU A 126 21.80 14.18 -4.73
N ILE A 127 20.93 13.19 -4.42
CA ILE A 127 19.94 13.27 -3.32
C ILE A 127 20.65 13.57 -2.00
N GLU A 128 20.53 14.83 -1.54
CA GLU A 128 21.07 15.27 -0.26
C GLU A 128 20.08 14.90 0.84
N SER A 129 18.83 15.38 0.69
CA SER A 129 17.79 15.23 1.67
C SER A 129 16.69 14.26 1.17
N LEU A 130 16.84 12.94 1.44
CA LEU A 130 15.75 11.96 1.12
C LEU A 130 14.46 12.29 1.93
N GLU A 131 14.64 13.05 3.03
CA GLU A 131 13.56 13.60 3.88
C GLU A 131 12.63 14.54 3.09
N ASN A 132 13.18 15.18 2.06
CA ASN A 132 12.44 16.04 1.13
C ASN A 132 11.93 15.18 -0.02
N PRO A 133 10.59 14.93 -0.11
CA PRO A 133 10.02 14.01 -1.11
C PRO A 133 9.95 14.62 -2.51
N GLU A 134 10.08 15.95 -2.61
CA GLU A 134 9.95 16.68 -3.87
C GLU A 134 11.17 16.51 -4.78
N GLU A 135 12.38 16.46 -4.18
CA GLU A 135 13.63 16.29 -4.95
C GLU A 135 13.70 14.90 -5.59
N VAL A 136 13.31 13.88 -4.82
CA VAL A 136 13.32 12.47 -5.27
C VAL A 136 12.16 12.17 -6.22
N TYR A 137 11.00 12.82 -5.98
CA TYR A 137 9.76 12.62 -6.76
C TYR A 137 9.98 12.85 -8.26
N LYS A 138 10.84 13.85 -8.56
CA LYS A 138 11.20 14.19 -9.94
C LYS A 138 11.95 13.02 -10.61
N TYR A 139 12.89 12.42 -9.86
CA TYR A 139 13.71 11.28 -10.34
C TYR A 139 12.85 10.01 -10.48
N MET A 140 11.88 9.87 -9.58
CA MET A 140 10.84 8.82 -9.61
C MET A 140 10.07 8.80 -10.96
N ILE A 141 9.91 9.97 -11.60
CA ILE A 141 9.20 10.09 -12.89
C ILE A 141 9.96 9.34 -14.00
N LYS A 142 11.27 9.65 -14.15
CA LYS A 142 12.11 9.04 -15.22
C LYS A 142 12.38 7.56 -14.94
N ARG A 143 12.69 7.22 -13.67
CA ARG A 143 12.98 5.85 -13.25
C ARG A 143 11.72 4.98 -13.16
N GLY A 144 10.55 5.62 -13.04
CA GLY A 144 9.25 4.94 -13.06
C GLY A 144 9.08 3.92 -11.95
N ILE A 145 9.58 4.26 -10.75
CA ILE A 145 9.44 3.41 -9.55
C ILE A 145 8.14 3.75 -8.77
N ILE A 146 7.19 4.42 -9.48
CA ILE A 146 5.94 4.89 -8.90
C ILE A 146 4.87 3.78 -8.92
N VAL A 147 4.93 2.93 -9.94
CA VAL A 147 4.12 1.70 -10.03
C VAL A 147 5.07 0.51 -10.09
N ASN A 148 4.78 -0.53 -9.29
CA ASN A 148 5.60 -1.76 -9.23
C ASN A 148 5.34 -2.61 -10.49
N ASN A 149 5.90 -2.14 -11.61
CA ASN A 149 5.62 -2.67 -12.97
C ASN A 149 6.65 -3.77 -13.34
N LEU A 150 6.51 -4.94 -12.69
CA LEU A 150 7.29 -6.17 -12.95
C LEU A 150 8.82 -5.91 -12.74
N MET A 1 -50.56 46.68 -50.88
CA MET A 1 -49.73 47.31 -49.82
C MET A 1 -50.05 46.66 -48.48
N ALA A 2 -49.07 45.93 -47.91
CA ALA A 2 -49.21 45.24 -46.62
C ALA A 2 -47.89 45.20 -45.86
N HIS A 3 -47.96 44.85 -44.57
CA HIS A 3 -46.78 44.69 -43.70
C HIS A 3 -46.52 43.18 -43.53
N HIS A 4 -45.37 42.71 -44.04
CA HIS A 4 -44.96 41.30 -43.88
C HIS A 4 -44.59 41.00 -42.41
N HIS A 5 -44.79 39.74 -41.98
CA HIS A 5 -44.52 39.29 -40.60
C HIS A 5 -43.60 38.05 -40.59
N HIS A 6 -43.00 37.79 -39.42
CA HIS A 6 -42.05 36.68 -39.24
C HIS A 6 -42.03 36.25 -37.75
N HIS A 7 -41.63 35.00 -37.51
CA HIS A 7 -41.57 34.39 -36.16
C HIS A 7 -40.35 33.48 -36.05
N HIS A 8 -39.84 33.31 -34.82
CA HIS A 8 -38.68 32.46 -34.54
C HIS A 8 -38.73 32.03 -33.06
N MET A 9 -39.26 30.82 -32.83
CA MET A 9 -39.39 30.23 -31.49
C MET A 9 -38.13 29.41 -31.13
N GLY A 10 -37.74 29.44 -29.85
CA GLY A 10 -36.65 28.61 -29.34
C GLY A 10 -37.15 27.26 -28.82
N THR A 11 -36.22 26.41 -28.38
CA THR A 11 -36.55 25.09 -27.79
C THR A 11 -35.52 24.73 -26.71
N LEU A 12 -36.02 24.12 -25.62
CA LEU A 12 -35.18 23.60 -24.53
C LEU A 12 -34.96 22.09 -24.73
N GLU A 13 -33.74 21.62 -24.49
CA GLU A 13 -33.36 20.21 -24.59
C GLU A 13 -32.10 20.03 -23.76
N ALA A 14 -32.24 19.38 -22.60
CA ALA A 14 -31.14 19.18 -21.66
C ALA A 14 -31.07 17.69 -21.26
N GLN A 15 -29.85 17.20 -21.00
CA GLN A 15 -29.59 15.78 -20.70
C GLN A 15 -28.78 15.64 -19.39
N THR A 16 -28.58 14.39 -18.93
CA THR A 16 -27.88 14.11 -17.66
C THR A 16 -27.21 12.73 -17.69
N GLN A 17 -26.41 12.42 -16.64
CA GLN A 17 -25.59 11.20 -16.56
C GLN A 17 -25.81 10.50 -15.19
N GLY A 18 -25.76 9.15 -15.20
CA GLY A 18 -25.97 8.35 -13.99
C GLY A 18 -24.67 8.03 -13.24
N PRO A 19 -24.77 7.37 -12.04
CA PRO A 19 -23.58 7.00 -11.21
C PRO A 19 -22.85 5.74 -11.75
N GLY A 20 -21.86 5.26 -10.97
CA GLY A 20 -21.08 4.06 -11.32
C GLY A 20 -20.83 3.18 -10.12
N SER A 21 -20.47 1.90 -10.37
CA SER A 21 -20.26 0.89 -9.33
C SER A 21 -18.75 0.61 -9.16
N MET A 22 -18.22 0.90 -7.97
CA MET A 22 -16.80 0.66 -7.62
C MET A 22 -16.60 -0.79 -7.15
N ILE A 23 -15.55 -1.45 -7.66
CA ILE A 23 -15.19 -2.84 -7.31
C ILE A 23 -13.74 -2.92 -6.80
N SER A 24 -13.44 -4.02 -6.11
CA SER A 24 -12.07 -4.35 -5.64
C SER A 24 -11.58 -5.59 -6.42
N GLY A 25 -10.59 -6.32 -5.86
CA GLY A 25 -10.18 -7.61 -6.39
C GLY A 25 -10.11 -8.64 -5.29
N LEU A 26 -9.37 -9.70 -5.57
CA LEU A 26 -9.20 -10.85 -4.66
C LEU A 26 -7.84 -10.75 -3.97
N ASN A 27 -6.76 -10.88 -4.76
CA ASN A 27 -5.36 -10.81 -4.27
C ASN A 27 -5.00 -9.35 -3.93
N PRO A 28 -4.78 -9.00 -2.62
CA PRO A 28 -4.52 -7.63 -2.20
C PRO A 28 -3.00 -7.30 -2.06
N THR A 29 -2.47 -6.57 -3.03
CA THR A 29 -1.08 -6.06 -2.96
C THR A 29 -0.98 -4.94 -1.88
N LEU A 30 -2.14 -4.34 -1.49
CA LEU A 30 -2.19 -3.26 -0.51
C LEU A 30 -3.21 -3.63 0.61
N ARG A 31 -2.72 -3.88 1.83
CA ARG A 31 -3.56 -4.23 2.98
C ARG A 31 -3.48 -3.14 4.06
N LEU A 32 -4.60 -2.95 4.77
CA LEU A 32 -4.72 -2.08 5.95
C LEU A 32 -5.06 -2.98 7.14
N PHE A 33 -4.49 -2.69 8.29
CA PHE A 33 -4.41 -3.62 9.43
C PHE A 33 -4.54 -2.80 10.72
N LYS A 34 -5.58 -3.04 11.54
CA LYS A 34 -5.84 -2.24 12.76
C LYS A 34 -6.17 -3.15 13.95
N ASP A 35 -5.59 -2.84 15.13
CA ASP A 35 -5.75 -3.61 16.39
C ASP A 35 -5.29 -5.07 16.19
N HIS A 36 -4.22 -5.22 15.38
CA HIS A 36 -3.62 -6.51 14.98
C HIS A 36 -4.65 -7.40 14.27
N LYS A 37 -5.55 -6.76 13.51
CA LYS A 37 -6.64 -7.41 12.76
C LYS A 37 -6.62 -6.83 11.33
N ILE A 38 -6.99 -7.64 10.32
CA ILE A 38 -7.12 -7.14 8.93
C ILE A 38 -8.30 -6.16 8.86
N LEU A 39 -7.98 -4.88 8.63
CA LEU A 39 -8.96 -3.78 8.56
C LEU A 39 -9.59 -3.79 7.16
N TYR A 40 -8.71 -3.82 6.14
CA TYR A 40 -9.09 -3.79 4.72
C TYR A 40 -8.00 -4.47 3.87
N SER A 41 -8.37 -4.95 2.68
CA SER A 41 -7.44 -5.60 1.75
C SER A 41 -7.91 -5.35 0.30
N ASN A 42 -7.02 -4.77 -0.53
CA ASN A 42 -7.36 -4.40 -1.92
C ASN A 42 -6.10 -4.42 -2.81
N MET A 43 -6.31 -4.60 -4.12
CA MET A 43 -5.25 -4.43 -5.13
C MET A 43 -5.40 -3.07 -5.81
N GLU A 44 -4.27 -2.45 -6.16
CA GLU A 44 -4.25 -1.21 -6.96
C GLU A 44 -4.66 -1.47 -8.42
N ARG A 45 -4.48 -2.73 -8.81
CA ARG A 45 -4.66 -3.20 -10.18
C ARG A 45 -6.13 -3.04 -10.62
N GLY A 46 -6.31 -2.33 -11.75
CA GLY A 46 -7.61 -1.82 -12.17
C GLY A 46 -7.53 -0.31 -12.30
N LEU A 47 -8.29 0.42 -11.47
CA LEU A 47 -8.22 1.89 -11.37
C LEU A 47 -8.32 2.31 -9.89
N LYS A 48 -7.24 2.02 -9.12
CA LYS A 48 -7.06 2.56 -7.74
C LYS A 48 -5.57 2.42 -7.30
N PRO A 49 -4.57 3.03 -8.04
CA PRO A 49 -3.12 2.85 -7.74
C PRO A 49 -2.72 3.29 -6.32
N LEU A 50 -1.49 2.86 -5.91
CA LEU A 50 -0.90 3.13 -4.58
C LEU A 50 -0.99 4.63 -4.21
N LEU A 51 -0.89 5.48 -5.24
CA LEU A 51 -0.99 6.95 -5.08
C LEU A 51 -2.44 7.34 -4.74
N GLU A 52 -3.39 6.87 -5.56
CA GLU A 52 -4.80 7.30 -5.50
C GLU A 52 -5.57 6.73 -4.30
N VAL A 53 -5.16 5.56 -3.79
CA VAL A 53 -5.81 4.98 -2.58
C VAL A 53 -5.48 5.83 -1.32
N ASP A 54 -4.22 6.31 -1.23
CA ASP A 54 -3.81 7.30 -0.22
C ASP A 54 -4.43 8.70 -0.50
N ASN A 55 -4.64 9.01 -1.79
CA ASN A 55 -4.97 10.38 -2.24
C ASN A 55 -6.35 10.83 -1.71
N PHE A 56 -7.22 9.86 -1.31
CA PHE A 56 -8.40 10.20 -0.51
C PHE A 56 -8.46 9.33 0.76
N ILE A 57 -7.45 9.49 1.64
CA ILE A 57 -7.53 9.05 3.05
C ILE A 57 -8.51 9.89 3.87
N ASN A 58 -8.41 11.21 3.76
CA ASN A 58 -9.32 12.14 4.48
C ASN A 58 -10.80 11.84 4.12
N LYS A 59 -11.00 11.30 2.90
CA LYS A 59 -12.33 10.92 2.40
C LYS A 59 -12.72 9.45 2.78
N TYR A 60 -11.80 8.47 2.67
CA TYR A 60 -12.18 7.04 2.95
C TYR A 60 -11.83 6.61 4.39
N ILE A 61 -10.61 6.96 4.85
CA ILE A 61 -10.03 6.41 6.10
C ILE A 61 -9.72 7.56 7.08
N GLN A 62 -10.74 8.04 7.80
CA GLN A 62 -10.55 9.11 8.82
C GLN A 62 -9.83 8.54 10.06
N ASN A 63 -9.82 7.20 10.20
CA ASN A 63 -9.22 6.50 11.36
C ASN A 63 -7.84 5.89 10.98
N LYS A 64 -7.15 6.48 9.97
CA LYS A 64 -5.81 5.98 9.51
C LYS A 64 -4.71 6.26 10.54
N GLU A 65 -5.02 7.16 11.44
CA GLU A 65 -4.16 7.43 12.62
C GLU A 65 -4.29 6.24 13.58
N GLY A 66 -3.15 5.71 14.02
CA GLY A 66 -3.13 4.50 14.85
C GLY A 66 -3.45 3.26 14.03
N LEU A 67 -3.01 3.25 12.77
CA LEU A 67 -3.18 2.11 11.85
C LEU A 67 -1.86 1.33 11.74
N GLU A 68 -1.95 0.15 11.17
CA GLU A 68 -0.82 -0.66 10.70
C GLU A 68 -1.08 -0.91 9.20
N ILE A 69 -0.06 -0.79 8.34
CA ILE A 69 -0.25 -0.97 6.88
C ILE A 69 0.69 -2.07 6.37
N TYR A 70 0.31 -2.70 5.24
CA TYR A 70 1.07 -3.78 4.63
C TYR A 70 1.18 -3.50 3.13
N ASP A 71 2.41 -3.17 2.71
CA ASP A 71 2.78 -3.02 1.30
C ASP A 71 3.44 -4.34 0.81
N LYS A 72 3.80 -4.42 -0.47
CA LYS A 72 4.49 -5.58 -1.05
C LYS A 72 5.99 -5.28 -1.20
N VAL A 73 6.31 -4.28 -2.04
CA VAL A 73 7.69 -3.87 -2.37
C VAL A 73 7.85 -2.35 -2.11
N VAL A 74 8.53 -2.00 -1.00
CA VAL A 74 8.67 -0.59 -0.58
C VAL A 74 9.82 0.07 -1.35
N GLY A 75 9.45 0.69 -2.49
CA GLY A 75 10.36 1.54 -3.26
C GLY A 75 10.42 2.96 -2.70
N LYS A 76 11.12 3.87 -3.41
CA LYS A 76 11.23 5.28 -2.99
C LYS A 76 9.85 5.98 -3.01
N ALA A 77 8.95 5.54 -3.92
CA ALA A 77 7.56 6.02 -3.96
C ALA A 77 6.78 5.58 -2.72
N ALA A 78 6.93 4.31 -2.34
CA ALA A 78 6.28 3.77 -1.13
C ALA A 78 6.85 4.45 0.13
N ALA A 79 8.15 4.83 0.10
CA ALA A 79 8.84 5.53 1.21
C ALA A 79 8.31 6.96 1.40
N VAL A 80 8.29 7.75 0.30
CA VAL A 80 7.78 9.13 0.34
C VAL A 80 6.30 9.11 0.76
N ILE A 81 5.52 8.15 0.21
CA ILE A 81 4.10 8.03 0.52
C ILE A 81 3.90 7.71 2.00
N ILE A 82 4.54 6.65 2.50
CA ILE A 82 4.38 6.19 3.91
C ILE A 82 4.77 7.32 4.89
N TYR A 83 5.83 8.08 4.56
CA TYR A 83 6.25 9.23 5.38
C TYR A 83 5.24 10.40 5.30
N ASN A 84 4.69 10.67 4.10
CA ASN A 84 3.68 11.74 3.88
C ASN A 84 2.35 11.40 4.58
N ILE A 85 2.11 10.10 4.72
CA ILE A 85 1.04 9.55 5.57
C ILE A 85 1.40 9.73 7.05
N GLY A 86 2.65 9.37 7.36
CA GLY A 86 3.16 9.38 8.72
C GLY A 86 2.74 8.12 9.50
N LEU A 87 2.71 6.99 8.79
CA LEU A 87 2.34 5.68 9.38
C LEU A 87 3.54 5.16 10.22
N GLN A 88 3.24 4.62 11.41
CA GLN A 88 4.28 4.21 12.39
C GLN A 88 4.43 2.68 12.50
N ASN A 89 3.44 1.94 11.97
CA ASN A 89 3.41 0.47 12.06
C ASN A 89 3.20 -0.08 10.65
N VAL A 90 4.24 -0.59 10.03
CA VAL A 90 4.22 -0.99 8.62
C VAL A 90 4.83 -2.39 8.45
N GLN A 91 4.41 -3.09 7.39
CA GLN A 91 4.96 -4.38 7.00
C GLN A 91 5.05 -4.44 5.47
N ALA A 92 6.10 -5.10 4.94
CA ALA A 92 6.31 -5.30 3.50
C ALA A 92 6.93 -6.67 3.26
N GLY A 93 6.86 -7.16 2.01
CA GLY A 93 7.53 -8.40 1.65
C GLY A 93 9.00 -8.15 1.42
N VAL A 94 9.26 -7.12 0.61
CA VAL A 94 10.60 -6.61 0.31
C VAL A 94 10.62 -5.09 0.43
N VAL A 95 11.81 -4.55 0.66
CA VAL A 95 12.02 -3.09 0.71
C VAL A 95 13.24 -2.68 -0.16
N SER A 96 13.44 -1.37 -0.40
CA SER A 96 14.70 -0.82 -0.96
C SER A 96 15.61 -0.39 0.21
N GLN A 97 16.95 -0.36 0.02
CA GLN A 97 17.88 0.05 1.11
C GLN A 97 17.63 1.50 1.60
N PRO A 98 17.57 2.56 0.71
CA PRO A 98 17.32 3.95 1.18
C PRO A 98 15.95 4.08 1.91
N ALA A 99 14.97 3.29 1.44
CA ALA A 99 13.62 3.25 2.01
C ALA A 99 13.66 2.71 3.45
N LYS A 100 14.27 1.51 3.64
CA LYS A 100 14.36 0.87 4.97
C LYS A 100 15.18 1.75 5.94
N ASP A 101 16.24 2.36 5.36
CA ASP A 101 17.14 3.27 6.07
C ASP A 101 16.34 4.41 6.71
N PHE A 102 15.55 5.11 5.87
CA PHE A 102 14.76 6.27 6.30
C PHE A 102 13.62 5.86 7.28
N LEU A 103 12.99 4.73 6.97
CA LEU A 103 11.85 4.18 7.76
C LEU A 103 12.25 3.89 9.23
N GLU A 104 13.30 3.06 9.39
CA GLU A 104 13.86 2.71 10.72
C GLU A 104 14.54 3.92 11.39
N SER A 105 14.97 4.86 10.55
CA SER A 105 15.63 6.12 11.00
C SER A 105 14.61 7.05 11.66
N ARG A 106 13.38 7.06 11.13
CA ARG A 106 12.26 7.79 11.75
C ARG A 106 11.60 6.97 12.87
N GLY A 107 12.18 5.78 13.17
CA GLY A 107 11.73 4.94 14.28
C GLY A 107 10.41 4.26 13.99
N ILE A 108 10.09 4.12 12.70
CA ILE A 108 8.85 3.50 12.25
C ILE A 108 9.03 1.97 12.36
N LYS A 109 8.10 1.29 13.06
CA LYS A 109 8.20 -0.17 13.28
C LYS A 109 7.76 -0.87 12.00
N VAL A 110 8.75 -1.30 11.20
CA VAL A 110 8.50 -1.93 9.89
C VAL A 110 9.02 -3.39 9.87
N ALA A 111 8.17 -4.31 9.37
CA ALA A 111 8.53 -5.73 9.22
C ALA A 111 8.72 -6.07 7.72
N TYR A 112 9.98 -6.02 7.24
CA TYR A 112 10.33 -6.26 5.82
C TYR A 112 11.72 -6.90 5.67
N LYS A 113 12.10 -7.25 4.42
CA LYS A 113 13.43 -7.80 4.11
C LYS A 113 14.04 -7.15 2.84
N LYS A 114 15.38 -6.98 2.88
CA LYS A 114 16.21 -6.70 1.69
C LYS A 114 17.71 -6.77 2.07
N LEU A 115 18.55 -7.28 1.13
CA LEU A 115 20.01 -7.13 1.21
C LEU A 115 20.48 -6.48 -0.11
N VAL A 116 20.60 -5.14 -0.09
CA VAL A 116 21.24 -4.30 -1.14
C VAL A 116 21.83 -3.06 -0.43
N GLU A 117 22.46 -2.15 -1.20
CA GLU A 117 23.02 -0.89 -0.67
C GLU A 117 22.48 0.31 -1.46
N LYS A 118 22.80 0.34 -2.76
CA LYS A 118 22.44 1.45 -3.66
C LYS A 118 21.63 0.91 -4.84
N ILE A 119 20.50 1.60 -5.14
CA ILE A 119 19.71 1.35 -6.35
C ILE A 119 20.20 2.32 -7.42
N ASN A 120 20.46 1.80 -8.62
CA ASN A 120 20.85 2.61 -9.79
C ASN A 120 19.70 3.55 -10.21
N ASP A 121 19.72 4.74 -9.59
CA ASP A 121 18.79 5.84 -9.85
C ASP A 121 19.60 7.14 -9.75
N ARG A 122 19.23 8.14 -10.55
CA ARG A 122 19.99 9.41 -10.66
C ARG A 122 19.97 10.22 -9.34
N ALA A 123 18.97 9.97 -8.49
CA ALA A 123 18.85 10.62 -7.16
C ALA A 123 20.05 10.31 -6.25
N GLU A 124 20.71 9.16 -6.47
CA GLU A 124 21.95 8.81 -5.77
C GLU A 124 23.07 9.83 -6.12
N SER A 125 23.19 10.13 -7.42
CA SER A 125 24.24 11.00 -7.97
C SER A 125 23.95 12.49 -7.73
N LEU A 126 22.67 12.89 -7.87
CA LEU A 126 22.26 14.31 -7.89
C LEU A 126 21.93 14.79 -6.47
N ILE A 127 21.04 14.07 -5.78
CA ILE A 127 20.53 14.49 -4.46
C ILE A 127 21.63 14.34 -3.40
N GLU A 128 21.84 15.44 -2.69
CA GLU A 128 22.94 15.64 -1.74
C GLU A 128 22.41 15.46 -0.31
N SER A 129 21.40 16.25 0.02
CA SER A 129 20.63 16.14 1.25
C SER A 129 19.21 15.66 0.91
N LEU A 130 18.58 14.93 1.85
CA LEU A 130 17.18 14.42 1.69
C LEU A 130 16.15 15.48 2.10
N GLU A 131 16.58 16.77 2.08
CA GLU A 131 15.75 17.94 2.42
C GLU A 131 14.71 18.24 1.33
N ASN A 132 14.92 17.68 0.13
CA ASN A 132 14.07 17.92 -1.04
C ASN A 132 13.33 16.62 -1.48
N PRO A 133 12.17 16.28 -0.81
CA PRO A 133 11.39 15.06 -1.12
C PRO A 133 10.59 15.18 -2.43
N GLU A 134 10.41 16.43 -2.91
CA GLU A 134 9.69 16.73 -4.15
C GLU A 134 10.57 16.42 -5.37
N GLU A 135 11.89 16.50 -5.21
CA GLU A 135 12.86 16.21 -6.29
C GLU A 135 13.05 14.70 -6.52
N VAL A 136 13.10 13.90 -5.44
CA VAL A 136 13.06 12.42 -5.55
C VAL A 136 11.69 11.96 -6.03
N TYR A 137 10.64 12.70 -5.63
CA TYR A 137 9.27 12.53 -6.15
C TYR A 137 9.24 12.82 -7.67
N LYS A 138 10.09 13.77 -8.12
CA LYS A 138 10.22 14.13 -9.55
C LYS A 138 10.85 12.95 -10.33
N TYR A 139 11.84 12.30 -9.69
CA TYR A 139 12.46 11.06 -10.22
C TYR A 139 11.44 9.92 -10.26
N MET A 140 10.60 9.87 -9.23
CA MET A 140 9.48 8.90 -9.14
C MET A 140 8.49 9.02 -10.31
N ILE A 141 8.16 10.26 -10.72
CA ILE A 141 7.26 10.52 -11.86
C ILE A 141 7.92 10.05 -13.17
N LYS A 142 9.23 10.34 -13.27
CA LYS A 142 10.06 10.04 -14.46
C LYS A 142 10.21 8.51 -14.67
N ARG A 143 10.45 7.80 -13.56
CA ARG A 143 10.64 6.34 -13.54
C ARG A 143 9.29 5.59 -13.45
N GLY A 144 8.25 6.28 -12.98
CA GLY A 144 6.91 5.70 -12.81
C GLY A 144 6.85 4.55 -11.80
N ILE A 145 7.69 4.63 -10.75
CA ILE A 145 7.78 3.56 -9.71
C ILE A 145 6.70 3.69 -8.60
N ILE A 146 5.71 4.57 -8.84
CA ILE A 146 4.63 4.87 -7.87
C ILE A 146 3.48 3.85 -8.00
N VAL A 147 3.34 3.31 -9.21
CA VAL A 147 2.34 2.31 -9.56
C VAL A 147 3.04 0.99 -9.89
N ASN A 148 2.59 -0.12 -9.28
CA ASN A 148 3.06 -1.47 -9.65
C ASN A 148 2.42 -1.85 -11.00
N ASN A 149 3.01 -1.32 -12.08
CA ASN A 149 2.53 -1.53 -13.46
C ASN A 149 3.33 -2.70 -14.09
N LEU A 150 3.46 -3.77 -13.30
CA LEU A 150 4.24 -4.97 -13.66
C LEU A 150 3.48 -5.85 -14.69
N MET A 1 -48.09 -31.53 -54.96
CA MET A 1 -48.92 -30.31 -54.90
C MET A 1 -48.58 -29.54 -53.62
N ALA A 2 -47.66 -28.57 -53.75
CA ALA A 2 -47.17 -27.73 -52.65
C ALA A 2 -48.26 -26.73 -52.23
N HIS A 3 -48.90 -27.00 -51.09
CA HIS A 3 -49.85 -26.08 -50.43
C HIS A 3 -49.23 -25.63 -49.10
N HIS A 4 -49.13 -24.32 -48.89
CA HIS A 4 -48.64 -23.74 -47.62
C HIS A 4 -49.82 -23.30 -46.75
N HIS A 5 -49.55 -23.16 -45.46
CA HIS A 5 -50.48 -22.56 -44.48
C HIS A 5 -50.02 -21.12 -44.23
N HIS A 6 -50.99 -20.19 -44.05
CA HIS A 6 -50.69 -18.78 -43.79
C HIS A 6 -50.05 -18.63 -42.41
N HIS A 7 -48.73 -18.44 -42.41
CA HIS A 7 -47.92 -18.21 -41.21
C HIS A 7 -48.27 -16.86 -40.57
N HIS A 8 -48.38 -16.85 -39.24
CA HIS A 8 -48.71 -15.65 -38.45
C HIS A 8 -47.78 -15.59 -37.23
N MET A 9 -46.90 -14.58 -37.20
CA MET A 9 -45.93 -14.36 -36.11
C MET A 9 -46.59 -13.65 -34.91
N GLY A 10 -45.85 -13.58 -33.79
CA GLY A 10 -46.30 -12.91 -32.57
C GLY A 10 -45.11 -12.52 -31.71
N THR A 11 -45.25 -11.42 -30.92
CA THR A 11 -44.19 -10.92 -30.05
C THR A 11 -44.79 -10.21 -28.81
N LEU A 12 -44.03 -10.21 -27.71
CA LEU A 12 -44.37 -9.52 -26.45
C LEU A 12 -43.14 -8.76 -25.94
N GLU A 13 -43.30 -8.00 -24.84
CA GLU A 13 -42.23 -7.19 -24.23
C GLU A 13 -42.35 -7.27 -22.70
N ALA A 14 -42.04 -8.46 -22.16
CA ALA A 14 -42.02 -8.73 -20.72
C ALA A 14 -40.57 -8.59 -20.20
N GLN A 15 -40.39 -7.92 -19.05
CA GLN A 15 -39.07 -7.68 -18.44
C GLN A 15 -39.16 -7.49 -16.92
N THR A 16 -38.11 -7.92 -16.20
CA THR A 16 -37.94 -7.74 -14.76
C THR A 16 -36.43 -7.74 -14.45
N GLN A 17 -35.96 -6.70 -13.75
CA GLN A 17 -34.54 -6.50 -13.42
C GLN A 17 -34.27 -6.98 -11.98
N GLY A 18 -33.42 -8.03 -11.86
CA GLY A 18 -33.02 -8.58 -10.57
C GLY A 18 -31.53 -8.36 -10.29
N PRO A 19 -31.14 -7.81 -9.09
CA PRO A 19 -29.71 -7.61 -8.74
C PRO A 19 -28.94 -8.94 -8.59
N GLY A 20 -27.84 -9.08 -9.35
CA GLY A 20 -26.98 -10.27 -9.30
C GLY A 20 -25.70 -10.02 -8.51
N SER A 21 -25.86 -9.38 -7.33
CA SER A 21 -24.74 -8.97 -6.48
C SER A 21 -24.16 -10.17 -5.71
N MET A 22 -22.84 -10.35 -5.81
CA MET A 22 -22.09 -11.38 -5.10
C MET A 22 -20.65 -10.87 -4.93
N ILE A 23 -20.33 -10.39 -3.72
CA ILE A 23 -19.00 -9.86 -3.39
C ILE A 23 -18.05 -11.05 -3.14
N SER A 24 -17.24 -11.38 -4.16
CA SER A 24 -16.15 -12.35 -4.05
C SER A 24 -14.94 -11.68 -3.37
N GLY A 25 -14.27 -12.40 -2.46
CA GLY A 25 -13.11 -11.88 -1.75
C GLY A 25 -11.83 -12.07 -2.54
N LEU A 26 -11.55 -11.11 -3.46
CA LEU A 26 -10.30 -11.10 -4.25
C LEU A 26 -9.07 -10.90 -3.36
N ASN A 27 -7.89 -11.27 -3.90
CA ASN A 27 -6.59 -11.23 -3.19
C ASN A 27 -6.13 -9.77 -3.01
N PRO A 28 -6.06 -9.24 -1.74
CA PRO A 28 -5.59 -7.87 -1.48
C PRO A 28 -4.04 -7.80 -1.43
N THR A 29 -3.45 -7.17 -2.46
CA THR A 29 -2.00 -6.94 -2.53
C THR A 29 -1.57 -5.82 -1.55
N LEU A 30 -2.55 -5.02 -1.07
CA LEU A 30 -2.30 -3.95 -0.09
C LEU A 30 -3.29 -4.10 1.08
N ARG A 31 -2.78 -4.50 2.25
CA ARG A 31 -3.60 -4.76 3.43
C ARG A 31 -3.23 -3.76 4.53
N LEU A 32 -4.21 -3.30 5.29
CA LEU A 32 -4.03 -2.35 6.39
C LEU A 32 -4.43 -3.04 7.69
N PHE A 33 -3.55 -3.00 8.69
CA PHE A 33 -3.80 -3.57 10.03
C PHE A 33 -3.97 -2.44 11.07
N LYS A 34 -4.14 -2.87 12.32
CA LYS A 34 -4.13 -2.01 13.50
C LYS A 34 -3.96 -2.92 14.71
N ASP A 35 -2.80 -2.81 15.39
CA ASP A 35 -2.43 -3.66 16.54
C ASP A 35 -2.36 -5.14 16.10
N HIS A 36 -1.90 -5.34 14.84
CA HIS A 36 -1.73 -6.65 14.16
C HIS A 36 -3.08 -7.26 13.70
N LYS A 37 -4.17 -6.51 13.89
CA LYS A 37 -5.53 -6.96 13.54
C LYS A 37 -5.95 -6.31 12.22
N ILE A 38 -6.51 -7.11 11.29
CA ILE A 38 -6.92 -6.65 9.95
C ILE A 38 -8.00 -5.57 10.06
N LEU A 39 -7.69 -4.39 9.51
CA LEU A 39 -8.57 -3.22 9.48
C LEU A 39 -9.22 -3.13 8.09
N TYR A 40 -8.36 -3.14 7.06
CA TYR A 40 -8.75 -2.97 5.66
C TYR A 40 -7.94 -3.94 4.79
N SER A 41 -8.47 -4.30 3.61
CA SER A 41 -7.81 -5.23 2.69
C SER A 41 -8.24 -4.90 1.24
N ASN A 42 -7.32 -4.34 0.44
CA ASN A 42 -7.65 -3.82 -0.91
C ASN A 42 -6.51 -4.13 -1.91
N MET A 43 -6.87 -4.05 -3.19
CA MET A 43 -5.93 -3.98 -4.30
C MET A 43 -6.26 -2.71 -5.11
N GLU A 44 -5.22 -2.05 -5.62
CA GLU A 44 -5.38 -0.80 -6.39
C GLU A 44 -5.90 -1.04 -7.82
N ARG A 45 -6.05 -2.32 -8.20
CA ARG A 45 -6.61 -2.72 -9.50
C ARG A 45 -8.10 -3.05 -9.32
N GLY A 46 -8.96 -2.44 -10.16
CA GLY A 46 -10.42 -2.62 -10.09
C GLY A 46 -11.13 -1.28 -10.17
N LEU A 47 -11.44 -0.69 -8.99
CA LEU A 47 -12.10 0.64 -8.88
C LEU A 47 -11.30 1.53 -7.92
N LYS A 48 -10.98 2.76 -8.38
CA LYS A 48 -10.22 3.78 -7.62
C LYS A 48 -8.79 3.28 -7.29
N PRO A 49 -7.76 3.58 -8.15
CA PRO A 49 -6.34 3.17 -7.93
C PRO A 49 -5.70 3.82 -6.69
N LEU A 50 -4.44 3.44 -6.43
CA LEU A 50 -3.67 3.82 -5.21
C LEU A 50 -3.60 5.34 -5.03
N LEU A 51 -3.30 6.07 -6.11
CA LEU A 51 -3.12 7.53 -6.07
C LEU A 51 -4.43 8.25 -5.72
N GLU A 52 -5.57 7.71 -6.19
CA GLU A 52 -6.91 8.25 -5.86
C GLU A 52 -7.30 7.89 -4.41
N VAL A 53 -6.88 6.70 -3.95
CA VAL A 53 -7.08 6.24 -2.56
C VAL A 53 -6.34 7.14 -1.55
N ASP A 54 -5.08 7.44 -1.85
CA ASP A 54 -4.24 8.31 -1.02
C ASP A 54 -4.77 9.75 -1.06
N ASN A 55 -5.34 10.10 -2.24
CA ASN A 55 -5.90 11.44 -2.50
C ASN A 55 -7.12 11.65 -1.57
N PHE A 56 -7.73 10.53 -1.09
CA PHE A 56 -8.69 10.62 0.02
C PHE A 56 -8.26 9.69 1.18
N ILE A 57 -7.09 10.00 1.80
CA ILE A 57 -6.73 9.42 3.12
C ILE A 57 -7.65 9.95 4.22
N ASN A 58 -7.76 11.29 4.30
CA ASN A 58 -8.56 11.98 5.34
C ASN A 58 -10.05 11.61 5.25
N LYS A 59 -10.49 11.21 4.04
CA LYS A 59 -11.88 10.81 3.81
C LYS A 59 -12.09 9.32 4.12
N TYR A 60 -11.26 8.43 3.51
CA TYR A 60 -11.50 6.97 3.60
C TYR A 60 -11.03 6.42 4.95
N ILE A 61 -9.85 6.88 5.39
CA ILE A 61 -9.16 6.37 6.57
C ILE A 61 -8.98 7.53 7.58
N GLN A 62 -10.08 7.87 8.28
CA GLN A 62 -10.04 8.82 9.42
C GLN A 62 -9.30 8.18 10.61
N ASN A 63 -9.27 6.84 10.60
CA ASN A 63 -8.62 6.00 11.61
C ASN A 63 -7.17 5.66 11.17
N LYS A 64 -6.56 6.58 10.39
CA LYS A 64 -5.11 6.54 10.06
C LYS A 64 -4.27 6.78 11.33
N GLU A 65 -4.95 7.35 12.33
CA GLU A 65 -4.38 7.50 13.68
C GLU A 65 -4.08 6.12 14.27
N GLY A 66 -2.78 5.88 14.51
CA GLY A 66 -2.28 4.57 14.95
C GLY A 66 -2.58 3.44 13.98
N LEU A 67 -2.36 3.68 12.68
CA LEU A 67 -2.62 2.69 11.60
C LEU A 67 -1.37 1.84 11.32
N GLU A 68 -1.59 0.56 10.97
CA GLU A 68 -0.55 -0.35 10.49
C GLU A 68 -0.88 -0.73 9.03
N ILE A 69 0.15 -1.12 8.24
CA ILE A 69 -0.07 -1.52 6.83
C ILE A 69 0.89 -2.66 6.41
N TYR A 70 0.54 -3.30 5.28
CA TYR A 70 1.29 -4.35 4.63
C TYR A 70 1.24 -4.08 3.11
N ASP A 71 2.37 -3.62 2.57
CA ASP A 71 2.61 -3.51 1.12
C ASP A 71 3.40 -4.77 0.68
N LYS A 72 3.68 -4.92 -0.62
CA LYS A 72 4.44 -6.08 -1.15
C LYS A 72 5.89 -5.65 -1.49
N VAL A 73 6.03 -4.73 -2.48
CA VAL A 73 7.32 -4.20 -2.94
C VAL A 73 7.43 -2.72 -2.57
N VAL A 74 8.21 -2.43 -1.53
CA VAL A 74 8.40 -1.04 -1.08
C VAL A 74 9.61 -0.43 -1.79
N GLY A 75 9.32 0.20 -2.94
CA GLY A 75 10.26 1.08 -3.61
C GLY A 75 10.19 2.48 -3.04
N LYS A 76 10.91 3.44 -3.66
CA LYS A 76 10.91 4.85 -3.20
C LYS A 76 9.52 5.50 -3.38
N ALA A 77 8.71 4.96 -4.32
CA ALA A 77 7.30 5.37 -4.48
C ALA A 77 6.43 4.96 -3.29
N ALA A 78 6.56 3.70 -2.87
CA ALA A 78 5.84 3.18 -1.70
C ALA A 78 6.30 3.91 -0.42
N ALA A 79 7.61 4.27 -0.38
CA ALA A 79 8.23 5.00 0.75
C ALA A 79 7.69 6.43 0.88
N VAL A 80 7.68 7.17 -0.25
CA VAL A 80 7.17 8.56 -0.27
C VAL A 80 5.68 8.57 0.04
N ILE A 81 4.93 7.56 -0.49
CA ILE A 81 3.49 7.45 -0.22
C ILE A 81 3.22 7.24 1.26
N ILE A 82 3.83 6.20 1.87
CA ILE A 82 3.61 5.87 3.30
C ILE A 82 4.05 7.03 4.20
N TYR A 83 5.15 7.71 3.84
CA TYR A 83 5.67 8.87 4.60
C TYR A 83 4.69 10.07 4.51
N ASN A 84 4.13 10.28 3.30
CA ASN A 84 3.16 11.37 3.02
C ASN A 84 1.87 11.15 3.82
N ILE A 85 1.37 9.89 3.83
CA ILE A 85 0.16 9.52 4.54
C ILE A 85 0.42 9.62 6.07
N GLY A 86 1.49 8.95 6.53
CA GLY A 86 2.07 9.17 7.85
C GLY A 86 1.79 8.01 8.80
N LEU A 87 2.20 6.80 8.40
CA LEU A 87 2.03 5.59 9.23
C LEU A 87 3.28 5.33 10.10
N GLN A 88 3.09 4.51 11.15
CA GLN A 88 4.12 4.22 12.16
C GLN A 88 4.48 2.72 12.17
N ASN A 89 3.57 1.86 11.67
CA ASN A 89 3.77 0.40 11.62
C ASN A 89 3.47 -0.10 10.20
N VAL A 90 4.50 -0.67 9.56
CA VAL A 90 4.41 -1.14 8.17
C VAL A 90 5.05 -2.53 8.08
N GLN A 91 4.59 -3.32 7.11
CA GLN A 91 5.19 -4.60 6.76
C GLN A 91 5.23 -4.71 5.22
N ALA A 92 6.25 -5.40 4.68
CA ALA A 92 6.40 -5.64 3.24
C ALA A 92 7.02 -7.01 3.00
N GLY A 93 7.04 -7.42 1.72
CA GLY A 93 7.72 -8.63 1.30
C GLY A 93 9.17 -8.35 0.94
N VAL A 94 9.37 -7.27 0.18
CA VAL A 94 10.69 -6.79 -0.24
C VAL A 94 10.74 -5.27 -0.12
N VAL A 95 11.97 -4.73 0.05
CA VAL A 95 12.18 -3.26 0.05
C VAL A 95 13.51 -2.87 -0.63
N SER A 96 13.55 -1.64 -1.18
CA SER A 96 14.78 -0.99 -1.68
C SER A 96 15.56 -0.38 -0.49
N GLN A 97 16.90 -0.32 -0.60
CA GLN A 97 17.79 0.24 0.46
C GLN A 97 17.38 1.69 0.86
N PRO A 98 17.22 2.68 -0.09
CA PRO A 98 16.82 4.06 0.29
C PRO A 98 15.48 4.09 1.04
N ALA A 99 14.53 3.27 0.56
CA ALA A 99 13.17 3.22 1.13
C ALA A 99 13.21 2.81 2.62
N LYS A 100 13.87 1.67 2.91
CA LYS A 100 14.00 1.16 4.30
C LYS A 100 14.82 2.14 5.18
N ASP A 101 15.89 2.67 4.56
CA ASP A 101 16.84 3.59 5.20
C ASP A 101 16.12 4.86 5.69
N PHE A 102 15.19 5.37 4.86
CA PHE A 102 14.42 6.58 5.20
C PHE A 102 13.33 6.26 6.22
N LEU A 103 12.60 5.16 5.97
CA LEU A 103 11.43 4.73 6.78
C LEU A 103 11.80 4.53 8.27
N GLU A 104 12.80 3.68 8.51
CA GLU A 104 13.29 3.40 9.89
C GLU A 104 13.94 4.65 10.52
N SER A 105 14.44 5.53 9.65
CA SER A 105 15.11 6.80 10.06
C SER A 105 14.08 7.83 10.54
N ARG A 106 12.88 7.83 9.93
CA ARG A 106 11.76 8.70 10.34
C ARG A 106 11.08 8.15 11.61
N GLY A 107 11.54 6.98 12.07
CA GLY A 107 11.02 6.33 13.27
C GLY A 107 9.82 5.45 12.98
N ILE A 108 9.67 5.05 11.69
CA ILE A 108 8.56 4.17 11.26
C ILE A 108 9.02 2.71 11.44
N LYS A 109 8.30 1.99 12.31
CA LYS A 109 8.58 0.58 12.62
C LYS A 109 8.09 -0.31 11.47
N VAL A 110 9.02 -0.70 10.60
CA VAL A 110 8.71 -1.50 9.42
C VAL A 110 9.34 -2.90 9.50
N ALA A 111 8.62 -3.93 9.00
CA ALA A 111 9.09 -5.33 8.93
C ALA A 111 9.11 -5.79 7.45
N TYR A 112 10.31 -6.00 6.88
CA TYR A 112 10.49 -6.30 5.45
C TYR A 112 11.82 -7.01 5.19
N LYS A 113 11.94 -7.57 3.98
CA LYS A 113 13.12 -8.31 3.53
C LYS A 113 13.81 -7.53 2.39
N LYS A 114 15.14 -7.73 2.25
CA LYS A 114 15.95 -7.11 1.20
C LYS A 114 17.34 -7.75 1.14
N LEU A 115 17.88 -7.87 -0.08
CA LEU A 115 19.33 -8.10 -0.29
C LEU A 115 19.83 -6.97 -1.20
N VAL A 116 20.30 -5.89 -0.56
CA VAL A 116 20.87 -4.69 -1.21
C VAL A 116 21.75 -3.97 -0.18
N GLU A 117 22.68 -3.16 -0.68
CA GLU A 117 23.49 -2.24 0.16
C GLU A 117 23.34 -0.82 -0.37
N LYS A 118 23.12 -0.68 -1.69
CA LYS A 118 22.92 0.60 -2.35
C LYS A 118 22.17 0.39 -3.67
N ILE A 119 21.15 1.22 -3.91
CA ILE A 119 20.51 1.33 -5.23
C ILE A 119 21.33 2.33 -6.06
N ASN A 120 21.81 1.88 -7.22
CA ASN A 120 22.61 2.69 -8.14
C ASN A 120 21.69 3.58 -8.98
N ASP A 121 21.40 4.78 -8.45
CA ASP A 121 20.52 5.77 -9.11
C ASP A 121 21.06 7.20 -8.90
N ARG A 122 20.60 8.10 -9.79
CA ARG A 122 20.95 9.53 -9.80
C ARG A 122 20.42 10.27 -8.56
N ALA A 123 19.16 9.97 -8.15
CA ALA A 123 18.51 10.64 -6.98
C ALA A 123 19.37 10.48 -5.73
N GLU A 124 19.87 9.25 -5.55
CA GLU A 124 20.71 8.86 -4.40
C GLU A 124 21.90 9.83 -4.21
N SER A 125 22.51 10.21 -5.34
CA SER A 125 23.72 11.06 -5.35
C SER A 125 23.38 12.56 -5.36
N LEU A 126 22.30 12.94 -6.08
CA LEU A 126 21.99 14.35 -6.43
C LEU A 126 21.11 15.05 -5.38
N ILE A 127 20.49 14.28 -4.44
CA ILE A 127 19.66 14.85 -3.37
C ILE A 127 20.54 15.45 -2.27
N GLU A 128 20.24 16.72 -1.95
CA GLU A 128 20.99 17.55 -1.01
C GLU A 128 20.23 17.64 0.32
N SER A 129 18.98 18.13 0.24
CA SER A 129 18.11 18.25 1.41
C SER A 129 17.40 16.91 1.70
N LEU A 130 17.63 16.38 2.91
CA LEU A 130 17.02 15.11 3.38
C LEU A 130 15.50 15.28 3.62
N GLU A 131 15.10 16.52 3.96
CA GLU A 131 13.70 16.87 4.30
C GLU A 131 12.82 17.10 3.04
N ASN A 132 13.38 16.87 1.84
CA ASN A 132 12.68 17.10 0.56
C ASN A 132 12.42 15.76 -0.18
N PRO A 133 11.24 15.09 0.06
CA PRO A 133 10.83 13.84 -0.62
C PRO A 133 10.00 14.10 -1.90
N GLU A 134 9.80 15.39 -2.22
CA GLU A 134 9.09 15.83 -3.43
C GLU A 134 10.08 15.88 -4.61
N GLU A 135 11.34 16.18 -4.26
CA GLU A 135 12.49 16.19 -5.16
C GLU A 135 12.76 14.78 -5.72
N VAL A 136 12.86 13.77 -4.82
CA VAL A 136 13.04 12.36 -5.24
C VAL A 136 11.86 11.88 -6.07
N TYR A 137 10.65 12.40 -5.75
CA TYR A 137 9.40 12.07 -6.48
C TYR A 137 9.51 12.44 -7.98
N LYS A 138 10.25 13.54 -8.27
CA LYS A 138 10.52 13.96 -9.65
C LYS A 138 11.54 13.01 -10.32
N TYR A 139 12.58 12.60 -9.58
CA TYR A 139 13.56 11.58 -10.04
C TYR A 139 12.87 10.21 -10.24
N MET A 140 11.81 9.99 -9.45
CA MET A 140 10.94 8.80 -9.55
C MET A 140 10.18 8.75 -10.88
N ILE A 141 9.91 9.93 -11.47
CA ILE A 141 9.34 10.03 -12.83
C ILE A 141 10.40 9.58 -13.86
N LYS A 142 11.65 10.04 -13.67
CA LYS A 142 12.79 9.74 -14.56
C LYS A 142 13.07 8.23 -14.63
N ARG A 143 13.10 7.60 -13.46
CA ARG A 143 13.31 6.16 -13.30
C ARG A 143 12.01 5.36 -13.48
N GLY A 144 10.87 6.05 -13.31
CA GLY A 144 9.55 5.45 -13.46
C GLY A 144 9.24 4.38 -12.41
N ILE A 145 9.89 4.48 -11.24
CA ILE A 145 9.75 3.48 -10.15
C ILE A 145 8.44 3.66 -9.33
N ILE A 146 7.54 4.51 -9.86
CA ILE A 146 6.18 4.71 -9.28
C ILE A 146 5.24 3.63 -9.83
N VAL A 147 5.57 3.13 -11.03
CA VAL A 147 4.90 1.99 -11.66
C VAL A 147 5.91 0.84 -11.80
N ASN A 148 5.39 -0.40 -11.89
CA ASN A 148 6.21 -1.62 -11.95
C ASN A 148 7.04 -1.68 -13.26
N ASN A 149 8.37 -1.71 -13.11
CA ASN A 149 9.33 -1.77 -14.23
C ASN A 149 10.38 -2.84 -13.92
N LEU A 150 10.27 -3.99 -14.61
CA LEU A 150 11.22 -5.11 -14.50
C LEU A 150 12.65 -4.70 -14.99
N MET A 1 -18.33 -47.36 -57.35
CA MET A 1 -17.22 -47.36 -56.36
C MET A 1 -16.30 -46.14 -56.63
N ALA A 2 -15.59 -45.65 -55.59
CA ALA A 2 -14.63 -44.52 -55.67
C ALA A 2 -15.31 -43.20 -56.12
N HIS A 3 -16.60 -43.06 -55.79
CA HIS A 3 -17.39 -41.87 -56.12
C HIS A 3 -18.45 -41.62 -55.03
N HIS A 4 -18.29 -40.51 -54.30
CA HIS A 4 -19.31 -40.01 -53.37
C HIS A 4 -19.98 -38.77 -53.99
N HIS A 5 -21.10 -38.34 -53.40
CA HIS A 5 -21.85 -37.15 -53.86
C HIS A 5 -21.39 -35.91 -53.08
N HIS A 6 -21.64 -34.72 -53.64
CA HIS A 6 -21.38 -33.43 -52.95
C HIS A 6 -22.54 -33.15 -51.99
N HIS A 7 -22.22 -32.72 -50.76
CA HIS A 7 -23.22 -32.53 -49.69
C HIS A 7 -23.40 -31.04 -49.36
N HIS A 8 -24.66 -30.63 -49.15
CA HIS A 8 -25.02 -29.28 -48.71
C HIS A 8 -25.02 -29.24 -47.17
N MET A 9 -24.01 -28.61 -46.57
CA MET A 9 -23.94 -28.44 -45.12
C MET A 9 -24.88 -27.30 -44.68
N GLY A 10 -26.01 -27.67 -44.05
CA GLY A 10 -26.93 -26.73 -43.44
C GLY A 10 -26.31 -26.09 -42.21
N THR A 11 -26.21 -24.76 -42.22
CA THR A 11 -25.49 -23.98 -41.20
C THR A 11 -26.45 -22.98 -40.51
N LEU A 12 -26.31 -22.84 -39.18
CA LEU A 12 -27.05 -21.85 -38.37
C LEU A 12 -26.04 -21.03 -37.56
N GLU A 13 -26.37 -19.76 -37.31
CA GLU A 13 -25.47 -18.79 -36.67
C GLU A 13 -26.31 -17.99 -35.67
N ALA A 14 -26.41 -18.50 -34.43
CA ALA A 14 -27.19 -17.85 -33.37
C ALA A 14 -26.24 -17.33 -32.27
N GLN A 15 -26.61 -16.19 -31.66
CA GLN A 15 -25.87 -15.63 -30.52
C GLN A 15 -26.33 -16.29 -29.21
N THR A 16 -25.39 -16.49 -28.28
CA THR A 16 -25.63 -17.14 -26.99
C THR A 16 -25.19 -16.23 -25.84
N GLN A 17 -25.83 -16.42 -24.67
CA GLN A 17 -25.52 -15.70 -23.43
C GLN A 17 -25.05 -16.71 -22.38
N GLY A 18 -23.74 -16.74 -22.11
CA GLY A 18 -23.18 -17.61 -21.08
C GLY A 18 -23.10 -16.90 -19.73
N PRO A 19 -24.03 -17.19 -18.75
CA PRO A 19 -24.05 -16.50 -17.43
C PRO A 19 -22.78 -16.80 -16.61
N GLY A 20 -21.83 -15.84 -16.66
CA GLY A 20 -20.56 -15.93 -15.93
C GLY A 20 -20.52 -15.02 -14.72
N SER A 21 -21.69 -14.80 -14.09
CA SER A 21 -21.84 -13.97 -12.90
C SER A 21 -21.15 -14.67 -11.69
N MET A 22 -19.90 -14.27 -11.42
CA MET A 22 -19.06 -14.85 -10.36
C MET A 22 -18.14 -13.77 -9.78
N ILE A 23 -17.65 -13.99 -8.54
CA ILE A 23 -16.69 -13.10 -7.87
C ILE A 23 -15.40 -13.89 -7.58
N SER A 24 -14.24 -13.24 -7.79
CA SER A 24 -12.91 -13.84 -7.57
C SER A 24 -11.81 -12.77 -7.64
N GLY A 25 -10.57 -13.17 -7.32
CA GLY A 25 -9.41 -12.29 -7.36
C GLY A 25 -8.13 -13.11 -7.31
N LEU A 26 -7.30 -12.85 -6.28
CA LEU A 26 -6.03 -13.58 -6.06
C LEU A 26 -5.58 -13.32 -4.61
N ASN A 27 -5.10 -12.10 -4.36
CA ASN A 27 -4.63 -11.65 -3.03
C ASN A 27 -4.50 -10.12 -3.04
N PRO A 28 -5.02 -9.41 -1.99
CA PRO A 28 -4.75 -7.98 -1.78
C PRO A 28 -3.26 -7.76 -1.39
N THR A 29 -2.50 -7.21 -2.34
CA THR A 29 -1.06 -6.95 -2.19
C THR A 29 -0.80 -5.69 -1.30
N LEU A 30 -1.86 -4.90 -1.08
CA LEU A 30 -1.79 -3.63 -0.36
C LEU A 30 -2.89 -3.66 0.70
N ARG A 31 -2.55 -3.89 1.96
CA ARG A 31 -3.56 -4.00 3.03
C ARG A 31 -3.41 -2.86 4.02
N LEU A 32 -4.52 -2.58 4.70
CA LEU A 32 -4.58 -1.72 5.87
C LEU A 32 -5.05 -2.60 7.03
N PHE A 33 -4.51 -2.36 8.22
CA PHE A 33 -4.76 -3.16 9.43
C PHE A 33 -5.01 -2.19 10.59
N LYS A 34 -5.68 -2.70 11.63
CA LYS A 34 -5.85 -1.98 12.90
C LYS A 34 -6.28 -2.98 14.00
N ASP A 35 -5.58 -2.88 15.15
CA ASP A 35 -5.78 -3.75 16.33
C ASP A 35 -5.64 -5.25 15.94
N HIS A 36 -4.51 -5.54 15.25
CA HIS A 36 -4.10 -6.91 14.83
C HIS A 36 -4.98 -7.49 13.69
N LYS A 37 -6.04 -6.76 13.27
CA LYS A 37 -7.05 -7.29 12.33
C LYS A 37 -6.96 -6.55 11.00
N ILE A 38 -7.38 -7.24 9.92
CA ILE A 38 -7.54 -6.60 8.60
C ILE A 38 -8.60 -5.48 8.70
N LEU A 39 -8.19 -4.30 8.29
CA LEU A 39 -9.05 -3.11 8.21
C LEU A 39 -9.58 -3.02 6.78
N TYR A 40 -8.64 -3.01 5.82
CA TYR A 40 -8.96 -2.93 4.39
C TYR A 40 -8.03 -3.87 3.62
N SER A 41 -8.51 -4.36 2.48
CA SER A 41 -7.79 -5.31 1.63
C SER A 41 -7.84 -4.80 0.19
N ASN A 42 -6.70 -4.29 -0.30
CA ASN A 42 -6.61 -3.54 -1.56
C ASN A 42 -5.47 -4.07 -2.45
N MET A 43 -5.53 -3.75 -3.73
CA MET A 43 -4.42 -3.93 -4.69
C MET A 43 -4.19 -2.60 -5.41
N GLU A 44 -2.93 -2.40 -5.85
CA GLU A 44 -2.48 -1.12 -6.45
C GLU A 44 -3.12 -0.84 -7.82
N ARG A 45 -3.67 -1.89 -8.45
CA ARG A 45 -4.44 -1.75 -9.69
C ARG A 45 -5.93 -1.90 -9.35
N GLY A 46 -6.70 -0.81 -9.55
CA GLY A 46 -8.13 -0.77 -9.20
C GLY A 46 -8.39 -0.87 -7.70
N LEU A 47 -9.68 -1.08 -7.34
CA LEU A 47 -10.14 -1.35 -5.95
C LEU A 47 -9.79 -0.20 -4.97
N LYS A 48 -9.61 1.03 -5.52
CA LYS A 48 -9.11 2.22 -4.78
C LYS A 48 -7.66 2.01 -4.28
N PRO A 49 -6.64 2.16 -5.20
CA PRO A 49 -5.20 1.83 -4.94
C PRO A 49 -4.52 2.67 -3.82
N LEU A 50 -3.18 2.45 -3.70
CA LEU A 50 -2.29 3.21 -2.80
C LEU A 50 -2.37 4.74 -3.05
N LEU A 51 -2.70 5.11 -4.31
CA LEU A 51 -2.95 6.51 -4.69
C LEU A 51 -4.23 7.03 -4.01
N GLU A 52 -5.30 6.21 -4.06
CA GLU A 52 -6.64 6.58 -3.58
C GLU A 52 -6.75 6.61 -2.04
N VAL A 53 -6.06 5.68 -1.35
CA VAL A 53 -6.04 5.67 0.13
C VAL A 53 -5.32 6.95 0.67
N ASP A 54 -4.34 7.44 -0.11
CA ASP A 54 -3.67 8.73 0.13
C ASP A 54 -4.61 9.89 -0.25
N ASN A 55 -5.32 9.72 -1.38
CA ASN A 55 -6.11 10.80 -2.02
C ASN A 55 -7.28 11.21 -1.09
N PHE A 56 -7.66 10.30 -0.18
CA PHE A 56 -8.54 10.61 0.94
C PHE A 56 -7.97 9.98 2.23
N ILE A 57 -6.79 10.47 2.67
CA ILE A 57 -6.25 10.16 4.04
C ILE A 57 -7.26 10.55 5.13
N ASN A 58 -7.77 11.79 5.04
CA ASN A 58 -8.69 12.35 6.04
C ASN A 58 -10.01 11.56 6.11
N LYS A 59 -10.53 11.20 4.94
CA LYS A 59 -11.86 10.57 4.80
C LYS A 59 -11.79 9.06 5.09
N TYR A 60 -10.67 8.40 4.75
CA TYR A 60 -10.49 6.95 5.00
C TYR A 60 -10.01 6.68 6.43
N ILE A 61 -9.05 7.49 6.87
CA ILE A 61 -8.38 7.35 8.17
C ILE A 61 -8.62 8.63 9.00
N GLN A 62 -9.86 8.80 9.46
CA GLN A 62 -10.23 9.96 10.30
C GLN A 62 -9.79 9.71 11.76
N ASN A 63 -10.05 8.48 12.26
CA ASN A 63 -9.69 8.08 13.64
C ASN A 63 -9.17 6.63 13.63
N LYS A 64 -8.60 6.19 12.49
CA LYS A 64 -7.99 4.87 12.37
C LYS A 64 -6.50 4.97 12.78
N GLU A 65 -6.33 5.37 14.06
CA GLU A 65 -5.01 5.54 14.68
C GLU A 65 -4.37 4.17 14.97
N GLY A 66 -3.04 4.11 14.81
CA GLY A 66 -2.26 2.88 14.96
C GLY A 66 -2.42 1.95 13.77
N LEU A 67 -2.90 2.51 12.64
CA LEU A 67 -3.13 1.77 11.40
C LEU A 67 -1.80 1.25 10.86
N GLU A 68 -1.80 -0.03 10.49
CA GLU A 68 -0.64 -0.69 9.92
C GLU A 68 -0.92 -0.97 8.45
N ILE A 69 0.05 -0.68 7.59
CA ILE A 69 -0.11 -0.92 6.14
C ILE A 69 0.79 -2.08 5.71
N TYR A 70 0.45 -2.73 4.61
CA TYR A 70 1.22 -3.84 4.04
C TYR A 70 1.35 -3.58 2.55
N ASP A 71 2.59 -3.37 2.10
CA ASP A 71 2.94 -3.22 0.68
C ASP A 71 3.69 -4.48 0.22
N LYS A 72 3.90 -4.63 -1.09
CA LYS A 72 4.63 -5.78 -1.67
C LYS A 72 6.13 -5.50 -1.64
N VAL A 73 6.52 -4.47 -2.40
CA VAL A 73 7.92 -4.07 -2.67
C VAL A 73 8.04 -2.54 -2.44
N VAL A 74 8.61 -2.15 -1.31
CA VAL A 74 8.72 -0.73 -0.94
C VAL A 74 9.94 -0.10 -1.63
N GLY A 75 9.70 0.43 -2.83
CA GLY A 75 10.68 1.20 -3.58
C GLY A 75 10.57 2.69 -3.29
N LYS A 76 11.08 3.51 -4.22
CA LYS A 76 11.04 5.00 -4.11
C LYS A 76 9.60 5.53 -3.97
N ALA A 77 8.69 5.03 -4.84
CA ALA A 77 7.27 5.43 -4.86
C ALA A 77 6.53 5.02 -3.60
N ALA A 78 6.74 3.77 -3.18
CA ALA A 78 6.11 3.25 -1.96
C ALA A 78 6.64 3.99 -0.72
N ALA A 79 7.93 4.43 -0.75
CA ALA A 79 8.57 5.20 0.33
C ALA A 79 7.95 6.61 0.46
N VAL A 80 7.90 7.34 -0.68
CA VAL A 80 7.35 8.71 -0.70
C VAL A 80 5.85 8.67 -0.31
N ILE A 81 5.12 7.65 -0.79
CA ILE A 81 3.69 7.48 -0.51
C ILE A 81 3.44 7.19 0.97
N ILE A 82 4.09 6.13 1.54
CA ILE A 82 3.95 5.78 2.97
C ILE A 82 4.32 6.96 3.86
N TYR A 83 5.35 7.73 3.47
CA TYR A 83 5.79 8.91 4.24
C TYR A 83 4.75 10.07 4.13
N ASN A 84 4.15 10.21 2.92
CA ASN A 84 3.12 11.25 2.64
C ASN A 84 1.80 10.96 3.40
N ILE A 85 1.42 9.67 3.51
CA ILE A 85 0.23 9.26 4.26
C ILE A 85 0.51 9.37 5.77
N GLY A 86 1.65 8.78 6.19
CA GLY A 86 2.20 9.00 7.52
C GLY A 86 1.95 7.81 8.44
N LEU A 87 2.27 6.61 7.94
CA LEU A 87 2.12 5.37 8.71
C LEU A 87 3.29 5.21 9.70
N GLN A 88 2.96 4.70 10.89
CA GLN A 88 3.92 4.44 11.98
C GLN A 88 4.13 2.92 12.13
N ASN A 89 3.23 2.13 11.51
CA ASN A 89 3.26 0.66 11.51
C ASN A 89 3.13 0.18 10.05
N VAL A 90 4.15 -0.51 9.53
CA VAL A 90 4.21 -0.95 8.11
C VAL A 90 4.82 -2.36 8.02
N GLN A 91 4.39 -3.12 7.02
CA GLN A 91 4.94 -4.43 6.67
C GLN A 91 5.09 -4.48 5.15
N ALA A 92 6.14 -5.13 4.66
CA ALA A 92 6.41 -5.32 3.23
C ALA A 92 7.04 -6.68 2.99
N GLY A 93 6.96 -7.19 1.74
CA GLY A 93 7.59 -8.45 1.38
C GLY A 93 9.06 -8.26 1.12
N VAL A 94 9.35 -7.19 0.36
CA VAL A 94 10.70 -6.72 0.05
C VAL A 94 10.74 -5.21 0.14
N VAL A 95 11.95 -4.66 0.31
CA VAL A 95 12.16 -3.20 0.34
C VAL A 95 13.53 -2.84 -0.26
N SER A 96 13.65 -1.60 -0.80
CA SER A 96 14.92 -1.04 -1.26
C SER A 96 15.75 -0.55 -0.06
N GLN A 97 17.09 -0.42 -0.24
CA GLN A 97 18.01 0.13 0.78
C GLN A 97 17.60 1.58 1.18
N PRO A 98 17.46 2.56 0.22
CA PRO A 98 17.10 3.96 0.59
C PRO A 98 15.74 4.00 1.29
N ALA A 99 14.76 3.27 0.73
CA ALA A 99 13.39 3.22 1.24
C ALA A 99 13.34 2.71 2.68
N LYS A 100 14.01 1.56 2.93
CA LYS A 100 14.06 0.93 4.26
C LYS A 100 14.72 1.89 5.25
N ASP A 101 15.83 2.52 4.78
CA ASP A 101 16.66 3.40 5.61
C ASP A 101 15.87 4.65 6.02
N PHE A 102 15.01 5.15 5.11
CA PHE A 102 14.16 6.34 5.35
C PHE A 102 13.03 6.00 6.33
N LEU A 103 12.42 4.83 6.13
CA LEU A 103 11.31 4.32 6.99
C LEU A 103 11.77 4.17 8.45
N GLU A 104 12.93 3.52 8.64
CA GLU A 104 13.58 3.39 9.97
C GLU A 104 13.98 4.77 10.52
N SER A 105 14.38 5.65 9.60
CA SER A 105 14.90 7.01 9.91
C SER A 105 13.80 7.91 10.50
N ARG A 106 12.58 7.77 9.93
CA ARG A 106 11.39 8.54 10.36
C ARG A 106 10.80 7.93 11.65
N GLY A 107 11.37 6.79 12.11
CA GLY A 107 10.94 6.11 13.32
C GLY A 107 9.66 5.32 13.10
N ILE A 108 9.57 4.68 11.92
CA ILE A 108 8.41 3.87 11.54
C ILE A 108 8.73 2.39 11.87
N LYS A 109 7.83 1.73 12.64
CA LYS A 109 7.95 0.30 12.98
C LYS A 109 7.64 -0.53 11.73
N VAL A 110 8.67 -1.03 11.05
CA VAL A 110 8.48 -1.77 9.80
C VAL A 110 8.94 -3.24 9.91
N ALA A 111 8.20 -4.14 9.23
CA ALA A 111 8.54 -5.57 9.13
C ALA A 111 8.69 -5.96 7.65
N TYR A 112 9.94 -6.00 7.15
CA TYR A 112 10.24 -6.28 5.73
C TYR A 112 11.59 -6.99 5.58
N LYS A 113 11.93 -7.35 4.33
CA LYS A 113 13.21 -7.97 3.99
C LYS A 113 13.88 -7.20 2.82
N LYS A 114 15.23 -7.21 2.82
CA LYS A 114 16.06 -6.68 1.74
C LYS A 114 17.45 -7.33 1.75
N LEU A 115 18.01 -7.59 0.57
CA LEU A 115 19.45 -7.85 0.41
C LEU A 115 19.92 -6.81 -0.62
N VAL A 116 20.38 -5.67 -0.10
CA VAL A 116 20.85 -4.50 -0.87
C VAL A 116 21.72 -3.64 0.04
N GLU A 117 22.85 -3.15 -0.49
CA GLU A 117 23.78 -2.25 0.22
C GLU A 117 23.95 -0.93 -0.56
N LYS A 118 23.35 -0.90 -1.78
CA LYS A 118 23.48 0.21 -2.71
C LYS A 118 22.28 0.21 -3.67
N ILE A 119 21.74 1.40 -3.98
CA ILE A 119 20.68 1.55 -5.00
C ILE A 119 21.27 2.18 -6.26
N ASN A 120 20.83 1.71 -7.43
CA ASN A 120 21.16 2.34 -8.71
C ASN A 120 20.02 3.31 -9.09
N ASP A 121 20.12 4.51 -8.51
CA ASP A 121 19.16 5.59 -8.68
C ASP A 121 19.93 6.89 -8.50
N ARG A 122 20.04 7.70 -9.56
CA ARG A 122 20.88 8.91 -9.55
C ARG A 122 20.33 10.03 -8.64
N ALA A 123 19.06 9.95 -8.18
CA ALA A 123 18.49 10.94 -7.22
C ALA A 123 19.24 10.86 -5.87
N GLU A 124 19.78 9.68 -5.57
CA GLU A 124 20.67 9.45 -4.41
C GLU A 124 21.89 10.42 -4.48
N SER A 125 22.53 10.50 -5.66
CA SER A 125 23.73 11.35 -5.89
C SER A 125 23.36 12.79 -6.35
N LEU A 126 22.10 12.98 -6.79
CA LEU A 126 21.66 14.24 -7.44
C LEU A 126 21.05 15.20 -6.41
N ILE A 127 20.16 14.67 -5.56
CA ILE A 127 19.35 15.48 -4.65
C ILE A 127 20.18 15.87 -3.41
N GLU A 128 20.02 17.14 -3.01
CA GLU A 128 20.82 17.79 -1.95
C GLU A 128 20.62 17.12 -0.59
N SER A 129 19.36 17.00 -0.19
CA SER A 129 18.96 16.49 1.14
C SER A 129 17.76 15.55 1.00
N LEU A 130 17.56 14.73 2.05
CA LEU A 130 16.41 13.81 2.15
C LEU A 130 15.12 14.59 2.46
N GLU A 131 15.31 15.88 2.85
CA GLU A 131 14.23 16.84 3.11
C GLU A 131 13.71 17.49 1.82
N ASN A 132 14.04 16.88 0.66
CA ASN A 132 13.51 17.27 -0.67
C ASN A 132 12.64 16.12 -1.24
N PRO A 133 11.37 15.93 -0.74
CA PRO A 133 10.51 14.81 -1.17
C PRO A 133 9.91 15.01 -2.58
N GLU A 134 9.79 16.29 -3.01
CA GLU A 134 9.25 16.64 -4.32
C GLU A 134 10.30 16.36 -5.41
N GLU A 135 11.58 16.60 -5.08
CA GLU A 135 12.69 16.47 -6.03
C GLU A 135 12.91 15.00 -6.41
N VAL A 136 12.88 14.10 -5.40
CA VAL A 136 13.01 12.65 -5.64
C VAL A 136 11.76 12.08 -6.34
N TYR A 137 10.58 12.68 -6.04
CA TYR A 137 9.30 12.34 -6.69
C TYR A 137 9.34 12.64 -8.21
N LYS A 138 9.94 13.79 -8.57
CA LYS A 138 10.12 14.21 -9.98
C LYS A 138 11.06 13.24 -10.72
N TYR A 139 12.14 12.83 -10.02
CA TYR A 139 13.12 11.87 -10.53
C TYR A 139 12.47 10.47 -10.70
N MET A 140 11.59 10.16 -9.75
CA MET A 140 10.84 8.90 -9.68
C MET A 140 10.07 8.62 -10.99
N ILE A 141 9.54 9.72 -11.59
CA ILE A 141 8.87 9.70 -12.90
C ILE A 141 9.87 9.32 -14.01
N LYS A 142 11.05 10.01 -14.01
CA LYS A 142 12.11 9.82 -15.03
C LYS A 142 12.60 8.36 -15.11
N ARG A 143 13.06 7.86 -13.95
CA ARG A 143 13.67 6.52 -13.81
C ARG A 143 12.56 5.44 -13.89
N GLY A 144 11.30 5.84 -13.62
CA GLY A 144 10.13 4.99 -13.91
C GLY A 144 9.88 3.90 -12.86
N ILE A 145 10.15 4.24 -11.60
CA ILE A 145 9.98 3.32 -10.46
C ILE A 145 8.67 3.61 -9.69
N ILE A 146 7.71 4.30 -10.34
CA ILE A 146 6.40 4.61 -9.73
C ILE A 146 5.42 3.43 -9.93
N VAL A 147 5.58 2.73 -11.04
CA VAL A 147 4.77 1.56 -11.37
C VAL A 147 5.71 0.42 -11.80
N ASN A 148 5.68 -0.69 -11.02
CA ASN A 148 6.51 -1.87 -11.27
C ASN A 148 5.94 -2.62 -12.48
N ASN A 149 6.47 -2.27 -13.62
CA ASN A 149 6.01 -2.73 -14.94
C ASN A 149 7.12 -2.54 -15.98
N LEU A 150 7.81 -3.63 -16.31
CA LEU A 150 8.84 -3.65 -17.37
C LEU A 150 8.41 -4.76 -18.36
N MET A 1 -76.72 -44.38 39.28
CA MET A 1 -77.36 -43.34 38.44
C MET A 1 -76.60 -42.00 38.60
N ALA A 2 -75.71 -41.72 37.64
CA ALA A 2 -74.90 -40.51 37.60
C ALA A 2 -74.32 -40.32 36.20
N HIS A 3 -73.94 -39.08 35.87
CA HIS A 3 -73.21 -38.76 34.63
C HIS A 3 -71.98 -37.92 34.97
N HIS A 4 -70.91 -38.11 34.19
CA HIS A 4 -69.65 -37.36 34.37
C HIS A 4 -69.00 -37.13 33.01
N HIS A 5 -67.99 -36.25 32.96
CA HIS A 5 -67.36 -35.80 31.71
C HIS A 5 -65.97 -35.23 32.00
N HIS A 6 -65.14 -35.10 30.96
CA HIS A 6 -63.72 -34.68 31.09
C HIS A 6 -63.28 -33.92 29.83
N HIS A 7 -62.36 -32.96 30.02
CA HIS A 7 -61.80 -32.13 28.94
C HIS A 7 -60.27 -32.18 28.99
N HIS A 8 -59.65 -32.51 27.85
CA HIS A 8 -58.18 -32.68 27.72
C HIS A 8 -57.60 -31.55 26.85
N MET A 9 -56.27 -31.35 26.92
CA MET A 9 -55.56 -30.28 26.18
C MET A 9 -54.36 -30.85 25.42
N GLY A 10 -54.02 -30.20 24.29
CA GLY A 10 -52.83 -30.55 23.50
C GLY A 10 -51.59 -29.76 23.94
N THR A 11 -50.59 -29.67 23.05
CA THR A 11 -49.33 -28.93 23.29
C THR A 11 -48.73 -28.50 21.93
N LEU A 12 -48.61 -27.18 21.70
CA LEU A 12 -47.88 -26.62 20.55
C LEU A 12 -46.36 -26.86 20.74
N GLU A 13 -45.59 -26.81 19.64
CA GLU A 13 -44.16 -26.99 19.66
C GLU A 13 -43.60 -26.22 18.48
N ALA A 14 -42.73 -25.26 18.78
CA ALA A 14 -42.16 -24.35 17.78
C ALA A 14 -40.62 -24.34 17.93
N GLN A 15 -39.91 -24.40 16.80
CA GLN A 15 -38.45 -24.53 16.77
C GLN A 15 -37.95 -24.11 15.38
N THR A 16 -36.82 -23.38 15.31
CA THR A 16 -36.32 -22.79 14.03
C THR A 16 -34.94 -23.35 13.63
N GLN A 17 -34.67 -23.31 12.31
CA GLN A 17 -33.39 -23.72 11.71
C GLN A 17 -32.32 -22.63 11.95
N GLY A 18 -31.09 -23.06 12.27
CA GLY A 18 -29.96 -22.14 12.44
C GLY A 18 -29.39 -21.68 11.08
N PRO A 19 -29.02 -20.37 10.93
CA PRO A 19 -28.41 -19.84 9.67
C PRO A 19 -26.94 -20.31 9.47
N GLY A 20 -26.29 -19.77 8.43
CA GLY A 20 -24.90 -20.13 8.07
C GLY A 20 -24.00 -18.90 7.96
N SER A 21 -22.86 -19.06 7.27
CA SER A 21 -21.86 -17.99 7.07
C SER A 21 -20.86 -18.37 5.95
N MET A 22 -20.44 -17.36 5.17
CA MET A 22 -19.42 -17.51 4.10
C MET A 22 -18.07 -16.96 4.60
N ILE A 23 -17.10 -16.70 3.67
CA ILE A 23 -15.82 -16.04 4.00
C ILE A 23 -15.17 -15.44 2.72
N SER A 24 -14.44 -14.32 2.90
CA SER A 24 -13.63 -13.69 1.84
C SER A 24 -12.13 -13.84 2.18
N GLY A 25 -11.28 -13.95 1.15
CA GLY A 25 -9.83 -14.12 1.35
C GLY A 25 -9.05 -14.15 0.04
N LEU A 26 -8.60 -12.97 -0.41
CA LEU A 26 -7.79 -12.81 -1.63
C LEU A 26 -6.30 -12.63 -1.25
N ASN A 27 -5.44 -12.27 -2.24
CA ASN A 27 -4.03 -11.91 -1.97
C ASN A 27 -3.87 -10.36 -2.07
N PRO A 28 -3.87 -9.65 -0.91
CA PRO A 28 -3.83 -8.18 -0.89
C PRO A 28 -2.40 -7.63 -1.04
N THR A 29 -2.25 -6.65 -1.92
CA THR A 29 -0.98 -5.94 -2.14
C THR A 29 -0.82 -4.87 -1.05
N LEU A 30 -2.00 -4.36 -0.61
CA LEU A 30 -2.13 -3.40 0.49
C LEU A 30 -3.00 -4.02 1.58
N ARG A 31 -2.59 -3.89 2.85
CA ARG A 31 -3.46 -4.29 3.99
C ARG A 31 -3.47 -3.17 5.04
N LEU A 32 -4.59 -3.10 5.79
CA LEU A 32 -4.72 -2.26 6.98
C LEU A 32 -4.95 -3.24 8.14
N PHE A 33 -4.01 -3.25 9.08
CA PHE A 33 -3.99 -4.15 10.24
C PHE A 33 -4.02 -3.28 11.52
N LYS A 34 -4.68 -3.77 12.59
CA LYS A 34 -4.81 -3.03 13.87
C LYS A 34 -5.48 -3.92 14.94
N ASP A 35 -5.05 -3.71 16.20
CA ASP A 35 -5.62 -4.40 17.40
C ASP A 35 -5.56 -5.94 17.23
N HIS A 36 -4.39 -6.42 16.76
CA HIS A 36 -4.10 -7.88 16.59
C HIS A 36 -4.97 -8.53 15.47
N LYS A 37 -5.75 -7.71 14.75
CA LYS A 37 -6.75 -8.19 13.77
C LYS A 37 -6.56 -7.46 12.42
N ILE A 38 -6.84 -8.15 11.31
CA ILE A 38 -6.86 -7.52 9.97
C ILE A 38 -8.11 -6.65 9.84
N LEU A 39 -7.92 -5.36 9.55
CA LEU A 39 -9.01 -4.40 9.34
C LEU A 39 -9.53 -4.57 7.90
N TYR A 40 -8.62 -4.43 6.95
CA TYR A 40 -8.94 -4.44 5.51
C TYR A 40 -7.79 -5.09 4.73
N SER A 41 -8.08 -5.65 3.55
CA SER A 41 -7.12 -6.33 2.71
C SER A 41 -7.51 -6.06 1.24
N ASN A 42 -6.76 -5.14 0.60
CA ASN A 42 -7.09 -4.61 -0.73
C ASN A 42 -5.99 -4.93 -1.76
N MET A 43 -6.42 -5.24 -2.97
CA MET A 43 -5.56 -5.40 -4.13
C MET A 43 -5.52 -4.08 -4.87
N GLU A 44 -4.32 -3.64 -5.26
CA GLU A 44 -4.14 -2.43 -6.10
C GLU A 44 -4.81 -2.64 -7.47
N ARG A 45 -4.79 -3.90 -7.91
CA ARG A 45 -5.36 -4.35 -9.18
C ARG A 45 -6.89 -4.45 -9.05
N GLY A 46 -7.61 -3.69 -9.88
CA GLY A 46 -9.08 -3.71 -9.92
C GLY A 46 -9.67 -2.32 -9.73
N LEU A 47 -10.37 -2.11 -8.59
CA LEU A 47 -11.13 -0.87 -8.29
C LEU A 47 -10.21 0.36 -8.19
N LYS A 48 -9.37 0.40 -7.14
CA LYS A 48 -8.51 1.56 -6.84
C LYS A 48 -7.11 1.10 -6.37
N PRO A 49 -6.01 1.46 -7.13
CA PRO A 49 -4.60 1.21 -6.70
C PRO A 49 -4.12 2.12 -5.54
N LEU A 50 -2.81 1.97 -5.22
CA LEU A 50 -2.11 2.76 -4.19
C LEU A 50 -2.25 4.27 -4.48
N LEU A 51 -2.07 4.65 -5.77
CA LEU A 51 -2.14 6.06 -6.21
C LEU A 51 -3.50 6.70 -5.87
N GLU A 52 -4.59 5.91 -6.01
CA GLU A 52 -5.94 6.36 -5.67
C GLU A 52 -6.15 6.42 -4.15
N VAL A 53 -5.87 5.31 -3.44
CA VAL A 53 -6.21 5.17 -2.01
C VAL A 53 -5.39 6.13 -1.11
N ASP A 54 -4.13 6.44 -1.52
CA ASP A 54 -3.27 7.38 -0.78
C ASP A 54 -3.80 8.82 -0.93
N ASN A 55 -4.26 9.13 -2.15
CA ASN A 55 -4.53 10.50 -2.60
C ASN A 55 -5.67 11.09 -1.78
N PHE A 56 -6.57 10.21 -1.31
CA PHE A 56 -7.57 10.58 -0.33
C PHE A 56 -7.53 9.60 0.87
N ILE A 57 -6.39 9.61 1.61
CA ILE A 57 -6.28 8.94 2.93
C ILE A 57 -7.19 9.61 3.98
N ASN A 58 -7.04 10.94 4.15
CA ASN A 58 -7.79 11.68 5.20
C ASN A 58 -9.30 11.80 4.85
N LYS A 59 -9.67 11.45 3.61
CA LYS A 59 -11.08 11.35 3.17
C LYS A 59 -11.62 9.94 3.45
N TYR A 60 -10.90 8.88 2.97
CA TYR A 60 -11.41 7.50 3.00
C TYR A 60 -11.28 6.88 4.39
N ILE A 61 -10.11 7.12 5.01
CA ILE A 61 -9.72 6.54 6.29
C ILE A 61 -9.41 7.68 7.27
N GLN A 62 -10.47 8.16 7.94
CA GLN A 62 -10.36 9.21 8.97
C GLN A 62 -9.93 8.61 10.32
N ASN A 63 -9.76 7.27 10.34
CA ASN A 63 -9.23 6.51 11.49
C ASN A 63 -7.88 5.86 11.09
N LYS A 64 -7.14 6.53 10.15
CA LYS A 64 -5.82 6.03 9.65
C LYS A 64 -4.73 6.19 10.71
N GLU A 65 -5.01 7.06 11.68
CA GLU A 65 -4.16 7.28 12.85
C GLU A 65 -4.26 6.07 13.80
N GLY A 66 -3.10 5.53 14.17
CA GLY A 66 -3.01 4.52 15.22
C GLY A 66 -3.18 3.11 14.72
N LEU A 67 -2.84 2.89 13.44
CA LEU A 67 -2.91 1.57 12.81
C LEU A 67 -1.62 1.23 12.07
N GLU A 68 -1.58 -0.01 11.58
CA GLU A 68 -0.48 -0.56 10.79
C GLU A 68 -0.94 -0.70 9.33
N ILE A 69 -0.07 -0.35 8.37
CA ILE A 69 -0.35 -0.58 6.95
C ILE A 69 0.59 -1.70 6.44
N TYR A 70 0.28 -2.28 5.29
CA TYR A 70 1.13 -3.25 4.60
C TYR A 70 1.15 -2.90 3.13
N ASP A 71 2.37 -2.88 2.57
CA ASP A 71 2.65 -2.62 1.15
C ASP A 71 3.37 -3.85 0.54
N LYS A 72 3.38 -3.92 -0.79
CA LYS A 72 4.04 -5.03 -1.51
C LYS A 72 5.57 -4.83 -1.51
N VAL A 73 6.02 -3.75 -2.17
CA VAL A 73 7.43 -3.46 -2.46
C VAL A 73 7.70 -1.98 -2.18
N VAL A 74 8.37 -1.70 -1.06
CA VAL A 74 8.65 -0.32 -0.65
C VAL A 74 9.92 0.19 -1.36
N GLY A 75 9.70 0.77 -2.56
CA GLY A 75 10.72 1.45 -3.32
C GLY A 75 10.63 2.97 -3.15
N LYS A 76 11.06 3.71 -4.19
CA LYS A 76 11.06 5.20 -4.18
C LYS A 76 9.63 5.74 -3.92
N ALA A 77 8.69 5.31 -4.79
CA ALA A 77 7.28 5.75 -4.77
C ALA A 77 6.57 5.36 -3.46
N ALA A 78 6.74 4.11 -3.07
CA ALA A 78 6.08 3.59 -1.87
C ALA A 78 6.64 4.28 -0.59
N ALA A 79 7.96 4.61 -0.59
CA ALA A 79 8.61 5.31 0.54
C ALA A 79 8.09 6.75 0.68
N VAL A 80 8.13 7.51 -0.44
CA VAL A 80 7.66 8.92 -0.45
C VAL A 80 6.18 8.97 -0.03
N ILE A 81 5.38 7.99 -0.52
CA ILE A 81 3.95 7.94 -0.21
C ILE A 81 3.70 7.64 1.28
N ILE A 82 4.27 6.53 1.80
CA ILE A 82 4.07 6.13 3.22
C ILE A 82 4.50 7.27 4.17
N TYR A 83 5.60 7.97 3.81
CA TYR A 83 6.11 9.10 4.61
C TYR A 83 5.15 10.32 4.53
N ASN A 84 4.63 10.60 3.32
CA ASN A 84 3.67 11.73 3.07
C ASN A 84 2.35 11.53 3.83
N ILE A 85 1.88 10.27 3.90
CA ILE A 85 0.65 9.90 4.62
C ILE A 85 0.92 9.98 6.15
N GLY A 86 2.01 9.32 6.59
CA GLY A 86 2.48 9.41 7.97
C GLY A 86 2.01 8.21 8.78
N LEU A 87 2.48 7.01 8.39
CA LEU A 87 2.31 5.78 9.18
C LEU A 87 3.53 5.57 10.09
N GLN A 88 3.29 5.04 11.29
CA GLN A 88 4.35 4.71 12.28
C GLN A 88 4.54 3.18 12.37
N ASN A 89 3.53 2.43 11.95
CA ASN A 89 3.53 0.95 11.94
C ASN A 89 3.24 0.49 10.50
N VAL A 90 4.24 -0.16 9.87
CA VAL A 90 4.14 -0.59 8.45
C VAL A 90 4.74 -2.00 8.29
N GLN A 91 4.25 -2.72 7.30
CA GLN A 91 4.81 -3.98 6.85
C GLN A 91 4.97 -3.90 5.33
N ALA A 92 5.91 -4.68 4.78
CA ALA A 92 6.15 -4.77 3.34
C ALA A 92 6.56 -6.21 2.98
N GLY A 93 6.30 -6.61 1.72
CA GLY A 93 6.72 -7.93 1.24
C GLY A 93 8.20 -7.93 0.93
N VAL A 94 8.65 -6.80 0.36
CA VAL A 94 10.07 -6.50 0.07
C VAL A 94 10.31 -4.98 0.27
N VAL A 95 11.58 -4.60 0.53
CA VAL A 95 11.96 -3.18 0.66
C VAL A 95 13.33 -2.89 0.03
N SER A 96 13.51 -1.64 -0.44
CA SER A 96 14.80 -1.11 -0.92
C SER A 96 15.65 -0.65 0.29
N GLN A 97 16.99 -0.63 0.11
CA GLN A 97 17.94 -0.13 1.14
C GLN A 97 17.60 1.33 1.56
N PRO A 98 17.52 2.34 0.61
CA PRO A 98 17.30 3.76 1.01
C PRO A 98 15.92 3.96 1.67
N ALA A 99 14.93 3.17 1.20
CA ALA A 99 13.55 3.28 1.67
C ALA A 99 13.44 2.90 3.15
N LYS A 100 13.95 1.70 3.50
CA LYS A 100 13.94 1.19 4.88
C LYS A 100 14.81 2.08 5.78
N ASP A 101 15.96 2.51 5.21
CA ASP A 101 16.91 3.42 5.88
C ASP A 101 16.20 4.68 6.37
N PHE A 102 15.45 5.32 5.46
CA PHE A 102 14.74 6.58 5.75
C PHE A 102 13.55 6.33 6.70
N LEU A 103 12.88 5.19 6.48
CA LEU A 103 11.68 4.79 7.25
C LEU A 103 11.98 4.63 8.76
N GLU A 104 12.96 3.77 9.11
CA GLU A 104 13.34 3.52 10.52
C GLU A 104 13.96 4.78 11.13
N SER A 105 14.62 5.56 10.28
CA SER A 105 15.35 6.79 10.69
C SER A 105 14.35 7.87 11.11
N ARG A 106 13.22 7.93 10.39
CA ARG A 106 12.12 8.86 10.69
C ARG A 106 11.21 8.34 11.83
N GLY A 107 11.60 7.18 12.42
CA GLY A 107 10.94 6.62 13.61
C GLY A 107 9.80 5.68 13.28
N ILE A 108 9.71 5.26 12.01
CA ILE A 108 8.64 4.38 11.53
C ILE A 108 9.09 2.91 11.70
N LYS A 109 8.35 2.13 12.52
CA LYS A 109 8.63 0.70 12.73
C LYS A 109 8.03 -0.11 11.57
N VAL A 110 8.90 -0.78 10.81
CA VAL A 110 8.53 -1.49 9.57
C VAL A 110 9.00 -2.98 9.58
N ALA A 111 8.14 -3.91 9.10
CA ALA A 111 8.48 -5.37 8.99
C ALA A 111 8.50 -5.81 7.52
N TYR A 112 9.65 -6.28 7.00
CA TYR A 112 9.83 -6.56 5.55
C TYR A 112 10.90 -7.63 5.27
N LYS A 113 11.04 -7.96 3.98
CA LYS A 113 12.18 -8.71 3.44
C LYS A 113 13.06 -7.75 2.63
N LYS A 114 14.37 -8.07 2.55
CA LYS A 114 15.34 -7.18 1.92
C LYS A 114 16.58 -7.96 1.48
N LEU A 115 16.85 -7.96 0.16
CA LEU A 115 18.11 -8.47 -0.39
C LEU A 115 18.54 -7.52 -1.51
N VAL A 116 19.38 -6.54 -1.13
CA VAL A 116 19.90 -5.45 -1.98
C VAL A 116 21.19 -4.90 -1.34
N GLU A 117 21.81 -3.96 -2.04
CA GLU A 117 22.91 -3.15 -1.49
C GLU A 117 22.59 -1.66 -1.69
N LYS A 118 22.17 -1.31 -2.92
CA LYS A 118 21.74 0.04 -3.28
C LYS A 118 20.84 -0.01 -4.52
N ILE A 119 20.31 1.15 -4.90
CA ILE A 119 19.70 1.37 -6.23
C ILE A 119 20.58 2.35 -7.00
N ASN A 120 20.67 2.14 -8.32
CA ASN A 120 21.53 2.96 -9.20
C ASN A 120 20.66 3.96 -9.95
N ASP A 121 20.58 5.18 -9.41
CA ASP A 121 19.90 6.33 -10.05
C ASP A 121 20.56 7.62 -9.59
N ARG A 122 20.30 8.71 -10.34
CA ARG A 122 20.95 10.00 -10.09
C ARG A 122 20.48 10.63 -8.77
N ALA A 123 19.18 10.47 -8.43
CA ALA A 123 18.59 11.06 -7.18
C ALA A 123 19.16 10.39 -5.91
N GLU A 124 19.54 9.11 -6.02
CA GLU A 124 20.21 8.38 -4.94
C GLU A 124 21.53 9.11 -4.60
N SER A 125 22.36 9.29 -5.63
CA SER A 125 23.70 9.88 -5.49
C SER A 125 23.64 11.42 -5.27
N LEU A 126 22.57 12.06 -5.78
CA LEU A 126 22.38 13.52 -5.71
C LEU A 126 21.94 13.96 -4.31
N ILE A 127 20.87 13.32 -3.81
CA ILE A 127 20.17 13.78 -2.62
C ILE A 127 20.95 13.46 -1.34
N GLU A 128 21.34 14.52 -0.67
CA GLU A 128 22.09 14.53 0.59
C GLU A 128 21.13 14.86 1.74
N SER A 129 20.49 16.04 1.61
CA SER A 129 19.48 16.52 2.55
C SER A 129 18.13 15.86 2.24
N LEU A 130 17.37 15.48 3.29
CA LEU A 130 16.03 14.86 3.15
C LEU A 130 14.92 15.94 3.10
N GLU A 131 15.34 17.22 3.01
CA GLU A 131 14.42 18.39 2.96
C GLU A 131 13.98 18.70 1.51
N ASN A 132 13.94 17.65 0.66
CA ASN A 132 13.62 17.76 -0.76
C ASN A 132 12.75 16.55 -1.27
N PRO A 133 11.57 16.23 -0.62
CA PRO A 133 10.75 15.07 -1.02
C PRO A 133 10.07 15.27 -2.39
N GLU A 134 10.00 16.53 -2.85
CA GLU A 134 9.46 16.88 -4.17
C GLU A 134 10.50 16.67 -5.29
N GLU A 135 11.79 16.71 -4.92
CA GLU A 135 12.90 16.55 -5.89
C GLU A 135 13.12 15.08 -6.27
N VAL A 136 13.00 14.19 -5.27
CA VAL A 136 12.99 12.73 -5.53
C VAL A 136 11.69 12.31 -6.22
N TYR A 137 10.56 13.00 -5.89
CA TYR A 137 9.25 12.73 -6.52
C TYR A 137 9.27 13.19 -8.00
N LYS A 138 9.98 14.30 -8.24
CA LYS A 138 10.30 14.81 -9.59
C LYS A 138 11.05 13.74 -10.37
N TYR A 139 12.09 13.20 -9.73
CA TYR A 139 12.96 12.19 -10.33
C TYR A 139 12.22 10.84 -10.52
N MET A 140 11.24 10.57 -9.67
CA MET A 140 10.35 9.38 -9.80
C MET A 140 9.58 9.35 -11.13
N ILE A 141 9.30 10.54 -11.69
CA ILE A 141 8.73 10.65 -13.03
C ILE A 141 9.81 10.33 -14.08
N LYS A 142 11.05 10.84 -13.85
CA LYS A 142 12.19 10.70 -14.78
C LYS A 142 12.63 9.22 -14.93
N ARG A 143 12.67 8.50 -13.80
CA ARG A 143 12.94 7.04 -13.77
C ARG A 143 11.72 6.24 -14.20
N GLY A 144 10.55 6.86 -14.09
CA GLY A 144 9.29 6.24 -14.47
C GLY A 144 8.86 5.09 -13.58
N ILE A 145 9.32 5.11 -12.30
CA ILE A 145 8.97 4.06 -11.31
C ILE A 145 7.52 4.23 -10.77
N ILE A 146 6.79 5.22 -11.33
CA ILE A 146 5.33 5.37 -11.16
C ILE A 146 4.65 5.70 -12.51
N VAL A 147 5.35 6.44 -13.39
CA VAL A 147 4.75 7.04 -14.60
C VAL A 147 5.69 6.87 -15.80
N ASN A 148 5.19 6.20 -16.86
CA ASN A 148 5.90 6.08 -18.16
C ASN A 148 6.34 7.48 -18.68
N ASN A 149 7.66 7.66 -18.85
CA ASN A 149 8.24 8.96 -19.23
C ASN A 149 9.47 8.73 -20.11
N LEU A 150 9.36 9.13 -21.38
CA LEU A 150 10.46 9.07 -22.35
C LEU A 150 11.32 10.35 -22.23
N MET A 1 -12.45 -57.37 3.87
CA MET A 1 -12.69 -58.45 4.85
C MET A 1 -14.19 -58.83 4.84
N ALA A 2 -15.02 -57.97 5.47
CA ALA A 2 -16.48 -58.15 5.52
C ALA A 2 -17.14 -57.57 4.26
N HIS A 3 -18.05 -58.34 3.63
CA HIS A 3 -18.79 -57.91 2.43
C HIS A 3 -20.06 -58.77 2.25
N HIS A 4 -21.24 -58.15 2.46
CA HIS A 4 -22.55 -58.82 2.31
C HIS A 4 -23.63 -57.75 2.06
N HIS A 5 -24.40 -57.91 0.96
CA HIS A 5 -25.48 -56.98 0.60
C HIS A 5 -26.79 -57.36 1.34
N HIS A 6 -26.86 -56.96 2.62
CA HIS A 6 -28.08 -57.05 3.44
C HIS A 6 -28.85 -55.72 3.34
N HIS A 7 -28.09 -54.63 3.13
CA HIS A 7 -28.62 -53.29 2.93
C HIS A 7 -29.45 -53.24 1.64
N HIS A 8 -30.73 -52.90 1.78
CA HIS A 8 -31.69 -52.78 0.66
C HIS A 8 -31.28 -51.64 -0.28
N MET A 9 -31.84 -51.68 -1.51
CA MET A 9 -31.54 -50.73 -2.60
C MET A 9 -31.88 -49.27 -2.23
N GLY A 10 -32.73 -49.08 -1.19
CA GLY A 10 -33.18 -47.75 -0.76
C GLY A 10 -34.22 -47.21 -1.71
N THR A 11 -33.74 -46.68 -2.83
CA THR A 11 -34.57 -46.23 -3.95
C THR A 11 -34.50 -47.29 -5.09
N LEU A 12 -35.54 -47.34 -5.93
CA LEU A 12 -35.52 -48.11 -7.20
C LEU A 12 -35.06 -47.19 -8.36
N GLU A 13 -34.18 -46.22 -8.02
CA GLU A 13 -33.77 -45.13 -8.90
C GLU A 13 -32.50 -44.51 -8.35
N ALA A 14 -31.35 -45.02 -8.81
CA ALA A 14 -30.02 -44.61 -8.34
C ALA A 14 -29.53 -43.40 -9.17
N GLN A 15 -29.34 -42.25 -8.50
CA GLN A 15 -28.94 -40.97 -9.13
C GLN A 15 -28.20 -40.07 -8.11
N THR A 16 -27.03 -39.53 -8.51
CA THR A 16 -26.23 -38.59 -7.69
C THR A 16 -26.39 -37.15 -8.21
N GLN A 17 -26.18 -36.18 -7.31
CA GLN A 17 -26.34 -34.74 -7.60
C GLN A 17 -24.97 -34.06 -7.48
N GLY A 18 -24.25 -33.97 -8.62
CA GLY A 18 -22.95 -33.30 -8.69
C GLY A 18 -23.07 -31.78 -8.52
N PRO A 19 -22.51 -31.17 -7.42
CA PRO A 19 -22.63 -29.72 -7.17
C PRO A 19 -21.78 -28.87 -8.13
N GLY A 20 -22.24 -27.63 -8.41
CA GLY A 20 -21.52 -26.68 -9.27
C GLY A 20 -20.46 -25.92 -8.48
N SER A 21 -19.48 -26.69 -7.94
CA SER A 21 -18.43 -26.20 -7.04
C SER A 21 -17.56 -25.13 -7.71
N MET A 22 -17.63 -23.88 -7.19
CA MET A 22 -16.91 -22.72 -7.73
C MET A 22 -16.51 -21.76 -6.61
N ILE A 23 -15.30 -21.16 -6.74
CA ILE A 23 -14.78 -20.12 -5.83
C ILE A 23 -13.53 -19.47 -6.50
N SER A 24 -13.43 -18.13 -6.41
CA SER A 24 -12.26 -17.38 -6.96
C SER A 24 -11.39 -16.86 -5.81
N GLY A 25 -10.13 -16.52 -6.15
CA GLY A 25 -9.16 -15.99 -5.20
C GLY A 25 -8.55 -14.69 -5.67
N LEU A 26 -8.94 -13.58 -5.03
CA LEU A 26 -8.35 -12.26 -5.28
C LEU A 26 -7.37 -11.91 -4.14
N ASN A 27 -6.08 -11.77 -4.47
CA ASN A 27 -5.02 -11.53 -3.47
C ASN A 27 -4.68 -10.00 -3.42
N PRO A 28 -4.91 -9.33 -2.24
CA PRO A 28 -4.59 -7.90 -2.08
C PRO A 28 -3.11 -7.68 -1.71
N THR A 29 -2.38 -6.98 -2.60
CA THR A 29 -0.95 -6.67 -2.40
C THR A 29 -0.74 -5.62 -1.27
N LEU A 30 -1.81 -4.84 -0.96
CA LEU A 30 -1.82 -3.88 0.17
C LEU A 30 -2.80 -4.40 1.22
N ARG A 31 -2.29 -4.73 2.40
CA ARG A 31 -3.12 -5.17 3.53
C ARG A 31 -2.99 -4.14 4.67
N LEU A 32 -4.11 -3.78 5.30
CA LEU A 32 -4.15 -2.84 6.43
C LEU A 32 -4.66 -3.61 7.64
N PHE A 33 -3.84 -3.63 8.70
CA PHE A 33 -4.16 -4.23 10.00
C PHE A 33 -4.40 -3.12 11.03
N LYS A 34 -5.45 -3.28 11.83
CA LYS A 34 -5.77 -2.41 12.95
C LYS A 34 -6.60 -3.24 13.94
N ASP A 35 -6.33 -3.08 15.26
CA ASP A 35 -6.94 -3.88 16.35
C ASP A 35 -6.57 -5.39 16.18
N HIS A 36 -5.27 -5.63 15.81
CA HIS A 36 -4.68 -6.99 15.64
C HIS A 36 -5.45 -7.82 14.59
N LYS A 37 -6.14 -7.13 13.69
CA LYS A 37 -7.18 -7.68 12.82
C LYS A 37 -7.13 -6.97 11.47
N ILE A 38 -7.59 -7.63 10.40
CA ILE A 38 -7.68 -7.01 9.07
C ILE A 38 -8.63 -5.79 9.11
N LEU A 39 -8.04 -4.58 9.04
CA LEU A 39 -8.77 -3.32 8.90
C LEU A 39 -9.31 -3.22 7.46
N TYR A 40 -8.44 -3.56 6.48
CA TYR A 40 -8.75 -3.43 5.06
C TYR A 40 -7.83 -4.33 4.22
N SER A 41 -8.28 -4.69 3.01
CA SER A 41 -7.55 -5.53 2.06
C SER A 41 -7.79 -4.94 0.66
N ASN A 42 -6.72 -4.49 -0.04
CA ASN A 42 -6.87 -3.79 -1.34
C ASN A 42 -5.64 -3.98 -2.26
N MET A 43 -5.85 -3.55 -3.50
CA MET A 43 -4.81 -3.35 -4.51
C MET A 43 -5.24 -2.17 -5.39
N GLU A 44 -4.28 -1.48 -6.01
CA GLU A 44 -4.55 -0.28 -6.84
C GLU A 44 -5.41 -0.63 -8.07
N ARG A 45 -5.29 -1.89 -8.52
CA ARG A 45 -6.01 -2.40 -9.70
C ARG A 45 -7.47 -2.74 -9.36
N GLY A 46 -8.39 -2.23 -10.19
CA GLY A 46 -9.84 -2.36 -9.97
C GLY A 46 -10.37 -1.30 -9.01
N LEU A 47 -9.72 -1.20 -7.84
CA LEU A 47 -10.07 -0.26 -6.76
C LEU A 47 -9.41 1.11 -7.01
N LYS A 48 -9.48 2.01 -6.01
CA LYS A 48 -8.78 3.31 -6.04
C LYS A 48 -7.25 3.07 -5.89
N PRO A 49 -6.39 3.67 -6.78
CA PRO A 49 -4.94 3.55 -6.66
C PRO A 49 -4.42 4.26 -5.40
N LEU A 50 -3.22 3.86 -4.96
CA LEU A 50 -2.59 4.33 -3.72
C LEU A 50 -2.26 5.84 -3.79
N LEU A 51 -2.25 6.39 -5.02
CA LEU A 51 -2.16 7.84 -5.26
C LEU A 51 -3.45 8.55 -4.79
N GLU A 52 -4.62 8.02 -5.23
CA GLU A 52 -5.95 8.55 -4.88
C GLU A 52 -6.32 8.25 -3.41
N VAL A 53 -5.75 7.16 -2.87
CA VAL A 53 -5.89 6.78 -1.46
C VAL A 53 -5.12 7.77 -0.59
N ASP A 54 -3.88 8.12 -1.01
CA ASP A 54 -3.09 9.20 -0.40
C ASP A 54 -3.90 10.52 -0.44
N ASN A 55 -4.48 10.78 -1.62
CA ASN A 55 -5.14 12.05 -1.95
C ASN A 55 -6.38 12.26 -1.07
N PHE A 56 -6.99 11.14 -0.60
CA PHE A 56 -7.98 11.20 0.49
C PHE A 56 -7.64 10.17 1.58
N ILE A 57 -6.48 10.33 2.28
CA ILE A 57 -6.22 9.55 3.53
C ILE A 57 -7.16 9.98 4.67
N ASN A 58 -7.28 11.30 4.87
CA ASN A 58 -8.12 11.87 5.95
C ASN A 58 -9.60 11.45 5.79
N LYS A 59 -10.02 11.28 4.52
CA LYS A 59 -11.40 10.95 4.15
C LYS A 59 -11.63 9.42 4.12
N TYR A 60 -10.73 8.67 3.45
CA TYR A 60 -10.91 7.22 3.21
C TYR A 60 -10.63 6.41 4.50
N ILE A 61 -9.58 6.84 5.23
CA ILE A 61 -9.05 6.12 6.40
C ILE A 61 -9.24 6.96 7.69
N GLN A 62 -10.39 6.76 8.36
CA GLN A 62 -10.64 7.33 9.71
C GLN A 62 -9.97 6.47 10.80
N ASN A 63 -9.58 5.23 10.44
CA ASN A 63 -8.98 4.26 11.36
C ASN A 63 -7.46 4.14 11.14
N LYS A 64 -6.82 5.28 10.77
CA LYS A 64 -5.34 5.37 10.71
C LYS A 64 -4.73 5.46 12.14
N GLU A 65 -5.61 5.52 13.15
CA GLU A 65 -5.26 5.42 14.58
C GLU A 65 -4.50 4.11 14.85
N GLY A 66 -3.21 4.22 15.24
CA GLY A 66 -2.33 3.07 15.47
C GLY A 66 -2.27 2.09 14.30
N LEU A 67 -2.51 2.59 13.06
CA LEU A 67 -2.65 1.73 11.86
C LEU A 67 -1.33 1.05 11.50
N GLU A 68 -1.44 -0.24 11.18
CA GLU A 68 -0.39 -1.06 10.65
C GLU A 68 -0.75 -1.31 9.18
N ILE A 69 0.22 -1.17 8.27
CA ILE A 69 -0.02 -1.43 6.83
C ILE A 69 1.04 -2.45 6.35
N TYR A 70 0.72 -3.14 5.26
CA TYR A 70 1.58 -4.17 4.67
C TYR A 70 1.62 -3.95 3.16
N ASP A 71 2.75 -3.42 2.68
CA ASP A 71 3.07 -3.37 1.25
C ASP A 71 3.80 -4.66 0.88
N LYS A 72 4.08 -4.86 -0.41
CA LYS A 72 4.84 -6.03 -0.87
C LYS A 72 6.27 -5.62 -1.23
N VAL A 73 6.41 -4.77 -2.25
CA VAL A 73 7.68 -4.22 -2.70
C VAL A 73 7.74 -2.73 -2.34
N VAL A 74 8.77 -2.32 -1.59
CA VAL A 74 8.96 -0.90 -1.21
C VAL A 74 10.19 -0.31 -1.91
N GLY A 75 9.91 0.49 -2.97
CA GLY A 75 10.93 1.26 -3.67
C GLY A 75 10.69 2.77 -3.49
N LYS A 76 11.01 3.57 -4.53
CA LYS A 76 10.89 5.05 -4.53
C LYS A 76 9.44 5.50 -4.22
N ALA A 77 8.49 5.08 -5.08
CA ALA A 77 7.07 5.47 -5.00
C ALA A 77 6.43 5.03 -3.68
N ALA A 78 6.70 3.79 -3.29
CA ALA A 78 6.19 3.22 -2.04
C ALA A 78 6.69 4.03 -0.85
N ALA A 79 8.01 4.36 -0.85
CA ALA A 79 8.67 5.13 0.23
C ALA A 79 8.07 6.54 0.39
N VAL A 80 8.02 7.29 -0.73
CA VAL A 80 7.51 8.67 -0.75
C VAL A 80 6.03 8.69 -0.31
N ILE A 81 5.23 7.69 -0.78
CA ILE A 81 3.80 7.64 -0.48
C ILE A 81 3.57 7.33 1.02
N ILE A 82 4.17 6.23 1.52
CA ILE A 82 4.06 5.83 2.94
C ILE A 82 4.50 6.99 3.87
N TYR A 83 5.56 7.72 3.43
CA TYR A 83 6.09 8.90 4.14
C TYR A 83 5.07 10.07 4.13
N ASN A 84 4.50 10.36 2.94
CA ASN A 84 3.58 11.51 2.73
C ASN A 84 2.26 11.30 3.48
N ILE A 85 1.77 10.05 3.47
CA ILE A 85 0.60 9.65 4.26
C ILE A 85 0.94 9.79 5.76
N GLY A 86 2.06 9.18 6.17
CA GLY A 86 2.58 9.32 7.53
C GLY A 86 2.16 8.16 8.40
N LEU A 87 2.39 6.93 7.88
CA LEU A 87 2.16 5.69 8.65
C LEU A 87 3.17 5.58 9.79
N GLN A 88 2.83 4.75 10.78
CA GLN A 88 3.59 4.60 12.03
C GLN A 88 3.99 3.14 12.27
N ASN A 89 3.16 2.21 11.77
CA ASN A 89 3.41 0.75 11.81
C ASN A 89 3.25 0.22 10.38
N VAL A 90 4.34 -0.32 9.82
CA VAL A 90 4.38 -0.78 8.42
C VAL A 90 5.13 -2.12 8.34
N GLN A 91 4.78 -2.93 7.35
CA GLN A 91 5.44 -4.16 7.03
C GLN A 91 5.48 -4.28 5.49
N ALA A 92 6.48 -5.03 5.01
CA ALA A 92 6.65 -5.29 3.57
C ALA A 92 7.19 -6.70 3.35
N GLY A 93 7.28 -7.10 2.07
CA GLY A 93 7.97 -8.33 1.69
C GLY A 93 9.45 -8.05 1.48
N VAL A 94 9.72 -7.02 0.64
CA VAL A 94 11.08 -6.57 0.29
C VAL A 94 11.13 -5.04 0.34
N VAL A 95 12.33 -4.49 0.65
CA VAL A 95 12.55 -3.03 0.69
C VAL A 95 13.93 -2.64 0.13
N SER A 96 13.97 -1.46 -0.51
CA SER A 96 15.21 -0.80 -0.93
C SER A 96 15.95 -0.22 0.30
N GLN A 97 17.29 -0.03 0.19
CA GLN A 97 18.12 0.55 1.26
C GLN A 97 17.62 1.97 1.65
N PRO A 98 17.47 2.95 0.66
CA PRO A 98 17.03 4.34 0.98
C PRO A 98 15.65 4.36 1.65
N ALA A 99 14.71 3.55 1.11
CA ALA A 99 13.32 3.47 1.58
C ALA A 99 13.28 3.06 3.06
N LYS A 100 13.97 1.94 3.36
CA LYS A 100 14.17 1.42 4.72
C LYS A 100 14.72 2.49 5.67
N ASP A 101 15.86 3.04 5.24
CA ASP A 101 16.66 4.00 6.00
C ASP A 101 15.85 5.29 6.31
N PHE A 102 15.02 5.74 5.34
CA PHE A 102 14.19 6.96 5.48
C PHE A 102 13.06 6.67 6.48
N LEU A 103 12.30 5.58 6.23
CA LEU A 103 11.13 5.17 7.04
C LEU A 103 11.48 5.06 8.54
N GLU A 104 12.54 4.30 8.83
CA GLU A 104 12.99 4.08 10.22
C GLU A 104 13.65 5.32 10.83
N SER A 105 14.21 6.20 9.96
CA SER A 105 14.78 7.50 10.39
C SER A 105 13.66 8.46 10.81
N ARG A 106 12.49 8.36 10.12
CA ARG A 106 11.28 9.16 10.45
C ARG A 106 10.59 8.61 11.71
N GLY A 107 11.10 7.48 12.24
CA GLY A 107 10.60 6.88 13.47
C GLY A 107 9.54 5.84 13.22
N ILE A 108 9.31 5.48 11.93
CA ILE A 108 8.24 4.56 11.55
C ILE A 108 8.71 3.12 11.88
N LYS A 109 7.88 2.39 12.65
CA LYS A 109 8.17 1.01 13.08
C LYS A 109 7.86 0.07 11.91
N VAL A 110 8.91 -0.41 11.21
CA VAL A 110 8.73 -1.19 9.96
C VAL A 110 9.38 -2.58 10.02
N ALA A 111 8.64 -3.61 9.54
CA ALA A 111 9.13 -5.01 9.47
C ALA A 111 9.23 -5.44 8.00
N TYR A 112 10.44 -5.74 7.51
CA TYR A 112 10.66 -6.09 6.08
C TYR A 112 12.01 -6.78 5.86
N LYS A 113 12.21 -7.31 4.63
CA LYS A 113 13.49 -7.90 4.20
C LYS A 113 14.26 -6.91 3.31
N LYS A 114 15.57 -6.83 3.54
CA LYS A 114 16.49 -5.97 2.79
C LYS A 114 17.74 -6.78 2.44
N LEU A 115 18.01 -6.95 1.14
CA LEU A 115 19.33 -7.35 0.65
C LEU A 115 19.66 -6.48 -0.57
N VAL A 116 20.35 -5.37 -0.28
CA VAL A 116 20.83 -4.35 -1.24
C VAL A 116 21.97 -3.57 -0.58
N GLU A 117 22.51 -2.60 -1.32
CA GLU A 117 23.55 -1.69 -0.83
C GLU A 117 23.07 -0.24 -1.05
N LYS A 118 22.74 0.07 -2.31
CA LYS A 118 22.17 1.38 -2.70
C LYS A 118 21.43 1.20 -4.03
N ILE A 119 20.39 2.01 -4.28
CA ILE A 119 19.73 2.06 -5.58
C ILE A 119 20.60 2.94 -6.50
N ASN A 120 21.37 2.28 -7.37
CA ASN A 120 22.27 2.95 -8.30
C ASN A 120 21.47 3.55 -9.48
N ASP A 121 21.04 4.79 -9.27
CA ASP A 121 20.54 5.67 -10.34
C ASP A 121 21.23 7.03 -10.17
N ARG A 122 21.21 7.85 -11.23
CA ARG A 122 21.94 9.12 -11.26
C ARG A 122 21.41 10.11 -10.21
N ALA A 123 20.10 10.08 -9.91
CA ALA A 123 19.48 11.03 -8.98
C ALA A 123 19.83 10.75 -7.52
N GLU A 124 19.63 9.51 -7.05
CA GLU A 124 19.78 9.14 -5.62
C GLU A 124 21.24 9.32 -5.17
N SER A 125 22.16 9.06 -6.11
CA SER A 125 23.59 9.19 -5.86
C SER A 125 23.97 10.65 -5.53
N LEU A 126 23.28 11.64 -6.15
CA LEU A 126 23.58 13.08 -5.95
C LEU A 126 22.67 13.75 -4.89
N ILE A 127 21.41 13.26 -4.75
CA ILE A 127 20.42 13.83 -3.81
C ILE A 127 20.83 13.59 -2.35
N GLU A 128 21.19 14.68 -1.67
CA GLU A 128 21.53 14.68 -0.24
C GLU A 128 20.28 14.98 0.61
N SER A 129 19.50 15.96 0.11
CA SER A 129 18.22 16.39 0.69
C SER A 129 17.20 15.22 0.80
N LEU A 130 17.23 14.54 1.95
CA LEU A 130 16.35 13.37 2.24
C LEU A 130 15.01 13.82 2.85
N GLU A 131 14.99 15.02 3.46
CA GLU A 131 13.78 15.58 4.11
C GLU A 131 12.78 16.09 3.06
N ASN A 132 13.30 16.47 1.86
CA ASN A 132 12.48 16.86 0.70
C ASN A 132 12.25 15.63 -0.21
N PRO A 133 11.04 14.98 -0.15
CA PRO A 133 10.72 13.79 -0.99
C PRO A 133 10.45 14.16 -2.46
N GLU A 134 10.35 15.47 -2.77
CA GLU A 134 10.05 15.98 -4.08
C GLU A 134 11.22 15.72 -5.05
N GLU A 135 12.45 15.66 -4.51
CA GLU A 135 13.67 15.39 -5.29
C GLU A 135 13.58 14.02 -6.00
N VAL A 136 13.27 12.99 -5.21
CA VAL A 136 13.08 11.61 -5.71
C VAL A 136 11.72 11.43 -6.40
N TYR A 137 10.67 12.15 -5.93
CA TYR A 137 9.31 12.08 -6.50
C TYR A 137 9.32 12.59 -7.96
N LYS A 138 10.09 13.66 -8.21
CA LYS A 138 10.31 14.23 -9.55
C LYS A 138 11.02 13.20 -10.45
N TYR A 139 11.91 12.41 -9.83
CA TYR A 139 12.64 11.35 -10.51
C TYR A 139 11.73 10.12 -10.77
N MET A 140 10.76 9.90 -9.88
CA MET A 140 9.71 8.87 -10.06
C MET A 140 8.87 9.12 -11.33
N ILE A 141 8.66 10.41 -11.63
CA ILE A 141 7.96 10.83 -12.86
C ILE A 141 8.79 10.43 -14.11
N LYS A 142 10.12 10.62 -14.01
CA LYS A 142 11.07 10.34 -15.11
C LYS A 142 11.22 8.82 -15.34
N ARG A 143 11.64 8.13 -14.26
CA ARG A 143 11.92 6.68 -14.25
C ARG A 143 10.64 5.82 -14.37
N GLY A 144 9.48 6.42 -14.03
CA GLY A 144 8.16 5.78 -14.14
C GLY A 144 7.96 4.60 -13.21
N ILE A 145 8.54 4.68 -11.99
CA ILE A 145 8.50 3.57 -11.00
C ILE A 145 7.27 3.65 -10.07
N ILE A 146 6.27 4.46 -10.46
CA ILE A 146 5.07 4.72 -9.65
C ILE A 146 4.01 3.63 -9.87
N VAL A 147 3.98 3.08 -11.10
CA VAL A 147 3.05 2.03 -11.49
C VAL A 147 3.58 0.65 -11.04
N ASN A 148 2.68 -0.18 -10.48
CA ASN A 148 3.03 -1.52 -9.98
C ASN A 148 3.11 -2.53 -11.14
N ASN A 149 4.10 -3.45 -11.07
CA ASN A 149 4.28 -4.51 -12.07
C ASN A 149 4.93 -5.75 -11.39
N LEU A 150 4.15 -6.82 -11.29
CA LEU A 150 4.54 -8.08 -10.66
C LEU A 150 5.05 -9.04 -11.78
N MET A 1 -78.32 16.19 20.50
CA MET A 1 -77.73 14.84 20.32
C MET A 1 -76.30 14.97 19.79
N ALA A 2 -75.33 15.07 20.72
CA ALA A 2 -73.91 15.18 20.40
C ALA A 2 -73.30 13.78 20.32
N HIS A 3 -73.00 13.33 19.08
CA HIS A 3 -72.36 12.03 18.85
C HIS A 3 -70.86 12.16 19.10
N HIS A 4 -70.50 12.20 20.39
CA HIS A 4 -69.11 12.27 20.84
C HIS A 4 -68.45 10.89 20.70
N HIS A 5 -67.13 10.89 20.54
CA HIS A 5 -66.34 9.70 20.14
C HIS A 5 -64.85 9.91 20.44
N HIS A 6 -64.04 8.86 20.20
CA HIS A 6 -62.57 8.91 20.33
C HIS A 6 -61.91 8.21 19.13
N HIS A 7 -60.77 8.74 18.68
CA HIS A 7 -59.94 8.13 17.62
C HIS A 7 -58.48 8.19 18.06
N HIS A 8 -57.89 7.01 18.31
CA HIS A 8 -56.49 6.88 18.77
C HIS A 8 -55.57 6.63 17.57
N MET A 9 -54.37 7.25 17.56
CA MET A 9 -53.39 7.11 16.46
C MET A 9 -52.47 5.88 16.67
N GLY A 10 -52.23 5.13 15.58
CA GLY A 10 -51.36 3.96 15.60
C GLY A 10 -49.91 4.31 15.25
N THR A 11 -48.97 3.77 16.04
CA THR A 11 -47.53 4.02 15.86
C THR A 11 -46.87 2.90 15.02
N LEU A 12 -45.89 3.29 14.19
CA LEU A 12 -45.14 2.36 13.30
C LEU A 12 -43.72 2.13 13.86
N GLU A 13 -43.13 0.94 13.61
CA GLU A 13 -41.81 0.54 14.19
C GLU A 13 -41.25 -0.70 13.45
N ALA A 14 -40.38 -0.47 12.48
CA ALA A 14 -39.76 -1.54 11.66
C ALA A 14 -38.30 -1.78 12.11
N GLN A 15 -37.96 -3.07 12.36
CA GLN A 15 -36.60 -3.50 12.76
C GLN A 15 -35.63 -3.38 11.58
N THR A 16 -34.34 -3.14 11.89
CA THR A 16 -33.27 -3.01 10.90
C THR A 16 -32.11 -3.99 11.23
N GLN A 17 -31.17 -4.17 10.28
CA GLN A 17 -29.99 -5.05 10.47
C GLN A 17 -28.92 -4.74 9.38
N GLY A 18 -27.64 -4.74 9.80
CA GLY A 18 -26.51 -4.38 8.93
C GLY A 18 -25.98 -5.52 8.07
N PRO A 19 -24.68 -5.48 7.64
CA PRO A 19 -24.07 -6.55 6.79
C PRO A 19 -23.74 -7.83 7.60
N GLY A 20 -23.07 -8.79 6.95
CA GLY A 20 -22.64 -10.03 7.61
C GLY A 20 -21.36 -9.85 8.43
N SER A 21 -20.30 -10.58 8.06
CA SER A 21 -19.00 -10.51 8.73
C SER A 21 -17.87 -10.42 7.68
N MET A 22 -16.63 -10.14 8.14
CA MET A 22 -15.45 -9.95 7.28
C MET A 22 -14.92 -11.30 6.76
N ILE A 23 -14.11 -11.25 5.69
CA ILE A 23 -13.44 -12.43 5.12
C ILE A 23 -12.23 -11.97 4.28
N SER A 24 -11.09 -12.67 4.44
CA SER A 24 -9.83 -12.36 3.74
C SER A 24 -8.98 -13.65 3.60
N GLY A 25 -7.91 -13.57 2.78
CA GLY A 25 -7.03 -14.70 2.52
C GLY A 25 -6.28 -14.55 1.20
N LEU A 26 -6.95 -13.90 0.23
CA LEU A 26 -6.32 -13.46 -1.03
C LEU A 26 -5.23 -12.43 -0.69
N ASN A 27 -3.99 -12.72 -1.12
CA ASN A 27 -2.80 -11.91 -0.79
C ASN A 27 -2.89 -10.53 -1.48
N PRO A 28 -3.09 -9.43 -0.69
CA PRO A 28 -3.29 -8.07 -1.21
C PRO A 28 -1.98 -7.25 -1.27
N THR A 29 -1.93 -6.25 -2.17
CA THR A 29 -0.81 -5.31 -2.25
C THR A 29 -0.95 -4.25 -1.15
N LEU A 30 -2.22 -3.85 -0.90
CA LEU A 30 -2.56 -2.85 0.12
C LEU A 30 -3.46 -3.53 1.15
N ARG A 31 -2.89 -3.82 2.33
CA ARG A 31 -3.61 -4.41 3.46
C ARG A 31 -3.46 -3.47 4.67
N LEU A 32 -4.49 -3.42 5.51
CA LEU A 32 -4.52 -2.58 6.70
C LEU A 32 -4.88 -3.45 7.92
N PHE A 33 -4.06 -3.33 8.97
CA PHE A 33 -4.24 -4.01 10.25
C PHE A 33 -4.67 -2.99 11.32
N LYS A 34 -5.66 -3.39 12.10
CA LYS A 34 -6.06 -2.73 13.34
C LYS A 34 -5.80 -3.73 14.46
N ASP A 35 -4.83 -3.39 15.33
CA ASP A 35 -4.45 -4.22 16.50
C ASP A 35 -3.93 -5.60 16.03
N HIS A 36 -3.14 -5.56 14.92
CA HIS A 36 -2.52 -6.76 14.29
C HIS A 36 -3.60 -7.68 13.63
N LYS A 37 -4.84 -7.17 13.50
CA LYS A 37 -5.97 -7.93 12.95
C LYS A 37 -6.37 -7.31 11.59
N ILE A 38 -6.65 -8.19 10.60
CA ILE A 38 -6.90 -7.76 9.21
C ILE A 38 -8.21 -6.94 9.15
N LEU A 39 -8.05 -5.61 9.00
CA LEU A 39 -9.17 -4.67 8.84
C LEU A 39 -9.54 -4.62 7.35
N TYR A 40 -8.51 -4.40 6.51
CA TYR A 40 -8.66 -4.16 5.07
C TYR A 40 -7.65 -5.02 4.29
N SER A 41 -7.98 -5.32 3.03
CA SER A 41 -7.17 -6.17 2.15
C SER A 41 -7.66 -5.97 0.70
N ASN A 42 -6.81 -5.38 -0.16
CA ASN A 42 -7.19 -5.01 -1.54
C ASN A 42 -5.96 -5.02 -2.47
N MET A 43 -6.23 -5.33 -3.74
CA MET A 43 -5.25 -5.24 -4.83
C MET A 43 -5.13 -3.79 -5.33
N GLU A 44 -3.92 -3.41 -5.76
CA GLU A 44 -3.65 -2.07 -6.30
C GLU A 44 -4.37 -1.83 -7.64
N ARG A 45 -4.60 -2.91 -8.39
CA ARG A 45 -5.21 -2.82 -9.71
C ARG A 45 -6.74 -2.83 -9.53
N GLY A 46 -7.39 -1.72 -9.88
CA GLY A 46 -8.83 -1.57 -9.73
C GLY A 46 -9.21 -0.10 -9.63
N LEU A 47 -9.95 0.27 -8.56
CA LEU A 47 -10.44 1.65 -8.35
C LEU A 47 -9.60 2.41 -7.29
N LYS A 48 -8.84 1.68 -6.44
CA LYS A 48 -8.03 2.31 -5.37
C LYS A 48 -6.71 1.55 -5.11
N PRO A 49 -5.61 1.90 -5.86
CA PRO A 49 -4.22 1.55 -5.48
C PRO A 49 -3.75 2.34 -4.23
N LEU A 50 -2.57 1.97 -3.70
CA LEU A 50 -1.90 2.67 -2.57
C LEU A 50 -1.77 4.21 -2.82
N LEU A 51 -1.64 4.56 -4.11
CA LEU A 51 -1.55 5.95 -4.58
C LEU A 51 -2.89 6.69 -4.36
N GLU A 52 -4.00 6.05 -4.79
CA GLU A 52 -5.37 6.62 -4.63
C GLU A 52 -5.88 6.54 -3.18
N VAL A 53 -5.30 5.64 -2.38
CA VAL A 53 -5.57 5.60 -0.92
C VAL A 53 -4.98 6.84 -0.24
N ASP A 54 -3.81 7.28 -0.71
CA ASP A 54 -3.22 8.58 -0.32
C ASP A 54 -4.09 9.73 -0.86
N ASN A 55 -4.50 9.60 -2.14
CA ASN A 55 -5.23 10.66 -2.85
C ASN A 55 -6.60 10.88 -2.18
N PHE A 56 -7.11 9.83 -1.50
CA PHE A 56 -8.26 10.00 -0.61
C PHE A 56 -7.88 9.51 0.80
N ILE A 57 -6.90 10.23 1.44
CA ILE A 57 -6.67 10.09 2.90
C ILE A 57 -7.87 10.64 3.68
N ASN A 58 -8.30 11.85 3.33
CA ASN A 58 -9.39 12.55 4.05
C ASN A 58 -10.69 11.72 4.04
N LYS A 59 -10.87 10.90 2.98
CA LYS A 59 -12.03 10.02 2.83
C LYS A 59 -11.81 8.67 3.53
N TYR A 60 -10.69 7.97 3.21
CA TYR A 60 -10.45 6.59 3.68
C TYR A 60 -10.06 6.54 5.19
N ILE A 61 -9.18 7.47 5.58
CA ILE A 61 -8.60 7.52 6.94
C ILE A 61 -8.77 8.96 7.49
N GLN A 62 -9.97 9.27 7.96
CA GLN A 62 -10.30 10.60 8.49
C GLN A 62 -9.80 10.74 9.94
N ASN A 63 -10.09 9.72 10.77
CA ASN A 63 -9.61 9.63 12.16
C ASN A 63 -9.23 8.17 12.50
N LYS A 64 -8.87 7.40 11.46
CA LYS A 64 -8.39 6.01 11.62
C LYS A 64 -6.85 6.02 11.72
N GLU A 65 -6.31 7.03 12.42
CA GLU A 65 -4.88 7.22 12.60
C GLU A 65 -4.29 6.18 13.57
N GLY A 66 -3.00 5.86 13.40
CA GLY A 66 -2.27 4.98 14.31
C GLY A 66 -2.26 3.52 13.88
N LEU A 67 -3.08 3.18 12.86
CA LEU A 67 -3.20 1.80 12.35
C LEU A 67 -1.90 1.36 11.65
N GLU A 68 -1.82 0.06 11.32
CA GLU A 68 -0.63 -0.53 10.74
C GLU A 68 -0.94 -0.83 9.27
N ILE A 69 -0.04 -0.48 8.37
CA ILE A 69 -0.28 -0.68 6.92
C ILE A 69 0.63 -1.79 6.38
N TYR A 70 0.24 -2.36 5.25
CA TYR A 70 1.01 -3.39 4.55
C TYR A 70 1.05 -3.03 3.07
N ASP A 71 2.26 -2.77 2.58
CA ASP A 71 2.56 -2.61 1.14
C ASP A 71 3.25 -3.91 0.67
N LYS A 72 3.45 -4.09 -0.64
CA LYS A 72 4.04 -5.33 -1.18
C LYS A 72 5.55 -5.14 -1.42
N VAL A 73 5.87 -4.22 -2.36
CA VAL A 73 7.24 -3.87 -2.75
C VAL A 73 7.45 -2.36 -2.47
N VAL A 74 8.33 -2.05 -1.52
CA VAL A 74 8.56 -0.65 -1.12
C VAL A 74 9.75 -0.07 -1.89
N GLY A 75 9.41 0.59 -3.02
CA GLY A 75 10.33 1.44 -3.76
C GLY A 75 10.19 2.89 -3.33
N LYS A 76 10.68 3.81 -4.19
CA LYS A 76 10.64 5.27 -3.91
C LYS A 76 9.20 5.77 -3.75
N ALA A 77 8.30 5.32 -4.65
CA ALA A 77 6.87 5.75 -4.65
C ALA A 77 6.16 5.32 -3.37
N ALA A 78 6.40 4.06 -2.97
CA ALA A 78 5.81 3.52 -1.74
C ALA A 78 6.36 4.27 -0.51
N ALA A 79 7.69 4.55 -0.49
CA ALA A 79 8.36 5.28 0.60
C ALA A 79 7.83 6.71 0.79
N VAL A 80 7.77 7.46 -0.31
CA VAL A 80 7.30 8.85 -0.30
C VAL A 80 5.82 8.89 0.09
N ILE A 81 5.00 7.93 -0.44
CA ILE A 81 3.57 7.86 -0.12
C ILE A 81 3.36 7.60 1.39
N ILE A 82 3.94 6.53 1.91
CA ILE A 82 3.81 6.13 3.33
C ILE A 82 4.30 7.29 4.24
N TYR A 83 5.39 7.97 3.83
CA TYR A 83 5.94 9.12 4.57
C TYR A 83 4.92 10.29 4.62
N ASN A 84 4.35 10.60 3.45
CA ASN A 84 3.42 11.73 3.27
C ASN A 84 2.07 11.48 3.96
N ILE A 85 1.64 10.21 4.07
CA ILE A 85 0.44 9.84 4.82
C ILE A 85 0.72 9.91 6.33
N GLY A 86 1.78 9.20 6.78
CA GLY A 86 2.28 9.31 8.15
C GLY A 86 1.94 8.09 8.99
N LEU A 87 2.27 6.90 8.45
CA LEU A 87 2.12 5.63 9.18
C LEU A 87 3.38 5.41 10.04
N GLN A 88 3.15 4.98 11.29
CA GLN A 88 4.23 4.66 12.25
C GLN A 88 4.50 3.14 12.30
N ASN A 89 3.47 2.34 12.02
CA ASN A 89 3.56 0.87 12.01
C ASN A 89 3.26 0.37 10.60
N VAL A 90 4.27 -0.22 9.97
CA VAL A 90 4.21 -0.68 8.58
C VAL A 90 4.79 -2.10 8.44
N GLN A 91 4.33 -2.79 7.41
CA GLN A 91 4.81 -4.09 6.99
C GLN A 91 4.89 -4.08 5.45
N ALA A 92 5.88 -4.80 4.90
CA ALA A 92 6.00 -5.03 3.45
C ALA A 92 6.56 -6.42 3.19
N GLY A 93 6.52 -6.85 1.91
CA GLY A 93 7.14 -8.09 1.50
C GLY A 93 8.63 -7.86 1.29
N VAL A 94 8.93 -6.85 0.46
CA VAL A 94 10.30 -6.43 0.16
C VAL A 94 10.43 -4.91 0.23
N VAL A 95 11.68 -4.43 0.29
CA VAL A 95 12.00 -3.00 0.23
C VAL A 95 13.35 -2.77 -0.50
N SER A 96 13.51 -1.55 -1.06
CA SER A 96 14.78 -1.08 -1.63
C SER A 96 15.68 -0.48 -0.52
N GLN A 97 16.97 -0.23 -0.83
CA GLN A 97 17.97 0.21 0.20
C GLN A 97 17.59 1.60 0.78
N PRO A 98 17.51 2.71 -0.04
CA PRO A 98 17.29 4.07 0.51
C PRO A 98 15.88 4.23 1.11
N ALA A 99 14.93 3.38 0.64
CA ALA A 99 13.54 3.39 1.14
C ALA A 99 13.50 2.82 2.58
N LYS A 100 14.18 1.69 2.80
CA LYS A 100 14.30 1.08 4.15
C LYS A 100 15.00 2.05 5.09
N ASP A 101 16.16 2.55 4.59
CA ASP A 101 17.02 3.51 5.26
C ASP A 101 16.21 4.75 5.70
N PHE A 102 15.36 5.26 4.79
CA PHE A 102 14.51 6.45 5.00
C PHE A 102 13.40 6.20 6.06
N LEU A 103 12.70 5.08 5.88
CA LEU A 103 11.56 4.64 6.71
C LEU A 103 11.96 4.52 8.20
N GLU A 104 13.01 3.74 8.44
CA GLU A 104 13.54 3.52 9.80
C GLU A 104 14.20 4.81 10.35
N SER A 105 14.67 5.66 9.42
CA SER A 105 15.33 6.95 9.76
C SER A 105 14.31 7.98 10.26
N ARG A 106 13.09 7.91 9.71
CA ARG A 106 11.96 8.75 10.17
C ARG A 106 11.36 8.20 11.48
N GLY A 107 11.92 7.05 11.94
CA GLY A 107 11.50 6.40 13.18
C GLY A 107 10.25 5.56 13.01
N ILE A 108 9.96 5.16 11.74
CA ILE A 108 8.79 4.34 11.44
C ILE A 108 9.14 2.87 11.68
N LYS A 109 8.33 2.20 12.51
CA LYS A 109 8.48 0.79 12.89
C LYS A 109 7.97 -0.09 11.75
N VAL A 110 8.90 -0.60 10.93
CA VAL A 110 8.55 -1.37 9.72
C VAL A 110 9.03 -2.83 9.81
N ALA A 111 8.25 -3.75 9.22
CA ALA A 111 8.60 -5.19 9.10
C ALA A 111 8.65 -5.61 7.62
N TYR A 112 9.86 -5.66 7.06
CA TYR A 112 10.13 -5.99 5.64
C TYR A 112 11.56 -6.55 5.50
N LYS A 113 11.95 -6.95 4.27
CA LYS A 113 13.31 -7.46 3.97
C LYS A 113 13.90 -6.80 2.71
N LYS A 114 15.26 -6.74 2.65
CA LYS A 114 16.00 -6.20 1.49
C LYS A 114 17.35 -6.93 1.36
N LEU A 115 17.77 -7.15 0.09
CA LEU A 115 19.17 -7.43 -0.22
C LEU A 115 19.57 -6.55 -1.42
N VAL A 116 20.12 -5.38 -1.10
CA VAL A 116 20.70 -4.39 -2.03
C VAL A 116 21.66 -3.47 -1.25
N GLU A 117 22.49 -2.72 -1.98
CA GLU A 117 23.40 -1.71 -1.42
C GLU A 117 23.08 -0.32 -2.04
N LYS A 118 22.55 -0.35 -3.27
CA LYS A 118 22.26 0.83 -4.09
C LYS A 118 21.19 0.49 -5.13
N ILE A 119 20.20 1.38 -5.31
CA ILE A 119 19.26 1.31 -6.43
C ILE A 119 19.79 2.26 -7.51
N ASN A 120 20.00 1.72 -8.72
CA ASN A 120 20.67 2.43 -9.84
C ASN A 120 19.80 3.58 -10.37
N ASP A 121 19.90 4.73 -9.71
CA ASP A 121 19.27 5.98 -10.15
C ASP A 121 20.10 7.15 -9.62
N ARG A 122 20.11 8.25 -10.39
CA ARG A 122 20.88 9.48 -10.06
C ARG A 122 20.30 10.20 -8.82
N ALA A 123 19.07 9.79 -8.41
CA ALA A 123 18.40 10.30 -7.20
C ALA A 123 19.23 10.00 -5.95
N GLU A 124 19.67 8.73 -5.77
CA GLU A 124 20.42 8.31 -4.55
C GLU A 124 21.71 9.13 -4.37
N SER A 125 22.34 9.47 -5.50
CA SER A 125 23.56 10.28 -5.55
C SER A 125 23.30 11.76 -5.17
N LEU A 126 22.04 12.20 -5.34
CA LEU A 126 21.61 13.59 -5.08
C LEU A 126 21.08 13.75 -3.63
N ILE A 127 20.48 12.67 -3.08
CA ILE A 127 19.85 12.68 -1.74
C ILE A 127 20.90 12.87 -0.62
N GLU A 128 21.18 14.13 -0.31
CA GLU A 128 21.96 14.49 0.88
C GLU A 128 21.03 14.49 2.10
N SER A 129 19.90 15.19 1.93
CA SER A 129 18.91 15.40 2.97
C SER A 129 17.64 14.59 2.64
N LEU A 130 17.05 13.97 3.69
CA LEU A 130 15.83 13.15 3.59
C LEU A 130 14.56 14.00 3.87
N GLU A 131 14.75 15.31 4.12
CA GLU A 131 13.67 16.24 4.53
C GLU A 131 13.05 17.01 3.35
N ASN A 132 13.32 16.51 2.14
CA ASN A 132 12.90 17.13 0.88
C ASN A 132 12.51 16.07 -0.18
N PRO A 133 11.58 15.09 0.12
CA PRO A 133 11.28 13.96 -0.81
C PRO A 133 10.53 14.39 -2.12
N GLU A 134 10.31 15.71 -2.29
CA GLU A 134 9.64 16.29 -3.49
C GLU A 134 10.55 16.25 -4.72
N GLU A 135 11.85 16.47 -4.54
CA GLU A 135 12.82 16.51 -5.67
C GLU A 135 13.02 15.12 -6.28
N VAL A 136 13.14 14.14 -5.40
CA VAL A 136 13.14 12.71 -5.78
C VAL A 136 11.78 12.22 -6.26
N TYR A 137 10.68 12.78 -5.70
CA TYR A 137 9.31 12.49 -6.20
C TYR A 137 9.19 12.86 -7.69
N LYS A 138 9.88 13.94 -8.10
CA LYS A 138 9.95 14.39 -9.50
C LYS A 138 10.83 13.43 -10.32
N TYR A 139 11.97 13.00 -9.73
CA TYR A 139 12.88 12.01 -10.37
C TYR A 139 12.20 10.62 -10.45
N MET A 140 11.29 10.36 -9.53
CA MET A 140 10.52 9.11 -9.43
C MET A 140 9.72 8.87 -10.74
N ILE A 141 9.30 9.99 -11.36
CA ILE A 141 8.63 10.01 -12.66
C ILE A 141 9.66 9.70 -13.78
N LYS A 142 10.85 10.31 -13.65
CA LYS A 142 11.96 10.19 -14.63
C LYS A 142 12.44 8.73 -14.77
N ARG A 143 12.68 8.07 -13.61
CA ARG A 143 13.08 6.65 -13.55
C ARG A 143 11.85 5.74 -13.79
N GLY A 144 10.64 6.31 -13.58
CA GLY A 144 9.37 5.64 -13.87
C GLY A 144 8.98 4.57 -12.85
N ILE A 145 9.52 4.69 -11.62
CA ILE A 145 9.28 3.70 -10.53
C ILE A 145 7.95 3.98 -9.79
N ILE A 146 7.13 4.91 -10.32
CA ILE A 146 5.74 5.15 -9.86
C ILE A 146 4.79 4.16 -10.56
N VAL A 147 5.13 3.84 -11.82
CA VAL A 147 4.34 2.94 -12.65
C VAL A 147 5.02 1.57 -12.68
N ASN A 148 4.53 0.64 -11.84
CA ASN A 148 5.03 -0.73 -11.75
C ASN A 148 4.24 -1.62 -12.74
N ASN A 149 4.98 -2.20 -13.69
CA ASN A 149 4.43 -2.98 -14.80
C ASN A 149 5.55 -3.84 -15.42
N LEU A 150 5.31 -5.14 -15.45
CA LEU A 150 6.23 -6.11 -16.07
C LEU A 150 5.77 -6.29 -17.54
N MET A 1 -10.97 -59.25 54.17
CA MET A 1 -11.08 -57.79 54.45
C MET A 1 -10.54 -57.00 53.24
N ALA A 2 -11.44 -56.66 52.31
CA ALA A 2 -11.13 -55.96 51.05
C ALA A 2 -12.44 -55.54 50.39
N HIS A 3 -12.66 -54.22 50.27
CA HIS A 3 -13.92 -53.67 49.73
C HIS A 3 -13.63 -52.70 48.57
N HIS A 4 -13.90 -53.12 47.34
CA HIS A 4 -13.83 -52.26 46.15
C HIS A 4 -15.23 -52.15 45.55
N HIS A 5 -15.85 -50.99 45.72
CA HIS A 5 -17.15 -50.69 45.11
C HIS A 5 -16.95 -50.02 43.75
N HIS A 6 -17.80 -50.36 42.77
CA HIS A 6 -17.83 -49.69 41.45
C HIS A 6 -19.11 -48.86 41.36
N HIS A 7 -18.98 -47.54 41.41
CA HIS A 7 -20.11 -46.62 41.37
C HIS A 7 -20.16 -45.92 40.00
N HIS A 8 -21.04 -46.40 39.11
CA HIS A 8 -21.25 -45.79 37.79
C HIS A 8 -22.12 -44.53 37.93
N MET A 9 -21.83 -43.51 37.11
CA MET A 9 -22.53 -42.20 37.14
C MET A 9 -22.98 -41.80 35.71
N GLY A 10 -23.93 -40.84 35.65
CA GLY A 10 -24.45 -40.34 34.37
C GLY A 10 -23.45 -39.42 33.68
N THR A 11 -23.11 -39.74 32.42
CA THR A 11 -22.15 -38.97 31.64
C THR A 11 -22.87 -38.00 30.69
N LEU A 12 -22.88 -36.71 31.06
CA LEU A 12 -23.37 -35.61 30.20
C LEU A 12 -22.40 -35.37 29.01
N GLU A 13 -22.92 -34.82 27.91
CA GLU A 13 -22.15 -34.58 26.67
C GLU A 13 -22.88 -33.56 25.77
N ALA A 14 -22.85 -32.29 26.20
CA ALA A 14 -23.48 -31.17 25.47
C ALA A 14 -22.64 -30.81 24.22
N GLN A 15 -23.33 -30.51 23.11
CA GLN A 15 -22.69 -30.25 21.79
C GLN A 15 -22.70 -28.75 21.45
N THR A 16 -21.56 -28.25 20.97
CA THR A 16 -21.38 -26.86 20.51
C THR A 16 -20.53 -26.87 19.23
N GLN A 17 -21.12 -26.43 18.10
CA GLN A 17 -20.46 -26.42 16.78
C GLN A 17 -19.50 -25.22 16.68
N GLY A 18 -20.06 -24.00 16.83
CA GLY A 18 -19.31 -22.76 16.69
C GLY A 18 -19.47 -22.12 15.31
N PRO A 19 -18.75 -20.98 15.02
CA PRO A 19 -18.85 -20.27 13.72
C PRO A 19 -17.93 -20.87 12.64
N GLY A 20 -18.27 -20.58 11.36
CA GLY A 20 -17.47 -21.04 10.21
C GLY A 20 -16.15 -20.30 10.07
N SER A 21 -15.04 -21.05 9.86
CA SER A 21 -13.68 -20.48 9.74
C SER A 21 -13.55 -19.60 8.48
N MET A 22 -13.02 -18.38 8.66
CA MET A 22 -12.83 -17.42 7.56
C MET A 22 -11.60 -17.81 6.72
N ILE A 23 -11.86 -18.39 5.54
CA ILE A 23 -10.83 -18.74 4.53
C ILE A 23 -10.92 -17.74 3.36
N SER A 24 -9.77 -17.35 2.81
CA SER A 24 -9.68 -16.43 1.66
C SER A 24 -8.80 -17.08 0.58
N GLY A 25 -9.30 -17.07 -0.67
CA GLY A 25 -8.55 -17.58 -1.82
C GLY A 25 -7.73 -16.49 -2.51
N LEU A 26 -7.83 -15.25 -2.00
CA LEU A 26 -7.11 -14.08 -2.52
C LEU A 26 -6.18 -13.51 -1.45
N ASN A 27 -5.00 -13.04 -1.87
CA ASN A 27 -4.06 -12.31 -1.00
C ASN A 27 -4.00 -10.83 -1.42
N PRO A 28 -4.15 -9.89 -0.44
CA PRO A 28 -4.07 -8.45 -0.68
C PRO A 28 -2.60 -7.93 -0.67
N THR A 29 -2.19 -7.29 -1.78
CA THR A 29 -0.85 -6.66 -1.87
C THR A 29 -0.82 -5.31 -1.10
N LEU A 30 -2.02 -4.75 -0.86
CA LEU A 30 -2.19 -3.55 -0.05
C LEU A 30 -3.26 -3.86 1.00
N ARG A 31 -2.85 -4.16 2.22
CA ARG A 31 -3.75 -4.51 3.32
C ARG A 31 -3.59 -3.50 4.46
N LEU A 32 -4.67 -3.22 5.17
CA LEU A 32 -4.66 -2.35 6.34
C LEU A 32 -5.09 -3.17 7.57
N PHE A 33 -4.28 -3.12 8.63
CA PHE A 33 -4.60 -3.72 9.92
C PHE A 33 -4.93 -2.61 10.93
N LYS A 34 -5.83 -2.94 11.84
CA LYS A 34 -6.18 -2.11 13.00
C LYS A 34 -6.18 -3.05 14.22
N ASP A 35 -5.25 -2.79 15.17
CA ASP A 35 -5.07 -3.62 16.38
C ASP A 35 -4.70 -5.06 15.99
N HIS A 36 -3.86 -5.15 14.95
CA HIS A 36 -3.29 -6.40 14.37
C HIS A 36 -4.35 -7.26 13.68
N LYS A 37 -5.54 -6.68 13.46
CA LYS A 37 -6.69 -7.38 12.85
C LYS A 37 -6.97 -6.76 11.48
N ILE A 38 -7.36 -7.59 10.49
CA ILE A 38 -7.69 -7.10 9.13
C ILE A 38 -8.81 -6.04 9.20
N LEU A 39 -8.41 -4.79 8.92
CA LEU A 39 -9.33 -3.64 8.81
C LEU A 39 -9.80 -3.53 7.34
N TYR A 40 -8.86 -3.77 6.42
CA TYR A 40 -9.09 -3.68 4.98
C TYR A 40 -8.10 -4.61 4.25
N SER A 41 -8.49 -5.08 3.06
CA SER A 41 -7.65 -5.92 2.20
C SER A 41 -7.96 -5.58 0.74
N ASN A 42 -6.96 -5.09 0.00
CA ASN A 42 -7.15 -4.62 -1.37
C ASN A 42 -5.84 -4.76 -2.19
N MET A 43 -5.94 -4.44 -3.47
CA MET A 43 -4.80 -4.31 -4.39
C MET A 43 -4.90 -2.98 -5.15
N GLU A 44 -3.76 -2.50 -5.70
CA GLU A 44 -3.71 -1.26 -6.51
C GLU A 44 -4.45 -1.42 -7.85
N ARG A 45 -4.64 -2.68 -8.22
CA ARG A 45 -5.27 -3.09 -9.47
C ARG A 45 -6.80 -3.00 -9.29
N GLY A 46 -7.47 -2.28 -10.19
CA GLY A 46 -8.94 -2.17 -10.17
C GLY A 46 -9.42 -0.82 -9.65
N LEU A 47 -9.54 -0.69 -8.31
CA LEU A 47 -10.15 0.49 -7.68
C LEU A 47 -9.70 0.61 -6.20
N LYS A 48 -9.62 1.86 -5.72
CA LYS A 48 -9.05 2.23 -4.39
C LYS A 48 -7.55 1.81 -4.24
N PRO A 49 -6.62 2.28 -5.14
CA PRO A 49 -5.17 2.05 -4.95
C PRO A 49 -4.58 2.87 -3.77
N LEU A 50 -3.25 2.83 -3.67
CA LEU A 50 -2.47 3.59 -2.65
C LEU A 50 -2.73 5.10 -2.81
N LEU A 51 -3.01 5.50 -4.06
CA LEU A 51 -3.40 6.86 -4.42
C LEU A 51 -4.72 7.25 -3.73
N GLU A 52 -5.76 6.41 -3.89
CA GLU A 52 -7.12 6.72 -3.39
C GLU A 52 -7.25 6.61 -1.87
N VAL A 53 -6.57 5.63 -1.26
CA VAL A 53 -6.59 5.49 0.21
C VAL A 53 -5.94 6.72 0.89
N ASP A 54 -4.91 7.30 0.21
CA ASP A 54 -4.29 8.58 0.61
C ASP A 54 -5.23 9.76 0.34
N ASN A 55 -5.86 9.71 -0.85
CA ASN A 55 -6.61 10.85 -1.42
C ASN A 55 -7.83 11.17 -0.53
N PHE A 56 -8.25 10.19 0.29
CA PHE A 56 -9.20 10.43 1.38
C PHE A 56 -8.68 9.79 2.68
N ILE A 57 -7.54 10.32 3.21
CA ILE A 57 -7.08 9.98 4.59
C ILE A 57 -8.04 10.58 5.64
N ASN A 58 -8.44 11.84 5.43
CA ASN A 58 -9.32 12.56 6.38
C ASN A 58 -10.71 11.87 6.52
N LYS A 59 -11.14 11.21 5.42
CA LYS A 59 -12.42 10.47 5.37
C LYS A 59 -12.26 9.02 5.85
N TYR A 60 -11.29 8.29 5.27
CA TYR A 60 -11.11 6.84 5.51
C TYR A 60 -10.62 6.60 6.94
N ILE A 61 -9.65 7.43 7.34
CA ILE A 61 -8.95 7.34 8.63
C ILE A 61 -9.51 8.42 9.58
N GLN A 62 -10.84 8.55 9.57
CA GLN A 62 -11.58 9.50 10.41
C GLN A 62 -11.26 9.29 11.92
N ASN A 63 -11.13 8.02 12.32
CA ASN A 63 -10.82 7.63 13.72
C ASN A 63 -9.84 6.43 13.74
N LYS A 64 -9.18 6.17 12.59
CA LYS A 64 -8.33 4.97 12.40
C LYS A 64 -6.88 5.28 12.79
N GLU A 65 -6.72 5.98 13.92
CA GLU A 65 -5.42 6.33 14.49
C GLU A 65 -4.77 5.07 15.07
N GLY A 66 -3.48 4.88 14.80
CA GLY A 66 -2.78 3.63 15.11
C GLY A 66 -2.93 2.63 13.99
N LEU A 67 -3.10 3.16 12.75
CA LEU A 67 -3.27 2.35 11.54
C LEU A 67 -1.97 1.62 11.20
N GLU A 68 -2.12 0.39 10.72
CA GLU A 68 -1.02 -0.43 10.23
C GLU A 68 -1.29 -0.74 8.74
N ILE A 69 -0.24 -0.77 7.92
CA ILE A 69 -0.37 -1.07 6.47
C ILE A 69 0.53 -2.26 6.09
N TYR A 70 0.21 -2.88 4.96
CA TYR A 70 0.96 -4.00 4.40
C TYR A 70 1.11 -3.78 2.89
N ASP A 71 2.32 -3.40 2.48
CA ASP A 71 2.72 -3.35 1.08
C ASP A 71 3.38 -4.69 0.70
N LYS A 72 3.73 -4.88 -0.59
CA LYS A 72 4.47 -6.08 -1.04
C LYS A 72 5.93 -5.70 -1.28
N VAL A 73 6.15 -4.82 -2.27
CA VAL A 73 7.45 -4.22 -2.56
C VAL A 73 7.44 -2.75 -2.13
N VAL A 74 8.51 -2.30 -1.43
CA VAL A 74 8.68 -0.87 -1.07
C VAL A 74 9.95 -0.31 -1.72
N GLY A 75 9.79 0.21 -2.95
CA GLY A 75 10.84 0.95 -3.64
C GLY A 75 10.81 2.42 -3.25
N LYS A 76 11.43 3.30 -4.07
CA LYS A 76 11.50 4.75 -3.76
C LYS A 76 10.11 5.41 -3.89
N ALA A 77 9.32 4.96 -4.88
CA ALA A 77 7.91 5.37 -5.07
C ALA A 77 7.01 4.95 -3.90
N ALA A 78 7.12 3.69 -3.49
CA ALA A 78 6.36 3.17 -2.34
C ALA A 78 6.80 3.87 -1.05
N ALA A 79 8.11 4.25 -0.99
CA ALA A 79 8.70 4.99 0.15
C ALA A 79 8.08 6.40 0.27
N VAL A 80 8.08 7.15 -0.85
CA VAL A 80 7.52 8.53 -0.87
C VAL A 80 6.02 8.48 -0.54
N ILE A 81 5.31 7.45 -1.07
CA ILE A 81 3.88 7.26 -0.79
C ILE A 81 3.62 7.02 0.71
N ILE A 82 4.26 6.00 1.31
CA ILE A 82 4.06 5.64 2.74
C ILE A 82 4.44 6.84 3.65
N TYR A 83 5.50 7.56 3.26
CA TYR A 83 5.99 8.74 4.00
C TYR A 83 5.01 9.94 3.87
N ASN A 84 4.39 10.09 2.68
CA ASN A 84 3.42 11.17 2.38
C ASN A 84 2.11 10.95 3.12
N ILE A 85 1.63 9.69 3.12
CA ILE A 85 0.41 9.29 3.83
C ILE A 85 0.63 9.47 5.34
N GLY A 86 1.73 8.91 5.83
CA GLY A 86 2.20 9.13 7.20
C GLY A 86 1.75 8.01 8.11
N LEU A 87 2.18 6.80 7.76
CA LEU A 87 1.93 5.58 8.58
C LEU A 87 2.93 5.51 9.75
N GLN A 88 2.56 4.73 10.77
CA GLN A 88 3.37 4.52 11.98
C GLN A 88 3.75 3.03 12.14
N ASN A 89 2.86 2.15 11.66
CA ASN A 89 3.05 0.69 11.68
C ASN A 89 2.90 0.17 10.25
N VAL A 90 3.96 -0.45 9.72
CA VAL A 90 3.98 -0.96 8.33
C VAL A 90 4.54 -2.39 8.29
N GLN A 91 4.16 -3.15 7.27
CA GLN A 91 4.74 -4.45 6.95
C GLN A 91 4.85 -4.55 5.41
N ALA A 92 5.95 -5.14 4.91
CA ALA A 92 6.14 -5.40 3.47
C ALA A 92 6.89 -6.71 3.28
N GLY A 93 6.93 -7.22 2.04
CA GLY A 93 7.68 -8.43 1.71
C GLY A 93 9.13 -8.09 1.49
N VAL A 94 9.36 -7.11 0.60
CA VAL A 94 10.69 -6.58 0.29
C VAL A 94 10.67 -5.05 0.31
N VAL A 95 11.87 -4.48 0.47
CA VAL A 95 12.09 -3.03 0.48
C VAL A 95 13.47 -2.71 -0.12
N SER A 96 13.69 -1.44 -0.49
CA SER A 96 15.01 -0.90 -0.81
C SER A 96 15.71 -0.50 0.51
N GLN A 97 17.05 -0.56 0.55
CA GLN A 97 17.85 -0.26 1.75
C GLN A 97 17.61 1.22 2.21
N PRO A 98 17.75 2.28 1.33
CA PRO A 98 17.52 3.70 1.75
C PRO A 98 16.06 3.94 2.19
N ALA A 99 15.09 3.33 1.48
CA ALA A 99 13.64 3.46 1.79
C ALA A 99 13.37 2.99 3.23
N LYS A 100 13.84 1.76 3.49
CA LYS A 100 13.80 1.12 4.81
C LYS A 100 14.40 2.03 5.89
N ASP A 101 15.60 2.52 5.58
CA ASP A 101 16.38 3.39 6.45
C ASP A 101 15.57 4.63 6.87
N PHE A 102 14.90 5.28 5.90
CA PHE A 102 14.16 6.54 6.15
C PHE A 102 12.87 6.28 6.95
N LEU A 103 12.17 5.18 6.61
CA LEU A 103 10.91 4.78 7.28
C LEU A 103 11.16 4.52 8.79
N GLU A 104 12.11 3.63 9.08
CA GLU A 104 12.46 3.26 10.48
C GLU A 104 13.13 4.44 11.22
N SER A 105 13.73 5.35 10.45
CA SER A 105 14.37 6.59 10.99
C SER A 105 13.31 7.60 11.44
N ARG A 106 12.20 7.68 10.68
CA ARG A 106 11.04 8.53 11.04
C ARG A 106 10.24 7.95 12.22
N GLY A 107 10.69 6.79 12.72
CA GLY A 107 10.05 6.13 13.85
C GLY A 107 8.96 5.19 13.40
N ILE A 108 8.82 5.01 12.08
CA ILE A 108 7.78 4.16 11.51
C ILE A 108 8.21 2.71 11.76
N LYS A 109 7.51 2.02 12.68
CA LYS A 109 7.83 0.64 13.05
C LYS A 109 7.35 -0.30 11.94
N VAL A 110 8.32 -0.84 11.19
CA VAL A 110 8.03 -1.65 10.00
C VAL A 110 8.60 -3.08 10.11
N ALA A 111 7.93 -4.04 9.46
CA ALA A 111 8.44 -5.43 9.29
C ALA A 111 8.61 -5.78 7.79
N TYR A 112 9.87 -5.70 7.28
CA TYR A 112 10.21 -5.93 5.86
C TYR A 112 11.69 -6.31 5.71
N LYS A 113 12.08 -6.81 4.52
CA LYS A 113 13.43 -7.34 4.27
C LYS A 113 14.00 -6.76 2.96
N LYS A 114 15.35 -6.82 2.80
CA LYS A 114 16.03 -6.21 1.63
C LYS A 114 17.36 -6.94 1.36
N LEU A 115 17.71 -7.07 0.07
CA LEU A 115 19.10 -7.29 -0.33
C LEU A 115 19.40 -6.36 -1.51
N VAL A 116 19.91 -5.18 -1.15
CA VAL A 116 20.43 -4.13 -2.04
C VAL A 116 21.35 -3.25 -1.18
N GLU A 117 21.99 -2.27 -1.81
CA GLU A 117 22.85 -1.30 -1.12
C GLU A 117 22.37 0.13 -1.40
N LYS A 118 22.35 0.52 -2.69
CA LYS A 118 22.04 1.90 -3.12
C LYS A 118 21.56 1.89 -4.59
N ILE A 119 20.73 2.90 -4.94
CA ILE A 119 20.04 2.96 -6.25
C ILE A 119 21.00 3.48 -7.35
N ASN A 120 21.19 2.64 -8.39
CA ASN A 120 22.06 2.93 -9.54
C ASN A 120 21.40 3.94 -10.50
N ASP A 121 21.55 5.22 -10.18
CA ASP A 121 21.11 6.33 -11.03
C ASP A 121 22.02 7.53 -10.77
N ARG A 122 22.00 8.55 -11.65
CA ARG A 122 22.83 9.76 -11.47
C ARG A 122 22.31 10.61 -10.29
N ALA A 123 21.02 10.43 -9.97
CA ALA A 123 20.34 11.07 -8.80
C ALA A 123 21.06 10.80 -7.46
N GLU A 124 21.74 9.65 -7.40
CA GLU A 124 22.60 9.23 -6.27
C GLU A 124 23.65 10.31 -5.92
N SER A 125 24.28 10.86 -6.96
CA SER A 125 25.35 11.86 -6.85
C SER A 125 24.79 13.31 -6.81
N LEU A 126 23.48 13.53 -7.07
CA LEU A 126 22.92 14.91 -7.16
C LEU A 126 22.10 15.23 -5.91
N ILE A 127 21.12 14.37 -5.59
CA ILE A 127 20.19 14.60 -4.46
C ILE A 127 20.93 14.36 -3.13
N GLU A 128 20.99 15.43 -2.32
CA GLU A 128 21.58 15.39 -0.97
C GLU A 128 20.50 15.02 0.04
N SER A 129 19.39 15.80 0.02
CA SER A 129 18.22 15.56 0.87
C SER A 129 17.21 14.64 0.15
N LEU A 130 17.37 13.32 0.40
CA LEU A 130 16.41 12.28 -0.08
C LEU A 130 15.07 12.35 0.70
N GLU A 131 15.07 13.19 1.76
CA GLU A 131 13.93 13.41 2.66
C GLU A 131 12.87 14.32 2.03
N ASN A 132 13.21 14.99 0.91
CA ASN A 132 12.28 15.89 0.18
C ASN A 132 11.54 15.08 -0.90
N PRO A 133 10.20 14.83 -0.74
CA PRO A 133 9.40 14.07 -1.74
C PRO A 133 9.44 14.71 -3.13
N GLU A 134 9.23 16.04 -3.20
CA GLU A 134 9.19 16.81 -4.43
C GLU A 134 10.43 16.61 -5.32
N GLU A 135 11.62 16.62 -4.65
CA GLU A 135 12.90 16.45 -5.34
C GLU A 135 13.05 15.05 -5.91
N VAL A 136 12.85 14.03 -5.06
CA VAL A 136 13.14 12.64 -5.41
C VAL A 136 12.11 12.08 -6.39
N TYR A 137 10.86 12.55 -6.26
CA TYR A 137 9.72 12.11 -7.08
C TYR A 137 9.94 12.44 -8.57
N LYS A 138 10.57 13.60 -8.82
CA LYS A 138 10.94 14.06 -10.16
C LYS A 138 12.00 13.12 -10.79
N TYR A 139 12.97 12.73 -9.98
CA TYR A 139 14.09 11.86 -10.41
C TYR A 139 13.63 10.39 -10.56
N MET A 140 12.61 10.01 -9.77
CA MET A 140 11.87 8.73 -9.89
C MET A 140 11.16 8.58 -11.26
N ILE A 141 10.78 9.72 -11.87
CA ILE A 141 10.20 9.74 -13.24
C ILE A 141 11.29 9.38 -14.27
N LYS A 142 12.51 9.92 -14.06
CA LYS A 142 13.67 9.68 -14.95
C LYS A 142 14.22 8.24 -14.79
N ARG A 143 14.20 7.73 -13.55
CA ARG A 143 14.63 6.35 -13.24
C ARG A 143 13.52 5.36 -13.69
N GLY A 144 12.30 5.91 -13.84
CA GLY A 144 11.17 5.18 -14.38
C GLY A 144 10.57 4.15 -13.44
N ILE A 145 10.50 4.48 -12.15
CA ILE A 145 9.90 3.60 -11.11
C ILE A 145 8.49 4.06 -10.70
N ILE A 146 7.96 5.08 -11.41
CA ILE A 146 6.53 5.50 -11.33
C ILE A 146 5.96 5.86 -12.71
N VAL A 147 6.82 6.40 -13.60
CA VAL A 147 6.44 6.91 -14.92
C VAL A 147 7.47 6.42 -15.94
N ASN A 148 7.01 5.93 -17.11
CA ASN A 148 7.91 5.50 -18.20
C ASN A 148 8.74 6.69 -18.72
N ASN A 149 9.90 6.37 -19.33
CA ASN A 149 10.87 7.35 -19.86
C ASN A 149 10.31 8.03 -21.12
N LEU A 150 9.45 9.04 -20.88
CA LEU A 150 8.86 9.88 -21.93
C LEU A 150 9.89 10.89 -22.50
N MET A 1 -37.17 -69.22 37.11
CA MET A 1 -35.89 -68.55 36.79
C MET A 1 -35.67 -67.35 37.74
N ALA A 2 -34.53 -66.64 37.57
CA ALA A 2 -34.13 -65.52 38.42
C ALA A 2 -35.17 -64.38 38.42
N HIS A 3 -35.54 -63.92 37.20
CA HIS A 3 -36.70 -63.02 36.94
C HIS A 3 -36.54 -61.59 37.57
N HIS A 4 -35.44 -61.34 38.29
CA HIS A 4 -35.18 -60.03 38.89
C HIS A 4 -34.54 -59.12 37.84
N HIS A 5 -35.07 -57.91 37.68
CA HIS A 5 -34.65 -56.97 36.64
C HIS A 5 -34.76 -55.54 37.17
N HIS A 6 -33.81 -54.70 36.78
CA HIS A 6 -33.72 -53.31 37.25
C HIS A 6 -32.96 -52.46 36.23
N HIS A 7 -33.57 -51.35 35.79
CA HIS A 7 -32.93 -50.35 34.92
C HIS A 7 -33.32 -48.95 35.38
N HIS A 8 -32.32 -48.13 35.73
CA HIS A 8 -32.50 -46.75 36.15
C HIS A 8 -31.66 -45.84 35.23
N MET A 9 -32.31 -45.33 34.17
CA MET A 9 -31.70 -44.39 33.22
C MET A 9 -32.64 -43.19 33.07
N GLY A 10 -32.22 -42.03 33.60
CA GLY A 10 -33.03 -40.83 33.57
C GLY A 10 -32.19 -39.60 33.89
N THR A 11 -31.32 -39.24 32.93
CA THR A 11 -30.39 -38.11 33.06
C THR A 11 -30.62 -37.08 31.93
N LEU A 12 -30.48 -35.79 32.28
CA LEU A 12 -30.58 -34.67 31.33
C LEU A 12 -29.20 -34.04 31.10
N GLU A 13 -29.03 -33.43 29.93
CA GLU A 13 -27.80 -32.73 29.54
C GLU A 13 -28.10 -31.86 28.31
N ALA A 14 -28.16 -30.54 28.50
CA ALA A 14 -28.48 -29.58 27.45
C ALA A 14 -27.23 -28.74 27.10
N GLN A 15 -26.33 -29.36 26.33
CA GLN A 15 -25.07 -28.72 25.85
C GLN A 15 -25.33 -27.89 24.58
N THR A 16 -24.33 -27.10 24.15
CA THR A 16 -24.46 -26.18 23.00
C THR A 16 -23.09 -25.90 22.37
N GLN A 17 -23.13 -25.46 21.09
CA GLN A 17 -21.94 -25.13 20.29
C GLN A 17 -22.03 -23.68 19.77
N GLY A 18 -21.00 -23.24 19.02
CA GLY A 18 -20.92 -21.89 18.46
C GLY A 18 -20.64 -21.87 16.96
N PRO A 19 -20.74 -20.68 16.29
CA PRO A 19 -20.46 -20.54 14.84
C PRO A 19 -18.95 -20.59 14.52
N GLY A 20 -18.63 -20.75 13.23
CA GLY A 20 -17.24 -20.85 12.79
C GLY A 20 -16.52 -19.51 12.85
N SER A 21 -16.90 -18.61 11.91
CA SER A 21 -16.36 -17.24 11.78
C SER A 21 -14.83 -17.25 11.52
N MET A 22 -14.43 -17.04 10.25
CA MET A 22 -13.01 -17.06 9.85
C MET A 22 -12.81 -16.20 8.59
N ILE A 23 -11.52 -15.96 8.25
CA ILE A 23 -11.15 -15.36 6.97
C ILE A 23 -11.41 -16.39 5.85
N SER A 24 -12.27 -16.02 4.89
CA SER A 24 -12.67 -16.90 3.77
C SER A 24 -11.45 -17.32 2.88
N GLY A 25 -10.38 -16.54 2.96
CA GLY A 25 -9.11 -16.84 2.28
C GLY A 25 -8.75 -15.75 1.30
N LEU A 26 -7.88 -14.82 1.73
CA LEU A 26 -7.37 -13.74 0.89
C LEU A 26 -6.10 -13.16 1.51
N ASN A 27 -4.94 -13.44 0.90
CA ASN A 27 -3.68 -12.79 1.24
C ASN A 27 -3.59 -11.45 0.47
N PRO A 28 -3.75 -10.28 1.17
CA PRO A 28 -3.73 -8.96 0.50
C PRO A 28 -2.29 -8.43 0.33
N THR A 29 -2.05 -7.69 -0.74
CA THR A 29 -0.76 -7.00 -0.97
C THR A 29 -0.86 -5.55 -0.49
N LEU A 30 -2.11 -5.07 -0.33
CA LEU A 30 -2.46 -3.86 0.40
C LEU A 30 -3.33 -4.28 1.61
N ARG A 31 -2.78 -4.18 2.83
CA ARG A 31 -3.52 -4.54 4.07
C ARG A 31 -3.62 -3.33 5.00
N LEU A 32 -4.74 -3.23 5.72
CA LEU A 32 -4.90 -2.38 6.90
C LEU A 32 -5.19 -3.31 8.07
N PHE A 33 -4.40 -3.21 9.13
CA PHE A 33 -4.39 -4.17 10.25
C PHE A 33 -4.53 -3.39 11.57
N LYS A 34 -5.64 -3.61 12.29
CA LYS A 34 -5.93 -2.92 13.55
C LYS A 34 -6.73 -3.83 14.48
N ASP A 35 -6.52 -3.70 15.80
CA ASP A 35 -7.17 -4.51 16.85
C ASP A 35 -6.81 -6.01 16.69
N HIS A 36 -5.55 -6.25 16.26
CA HIS A 36 -4.96 -7.60 16.02
C HIS A 36 -5.79 -8.39 14.99
N LYS A 37 -6.44 -7.65 14.09
CA LYS A 37 -7.34 -8.19 13.08
C LYS A 37 -7.07 -7.48 11.76
N ILE A 38 -7.17 -8.22 10.65
CA ILE A 38 -7.10 -7.63 9.31
C ILE A 38 -8.40 -6.83 9.06
N LEU A 39 -8.25 -5.51 9.11
CA LEU A 39 -9.37 -4.56 9.01
C LEU A 39 -9.78 -4.43 7.52
N TYR A 40 -8.77 -4.35 6.64
CA TYR A 40 -8.97 -4.28 5.19
C TYR A 40 -7.95 -5.18 4.48
N SER A 41 -8.41 -5.89 3.44
CA SER A 41 -7.60 -6.82 2.66
C SER A 41 -7.90 -6.62 1.17
N ASN A 42 -6.95 -6.04 0.45
CA ASN A 42 -7.08 -5.73 -0.97
C ASN A 42 -5.70 -5.90 -1.66
N MET A 43 -5.65 -5.87 -2.98
CA MET A 43 -4.39 -5.79 -3.73
C MET A 43 -4.34 -4.43 -4.44
N GLU A 44 -3.14 -3.82 -4.47
CA GLU A 44 -2.93 -2.48 -5.05
C GLU A 44 -3.20 -2.47 -6.57
N ARG A 45 -3.00 -3.61 -7.24
CA ARG A 45 -3.22 -3.76 -8.69
C ARG A 45 -4.64 -4.27 -8.94
N GLY A 46 -5.47 -3.43 -9.58
CA GLY A 46 -6.88 -3.72 -9.83
C GLY A 46 -7.73 -2.49 -9.55
N LEU A 47 -8.39 -2.49 -8.38
CA LEU A 47 -9.25 -1.38 -7.91
C LEU A 47 -8.82 -1.01 -6.49
N LYS A 48 -8.64 0.30 -6.27
CA LYS A 48 -8.24 0.90 -4.98
C LYS A 48 -6.78 0.57 -4.60
N PRO A 49 -5.79 1.23 -5.30
CA PRO A 49 -4.37 1.23 -4.88
C PRO A 49 -4.07 2.25 -3.77
N LEU A 50 -2.76 2.38 -3.49
CA LEU A 50 -2.21 3.40 -2.58
C LEU A 50 -2.53 4.81 -3.08
N LEU A 51 -2.58 4.95 -4.41
CA LEU A 51 -2.89 6.23 -5.07
C LEU A 51 -4.34 6.68 -4.81
N GLU A 52 -5.27 5.70 -4.75
CA GLU A 52 -6.67 5.96 -4.46
C GLU A 52 -6.85 6.27 -2.96
N VAL A 53 -6.34 5.37 -2.07
CA VAL A 53 -6.57 5.49 -0.61
C VAL A 53 -5.90 6.77 -0.03
N ASP A 54 -4.76 7.19 -0.65
CA ASP A 54 -4.04 8.42 -0.22
C ASP A 54 -4.77 9.68 -0.76
N ASN A 55 -5.46 9.54 -1.91
CA ASN A 55 -6.13 10.68 -2.58
C ASN A 55 -7.25 11.21 -1.67
N PHE A 56 -7.71 10.34 -0.75
CA PHE A 56 -8.56 10.73 0.36
C PHE A 56 -8.02 10.10 1.66
N ILE A 57 -6.80 10.53 2.09
CA ILE A 57 -6.27 10.22 3.45
C ILE A 57 -7.23 10.72 4.55
N ASN A 58 -7.59 12.02 4.47
CA ASN A 58 -8.39 12.69 5.54
C ASN A 58 -9.82 12.16 5.59
N LYS A 59 -10.26 11.49 4.52
CA LYS A 59 -11.58 10.85 4.45
C LYS A 59 -11.49 9.42 5.00
N TYR A 60 -10.55 8.62 4.46
CA TYR A 60 -10.46 7.17 4.75
C TYR A 60 -10.03 6.94 6.22
N ILE A 61 -9.06 7.73 6.66
CA ILE A 61 -8.48 7.65 8.00
C ILE A 61 -8.70 9.00 8.69
N GLN A 62 -9.99 9.37 8.79
CA GLN A 62 -10.43 10.64 9.40
C GLN A 62 -10.03 10.71 10.87
N ASN A 63 -10.29 9.61 11.59
CA ASN A 63 -9.97 9.48 13.03
C ASN A 63 -9.43 8.06 13.31
N LYS A 64 -9.08 7.33 12.23
CA LYS A 64 -8.79 5.88 12.29
C LYS A 64 -7.29 5.58 12.43
N GLU A 65 -6.54 6.56 12.99
CA GLU A 65 -5.10 6.42 13.26
C GLU A 65 -4.87 5.28 14.28
N GLY A 66 -3.77 4.55 14.13
CA GLY A 66 -3.46 3.40 15.00
C GLY A 66 -3.49 2.08 14.23
N LEU A 67 -3.90 2.13 12.95
CA LEU A 67 -3.79 0.99 12.04
C LEU A 67 -2.34 0.86 11.55
N GLU A 68 -1.98 -0.35 11.14
CA GLU A 68 -0.71 -0.65 10.47
C GLU A 68 -1.02 -0.94 9.00
N ILE A 69 -0.18 -0.45 8.09
CA ILE A 69 -0.42 -0.63 6.64
C ILE A 69 0.60 -1.62 6.07
N TYR A 70 0.20 -2.35 5.04
CA TYR A 70 1.05 -3.32 4.33
C TYR A 70 0.99 -3.05 2.84
N ASP A 71 2.17 -2.94 2.22
CA ASP A 71 2.33 -2.86 0.76
C ASP A 71 3.15 -4.08 0.29
N LYS A 72 3.16 -4.38 -1.00
CA LYS A 72 3.94 -5.51 -1.55
C LYS A 72 5.40 -5.08 -1.79
N VAL A 73 5.59 -4.13 -2.74
CA VAL A 73 6.92 -3.66 -3.19
C VAL A 73 7.09 -2.19 -2.84
N VAL A 74 7.89 -1.95 -1.80
CA VAL A 74 8.16 -0.58 -1.32
C VAL A 74 9.45 -0.04 -1.97
N GLY A 75 9.25 0.67 -3.09
CA GLY A 75 10.29 1.46 -3.71
C GLY A 75 10.25 2.88 -3.17
N LYS A 76 10.94 3.81 -3.87
CA LYS A 76 10.97 5.23 -3.46
C LYS A 76 9.57 5.86 -3.59
N ALA A 77 8.75 5.29 -4.49
CA ALA A 77 7.35 5.69 -4.69
C ALA A 77 6.46 5.32 -3.49
N ALA A 78 6.57 4.08 -3.02
CA ALA A 78 5.85 3.66 -1.82
C ALA A 78 6.39 4.42 -0.59
N ALA A 79 7.69 4.76 -0.61
CA ALA A 79 8.35 5.57 0.44
C ALA A 79 7.75 6.99 0.54
N VAL A 80 7.65 7.68 -0.61
CA VAL A 80 7.09 9.04 -0.66
C VAL A 80 5.61 9.00 -0.27
N ILE A 81 4.86 7.99 -0.78
CA ILE A 81 3.43 7.82 -0.47
C ILE A 81 3.20 7.63 1.04
N ILE A 82 3.93 6.68 1.65
CA ILE A 82 3.78 6.37 3.08
C ILE A 82 4.20 7.58 3.93
N TYR A 83 5.25 8.30 3.49
CA TYR A 83 5.72 9.54 4.14
C TYR A 83 4.63 10.65 4.06
N ASN A 84 3.96 10.73 2.89
CA ASN A 84 2.90 11.73 2.60
C ASN A 84 1.67 11.46 3.48
N ILE A 85 1.30 10.17 3.62
CA ILE A 85 0.21 9.73 4.51
C ILE A 85 0.60 9.99 5.97
N GLY A 86 1.86 9.66 6.29
CA GLY A 86 2.43 9.84 7.62
C GLY A 86 2.10 8.66 8.54
N LEU A 87 2.23 7.44 7.99
CA LEU A 87 1.96 6.20 8.74
C LEU A 87 3.23 5.80 9.53
N GLN A 88 3.05 5.40 10.80
CA GLN A 88 4.19 5.09 11.71
C GLN A 88 4.38 3.57 11.88
N ASN A 89 3.39 2.74 11.49
CA ASN A 89 3.45 1.27 11.64
C ASN A 89 3.11 0.62 10.29
N VAL A 90 4.14 0.04 9.65
CA VAL A 90 4.06 -0.38 8.25
C VAL A 90 4.77 -1.74 8.06
N GLN A 91 4.36 -2.47 7.01
CA GLN A 91 4.93 -3.73 6.64
C GLN A 91 4.98 -3.81 5.09
N ALA A 92 5.96 -4.55 4.54
CA ALA A 92 6.08 -4.80 3.10
C ALA A 92 6.59 -6.21 2.81
N GLY A 93 6.45 -6.67 1.55
CA GLY A 93 6.97 -7.97 1.12
C GLY A 93 8.43 -7.86 0.74
N VAL A 94 8.73 -6.84 -0.05
CA VAL A 94 10.07 -6.44 -0.44
C VAL A 94 10.20 -4.92 -0.33
N VAL A 95 11.44 -4.44 -0.18
CA VAL A 95 11.73 -3.00 -0.17
C VAL A 95 13.08 -2.71 -0.86
N SER A 96 13.26 -1.45 -1.31
CA SER A 96 14.56 -0.93 -1.74
C SER A 96 15.35 -0.52 -0.47
N GLN A 97 16.67 -0.80 -0.44
CA GLN A 97 17.55 -0.46 0.71
C GLN A 97 17.47 1.05 1.05
N PRO A 98 17.64 2.02 0.06
CA PRO A 98 17.55 3.47 0.36
C PRO A 98 16.19 3.85 1.00
N ALA A 99 15.08 3.39 0.38
CA ALA A 99 13.70 3.66 0.88
C ALA A 99 13.57 3.23 2.34
N LYS A 100 13.97 1.97 2.59
CA LYS A 100 13.99 1.35 3.94
C LYS A 100 14.76 2.21 4.95
N ASP A 101 16.00 2.52 4.57
CA ASP A 101 16.97 3.25 5.39
C ASP A 101 16.38 4.63 5.76
N PHE A 102 15.67 5.24 4.80
CA PHE A 102 15.07 6.59 4.98
C PHE A 102 13.85 6.51 5.91
N LEU A 103 13.04 5.46 5.70
CA LEU A 103 11.77 5.22 6.42
C LEU A 103 12.00 5.01 7.94
N GLU A 104 12.94 4.13 8.26
CA GLU A 104 13.26 3.78 9.65
C GLU A 104 14.03 4.92 10.37
N SER A 105 14.70 5.77 9.58
CA SER A 105 15.52 6.89 10.08
C SER A 105 14.62 8.08 10.39
N ARG A 106 13.56 8.16 9.58
CA ARG A 106 12.42 9.04 9.78
C ARG A 106 11.66 8.64 11.08
N GLY A 107 11.88 7.39 11.52
CA GLY A 107 11.34 6.88 12.78
C GLY A 107 10.13 6.00 12.58
N ILE A 108 9.84 5.61 11.32
CA ILE A 108 8.69 4.76 11.00
C ILE A 108 9.04 3.31 11.36
N LYS A 109 8.20 2.68 12.18
CA LYS A 109 8.35 1.27 12.59
C LYS A 109 7.85 0.42 11.41
N VAL A 110 8.78 -0.20 10.69
CA VAL A 110 8.44 -0.99 9.50
C VAL A 110 8.96 -2.44 9.62
N ALA A 111 8.24 -3.39 8.97
CA ALA A 111 8.64 -4.82 8.85
C ALA A 111 8.70 -5.23 7.38
N TYR A 112 9.91 -5.46 6.85
CA TYR A 112 10.11 -5.79 5.41
C TYR A 112 11.48 -6.42 5.14
N LYS A 113 11.63 -6.96 3.92
CA LYS A 113 12.82 -7.70 3.48
C LYS A 113 13.38 -7.04 2.19
N LYS A 114 14.68 -7.19 1.97
CA LYS A 114 15.40 -6.58 0.83
C LYS A 114 16.71 -7.30 0.58
N LEU A 115 17.12 -7.42 -0.69
CA LEU A 115 18.52 -7.72 -1.03
C LEU A 115 18.93 -6.73 -2.12
N VAL A 116 19.46 -5.58 -1.68
CA VAL A 116 20.20 -4.58 -2.48
C VAL A 116 21.04 -3.75 -1.51
N GLU A 117 22.09 -3.13 -2.03
CA GLU A 117 22.88 -2.13 -1.30
C GLU A 117 22.47 -0.74 -1.79
N LYS A 118 22.54 -0.57 -3.12
CA LYS A 118 22.25 0.69 -3.82
C LYS A 118 21.88 0.37 -5.28
N ILE A 119 20.99 1.18 -5.86
CA ILE A 119 20.67 1.13 -7.30
C ILE A 119 21.72 1.97 -8.07
N ASN A 120 21.96 1.63 -9.35
CA ASN A 120 22.93 2.34 -10.20
C ASN A 120 22.33 3.69 -10.65
N ASP A 121 22.47 4.69 -9.77
CA ASP A 121 21.93 6.05 -10.00
C ASP A 121 22.90 7.11 -9.45
N ARG A 122 22.96 8.23 -10.17
CA ARG A 122 23.63 9.46 -9.70
C ARG A 122 22.85 10.11 -8.55
N ALA A 123 21.55 9.74 -8.43
CA ALA A 123 20.61 10.28 -7.42
C ALA A 123 21.14 10.12 -5.99
N GLU A 124 22.00 9.12 -5.76
CA GLU A 124 22.71 8.91 -4.47
C GLU A 124 23.37 10.22 -3.96
N SER A 125 23.96 10.98 -4.90
CA SER A 125 24.65 12.25 -4.62
C SER A 125 23.69 13.46 -4.72
N LEU A 126 22.68 13.34 -5.61
CA LEU A 126 21.79 14.46 -5.97
C LEU A 126 20.71 14.72 -4.90
N ILE A 127 20.28 13.63 -4.23
CA ILE A 127 19.35 13.70 -3.10
C ILE A 127 20.12 14.17 -1.86
N GLU A 128 20.05 15.47 -1.57
CA GLU A 128 20.70 16.06 -0.40
C GLU A 128 19.89 15.72 0.86
N SER A 129 18.59 16.08 0.80
CA SER A 129 17.62 15.76 1.86
C SER A 129 16.72 14.61 1.42
N LEU A 130 16.75 13.52 2.19
CA LEU A 130 16.00 12.27 1.90
C LEU A 130 14.52 12.39 2.31
N GLU A 131 14.23 13.30 3.26
CA GLU A 131 12.86 13.56 3.77
C GLU A 131 12.12 14.58 2.89
N ASN A 132 12.73 15.02 1.77
CA ASN A 132 12.09 15.91 0.79
C ASN A 132 11.41 15.05 -0.31
N PRO A 133 10.04 14.84 -0.22
CA PRO A 133 9.32 13.92 -1.12
C PRO A 133 9.16 14.47 -2.54
N GLU A 134 8.94 15.80 -2.69
CA GLU A 134 8.81 16.47 -3.97
C GLU A 134 10.10 16.39 -4.80
N GLU A 135 11.26 16.56 -4.11
CA GLU A 135 12.58 16.51 -4.77
C GLU A 135 12.82 15.13 -5.39
N VAL A 136 12.65 14.08 -4.56
CA VAL A 136 12.87 12.69 -4.98
C VAL A 136 11.82 12.22 -6.00
N TYR A 137 10.59 12.77 -5.87
CA TYR A 137 9.46 12.48 -6.78
C TYR A 137 9.83 12.75 -8.25
N LYS A 138 10.65 13.79 -8.47
CA LYS A 138 11.17 14.14 -9.80
C LYS A 138 12.14 13.05 -10.31
N TYR A 139 13.00 12.55 -9.40
CA TYR A 139 13.94 11.43 -9.69
C TYR A 139 13.16 10.12 -9.95
N MET A 140 11.98 10.02 -9.32
CA MET A 140 11.03 8.91 -9.54
C MET A 140 10.38 8.96 -10.94
N ILE A 141 10.21 10.18 -11.49
CA ILE A 141 9.74 10.38 -12.88
C ILE A 141 10.85 9.97 -13.87
N LYS A 142 12.09 10.31 -13.50
CA LYS A 142 13.29 9.99 -14.28
C LYS A 142 13.50 8.47 -14.36
N ARG A 143 13.42 7.80 -13.19
CA ARG A 143 13.68 6.34 -13.07
C ARG A 143 12.45 5.53 -13.47
N GLY A 144 11.27 6.15 -13.49
CA GLY A 144 10.07 5.54 -14.07
C GLY A 144 9.45 4.44 -13.24
N ILE A 145 9.75 4.48 -11.93
CA ILE A 145 9.26 3.48 -10.96
C ILE A 145 7.75 3.64 -10.69
N ILE A 146 7.16 4.77 -11.15
CA ILE A 146 5.69 4.98 -11.15
C ILE A 146 5.21 5.70 -12.41
N VAL A 147 6.03 6.61 -12.93
CA VAL A 147 5.79 7.31 -14.20
C VAL A 147 7.13 7.67 -14.83
N ASN A 148 7.23 7.59 -16.15
CA ASN A 148 8.42 8.04 -16.89
C ASN A 148 7.97 9.04 -17.96
N ASN A 149 8.49 10.27 -17.87
CA ASN A 149 8.13 11.36 -18.78
C ASN A 149 9.42 12.00 -19.30
N LEU A 150 9.94 11.46 -20.41
CA LEU A 150 11.11 12.00 -21.11
C LEU A 150 10.62 13.08 -22.11
N MET A 1 -41.36 -7.42 -1.16
CA MET A 1 -39.94 -7.77 -0.95
C MET A 1 -39.51 -8.82 -1.99
N ALA A 2 -38.33 -8.63 -2.59
CA ALA A 2 -37.69 -9.64 -3.42
C ALA A 2 -37.22 -10.78 -2.48
N HIS A 3 -37.98 -11.90 -2.50
CA HIS A 3 -37.72 -13.06 -1.64
C HIS A 3 -36.34 -13.67 -1.97
N HIS A 4 -35.36 -13.32 -1.13
CA HIS A 4 -33.95 -13.66 -1.35
C HIS A 4 -33.68 -15.16 -1.08
N HIS A 5 -32.43 -15.56 -1.32
CA HIS A 5 -31.92 -16.90 -1.07
C HIS A 5 -30.99 -16.82 0.15
N HIS A 6 -30.97 -17.87 0.98
CA HIS A 6 -30.09 -17.95 2.17
C HIS A 6 -28.62 -18.11 1.72
N HIS A 7 -27.99 -16.96 1.42
CA HIS A 7 -26.60 -16.86 0.93
C HIS A 7 -25.88 -15.78 1.75
N HIS A 8 -24.62 -16.05 2.13
CA HIS A 8 -23.77 -15.06 2.83
C HIS A 8 -23.03 -14.18 1.82
N MET A 9 -22.61 -14.81 0.71
CA MET A 9 -21.93 -14.12 -0.41
C MET A 9 -22.98 -13.78 -1.48
N GLY A 10 -23.27 -12.47 -1.61
CA GLY A 10 -24.17 -11.97 -2.66
C GLY A 10 -23.44 -11.87 -4.00
N THR A 11 -24.19 -12.06 -5.11
CA THR A 11 -23.64 -12.01 -6.47
C THR A 11 -23.15 -10.58 -6.80
N LEU A 12 -21.89 -10.49 -7.27
CA LEU A 12 -21.26 -9.22 -7.70
C LEU A 12 -20.54 -9.48 -9.03
N GLU A 13 -20.02 -8.40 -9.66
CA GLU A 13 -19.24 -8.46 -10.90
C GLU A 13 -18.15 -7.38 -10.85
N ALA A 14 -16.99 -7.71 -10.23
CA ALA A 14 -15.85 -6.77 -10.10
C ALA A 14 -14.72 -7.21 -11.04
N GLN A 15 -14.75 -6.73 -12.28
CA GLN A 15 -13.79 -7.10 -13.35
C GLN A 15 -12.71 -5.99 -13.50
N THR A 16 -12.08 -5.88 -14.70
CA THR A 16 -11.06 -4.83 -14.99
C THR A 16 -11.67 -3.41 -14.90
N GLN A 17 -12.97 -3.29 -15.23
CA GLN A 17 -13.72 -2.02 -15.22
C GLN A 17 -14.72 -2.01 -14.06
N GLY A 18 -14.98 -0.80 -13.53
CA GLY A 18 -15.84 -0.60 -12.36
C GLY A 18 -17.29 -0.33 -12.74
N PRO A 19 -18.24 -1.26 -12.43
CA PRO A 19 -19.70 -0.99 -12.57
C PRO A 19 -20.28 -0.28 -11.32
N GLY A 20 -19.43 -0.12 -10.29
CA GLY A 20 -19.79 0.49 -9.03
C GLY A 20 -18.85 0.06 -7.91
N SER A 21 -19.14 0.52 -6.68
CA SER A 21 -18.36 0.17 -5.49
C SER A 21 -18.68 -1.28 -5.07
N MET A 22 -17.89 -2.23 -5.61
CA MET A 22 -18.00 -3.67 -5.30
C MET A 22 -16.65 -4.19 -4.78
N ILE A 23 -16.70 -5.37 -4.12
CA ILE A 23 -15.50 -6.07 -3.63
C ILE A 23 -15.07 -7.14 -4.64
N SER A 24 -13.83 -7.64 -4.51
CA SER A 24 -13.26 -8.64 -5.44
C SER A 24 -12.62 -9.80 -4.65
N GLY A 25 -12.24 -10.87 -5.38
CA GLY A 25 -11.65 -12.08 -4.78
C GLY A 25 -10.27 -12.37 -5.35
N LEU A 26 -9.25 -11.71 -4.78
CA LEU A 26 -7.82 -11.94 -5.12
C LEU A 26 -6.94 -11.36 -3.99
N ASN A 27 -5.69 -11.84 -3.93
CA ASN A 27 -4.67 -11.39 -2.96
C ASN A 27 -4.38 -9.88 -3.12
N PRO A 28 -4.79 -9.03 -2.13
CA PRO A 28 -4.51 -7.58 -2.16
C PRO A 28 -3.08 -7.29 -1.65
N THR A 29 -2.34 -6.52 -2.45
CA THR A 29 -0.98 -6.11 -2.10
C THR A 29 -1.02 -5.12 -0.93
N LEU A 30 -1.98 -4.17 -1.01
CA LEU A 30 -1.99 -2.99 -0.14
C LEU A 30 -3.06 -3.16 0.95
N ARG A 31 -2.62 -3.54 2.15
CA ARG A 31 -3.53 -3.94 3.23
C ARG A 31 -3.31 -3.04 4.44
N LEU A 32 -4.41 -2.67 5.11
CA LEU A 32 -4.39 -1.77 6.27
C LEU A 32 -4.88 -2.56 7.49
N PHE A 33 -4.01 -2.67 8.52
CA PHE A 33 -4.30 -3.39 9.76
C PHE A 33 -4.52 -2.39 10.91
N LYS A 34 -5.69 -2.45 11.55
CA LYS A 34 -6.00 -1.63 12.73
C LYS A 34 -6.37 -2.60 13.87
N ASP A 35 -5.74 -2.41 15.05
CA ASP A 35 -5.79 -3.35 16.20
C ASP A 35 -5.17 -4.71 15.83
N HIS A 36 -4.14 -4.66 14.95
CA HIS A 36 -3.47 -5.86 14.36
C HIS A 36 -4.46 -6.76 13.59
N LYS A 37 -5.60 -6.18 13.17
CA LYS A 37 -6.67 -6.87 12.44
C LYS A 37 -6.80 -6.26 11.05
N ILE A 38 -7.17 -7.08 10.05
CA ILE A 38 -7.49 -6.58 8.72
C ILE A 38 -8.65 -5.57 8.79
N LEU A 39 -8.30 -4.31 8.60
CA LEU A 39 -9.24 -3.18 8.56
C LEU A 39 -9.70 -3.01 7.11
N TYR A 40 -8.71 -3.01 6.20
CA TYR A 40 -8.98 -2.88 4.76
C TYR A 40 -7.96 -3.70 3.95
N SER A 41 -8.34 -4.09 2.72
CA SER A 41 -7.56 -4.91 1.83
C SER A 41 -7.87 -4.47 0.38
N ASN A 42 -6.87 -3.86 -0.27
CA ASN A 42 -7.00 -3.32 -1.63
C ASN A 42 -5.64 -3.49 -2.34
N MET A 43 -5.57 -3.16 -3.63
CA MET A 43 -4.30 -3.14 -4.38
C MET A 43 -4.43 -2.14 -5.53
N GLU A 44 -3.30 -1.85 -6.18
CA GLU A 44 -3.26 -0.95 -7.35
C GLU A 44 -4.06 -1.52 -8.55
N ARG A 45 -4.07 -2.86 -8.66
CA ARG A 45 -4.78 -3.57 -9.74
C ARG A 45 -6.26 -3.75 -9.35
N GLY A 46 -7.15 -3.11 -10.11
CA GLY A 46 -8.59 -3.18 -9.85
C GLY A 46 -9.28 -1.86 -10.14
N LEU A 47 -10.33 -1.56 -9.35
CA LEU A 47 -11.25 -0.43 -9.61
C LEU A 47 -10.79 0.85 -8.87
N LYS A 48 -9.75 0.70 -8.02
CA LYS A 48 -9.24 1.80 -7.17
C LYS A 48 -7.76 1.52 -6.81
N PRO A 49 -6.78 2.26 -7.43
CA PRO A 49 -5.34 2.12 -7.12
C PRO A 49 -4.93 2.65 -5.74
N LEU A 50 -3.62 2.52 -5.46
CA LEU A 50 -2.97 3.02 -4.22
C LEU A 50 -3.08 4.55 -4.11
N LEU A 51 -3.14 5.22 -5.28
CA LEU A 51 -3.33 6.67 -5.39
C LEU A 51 -4.74 7.04 -4.88
N GLU A 52 -5.76 6.26 -5.31
CA GLU A 52 -7.14 6.52 -5.04
C GLU A 52 -7.48 6.21 -3.57
N VAL A 53 -6.98 5.08 -3.01
CA VAL A 53 -7.27 4.74 -1.59
C VAL A 53 -6.64 5.81 -0.64
N ASP A 54 -5.51 6.39 -1.09
CA ASP A 54 -4.85 7.52 -0.42
C ASP A 54 -5.70 8.81 -0.52
N ASN A 55 -6.43 8.94 -1.64
CA ASN A 55 -7.09 10.19 -2.07
C ASN A 55 -8.19 10.59 -1.08
N PHE A 56 -8.78 9.62 -0.36
CA PHE A 56 -9.61 9.91 0.82
C PHE A 56 -9.20 8.96 1.98
N ILE A 57 -7.95 9.11 2.49
CA ILE A 57 -7.56 8.51 3.79
C ILE A 57 -8.24 9.20 4.96
N ASN A 58 -8.27 10.53 4.94
CA ASN A 58 -8.90 11.33 6.02
C ASN A 58 -10.40 10.97 6.19
N LYS A 59 -11.01 10.59 5.05
CA LYS A 59 -12.43 10.22 4.96
C LYS A 59 -12.67 8.71 5.23
N TYR A 60 -11.83 7.83 4.68
CA TYR A 60 -12.03 6.36 4.81
C TYR A 60 -11.56 5.87 6.20
N ILE A 61 -10.42 6.42 6.64
CA ILE A 61 -9.72 6.02 7.87
C ILE A 61 -9.37 7.29 8.70
N GLN A 62 -10.40 7.88 9.34
CA GLN A 62 -10.17 8.95 10.35
C GLN A 62 -9.55 8.34 11.62
N ASN A 63 -9.77 7.02 11.81
CA ASN A 63 -9.22 6.21 12.90
C ASN A 63 -7.87 5.57 12.48
N LYS A 64 -7.11 6.31 11.64
CA LYS A 64 -5.75 5.92 11.17
C LYS A 64 -4.69 5.96 12.31
N GLU A 65 -5.15 6.25 13.55
CA GLU A 65 -4.31 6.21 14.75
C GLU A 65 -3.77 4.80 14.98
N GLY A 66 -2.44 4.69 15.16
CA GLY A 66 -1.78 3.40 15.37
C GLY A 66 -1.99 2.39 14.24
N LEU A 67 -2.31 2.92 13.03
CA LEU A 67 -2.62 2.10 11.85
C LEU A 67 -1.35 1.49 11.27
N GLU A 68 -1.50 0.29 10.74
CA GLU A 68 -0.47 -0.43 10.00
C GLU A 68 -0.89 -0.52 8.54
N ILE A 69 0.11 -0.55 7.66
CA ILE A 69 -0.10 -0.80 6.23
C ILE A 69 0.85 -1.90 5.75
N TYR A 70 0.50 -2.54 4.64
CA TYR A 70 1.23 -3.65 4.04
C TYR A 70 1.24 -3.46 2.53
N ASP A 71 2.36 -3.81 1.88
CA ASP A 71 2.43 -3.91 0.41
C ASP A 71 3.41 -5.02 0.02
N LYS A 72 3.60 -5.28 -1.27
CA LYS A 72 4.61 -6.19 -1.77
C LYS A 72 5.95 -5.46 -1.86
N VAL A 73 5.98 -4.41 -2.69
CA VAL A 73 7.20 -3.67 -3.04
C VAL A 73 7.22 -2.29 -2.32
N VAL A 74 8.38 -1.91 -1.75
CA VAL A 74 8.57 -0.53 -1.22
C VAL A 74 9.81 0.12 -1.88
N GLY A 75 9.55 1.16 -2.69
CA GLY A 75 10.61 2.02 -3.25
C GLY A 75 10.58 3.40 -2.57
N LYS A 76 11.39 4.36 -3.08
CA LYS A 76 11.40 5.74 -2.55
C LYS A 76 10.03 6.42 -2.79
N ALA A 77 9.28 5.94 -3.81
CA ALA A 77 7.90 6.36 -4.04
C ALA A 77 6.96 5.91 -2.90
N ALA A 78 7.11 4.65 -2.50
CA ALA A 78 6.35 4.10 -1.37
C ALA A 78 6.74 4.82 -0.06
N ALA A 79 8.03 5.23 0.02
CA ALA A 79 8.57 5.98 1.18
C ALA A 79 7.94 7.38 1.30
N VAL A 80 7.97 8.15 0.18
CA VAL A 80 7.38 9.50 0.14
C VAL A 80 5.88 9.43 0.43
N ILE A 81 5.18 8.42 -0.16
CA ILE A 81 3.72 8.24 0.03
C ILE A 81 3.40 7.99 1.50
N ILE A 82 4.05 6.97 2.10
CA ILE A 82 3.78 6.58 3.50
C ILE A 82 4.09 7.73 4.47
N TYR A 83 5.17 8.49 4.17
CA TYR A 83 5.56 9.68 4.96
C TYR A 83 4.50 10.81 4.83
N ASN A 84 3.99 11.00 3.60
CA ASN A 84 2.98 12.03 3.26
C ASN A 84 1.65 11.73 3.94
N ILE A 85 1.32 10.45 4.03
CA ILE A 85 0.16 9.97 4.77
C ILE A 85 0.39 10.18 6.29
N GLY A 86 1.51 9.65 6.79
CA GLY A 86 1.90 9.75 8.19
C GLY A 86 1.51 8.49 8.94
N LEU A 87 2.06 7.35 8.52
CA LEU A 87 1.83 6.04 9.15
C LEU A 87 3.03 5.64 10.02
N GLN A 88 2.78 4.75 10.98
CA GLN A 88 3.73 4.41 12.08
C GLN A 88 4.13 2.93 12.04
N ASN A 89 3.30 2.11 11.39
CA ASN A 89 3.50 0.66 11.29
C ASN A 89 3.33 0.26 9.83
N VAL A 90 4.35 -0.37 9.24
CA VAL A 90 4.33 -0.77 7.81
C VAL A 90 4.95 -2.18 7.69
N GLN A 91 4.53 -2.93 6.66
CA GLN A 91 5.09 -4.22 6.34
C GLN A 91 5.15 -4.38 4.80
N ALA A 92 6.20 -5.02 4.28
CA ALA A 92 6.34 -5.33 2.85
C ALA A 92 7.04 -6.67 2.64
N GLY A 93 7.07 -7.12 1.37
CA GLY A 93 7.80 -8.32 0.98
C GLY A 93 9.24 -7.98 0.67
N VAL A 94 9.40 -7.03 -0.27
CA VAL A 94 10.69 -6.51 -0.72
C VAL A 94 10.71 -4.98 -0.57
N VAL A 95 11.89 -4.45 -0.20
CA VAL A 95 12.09 -2.99 -0.09
C VAL A 95 13.33 -2.54 -0.89
N SER A 96 13.51 -1.23 -1.07
CA SER A 96 14.76 -0.64 -1.54
C SER A 96 15.54 -0.14 -0.31
N GLN A 97 16.89 -0.11 -0.38
CA GLN A 97 17.72 0.34 0.77
C GLN A 97 17.38 1.80 1.21
N PRO A 98 17.32 2.83 0.28
CA PRO A 98 17.04 4.23 0.70
C PRO A 98 15.64 4.37 1.35
N ALA A 99 14.71 3.54 0.85
CA ALA A 99 13.32 3.49 1.32
C ALA A 99 13.28 2.99 2.78
N LYS A 100 13.91 1.83 3.03
CA LYS A 100 13.90 1.20 4.37
C LYS A 100 14.64 2.07 5.40
N ASP A 101 15.75 2.64 4.92
CA ASP A 101 16.61 3.53 5.70
C ASP A 101 15.82 4.76 6.14
N PHE A 102 15.06 5.34 5.19
CA PHE A 102 14.21 6.53 5.47
C PHE A 102 13.14 6.17 6.52
N LEU A 103 12.40 5.09 6.23
CA LEU A 103 11.25 4.61 7.03
C LEU A 103 11.61 4.42 8.53
N GLU A 104 12.63 3.58 8.78
CA GLU A 104 13.03 3.20 10.15
C GLU A 104 13.75 4.35 10.87
N SER A 105 14.39 5.21 10.08
CA SER A 105 15.14 6.39 10.61
C SER A 105 14.17 7.46 11.11
N ARG A 106 13.04 7.63 10.39
CA ARG A 106 11.99 8.58 10.76
C ARG A 106 11.06 8.00 11.86
N GLY A 107 11.44 6.80 12.37
CA GLY A 107 10.82 6.20 13.55
C GLY A 107 9.64 5.30 13.22
N ILE A 108 9.45 5.00 11.92
CA ILE A 108 8.32 4.19 11.47
C ILE A 108 8.73 2.72 11.62
N LYS A 109 7.94 1.97 12.41
CA LYS A 109 8.19 0.55 12.70
C LYS A 109 7.77 -0.30 11.50
N VAL A 110 8.75 -0.86 10.77
CA VAL A 110 8.48 -1.56 9.50
C VAL A 110 9.09 -2.96 9.46
N ALA A 111 8.38 -3.91 8.79
CA ALA A 111 8.83 -5.31 8.60
C ALA A 111 8.94 -5.66 7.09
N TYR A 112 10.17 -5.69 6.55
CA TYR A 112 10.47 -5.95 5.12
C TYR A 112 11.89 -6.52 4.95
N LYS A 113 12.26 -6.86 3.69
CA LYS A 113 13.53 -7.51 3.37
C LYS A 113 14.14 -6.92 2.07
N LYS A 114 15.47 -6.62 2.16
CA LYS A 114 16.35 -6.42 0.98
C LYS A 114 17.81 -6.30 1.45
N LEU A 115 18.66 -7.28 1.09
CA LEU A 115 20.10 -7.22 1.34
C LEU A 115 20.79 -6.51 0.16
N VAL A 116 20.98 -5.18 0.31
CA VAL A 116 21.69 -4.31 -0.65
C VAL A 116 22.26 -3.13 0.13
N GLU A 117 23.35 -2.58 -0.39
CA GLU A 117 23.99 -1.38 0.15
C GLU A 117 23.25 -0.14 -0.37
N LYS A 118 23.06 -0.12 -1.69
CA LYS A 118 22.21 0.85 -2.39
C LYS A 118 21.79 0.25 -3.73
N ILE A 119 20.86 0.91 -4.42
CA ILE A 119 20.39 0.45 -5.75
C ILE A 119 21.42 0.90 -6.81
N ASN A 120 21.56 0.17 -7.94
CA ASN A 120 22.48 0.57 -9.02
C ASN A 120 21.92 1.84 -9.71
N ASP A 121 22.23 3.01 -9.12
CA ASP A 121 21.77 4.32 -9.59
C ASP A 121 22.78 5.41 -9.23
N ARG A 122 23.18 6.21 -10.23
CA ARG A 122 23.97 7.44 -10.04
C ARG A 122 23.12 8.53 -9.35
N ALA A 123 21.78 8.35 -9.43
CA ALA A 123 20.76 9.31 -8.95
C ALA A 123 21.00 9.69 -7.49
N GLU A 124 21.38 8.71 -6.67
CA GLU A 124 21.59 8.86 -5.21
C GLU A 124 22.60 9.98 -4.90
N SER A 125 23.76 9.93 -5.57
CA SER A 125 24.87 10.89 -5.37
C SER A 125 24.53 12.27 -5.99
N LEU A 126 23.59 12.26 -6.95
CA LEU A 126 23.20 13.45 -7.73
C LEU A 126 22.07 14.25 -7.02
N ILE A 127 21.17 13.52 -6.32
CA ILE A 127 20.05 14.11 -5.57
C ILE A 127 20.59 14.92 -4.39
N GLU A 128 20.10 16.16 -4.25
CA GLU A 128 20.61 17.10 -3.25
C GLU A 128 20.24 16.66 -1.84
N SER A 129 18.93 16.56 -1.58
CA SER A 129 18.39 16.01 -0.34
C SER A 129 17.55 14.78 -0.68
N LEU A 130 18.08 13.58 -0.33
CA LEU A 130 17.40 12.27 -0.53
C LEU A 130 16.03 12.23 0.18
N GLU A 131 15.92 13.01 1.27
CA GLU A 131 14.73 13.04 2.14
C GLU A 131 13.81 14.23 1.87
N ASN A 132 14.08 15.02 0.81
CA ASN A 132 13.21 16.16 0.44
C ASN A 132 12.16 15.65 -0.55
N PRO A 133 10.87 15.47 -0.08
CA PRO A 133 9.84 14.77 -0.85
C PRO A 133 9.46 15.52 -2.12
N GLU A 134 9.73 16.83 -2.16
CA GLU A 134 9.38 17.68 -3.30
C GLU A 134 10.25 17.34 -4.52
N GLU A 135 11.59 17.31 -4.34
CA GLU A 135 12.53 17.06 -5.43
C GLU A 135 12.48 15.59 -5.87
N VAL A 136 12.44 14.66 -4.88
CA VAL A 136 12.51 13.23 -5.16
C VAL A 136 11.20 12.68 -5.76
N TYR A 137 10.04 13.25 -5.39
CA TYR A 137 8.73 12.84 -5.96
C TYR A 137 8.72 12.93 -7.50
N LYS A 138 9.28 14.04 -8.01
CA LYS A 138 9.40 14.27 -9.46
C LYS A 138 10.48 13.36 -10.08
N TYR A 139 11.56 13.11 -9.31
CA TYR A 139 12.65 12.16 -9.69
C TYR A 139 12.08 10.74 -9.93
N MET A 140 11.26 10.32 -8.99
CA MET A 140 10.44 9.09 -9.04
C MET A 140 9.60 8.97 -10.30
N ILE A 141 9.01 10.08 -10.76
CA ILE A 141 8.22 10.10 -12.01
C ILE A 141 9.15 9.91 -13.22
N LYS A 142 10.35 10.50 -13.11
CA LYS A 142 11.39 10.45 -14.16
C LYS A 142 11.96 9.02 -14.31
N ARG A 143 12.24 8.39 -13.16
CA ARG A 143 12.78 7.02 -13.04
C ARG A 143 11.67 5.97 -13.13
N GLY A 144 10.43 6.38 -12.86
CA GLY A 144 9.25 5.50 -12.93
C GLY A 144 9.19 4.44 -11.82
N ILE A 145 9.83 4.71 -10.66
CA ILE A 145 9.90 3.74 -9.52
C ILE A 145 8.64 3.80 -8.62
N ILE A 146 7.54 4.37 -9.16
CA ILE A 146 6.28 4.54 -8.42
C ILE A 146 5.43 3.26 -8.49
N VAL A 147 5.56 2.54 -9.62
CA VAL A 147 4.94 1.21 -9.79
C VAL A 147 6.06 0.16 -10.03
N ASN A 148 6.43 -0.54 -8.96
CA ASN A 148 7.49 -1.58 -8.98
C ASN A 148 6.85 -3.00 -8.91
N ASN A 149 5.52 -3.04 -8.70
CA ASN A 149 4.74 -4.29 -8.65
C ASN A 149 4.41 -4.72 -10.09
N LEU A 150 5.39 -5.41 -10.71
CA LEU A 150 5.29 -5.93 -12.08
C LEU A 150 5.75 -7.41 -12.12
N MET A 1 -77.13 27.89 -10.28
CA MET A 1 -75.64 27.95 -10.29
C MET A 1 -75.07 26.54 -10.38
N ALA A 2 -74.77 26.09 -11.62
CA ALA A 2 -74.31 24.74 -11.91
C ALA A 2 -72.82 24.59 -11.55
N HIS A 3 -72.58 24.20 -10.28
CA HIS A 3 -71.22 23.97 -9.75
C HIS A 3 -70.71 22.61 -10.25
N HIS A 4 -70.13 22.63 -11.45
CA HIS A 4 -69.55 21.44 -12.09
C HIS A 4 -68.07 21.31 -11.70
N HIS A 5 -67.70 20.16 -11.11
CA HIS A 5 -66.29 19.80 -10.89
C HIS A 5 -65.92 18.74 -11.94
N HIS A 6 -65.01 19.09 -12.85
CA HIS A 6 -64.55 18.20 -13.93
C HIS A 6 -63.07 18.53 -14.23
N HIS A 7 -62.28 17.49 -14.59
CA HIS A 7 -60.80 17.54 -14.67
C HIS A 7 -60.19 17.56 -13.25
N HIS A 8 -59.69 16.39 -12.84
CA HIS A 8 -59.02 16.19 -11.53
C HIS A 8 -57.92 15.13 -11.73
N MET A 9 -56.72 15.45 -11.25
CA MET A 9 -55.50 14.63 -11.45
C MET A 9 -54.34 15.28 -10.66
N GLY A 10 -53.73 14.54 -9.73
CA GLY A 10 -52.68 15.09 -8.87
C GLY A 10 -51.77 14.01 -8.28
N THR A 11 -50.61 13.81 -8.92
CA THR A 11 -49.55 12.90 -8.45
C THR A 11 -48.23 13.26 -9.16
N LEU A 12 -47.09 13.09 -8.44
CA LEU A 12 -45.76 13.40 -8.97
C LEU A 12 -45.09 12.09 -9.45
N GLU A 13 -44.52 11.31 -8.51
CA GLU A 13 -43.72 10.13 -8.81
C GLU A 13 -43.16 9.66 -7.46
N ALA A 14 -42.70 8.43 -7.38
CA ALA A 14 -42.07 7.92 -6.17
C ALA A 14 -40.95 6.94 -6.56
N GLN A 15 -39.72 7.19 -6.07
CA GLN A 15 -38.53 6.35 -6.38
C GLN A 15 -38.33 5.25 -5.33
N THR A 16 -37.65 4.18 -5.78
CA THR A 16 -37.17 3.08 -4.94
C THR A 16 -35.75 2.72 -5.41
N GLN A 17 -34.76 3.08 -4.58
CA GLN A 17 -33.34 2.98 -4.92
C GLN A 17 -32.85 1.53 -4.75
N GLY A 18 -33.21 0.93 -3.59
CA GLY A 18 -32.71 -0.39 -3.20
C GLY A 18 -31.37 -0.29 -2.46
N PRO A 19 -30.88 -1.40 -1.83
CA PRO A 19 -29.54 -1.44 -1.17
C PRO A 19 -28.39 -1.74 -2.17
N GLY A 20 -27.22 -2.12 -1.63
CA GLY A 20 -26.05 -2.47 -2.45
C GLY A 20 -24.96 -3.16 -1.62
N SER A 21 -24.25 -4.11 -2.23
CA SER A 21 -23.28 -4.97 -1.54
C SER A 21 -21.90 -4.92 -2.23
N MET A 22 -20.84 -4.77 -1.43
CA MET A 22 -19.44 -4.75 -1.91
C MET A 22 -18.68 -5.94 -1.28
N ILE A 23 -18.62 -7.06 -2.02
CA ILE A 23 -17.85 -8.25 -1.62
C ILE A 23 -16.43 -8.19 -2.21
N SER A 24 -15.49 -8.97 -1.66
CA SER A 24 -14.08 -8.97 -2.09
C SER A 24 -13.42 -10.31 -1.74
N GLY A 25 -13.29 -11.19 -2.75
CA GLY A 25 -12.51 -12.42 -2.66
C GLY A 25 -11.20 -12.29 -3.42
N LEU A 26 -10.61 -11.09 -3.29
CA LEU A 26 -9.41 -10.68 -4.04
C LEU A 26 -8.14 -11.01 -3.24
N ASN A 27 -7.00 -11.13 -3.94
CA ASN A 27 -5.68 -11.25 -3.31
C ASN A 27 -5.11 -9.83 -3.09
N PRO A 28 -5.02 -9.34 -1.81
CA PRO A 28 -4.63 -7.95 -1.53
C PRO A 28 -3.10 -7.74 -1.57
N THR A 29 -2.67 -6.81 -2.44
CA THR A 29 -1.27 -6.34 -2.49
C THR A 29 -1.06 -5.25 -1.42
N LEU A 30 -2.19 -4.65 -0.95
CA LEU A 30 -2.20 -3.62 0.10
C LEU A 30 -3.26 -4.00 1.15
N ARG A 31 -2.84 -4.15 2.42
CA ARG A 31 -3.72 -4.60 3.51
C ARG A 31 -3.40 -3.83 4.82
N LEU A 32 -4.45 -3.32 5.49
CA LEU A 32 -4.33 -2.51 6.72
C LEU A 32 -5.00 -3.25 7.88
N PHE A 33 -4.44 -3.11 9.10
CA PHE A 33 -4.85 -3.84 10.31
C PHE A 33 -4.96 -2.84 11.48
N LYS A 34 -6.16 -2.51 11.97
CA LYS A 34 -6.31 -1.56 13.11
C LYS A 34 -6.21 -2.37 14.42
N ASP A 35 -5.20 -2.01 15.26
CA ASP A 35 -4.88 -2.72 16.52
C ASP A 35 -4.74 -4.23 16.28
N HIS A 36 -3.85 -4.55 15.32
CA HIS A 36 -3.46 -5.94 14.94
C HIS A 36 -4.59 -6.71 14.19
N LYS A 37 -5.77 -6.08 14.02
CA LYS A 37 -6.97 -6.76 13.50
C LYS A 37 -7.27 -6.20 12.09
N ILE A 38 -7.50 -7.09 11.10
CA ILE A 38 -7.67 -6.73 9.67
C ILE A 38 -8.83 -5.70 9.50
N LEU A 39 -8.49 -4.60 8.83
CA LEU A 39 -9.37 -3.44 8.56
C LEU A 39 -9.68 -3.37 7.06
N TYR A 40 -8.61 -3.41 6.26
CA TYR A 40 -8.69 -3.24 4.81
C TYR A 40 -7.82 -4.31 4.14
N SER A 41 -8.22 -4.72 2.93
CA SER A 41 -7.50 -5.74 2.15
C SER A 41 -7.97 -5.63 0.69
N ASN A 42 -7.12 -5.04 -0.16
CA ASN A 42 -7.42 -4.76 -1.56
C ASN A 42 -6.11 -4.71 -2.38
N MET A 43 -6.23 -4.82 -3.72
CA MET A 43 -5.16 -4.48 -4.67
C MET A 43 -5.20 -2.95 -4.93
N GLU A 44 -4.19 -2.41 -5.62
CA GLU A 44 -4.12 -0.98 -6.02
C GLU A 44 -5.38 -0.51 -6.82
N ARG A 45 -6.08 -1.48 -7.43
CA ARG A 45 -7.23 -1.23 -8.33
C ARG A 45 -8.56 -1.21 -7.53
N GLY A 46 -9.58 -0.56 -8.10
CA GLY A 46 -10.93 -0.51 -7.53
C GLY A 46 -11.59 0.85 -7.73
N LEU A 47 -12.49 1.22 -6.79
CA LEU A 47 -13.13 2.54 -6.77
C LEU A 47 -12.08 3.59 -6.38
N LYS A 48 -11.53 4.27 -7.41
CA LYS A 48 -10.34 5.16 -7.31
C LYS A 48 -9.06 4.32 -7.04
N PRO A 49 -7.94 4.56 -7.81
CA PRO A 49 -6.64 3.92 -7.54
C PRO A 49 -6.06 4.28 -6.14
N LEU A 50 -5.04 3.51 -5.73
CA LEU A 50 -4.32 3.67 -4.45
C LEU A 50 -3.78 5.11 -4.27
N LEU A 51 -3.48 5.78 -5.41
CA LEU A 51 -2.98 7.17 -5.43
C LEU A 51 -4.07 8.16 -4.94
N GLU A 52 -5.32 7.96 -5.38
CA GLU A 52 -6.47 8.77 -4.95
C GLU A 52 -6.87 8.46 -3.50
N VAL A 53 -6.85 7.15 -3.18
CA VAL A 53 -7.28 6.64 -1.86
C VAL A 53 -6.32 7.02 -0.72
N ASP A 54 -5.00 7.03 -1.01
CA ASP A 54 -4.00 7.47 0.00
C ASP A 54 -4.08 8.99 0.18
N ASN A 55 -4.40 9.68 -0.95
CA ASN A 55 -4.48 11.14 -1.00
C ASN A 55 -5.64 11.64 -0.12
N PHE A 56 -6.64 10.75 0.12
CA PHE A 56 -7.60 10.97 1.20
C PHE A 56 -7.61 9.74 2.14
N ILE A 57 -6.48 9.49 2.85
CA ILE A 57 -6.44 8.53 3.99
C ILE A 57 -7.37 8.99 5.13
N ASN A 58 -7.30 10.27 5.49
CA ASN A 58 -8.07 10.86 6.62
C ASN A 58 -9.59 10.76 6.39
N LYS A 59 -9.98 10.84 5.10
CA LYS A 59 -11.39 10.79 4.67
C LYS A 59 -11.85 9.33 4.53
N TYR A 60 -11.09 8.52 3.76
CA TYR A 60 -11.50 7.15 3.37
C TYR A 60 -11.37 6.19 4.56
N ILE A 61 -10.24 6.33 5.25
CA ILE A 61 -9.87 5.50 6.40
C ILE A 61 -9.98 6.35 7.66
N GLN A 62 -11.19 6.39 8.25
CA GLN A 62 -11.45 7.13 9.51
C GLN A 62 -10.78 6.41 10.72
N ASN A 63 -10.47 5.13 10.53
CA ASN A 63 -9.77 4.29 11.53
C ASN A 63 -8.28 4.20 11.15
N LYS A 64 -7.74 5.29 10.55
CA LYS A 64 -6.28 5.42 10.22
C LYS A 64 -5.38 5.41 11.48
N GLU A 65 -6.03 5.68 12.60
CA GLU A 65 -5.39 5.78 13.92
C GLU A 65 -4.99 4.39 14.42
N GLY A 66 -3.67 4.19 14.62
CA GLY A 66 -3.13 3.06 15.38
C GLY A 66 -3.17 1.75 14.62
N LEU A 67 -3.04 1.83 13.28
CA LEU A 67 -3.05 0.64 12.42
C LEU A 67 -1.66 0.33 11.88
N GLU A 68 -1.52 -0.88 11.35
CA GLU A 68 -0.37 -1.32 10.57
C GLU A 68 -0.81 -1.45 9.10
N ILE A 69 0.01 -0.97 8.18
CA ILE A 69 -0.26 -1.10 6.73
C ILE A 69 0.74 -2.10 6.15
N TYR A 70 0.30 -2.86 5.16
CA TYR A 70 1.10 -3.93 4.53
C TYR A 70 1.12 -3.69 3.02
N ASP A 71 2.32 -3.55 2.46
CA ASP A 71 2.53 -3.43 1.01
C ASP A 71 3.24 -4.70 0.50
N LYS A 72 3.32 -4.83 -0.84
CA LYS A 72 4.03 -5.94 -1.48
C LYS A 72 5.54 -5.65 -1.47
N VAL A 73 5.94 -4.59 -2.17
CA VAL A 73 7.34 -4.19 -2.39
C VAL A 73 7.46 -2.67 -2.10
N VAL A 74 8.15 -2.32 -1.01
CA VAL A 74 8.36 -0.91 -0.65
C VAL A 74 9.57 -0.37 -1.43
N GLY A 75 9.28 0.09 -2.66
CA GLY A 75 10.25 0.79 -3.49
C GLY A 75 10.31 2.27 -3.14
N LYS A 76 10.97 3.05 -3.99
CA LYS A 76 11.10 4.52 -3.80
C LYS A 76 9.71 5.23 -3.87
N ALA A 77 8.83 4.75 -4.78
CA ALA A 77 7.43 5.22 -4.88
C ALA A 77 6.58 4.84 -3.67
N ALA A 78 6.69 3.58 -3.24
CA ALA A 78 5.98 3.10 -2.05
C ALA A 78 6.48 3.84 -0.80
N ALA A 79 7.78 4.21 -0.79
CA ALA A 79 8.44 4.95 0.30
C ALA A 79 7.90 6.37 0.41
N VAL A 80 7.90 7.12 -0.72
CA VAL A 80 7.37 8.49 -0.74
C VAL A 80 5.88 8.48 -0.36
N ILE A 81 5.12 7.48 -0.86
CA ILE A 81 3.69 7.34 -0.54
C ILE A 81 3.45 7.15 0.96
N ILE A 82 4.10 6.12 1.57
CA ILE A 82 3.93 5.81 3.00
C ILE A 82 4.37 7.00 3.88
N TYR A 83 5.46 7.68 3.45
CA TYR A 83 5.97 8.89 4.12
C TYR A 83 4.94 10.04 4.05
N ASN A 84 4.30 10.19 2.88
CA ASN A 84 3.29 11.25 2.61
C ASN A 84 2.01 11.04 3.44
N ILE A 85 1.60 9.79 3.54
CA ILE A 85 0.52 9.35 4.44
C ILE A 85 0.91 9.59 5.91
N GLY A 86 2.18 9.26 6.22
CA GLY A 86 2.74 9.44 7.56
C GLY A 86 2.32 8.32 8.51
N LEU A 87 2.55 7.06 8.09
CA LEU A 87 2.20 5.86 8.89
C LEU A 87 3.39 5.51 9.83
N GLN A 88 3.08 4.93 11.01
CA GLN A 88 4.07 4.56 12.04
C GLN A 88 4.33 3.04 12.08
N ASN A 89 3.30 2.24 11.76
CA ASN A 89 3.35 0.76 11.82
C ASN A 89 3.14 0.24 10.39
N VAL A 90 4.19 -0.33 9.80
CA VAL A 90 4.15 -0.79 8.39
C VAL A 90 4.83 -2.16 8.26
N GLN A 91 4.44 -2.92 7.24
CA GLN A 91 4.97 -4.22 6.90
C GLN A 91 5.04 -4.34 5.36
N ALA A 92 5.95 -5.17 4.83
CA ALA A 92 6.04 -5.46 3.38
C ALA A 92 6.46 -6.91 3.13
N GLY A 93 6.34 -7.35 1.86
CA GLY A 93 6.88 -8.63 1.41
C GLY A 93 8.36 -8.50 1.08
N VAL A 94 8.72 -7.34 0.50
CA VAL A 94 10.11 -6.93 0.20
C VAL A 94 10.22 -5.39 0.29
N VAL A 95 11.47 -4.88 0.30
CA VAL A 95 11.74 -3.41 0.24
C VAL A 95 12.95 -3.11 -0.68
N SER A 96 13.27 -1.81 -0.88
CA SER A 96 14.57 -1.33 -1.42
C SER A 96 15.42 -0.79 -0.26
N GLN A 97 16.77 -0.80 -0.41
CA GLN A 97 17.70 -0.30 0.65
C GLN A 97 17.42 1.18 1.00
N PRO A 98 17.40 2.17 0.01
CA PRO A 98 17.14 3.59 0.35
C PRO A 98 15.78 3.78 1.07
N ALA A 99 14.76 3.03 0.59
CA ALA A 99 13.39 3.09 1.13
C ALA A 99 13.37 2.72 2.63
N LYS A 100 13.94 1.53 2.96
CA LYS A 100 13.98 1.04 4.35
C LYS A 100 14.82 1.96 5.25
N ASP A 101 15.97 2.39 4.68
CA ASP A 101 16.95 3.24 5.35
C ASP A 101 16.31 4.57 5.78
N PHE A 102 15.48 5.15 4.89
CA PHE A 102 14.82 6.45 5.15
C PHE A 102 13.64 6.29 6.11
N LEU A 103 12.84 5.24 5.88
CA LEU A 103 11.60 4.94 6.65
C LEU A 103 11.88 4.71 8.16
N GLU A 104 12.83 3.83 8.45
CA GLU A 104 13.21 3.48 9.84
C GLU A 104 13.91 4.65 10.54
N SER A 105 14.53 5.52 9.72
CA SER A 105 15.36 6.66 10.20
C SER A 105 14.47 7.84 10.57
N ARG A 106 13.38 7.92 9.80
CA ARG A 106 12.23 8.81 10.03
C ARG A 106 11.53 8.44 11.36
N GLY A 107 11.74 7.18 11.80
CA GLY A 107 11.13 6.67 13.01
C GLY A 107 9.79 6.03 12.72
N ILE A 108 9.72 5.32 11.57
CA ILE A 108 8.59 4.45 11.25
C ILE A 108 9.00 3.00 11.56
N LYS A 109 8.20 2.33 12.40
CA LYS A 109 8.43 0.93 12.78
C LYS A 109 7.87 0.05 11.66
N VAL A 110 8.79 -0.57 10.90
CA VAL A 110 8.44 -1.36 9.72
C VAL A 110 9.01 -2.80 9.80
N ALA A 111 8.25 -3.78 9.25
CA ALA A 111 8.68 -5.18 9.14
C ALA A 111 8.79 -5.58 7.66
N TYR A 112 10.02 -5.54 7.11
CA TYR A 112 10.30 -5.87 5.71
C TYR A 112 11.71 -6.45 5.56
N LYS A 113 12.07 -6.85 4.33
CA LYS A 113 13.36 -7.48 4.01
C LYS A 113 13.90 -6.98 2.66
N LYS A 114 15.22 -6.67 2.65
CA LYS A 114 16.05 -6.59 1.45
C LYS A 114 17.52 -6.45 1.86
N LEU A 115 18.32 -7.47 1.57
CA LEU A 115 19.78 -7.45 1.78
C LEU A 115 20.44 -6.96 0.48
N VAL A 116 20.70 -5.64 0.40
CA VAL A 116 21.43 -4.96 -0.69
C VAL A 116 22.11 -3.71 -0.10
N GLU A 117 23.09 -3.16 -0.83
CA GLU A 117 23.79 -1.93 -0.41
C GLU A 117 23.08 -0.67 -0.95
N LYS A 118 22.75 -0.67 -2.25
CA LYS A 118 22.17 0.48 -2.97
C LYS A 118 21.43 -0.03 -4.23
N ILE A 119 20.61 0.86 -4.82
CA ILE A 119 20.12 0.75 -6.20
C ILE A 119 20.83 1.85 -7.01
N ASN A 120 21.25 1.51 -8.24
CA ASN A 120 22.01 2.41 -9.12
C ASN A 120 21.12 3.59 -9.57
N ASP A 121 21.24 4.73 -8.88
CA ASP A 121 20.52 5.97 -9.21
C ASP A 121 21.48 7.15 -9.20
N ARG A 122 21.18 8.13 -10.06
CA ARG A 122 21.88 9.43 -10.11
C ARG A 122 21.52 10.25 -8.86
N ALA A 123 20.41 9.85 -8.20
CA ALA A 123 19.86 10.49 -7.00
C ALA A 123 20.93 10.65 -5.89
N GLU A 124 21.90 9.72 -5.82
CA GLU A 124 23.01 9.80 -4.84
C GLU A 124 23.77 11.15 -4.97
N SER A 125 24.13 11.51 -6.20
CA SER A 125 24.89 12.75 -6.49
C SER A 125 23.94 13.95 -6.76
N LEU A 126 22.67 13.65 -7.08
CA LEU A 126 21.66 14.67 -7.44
C LEU A 126 21.15 15.37 -6.16
N ILE A 127 21.02 14.59 -5.09
CA ILE A 127 20.49 15.09 -3.81
C ILE A 127 21.64 15.66 -2.95
N GLU A 128 21.65 17.00 -2.79
CA GLU A 128 22.55 17.69 -1.85
C GLU A 128 22.04 17.50 -0.40
N SER A 129 20.73 17.64 -0.23
CA SER A 129 20.04 17.51 1.05
C SER A 129 18.72 16.73 0.85
N LEU A 130 18.35 15.91 1.84
CA LEU A 130 17.11 15.08 1.82
C LEU A 130 15.93 15.82 2.48
N GLU A 131 16.06 17.15 2.63
CA GLU A 131 15.06 18.01 3.30
C GLU A 131 13.76 18.14 2.47
N ASN A 132 13.87 17.95 1.15
CA ASN A 132 12.73 18.06 0.21
C ASN A 132 12.49 16.69 -0.49
N PRO A 133 11.38 15.96 -0.12
CA PRO A 133 11.02 14.66 -0.74
C PRO A 133 10.32 14.83 -2.10
N GLU A 134 10.11 16.09 -2.53
CA GLU A 134 9.55 16.40 -3.84
C GLU A 134 10.58 16.12 -4.95
N GLU A 135 11.87 16.38 -4.66
CA GLU A 135 12.97 16.19 -5.64
C GLU A 135 13.13 14.72 -6.03
N VAL A 136 13.07 13.83 -5.02
CA VAL A 136 13.15 12.37 -5.23
C VAL A 136 11.92 11.85 -5.98
N TYR A 137 10.77 12.49 -5.71
CA TYR A 137 9.49 12.24 -6.38
C TYR A 137 9.56 12.60 -7.88
N LYS A 138 10.25 13.72 -8.21
CA LYS A 138 10.42 14.17 -9.62
C LYS A 138 11.40 13.24 -10.35
N TYR A 139 12.44 12.79 -9.62
CA TYR A 139 13.39 11.79 -10.12
C TYR A 139 12.64 10.46 -10.38
N MET A 140 11.77 10.11 -9.44
CA MET A 140 10.90 8.92 -9.46
C MET A 140 10.03 8.87 -10.73
N ILE A 141 9.56 10.07 -11.17
CA ILE A 141 8.79 10.23 -12.42
C ILE A 141 9.66 9.78 -13.63
N LYS A 142 10.85 10.38 -13.77
CA LYS A 142 11.72 10.17 -14.94
C LYS A 142 12.38 8.79 -14.94
N ARG A 143 12.58 8.22 -13.74
CA ARG A 143 13.22 6.92 -13.54
C ARG A 143 12.16 5.79 -13.64
N GLY A 144 10.87 6.18 -13.50
CA GLY A 144 9.73 5.30 -13.79
C GLY A 144 9.57 4.14 -12.82
N ILE A 145 10.05 4.32 -11.58
CA ILE A 145 9.98 3.27 -10.53
C ILE A 145 8.65 3.36 -9.72
N ILE A 146 7.66 4.06 -10.30
CA ILE A 146 6.33 4.24 -9.68
C ILE A 146 5.43 3.04 -10.03
N VAL A 147 5.63 2.48 -11.22
CA VAL A 147 4.91 1.28 -11.66
C VAL A 147 5.64 0.03 -11.15
N ASN A 148 4.91 -0.83 -10.41
CA ASN A 148 5.43 -2.12 -9.94
C ASN A 148 5.49 -3.10 -11.14
N ASN A 149 6.65 -3.08 -11.82
CA ASN A 149 6.91 -3.83 -13.06
C ASN A 149 8.43 -3.95 -13.21
N LEU A 150 8.99 -5.13 -12.84
CA LEU A 150 10.44 -5.38 -12.87
C LEU A 150 10.77 -6.34 -14.03
N MET A 1 22.40 20.94 62.43
CA MET A 1 21.32 21.35 61.49
C MET A 1 20.69 20.09 60.89
N ALA A 2 19.44 19.82 61.25
CA ALA A 2 18.67 18.69 60.74
C ALA A 2 17.17 18.99 60.93
N HIS A 3 16.38 18.71 59.89
CA HIS A 3 14.92 18.91 59.91
C HIS A 3 14.27 18.00 58.85
N HIS A 4 13.45 17.05 59.32
CA HIS A 4 12.83 16.00 58.49
C HIS A 4 11.44 16.42 58.01
N HIS A 5 11.00 15.81 56.90
CA HIS A 5 9.75 16.16 56.19
C HIS A 5 9.12 14.90 55.57
N HIS A 6 7.77 14.86 55.53
CA HIS A 6 7.01 13.75 54.89
C HIS A 6 5.99 14.33 53.90
N HIS A 7 5.90 13.70 52.70
CA HIS A 7 4.93 14.08 51.65
C HIS A 7 4.39 12.82 50.95
N HIS A 8 3.26 12.97 50.26
CA HIS A 8 2.63 11.87 49.49
C HIS A 8 2.88 12.09 47.99
N MET A 9 3.68 11.19 47.39
CA MET A 9 4.02 11.25 45.95
C MET A 9 3.05 10.37 45.14
N GLY A 10 2.32 11.01 44.20
CA GLY A 10 1.32 10.32 43.37
C GLY A 10 1.89 9.90 42.03
N THR A 11 2.97 9.12 42.09
CA THR A 11 3.74 8.71 40.90
C THR A 11 2.99 7.64 40.09
N LEU A 12 3.02 7.80 38.75
CA LEU A 12 2.42 6.86 37.79
C LEU A 12 3.45 6.60 36.66
N GLU A 13 3.15 5.60 35.80
CA GLU A 13 3.94 5.28 34.62
C GLU A 13 3.05 4.42 33.76
N ALA A 14 3.13 4.58 32.45
CA ALA A 14 2.31 3.81 31.53
C ALA A 14 3.08 3.55 30.23
N GLN A 15 3.13 2.29 29.78
CA GLN A 15 3.77 1.90 28.51
C GLN A 15 3.13 0.61 27.98
N THR A 16 2.62 0.66 26.74
CA THR A 16 1.98 -0.49 26.07
C THR A 16 2.66 -0.77 24.72
N GLN A 17 2.64 -2.06 24.29
CA GLN A 17 3.27 -2.54 23.04
C GLN A 17 2.73 -3.94 22.70
N GLY A 18 2.70 -4.30 21.41
CA GLY A 18 2.11 -5.56 20.96
C GLY A 18 2.69 -6.07 19.64
N PRO A 19 2.79 -7.42 19.45
CA PRO A 19 3.29 -8.04 18.18
C PRO A 19 2.17 -8.15 17.11
N GLY A 20 2.46 -8.85 16.00
CA GLY A 20 1.50 -8.99 14.89
C GLY A 20 2.18 -9.50 13.63
N SER A 21 2.85 -10.66 13.77
CA SER A 21 3.69 -11.28 12.72
C SER A 21 2.82 -12.09 11.73
N MET A 22 2.00 -11.37 10.94
CA MET A 22 1.09 -11.97 9.93
C MET A 22 1.81 -12.14 8.59
N ILE A 23 2.60 -13.23 8.49
CA ILE A 23 3.26 -13.63 7.23
C ILE A 23 2.24 -14.35 6.33
N SER A 24 2.19 -13.94 5.06
CA SER A 24 1.17 -14.41 4.12
C SER A 24 1.79 -14.61 2.72
N GLY A 25 1.73 -15.86 2.21
CA GLY A 25 2.16 -16.18 0.85
C GLY A 25 1.25 -15.55 -0.21
N LEU A 26 0.07 -16.15 -0.42
CA LEU A 26 -0.97 -15.57 -1.30
C LEU A 26 -1.66 -14.40 -0.55
N ASN A 27 -1.07 -13.19 -0.69
CA ASN A 27 -1.49 -12.00 0.07
C ASN A 27 -2.12 -10.92 -0.83
N PRO A 28 -3.07 -10.11 -0.26
CA PRO A 28 -3.50 -8.83 -0.87
C PRO A 28 -2.39 -7.76 -0.73
N THR A 29 -2.09 -7.05 -1.83
CA THR A 29 -0.91 -6.17 -1.92
C THR A 29 -1.21 -4.73 -1.42
N LEU A 30 -2.41 -4.53 -0.86
CA LEU A 30 -2.79 -3.36 -0.07
C LEU A 30 -3.72 -3.84 1.06
N ARG A 31 -3.15 -4.00 2.25
CA ARG A 31 -3.84 -4.58 3.40
C ARG A 31 -3.59 -3.69 4.61
N LEU A 32 -4.63 -3.36 5.36
CA LEU A 32 -4.52 -2.50 6.56
C LEU A 32 -4.92 -3.34 7.77
N PHE A 33 -4.09 -3.32 8.82
CA PHE A 33 -4.42 -3.89 10.12
C PHE A 33 -4.68 -2.73 11.08
N LYS A 34 -5.67 -2.87 11.96
CA LYS A 34 -5.89 -1.92 13.05
C LYS A 34 -5.86 -2.69 14.37
N ASP A 35 -4.94 -2.29 15.28
CA ASP A 35 -4.64 -3.02 16.54
C ASP A 35 -4.10 -4.44 16.20
N HIS A 36 -3.22 -4.46 15.17
CA HIS A 36 -2.45 -5.64 14.71
C HIS A 36 -3.34 -6.78 14.16
N LYS A 37 -4.61 -6.48 13.83
CA LYS A 37 -5.55 -7.47 13.27
C LYS A 37 -6.06 -6.96 11.91
N ILE A 38 -6.29 -7.89 10.96
CA ILE A 38 -6.66 -7.53 9.56
C ILE A 38 -8.00 -6.76 9.57
N LEU A 39 -7.96 -5.50 9.13
CA LEU A 39 -9.12 -4.60 9.05
C LEU A 39 -9.62 -4.57 7.59
N TYR A 40 -8.66 -4.38 6.67
CA TYR A 40 -8.88 -4.27 5.22
C TYR A 40 -7.86 -5.15 4.49
N SER A 41 -8.24 -5.71 3.32
CA SER A 41 -7.40 -6.61 2.54
C SER A 41 -7.86 -6.63 1.08
N ASN A 42 -7.12 -5.93 0.20
CA ASN A 42 -7.41 -5.82 -1.24
C ASN A 42 -6.08 -5.71 -2.02
N MET A 43 -6.09 -6.02 -3.30
CA MET A 43 -4.92 -5.82 -4.16
C MET A 43 -4.91 -4.39 -4.73
N GLU A 44 -3.71 -3.93 -5.13
CA GLU A 44 -3.50 -2.61 -5.77
C GLU A 44 -4.28 -2.48 -7.10
N ARG A 45 -4.56 -3.63 -7.73
CA ARG A 45 -5.26 -3.68 -9.01
C ARG A 45 -6.78 -3.57 -8.78
N GLY A 46 -7.51 -3.24 -9.87
CA GLY A 46 -8.94 -2.94 -9.81
C GLY A 46 -9.21 -1.44 -9.61
N LEU A 47 -8.17 -0.63 -9.95
CA LEU A 47 -8.20 0.86 -9.88
C LEU A 47 -8.33 1.36 -8.41
N LYS A 48 -7.95 0.50 -7.43
CA LYS A 48 -8.03 0.82 -5.99
C LYS A 48 -6.70 0.47 -5.28
N PRO A 49 -5.57 1.25 -5.55
CA PRO A 49 -4.24 1.00 -4.95
C PRO A 49 -3.85 1.93 -3.77
N LEU A 50 -2.57 1.78 -3.37
CA LEU A 50 -1.90 2.68 -2.40
C LEU A 50 -1.92 4.16 -2.88
N LEU A 51 -2.05 4.33 -4.22
CA LEU A 51 -2.22 5.64 -4.86
C LEU A 51 -3.55 6.29 -4.43
N GLU A 52 -4.65 5.49 -4.43
CA GLU A 52 -5.98 5.92 -4.08
C GLU A 52 -6.11 6.14 -2.57
N VAL A 53 -5.59 5.19 -1.75
CA VAL A 53 -5.74 5.27 -0.28
C VAL A 53 -5.04 6.54 0.29
N ASP A 54 -3.99 7.00 -0.42
CA ASP A 54 -3.33 8.30 -0.17
C ASP A 54 -4.18 9.44 -0.73
N ASN A 55 -4.70 9.26 -1.96
CA ASN A 55 -5.45 10.31 -2.68
C ASN A 55 -6.76 10.63 -1.94
N PHE A 56 -7.17 9.69 -1.06
CA PHE A 56 -8.21 9.92 -0.08
C PHE A 56 -7.71 9.42 1.30
N ILE A 57 -6.66 10.08 1.86
CA ILE A 57 -6.31 9.90 3.31
C ILE A 57 -7.45 10.42 4.19
N ASN A 58 -7.94 11.62 3.86
CA ASN A 58 -9.01 12.30 4.63
C ASN A 58 -10.30 11.46 4.67
N LYS A 59 -10.54 10.69 3.60
CA LYS A 59 -11.75 9.87 3.43
C LYS A 59 -11.58 8.48 4.03
N TYR A 60 -10.45 7.80 3.75
CA TYR A 60 -10.26 6.40 4.18
C TYR A 60 -9.85 6.32 5.66
N ILE A 61 -8.92 7.20 6.03
CA ILE A 61 -8.31 7.23 7.36
C ILE A 61 -8.71 8.54 8.03
N GLN A 62 -10.02 8.66 8.28
CA GLN A 62 -10.61 9.89 8.84
C GLN A 62 -10.13 10.08 10.28
N ASN A 63 -10.21 8.99 11.06
CA ASN A 63 -9.70 8.94 12.44
C ASN A 63 -9.05 7.56 12.70
N LYS A 64 -8.74 6.83 11.61
CA LYS A 64 -8.19 5.44 11.68
C LYS A 64 -6.67 5.45 11.94
N GLU A 65 -6.08 6.65 11.96
CA GLU A 65 -4.62 6.87 12.08
C GLU A 65 -4.11 6.25 13.41
N GLY A 66 -2.92 5.62 13.34
CA GLY A 66 -2.37 4.84 14.45
C GLY A 66 -2.36 3.35 14.12
N LEU A 67 -3.02 2.98 13.00
CA LEU A 67 -3.05 1.60 12.48
C LEU A 67 -1.71 1.19 11.86
N GLU A 68 -1.61 -0.08 11.46
CA GLU A 68 -0.47 -0.61 10.68
C GLU A 68 -0.94 -0.94 9.27
N ILE A 69 -0.14 -0.60 8.26
CA ILE A 69 -0.46 -0.88 6.83
C ILE A 69 0.46 -2.00 6.30
N TYR A 70 0.07 -2.58 5.17
CA TYR A 70 0.80 -3.62 4.45
C TYR A 70 0.73 -3.33 2.95
N ASP A 71 1.89 -3.45 2.30
CA ASP A 71 2.00 -3.38 0.83
C ASP A 71 2.83 -4.57 0.32
N LYS A 72 3.08 -4.60 -0.99
CA LYS A 72 3.85 -5.67 -1.65
C LYS A 72 5.35 -5.35 -1.63
N VAL A 73 5.71 -4.26 -2.33
CA VAL A 73 7.09 -3.80 -2.52
C VAL A 73 7.12 -2.29 -2.20
N VAL A 74 7.94 -1.87 -1.23
CA VAL A 74 8.12 -0.43 -0.94
C VAL A 74 9.26 0.09 -1.85
N GLY A 75 8.85 0.55 -3.03
CA GLY A 75 9.71 1.32 -3.92
C GLY A 75 9.73 2.78 -3.50
N LYS A 76 10.26 3.66 -4.37
CA LYS A 76 10.36 5.09 -4.06
C LYS A 76 8.97 5.76 -4.06
N ALA A 77 8.05 5.27 -4.92
CA ALA A 77 6.64 5.75 -4.94
C ALA A 77 5.89 5.33 -3.67
N ALA A 78 6.04 4.06 -3.29
CA ALA A 78 5.43 3.54 -2.07
C ALA A 78 6.01 4.24 -0.83
N ALA A 79 7.31 4.61 -0.90
CA ALA A 79 8.03 5.33 0.17
C ALA A 79 7.51 6.76 0.36
N VAL A 80 7.43 7.53 -0.74
CA VAL A 80 6.96 8.91 -0.67
C VAL A 80 5.49 8.93 -0.26
N ILE A 81 4.71 7.93 -0.73
CA ILE A 81 3.28 7.81 -0.42
C ILE A 81 3.08 7.57 1.07
N ILE A 82 3.72 6.53 1.62
CA ILE A 82 3.61 6.18 3.05
C ILE A 82 4.09 7.37 3.91
N TYR A 83 5.14 8.05 3.44
CA TYR A 83 5.69 9.28 4.07
C TYR A 83 4.65 10.44 4.04
N ASN A 84 3.92 10.58 2.91
CA ASN A 84 2.89 11.64 2.72
C ASN A 84 1.63 11.37 3.55
N ILE A 85 1.30 10.08 3.72
CA ILE A 85 0.20 9.63 4.60
C ILE A 85 0.63 9.81 6.07
N GLY A 86 1.89 9.48 6.33
CA GLY A 86 2.54 9.76 7.62
C GLY A 86 2.46 8.61 8.60
N LEU A 87 2.22 7.39 8.07
CA LEU A 87 2.03 6.17 8.88
C LEU A 87 3.34 5.74 9.56
N GLN A 88 3.24 5.34 10.83
CA GLN A 88 4.39 5.00 11.69
C GLN A 88 4.45 3.49 11.97
N ASN A 89 3.47 2.72 11.43
CA ASN A 89 3.39 1.26 11.60
C ASN A 89 3.06 0.65 10.23
N VAL A 90 4.02 -0.09 9.65
CA VAL A 90 3.95 -0.57 8.25
C VAL A 90 4.57 -1.99 8.13
N GLN A 91 4.13 -2.72 7.11
CA GLN A 91 4.64 -4.01 6.74
C GLN A 91 4.66 -4.09 5.19
N ALA A 92 5.64 -4.77 4.64
CA ALA A 92 5.76 -5.01 3.19
C ALA A 92 6.34 -6.40 2.97
N GLY A 93 6.24 -6.91 1.74
CA GLY A 93 6.89 -8.16 1.38
C GLY A 93 8.37 -7.90 1.18
N VAL A 94 8.62 -6.88 0.36
CA VAL A 94 9.97 -6.44 -0.01
C VAL A 94 10.05 -4.92 0.00
N VAL A 95 11.28 -4.41 -0.11
CA VAL A 95 11.55 -2.96 -0.19
C VAL A 95 12.91 -2.69 -0.87
N SER A 96 13.03 -1.53 -1.54
CA SER A 96 14.32 -1.00 -2.03
C SER A 96 15.06 -0.32 -0.87
N GLN A 97 16.41 -0.40 -0.84
CA GLN A 97 17.24 0.15 0.27
C GLN A 97 16.93 1.65 0.55
N PRO A 98 16.96 2.59 -0.48
CA PRO A 98 16.69 4.03 -0.21
C PRO A 98 15.34 4.23 0.51
N ALA A 99 14.32 3.47 0.07
CA ALA A 99 12.95 3.56 0.60
C ALA A 99 12.89 3.10 2.07
N LYS A 100 13.47 1.91 2.35
CA LYS A 100 13.53 1.36 3.72
C LYS A 100 14.29 2.33 4.63
N ASP A 101 15.30 2.96 4.04
CA ASP A 101 16.20 3.90 4.72
C ASP A 101 15.49 5.24 5.02
N PHE A 102 14.50 5.63 4.17
CA PHE A 102 13.58 6.76 4.49
C PHE A 102 12.72 6.37 5.70
N LEU A 103 12.06 5.22 5.56
CA LEU A 103 11.06 4.72 6.52
C LEU A 103 11.62 4.59 7.96
N GLU A 104 12.76 3.91 8.10
CA GLU A 104 13.44 3.72 9.40
C GLU A 104 13.96 5.05 9.97
N SER A 105 14.28 5.99 9.07
CA SER A 105 14.89 7.29 9.44
C SER A 105 13.81 8.22 10.01
N ARG A 106 12.60 8.07 9.44
CA ARG A 106 11.41 8.84 9.83
C ARG A 106 10.73 8.24 11.08
N GLY A 107 11.34 7.18 11.63
CA GLY A 107 10.91 6.57 12.88
C GLY A 107 9.67 5.71 12.68
N ILE A 108 9.57 5.11 11.49
CA ILE A 108 8.45 4.24 11.13
C ILE A 108 8.83 2.78 11.45
N LYS A 109 8.02 2.13 12.31
CA LYS A 109 8.15 0.69 12.62
C LYS A 109 7.69 -0.13 11.41
N VAL A 110 8.65 -0.69 10.65
CA VAL A 110 8.34 -1.43 9.42
C VAL A 110 8.82 -2.89 9.50
N ALA A 111 8.00 -3.82 8.96
CA ALA A 111 8.37 -5.25 8.82
C ALA A 111 8.41 -5.67 7.33
N TYR A 112 9.63 -5.75 6.74
CA TYR A 112 9.83 -6.00 5.29
C TYR A 112 11.20 -6.66 5.02
N LYS A 113 11.47 -6.98 3.73
CA LYS A 113 12.73 -7.65 3.31
C LYS A 113 13.49 -6.84 2.23
N LYS A 114 14.84 -6.87 2.34
CA LYS A 114 15.76 -6.15 1.43
C LYS A 114 17.20 -6.66 1.66
N LEU A 115 17.95 -6.87 0.56
CA LEU A 115 19.42 -7.00 0.62
C LEU A 115 20.02 -6.37 -0.66
N VAL A 116 20.36 -5.08 -0.54
CA VAL A 116 21.03 -4.25 -1.58
C VAL A 116 21.70 -3.08 -0.87
N GLU A 117 22.78 -2.57 -1.46
CA GLU A 117 23.51 -1.40 -0.94
C GLU A 117 22.73 -0.12 -1.25
N LYS A 118 22.68 0.28 -2.53
CA LYS A 118 21.94 1.48 -3.03
C LYS A 118 21.65 1.32 -4.54
N ILE A 119 20.83 2.24 -5.07
CA ILE A 119 20.62 2.37 -6.53
C ILE A 119 21.81 3.14 -7.13
N ASN A 120 22.53 2.53 -8.08
CA ASN A 120 23.71 3.15 -8.70
C ASN A 120 23.24 4.23 -9.70
N ASP A 121 23.09 5.47 -9.20
CA ASP A 121 22.62 6.62 -9.98
C ASP A 121 23.20 7.93 -9.41
N ARG A 122 23.24 8.96 -10.28
CA ARG A 122 23.78 10.29 -9.97
C ARG A 122 23.01 10.96 -8.81
N ALA A 123 21.67 11.04 -8.96
CA ALA A 123 20.78 11.72 -7.98
C ALA A 123 20.69 10.89 -6.69
N GLU A 124 20.73 9.56 -6.81
CA GLU A 124 20.73 8.65 -5.64
C GLU A 124 22.01 8.81 -4.81
N SER A 125 23.13 9.09 -5.49
CA SER A 125 24.44 9.35 -4.85
C SER A 125 24.62 10.86 -4.55
N LEU A 126 23.62 11.68 -4.92
CA LEU A 126 23.61 13.13 -4.65
C LEU A 126 22.85 13.42 -3.34
N ILE A 127 21.83 12.61 -3.06
CA ILE A 127 20.95 12.78 -1.89
C ILE A 127 21.44 11.91 -0.70
N GLU A 128 22.25 12.51 0.18
CA GLU A 128 22.67 11.87 1.45
C GLU A 128 21.57 12.06 2.51
N SER A 129 21.20 13.32 2.74
CA SER A 129 20.42 13.76 3.92
C SER A 129 18.94 13.32 3.88
N LEU A 130 18.48 12.88 2.67
CA LEU A 130 17.08 12.44 2.38
C LEU A 130 16.00 13.45 2.88
N GLU A 131 16.41 14.72 2.96
CA GLU A 131 15.61 15.85 3.53
C GLU A 131 14.60 16.41 2.51
N ASN A 132 14.58 15.81 1.31
CA ASN A 132 13.99 16.41 0.11
C ASN A 132 12.90 15.49 -0.50
N PRO A 133 11.64 15.56 0.03
CA PRO A 133 10.54 14.69 -0.43
C PRO A 133 10.00 15.11 -1.81
N GLU A 134 10.19 16.39 -2.15
CA GLU A 134 9.74 16.98 -3.42
C GLU A 134 10.67 16.56 -4.56
N GLU A 135 11.98 16.49 -4.25
CA GLU A 135 13.03 16.18 -5.23
C GLU A 135 13.00 14.69 -5.63
N VAL A 136 12.78 13.81 -4.63
CA VAL A 136 12.68 12.36 -4.86
C VAL A 136 11.35 12.01 -5.56
N TYR A 137 10.29 12.76 -5.24
CA TYR A 137 8.95 12.64 -5.89
C TYR A 137 9.03 13.06 -7.39
N LYS A 138 9.83 14.10 -7.68
CA LYS A 138 10.08 14.55 -9.08
C LYS A 138 11.00 13.55 -9.82
N TYR A 139 11.99 13.01 -9.09
CA TYR A 139 12.88 11.94 -9.59
C TYR A 139 12.07 10.66 -9.88
N MET A 140 11.03 10.47 -9.09
CA MET A 140 10.06 9.38 -9.20
C MET A 140 9.27 9.49 -10.54
N ILE A 141 8.94 10.73 -10.91
CA ILE A 141 8.32 11.06 -12.22
C ILE A 141 9.31 10.75 -13.35
N LYS A 142 10.58 11.18 -13.16
CA LYS A 142 11.67 10.99 -14.12
C LYS A 142 11.88 9.48 -14.43
N ARG A 143 12.01 8.70 -13.37
CA ARG A 143 12.24 7.25 -13.44
C ARG A 143 10.96 6.47 -13.78
N GLY A 144 9.81 7.11 -13.53
CA GLY A 144 8.50 6.52 -13.81
C GLY A 144 8.18 5.27 -12.99
N ILE A 145 8.80 5.18 -11.78
CA ILE A 145 8.66 3.99 -10.88
C ILE A 145 7.31 4.02 -10.11
N ILE A 146 6.40 4.92 -10.52
CA ILE A 146 5.07 5.07 -9.91
C ILE A 146 4.10 4.05 -10.55
N VAL A 147 4.34 3.75 -11.82
CA VAL A 147 3.54 2.79 -12.61
C VAL A 147 4.47 1.74 -13.24
N ASN A 148 3.96 0.52 -13.38
CA ASN A 148 4.65 -0.58 -14.07
C ASN A 148 4.54 -0.39 -15.61
N ASN A 149 5.53 0.35 -16.16
CA ASN A 149 5.62 0.62 -17.60
C ASN A 149 6.56 -0.43 -18.21
N LEU A 150 5.93 -1.53 -18.65
CA LEU A 150 6.61 -2.69 -19.26
C LEU A 150 7.52 -2.21 -20.44
N MET A 1 -59.92 -71.05 15.17
CA MET A 1 -59.40 -69.95 14.31
C MET A 1 -58.18 -69.30 14.99
N ALA A 2 -57.23 -68.80 14.17
CA ALA A 2 -56.04 -68.10 14.66
C ALA A 2 -56.28 -66.58 14.62
N HIS A 3 -56.78 -66.04 15.74
CA HIS A 3 -57.09 -64.61 15.89
C HIS A 3 -56.17 -64.01 16.98
N HIS A 4 -55.15 -63.24 16.54
CA HIS A 4 -54.10 -62.70 17.43
C HIS A 4 -54.18 -61.16 17.49
N HIS A 5 -53.77 -60.59 18.64
CA HIS A 5 -53.68 -59.12 18.84
C HIS A 5 -52.48 -58.81 19.76
N HIS A 6 -52.04 -57.53 19.76
CA HIS A 6 -50.77 -57.13 20.41
C HIS A 6 -50.78 -55.62 20.80
N HIS A 7 -49.65 -55.14 21.34
CA HIS A 7 -49.45 -53.72 21.73
C HIS A 7 -48.30 -53.09 20.92
N HIS A 8 -48.01 -51.81 21.20
CA HIS A 8 -46.91 -51.06 20.55
C HIS A 8 -46.53 -49.85 21.45
N MET A 9 -45.23 -49.64 21.70
CA MET A 9 -44.75 -48.57 22.59
C MET A 9 -44.15 -47.41 21.78
N GLY A 10 -43.10 -47.69 20.98
CA GLY A 10 -42.44 -46.68 20.14
C GLY A 10 -41.02 -46.36 20.59
N THR A 11 -40.44 -45.31 19.98
CA THR A 11 -39.04 -44.89 20.23
C THR A 11 -38.93 -43.36 20.01
N LEU A 12 -38.12 -42.66 20.84
CA LEU A 12 -37.88 -41.21 20.69
C LEU A 12 -36.50 -40.83 21.26
N GLU A 13 -36.00 -39.65 20.84
CA GLU A 13 -34.67 -39.14 21.18
C GLU A 13 -34.60 -37.72 20.64
N ALA A 14 -33.56 -36.98 21.00
CA ALA A 14 -33.36 -35.64 20.48
C ALA A 14 -31.88 -35.27 20.56
N GLN A 15 -31.32 -34.70 19.48
CA GLN A 15 -29.90 -34.34 19.40
C GLN A 15 -29.68 -33.15 18.45
N THR A 16 -28.49 -32.51 18.55
CA THR A 16 -28.10 -31.36 17.73
C THR A 16 -26.89 -31.69 16.84
N GLN A 17 -26.67 -30.86 15.81
CA GLN A 17 -25.54 -31.00 14.86
C GLN A 17 -24.81 -29.64 14.75
N GLY A 18 -23.47 -29.69 14.59
CA GLY A 18 -22.64 -28.49 14.53
C GLY A 18 -22.63 -27.81 13.15
N PRO A 19 -22.22 -26.50 13.07
CA PRO A 19 -22.07 -25.78 11.78
C PRO A 19 -20.68 -25.99 11.12
N GLY A 20 -20.42 -25.22 10.04
CA GLY A 20 -19.12 -25.26 9.34
C GLY A 20 -18.16 -24.16 9.79
N SER A 21 -17.51 -23.50 8.82
CA SER A 21 -16.49 -22.45 9.06
C SER A 21 -16.19 -21.68 7.77
N MET A 22 -15.44 -20.56 7.87
CA MET A 22 -15.08 -19.71 6.72
C MET A 22 -13.63 -19.20 6.87
N ILE A 23 -12.91 -19.12 5.74
CA ILE A 23 -11.53 -18.60 5.66
C ILE A 23 -11.44 -17.58 4.50
N SER A 24 -10.46 -16.65 4.57
CA SER A 24 -10.28 -15.57 3.56
C SER A 24 -9.81 -16.14 2.20
N GLY A 25 -10.22 -15.48 1.08
CA GLY A 25 -10.05 -16.03 -0.28
C GLY A 25 -9.33 -15.09 -1.24
N LEU A 26 -9.68 -13.78 -1.21
CA LEU A 26 -9.09 -12.76 -2.10
C LEU A 26 -7.60 -12.57 -1.76
N ASN A 27 -6.71 -12.73 -2.77
CA ASN A 27 -5.24 -12.62 -2.60
C ASN A 27 -4.81 -11.13 -2.67
N PRO A 28 -4.41 -10.52 -1.52
CA PRO A 28 -4.15 -9.07 -1.44
C PRO A 28 -2.66 -8.70 -1.65
N THR A 29 -2.44 -7.65 -2.45
CA THR A 29 -1.10 -7.08 -2.67
C THR A 29 -0.80 -6.06 -1.57
N LEU A 30 -1.88 -5.43 -1.07
CA LEU A 30 -1.83 -4.42 -0.01
C LEU A 30 -2.81 -4.82 1.10
N ARG A 31 -2.41 -4.57 2.35
CA ARG A 31 -3.29 -4.74 3.52
C ARG A 31 -3.22 -3.51 4.44
N LEU A 32 -4.21 -3.44 5.33
CA LEU A 32 -4.20 -2.58 6.52
C LEU A 32 -4.48 -3.50 7.73
N PHE A 33 -3.80 -3.24 8.85
CA PHE A 33 -3.87 -4.07 10.06
C PHE A 33 -4.18 -3.15 11.26
N LYS A 34 -5.19 -3.51 12.09
CA LYS A 34 -5.69 -2.65 13.18
C LYS A 34 -6.44 -3.51 14.23
N ASP A 35 -6.16 -3.25 15.52
CA ASP A 35 -6.78 -3.95 16.68
C ASP A 35 -6.47 -5.47 16.67
N HIS A 36 -5.25 -5.82 16.21
CA HIS A 36 -4.75 -7.21 16.10
C HIS A 36 -5.56 -8.03 15.07
N LYS A 37 -6.28 -7.32 14.19
CA LYS A 37 -7.16 -7.90 13.18
C LYS A 37 -6.76 -7.38 11.80
N ILE A 38 -7.04 -8.16 10.74
CA ILE A 38 -6.97 -7.65 9.36
C ILE A 38 -8.07 -6.57 9.19
N LEU A 39 -7.65 -5.34 8.91
CA LEU A 39 -8.56 -4.21 8.68
C LEU A 39 -8.95 -4.17 7.19
N TYR A 40 -7.96 -4.38 6.33
CA TYR A 40 -8.14 -4.34 4.87
C TYR A 40 -7.21 -5.38 4.21
N SER A 41 -7.70 -6.03 3.15
CA SER A 41 -6.92 -6.94 2.31
C SER A 41 -7.45 -6.81 0.89
N ASN A 42 -6.68 -6.15 0.03
CA ASN A 42 -7.08 -5.94 -1.36
C ASN A 42 -5.85 -5.82 -2.26
N MET A 43 -6.03 -6.17 -3.53
CA MET A 43 -5.06 -5.93 -4.58
C MET A 43 -5.09 -4.42 -4.96
N GLU A 44 -3.97 -3.89 -5.49
CA GLU A 44 -3.81 -2.44 -5.78
C GLU A 44 -4.81 -1.93 -6.84
N ARG A 45 -5.45 -2.85 -7.56
CA ARG A 45 -6.45 -2.51 -8.60
C ARG A 45 -7.86 -2.78 -8.05
N GLY A 46 -8.79 -1.82 -8.24
CA GLY A 46 -10.15 -1.95 -7.71
C GLY A 46 -11.06 -0.82 -8.18
N LEU A 47 -12.27 -0.72 -7.57
CA LEU A 47 -13.22 0.39 -7.80
C LEU A 47 -12.53 1.70 -7.38
N LYS A 48 -11.88 1.65 -6.21
CA LYS A 48 -10.91 2.67 -5.77
C LYS A 48 -9.54 1.97 -5.67
N PRO A 49 -8.65 2.10 -6.72
CA PRO A 49 -7.25 1.61 -6.63
C PRO A 49 -6.41 2.34 -5.56
N LEU A 50 -5.17 1.84 -5.37
CA LEU A 50 -4.24 2.30 -4.35
C LEU A 50 -4.04 3.84 -4.41
N LEU A 51 -3.94 4.37 -5.64
CA LEU A 51 -3.70 5.80 -5.88
C LEU A 51 -4.92 6.65 -5.44
N GLU A 52 -6.14 6.14 -5.66
CA GLU A 52 -7.39 6.83 -5.24
C GLU A 52 -7.50 6.83 -3.71
N VAL A 53 -7.15 5.69 -3.09
CA VAL A 53 -7.13 5.55 -1.62
C VAL A 53 -6.15 6.50 -0.95
N ASP A 54 -4.94 6.58 -1.51
CA ASP A 54 -3.90 7.51 -1.04
C ASP A 54 -4.36 8.97 -1.25
N ASN A 55 -5.03 9.19 -2.40
CA ASN A 55 -5.45 10.52 -2.85
C ASN A 55 -6.50 11.10 -1.90
N PHE A 56 -7.22 10.21 -1.18
CA PHE A 56 -8.00 10.65 0.00
C PHE A 56 -7.71 9.73 1.18
N ILE A 57 -6.45 9.76 1.69
CA ILE A 57 -6.13 9.18 3.02
C ILE A 57 -6.87 9.94 4.14
N ASN A 58 -6.90 11.27 4.05
CA ASN A 58 -7.51 12.12 5.09
C ASN A 58 -9.00 11.79 5.29
N LYS A 59 -9.67 11.36 4.19
CA LYS A 59 -11.09 10.96 4.20
C LYS A 59 -11.26 9.45 4.53
N TYR A 60 -10.43 8.60 3.89
CA TYR A 60 -10.52 7.11 4.07
C TYR A 60 -10.10 6.69 5.49
N ILE A 61 -9.16 7.49 6.03
CA ILE A 61 -8.50 7.25 7.33
C ILE A 61 -8.72 8.50 8.20
N GLN A 62 -9.98 8.97 8.24
CA GLN A 62 -10.39 10.08 9.11
C GLN A 62 -10.45 9.62 10.58
N ASN A 63 -10.73 8.32 10.77
CA ASN A 63 -10.94 7.71 12.10
C ASN A 63 -10.07 6.44 12.28
N LYS A 64 -9.32 6.03 11.22
CA LYS A 64 -8.44 4.84 11.30
C LYS A 64 -7.05 5.23 11.86
N GLU A 65 -7.06 5.84 13.05
CA GLU A 65 -5.87 6.17 13.84
C GLU A 65 -5.25 4.88 14.42
N GLY A 66 -3.93 4.88 14.64
CA GLY A 66 -3.22 3.70 15.18
C GLY A 66 -3.11 2.56 14.19
N LEU A 67 -3.35 2.88 12.91
CA LEU A 67 -3.41 1.92 11.81
C LEU A 67 -1.99 1.50 11.37
N GLU A 68 -1.87 0.25 10.94
CA GLU A 68 -0.68 -0.27 10.27
C GLU A 68 -0.99 -0.51 8.79
N ILE A 69 -0.02 -0.26 7.91
CA ILE A 69 -0.17 -0.57 6.47
C ILE A 69 0.75 -1.76 6.11
N TYR A 70 0.42 -2.46 5.01
CA TYR A 70 1.21 -3.57 4.49
C TYR A 70 1.36 -3.40 2.99
N ASP A 71 2.56 -3.01 2.57
CA ASP A 71 2.95 -2.95 1.16
C ASP A 71 3.53 -4.31 0.71
N LYS A 72 3.67 -4.49 -0.60
CA LYS A 72 4.36 -5.65 -1.18
C LYS A 72 5.86 -5.34 -1.26
N VAL A 73 6.19 -4.33 -2.07
CA VAL A 73 7.55 -3.83 -2.27
C VAL A 73 7.56 -2.32 -1.91
N VAL A 74 8.52 -1.89 -1.06
CA VAL A 74 8.70 -0.46 -0.74
C VAL A 74 9.93 0.08 -1.45
N GLY A 75 9.71 0.64 -2.64
CA GLY A 75 10.75 1.34 -3.40
C GLY A 75 10.67 2.85 -3.20
N LYS A 76 11.08 3.60 -4.22
CA LYS A 76 11.13 5.09 -4.18
C LYS A 76 9.70 5.66 -3.96
N ALA A 77 8.77 5.29 -4.85
CA ALA A 77 7.39 5.76 -4.83
C ALA A 77 6.65 5.33 -3.56
N ALA A 78 6.84 4.07 -3.15
CA ALA A 78 6.20 3.54 -1.94
C ALA A 78 6.73 4.26 -0.69
N ALA A 79 8.05 4.57 -0.67
CA ALA A 79 8.70 5.29 0.44
C ALA A 79 8.16 6.71 0.59
N VAL A 80 8.16 7.47 -0.53
CA VAL A 80 7.69 8.86 -0.49
C VAL A 80 6.19 8.91 -0.16
N ILE A 81 5.40 7.95 -0.70
CA ILE A 81 3.96 7.89 -0.45
C ILE A 81 3.66 7.61 1.03
N ILE A 82 4.24 6.52 1.59
CA ILE A 82 4.05 6.15 3.01
C ILE A 82 4.47 7.33 3.91
N TYR A 83 5.56 8.03 3.51
CA TYR A 83 6.04 9.22 4.23
C TYR A 83 5.05 10.41 4.13
N ASN A 84 4.51 10.65 2.93
CA ASN A 84 3.60 11.79 2.63
C ASN A 84 2.26 11.63 3.36
N ILE A 85 1.85 10.37 3.52
CA ILE A 85 0.68 9.99 4.31
C ILE A 85 1.02 10.14 5.82
N GLY A 86 2.00 9.35 6.30
CA GLY A 86 2.51 9.48 7.66
C GLY A 86 2.09 8.34 8.55
N LEU A 87 2.31 7.10 8.07
CA LEU A 87 2.10 5.87 8.88
C LEU A 87 3.25 5.73 9.89
N GLN A 88 2.92 5.16 11.07
CA GLN A 88 3.90 4.91 12.16
C GLN A 88 4.20 3.39 12.28
N ASN A 89 3.28 2.57 11.76
CA ASN A 89 3.39 1.09 11.75
C ASN A 89 3.16 0.58 10.32
N VAL A 90 4.18 -0.08 9.77
CA VAL A 90 4.19 -0.56 8.38
C VAL A 90 4.79 -1.97 8.33
N GLN A 91 4.38 -2.74 7.32
CA GLN A 91 4.94 -4.03 7.00
C GLN A 91 5.06 -4.14 5.48
N ALA A 92 6.12 -4.78 4.99
CA ALA A 92 6.34 -4.99 3.54
C ALA A 92 6.99 -6.35 3.31
N GLY A 93 6.84 -6.89 2.09
CA GLY A 93 7.46 -8.16 1.74
C GLY A 93 8.92 -7.97 1.41
N VAL A 94 9.19 -6.92 0.62
CA VAL A 94 10.55 -6.48 0.26
C VAL A 94 10.66 -4.95 0.32
N VAL A 95 11.90 -4.45 0.45
CA VAL A 95 12.17 -3.00 0.45
C VAL A 95 13.55 -2.68 -0.19
N SER A 96 13.70 -1.43 -0.68
CA SER A 96 15.00 -0.87 -1.11
C SER A 96 15.77 -0.38 0.12
N GLN A 97 17.11 -0.25 0.01
CA GLN A 97 17.97 0.17 1.14
C GLN A 97 17.66 1.62 1.60
N PRO A 98 17.69 2.66 0.69
CA PRO A 98 17.42 4.08 1.11
C PRO A 98 15.99 4.26 1.64
N ALA A 99 15.03 3.49 1.07
CA ALA A 99 13.62 3.50 1.49
C ALA A 99 13.49 2.99 2.95
N LYS A 100 14.14 1.83 3.18
CA LYS A 100 14.24 1.17 4.50
C LYS A 100 14.79 2.15 5.56
N ASP A 101 15.98 2.68 5.23
CA ASP A 101 16.75 3.58 6.07
C ASP A 101 15.97 4.86 6.39
N PHE A 102 15.29 5.45 5.39
CA PHE A 102 14.55 6.73 5.53
C PHE A 102 13.27 6.53 6.39
N LEU A 103 12.60 5.39 6.18
CA LEU A 103 11.41 4.99 6.97
C LEU A 103 11.77 4.86 8.46
N GLU A 104 12.80 4.04 8.76
CA GLU A 104 13.33 3.88 10.14
C GLU A 104 13.85 5.20 10.72
N SER A 105 14.35 6.05 9.82
CA SER A 105 14.97 7.36 10.17
C SER A 105 13.89 8.35 10.65
N ARG A 106 12.73 8.29 9.98
CA ARG A 106 11.55 9.08 10.38
C ARG A 106 10.79 8.44 11.55
N GLY A 107 11.37 7.36 12.13
CA GLY A 107 10.82 6.73 13.33
C GLY A 107 9.60 5.88 13.02
N ILE A 108 9.49 5.46 11.76
CA ILE A 108 8.39 4.63 11.29
C ILE A 108 8.78 3.18 11.59
N LYS A 109 7.98 2.51 12.43
CA LYS A 109 8.23 1.13 12.85
C LYS A 109 7.77 0.17 11.76
N VAL A 110 8.74 -0.38 11.00
CA VAL A 110 8.45 -1.18 9.80
C VAL A 110 8.94 -2.64 9.96
N ALA A 111 8.19 -3.59 9.37
CA ALA A 111 8.55 -5.03 9.35
C ALA A 111 8.70 -5.51 7.89
N TYR A 112 9.94 -5.55 7.36
CA TYR A 112 10.21 -5.85 5.94
C TYR A 112 11.53 -6.60 5.73
N LYS A 113 11.70 -7.12 4.49
CA LYS A 113 12.90 -7.89 4.06
C LYS A 113 13.59 -7.12 2.91
N LYS A 114 14.91 -7.31 2.80
CA LYS A 114 15.72 -6.72 1.73
C LYS A 114 17.05 -7.49 1.55
N LEU A 115 17.50 -7.57 0.30
CA LEU A 115 18.90 -7.81 -0.03
C LEU A 115 19.22 -6.85 -1.18
N VAL A 116 19.74 -5.67 -0.82
CA VAL A 116 20.16 -4.60 -1.74
C VAL A 116 21.19 -3.72 -1.01
N GLU A 117 22.16 -3.19 -1.76
CA GLU A 117 23.23 -2.33 -1.21
C GLU A 117 23.00 -0.85 -1.56
N LYS A 118 22.71 -0.60 -2.84
CA LYS A 118 22.61 0.77 -3.40
C LYS A 118 21.75 0.71 -4.67
N ILE A 119 20.72 1.57 -4.74
CA ILE A 119 19.81 1.63 -5.90
C ILE A 119 20.45 2.46 -7.02
N ASN A 120 20.50 1.91 -8.25
CA ASN A 120 21.01 2.64 -9.43
C ASN A 120 20.04 3.80 -9.75
N ASP A 121 20.37 4.98 -9.21
CA ASP A 121 19.59 6.21 -9.40
C ASP A 121 20.56 7.39 -9.29
N ARG A 122 20.51 8.29 -10.28
CA ARG A 122 21.44 9.42 -10.39
C ARG A 122 21.25 10.43 -9.24
N ALA A 123 19.98 10.81 -9.00
CA ALA A 123 19.62 11.85 -8.00
C ALA A 123 19.92 11.36 -6.58
N GLU A 124 19.79 10.04 -6.37
CA GLU A 124 20.09 9.38 -5.08
C GLU A 124 21.56 9.67 -4.67
N SER A 125 22.47 9.60 -5.64
CA SER A 125 23.91 9.83 -5.44
C SER A 125 24.31 11.31 -5.63
N LEU A 126 23.53 12.06 -6.44
CA LEU A 126 23.83 13.47 -6.80
C LEU A 126 23.60 14.38 -5.59
N ILE A 127 22.46 14.15 -4.93
CA ILE A 127 22.03 14.90 -3.75
C ILE A 127 22.85 14.46 -2.52
N GLU A 128 23.16 15.42 -1.62
CA GLU A 128 24.01 15.21 -0.43
C GLU A 128 23.42 14.14 0.50
N SER A 129 22.15 14.35 0.78
CA SER A 129 21.31 13.45 1.58
C SER A 129 19.87 13.57 1.11
N LEU A 130 19.13 12.44 1.14
CA LEU A 130 17.75 12.37 0.62
C LEU A 130 16.72 12.89 1.66
N GLU A 131 17.08 13.99 2.36
CA GLU A 131 16.19 14.74 3.27
C GLU A 131 15.38 15.80 2.49
N ASN A 132 15.39 15.68 1.14
CA ASN A 132 14.65 16.56 0.23
C ASN A 132 13.61 15.71 -0.58
N PRO A 133 12.44 15.37 0.06
CA PRO A 133 11.49 14.39 -0.49
C PRO A 133 10.75 14.89 -1.75
N GLU A 134 10.62 16.21 -1.90
CA GLU A 134 9.98 16.83 -3.08
C GLU A 134 10.83 16.66 -4.34
N GLU A 135 12.15 16.81 -4.19
CA GLU A 135 13.10 16.78 -5.32
C GLU A 135 13.20 15.36 -5.89
N VAL A 136 13.28 14.37 -4.98
CA VAL A 136 13.33 12.94 -5.35
C VAL A 136 11.97 12.48 -5.89
N TYR A 137 10.87 13.04 -5.35
CA TYR A 137 9.47 12.82 -5.83
C TYR A 137 9.32 13.23 -7.31
N LYS A 138 9.91 14.37 -7.69
CA LYS A 138 9.88 14.86 -9.10
C LYS A 138 10.79 14.00 -10.01
N TYR A 139 11.92 13.53 -9.45
CA TYR A 139 12.84 12.63 -10.19
C TYR A 139 12.18 11.24 -10.36
N MET A 140 11.37 10.86 -9.38
CA MET A 140 10.59 9.64 -9.36
C MET A 140 9.61 9.57 -10.54
N ILE A 141 9.07 10.75 -10.94
CA ILE A 141 8.19 10.89 -12.11
C ILE A 141 9.00 10.66 -13.39
N LYS A 142 10.18 11.33 -13.45
CA LYS A 142 11.11 11.24 -14.60
C LYS A 142 11.56 9.78 -14.86
N ARG A 143 12.09 9.16 -13.81
CA ARG A 143 12.51 7.76 -13.78
C ARG A 143 11.29 6.81 -13.91
N GLY A 144 10.10 7.35 -13.59
CA GLY A 144 8.81 6.69 -13.80
C GLY A 144 8.60 5.45 -12.97
N ILE A 145 9.24 5.41 -11.80
CA ILE A 145 9.20 4.24 -10.89
C ILE A 145 7.94 4.26 -9.98
N ILE A 146 6.95 5.11 -10.34
CA ILE A 146 5.68 5.25 -9.61
C ILE A 146 4.67 4.19 -10.10
N VAL A 147 4.77 3.85 -11.39
CA VAL A 147 3.99 2.78 -12.03
C VAL A 147 4.97 1.93 -12.83
N ASN A 148 4.78 0.59 -12.81
CA ASN A 148 5.61 -0.33 -13.60
C ASN A 148 5.48 -0.04 -15.10
N ASN A 149 6.60 0.42 -15.68
CA ASN A 149 6.71 0.75 -17.11
C ASN A 149 7.43 -0.42 -17.80
N LEU A 150 6.65 -1.40 -18.26
CA LEU A 150 7.16 -2.60 -18.94
C LEU A 150 6.63 -2.58 -20.40
N MET A 1 38.95 36.80 -18.82
CA MET A 1 39.44 35.59 -18.13
C MET A 1 38.39 34.49 -18.21
N ALA A 2 38.79 33.32 -18.78
CA ALA A 2 37.92 32.14 -18.89
C ALA A 2 37.63 31.56 -17.49
N HIS A 3 36.43 31.85 -16.95
CA HIS A 3 35.98 31.29 -15.66
C HIS A 3 35.66 29.80 -15.84
N HIS A 4 36.02 28.98 -14.84
CA HIS A 4 35.88 27.52 -14.91
C HIS A 4 35.69 26.94 -13.51
N HIS A 5 34.79 25.96 -13.38
CA HIS A 5 34.51 25.29 -12.11
C HIS A 5 34.39 23.78 -12.35
N HIS A 6 35.32 23.02 -11.77
CA HIS A 6 35.33 21.55 -11.85
C HIS A 6 34.63 20.98 -10.61
N HIS A 7 34.10 19.77 -10.73
CA HIS A 7 33.46 19.05 -9.61
C HIS A 7 33.86 17.56 -9.67
N HIS A 8 34.05 16.97 -8.48
CA HIS A 8 34.37 15.55 -8.32
C HIS A 8 33.26 14.89 -7.51
N MET A 9 32.58 13.88 -8.09
CA MET A 9 31.53 13.10 -7.39
C MET A 9 32.17 12.09 -6.41
N GLY A 10 31.36 11.61 -5.45
CA GLY A 10 31.79 10.60 -4.49
C GLY A 10 31.69 9.18 -5.04
N THR A 11 31.54 8.20 -4.15
CA THR A 11 31.49 6.78 -4.52
C THR A 11 30.55 6.04 -3.55
N LEU A 12 29.79 5.07 -4.07
CA LEU A 12 28.94 4.16 -3.27
C LEU A 12 29.14 2.74 -3.80
N GLU A 13 29.85 1.89 -3.02
CA GLU A 13 30.07 0.47 -3.34
C GLU A 13 30.74 -0.16 -2.12
N ALA A 14 30.19 -1.27 -1.62
CA ALA A 14 30.74 -1.96 -0.44
C ALA A 14 30.84 -3.48 -0.69
N GLN A 15 29.70 -4.18 -0.61
CA GLN A 15 29.60 -5.66 -0.69
C GLN A 15 28.52 -6.11 -1.71
N THR A 16 28.18 -7.42 -1.67
CA THR A 16 27.10 -8.00 -2.50
C THR A 16 25.73 -7.81 -1.82
N GLN A 17 24.67 -7.84 -2.62
CA GLN A 17 23.28 -7.74 -2.13
C GLN A 17 22.63 -9.14 -2.07
N GLY A 18 21.52 -9.23 -1.33
CA GLY A 18 20.73 -10.45 -1.23
C GLY A 18 19.37 -10.28 -1.90
N PRO A 19 19.08 -10.98 -3.04
CA PRO A 19 17.75 -10.93 -3.70
C PRO A 19 16.70 -11.78 -2.92
N GLY A 20 15.42 -11.37 -3.01
CA GLY A 20 14.32 -12.09 -2.35
C GLY A 20 13.01 -11.34 -2.43
N SER A 21 12.44 -11.26 -3.65
CA SER A 21 11.13 -10.62 -3.89
C SER A 21 10.00 -11.62 -3.60
N MET A 22 8.93 -11.17 -2.92
CA MET A 22 7.73 -12.00 -2.66
C MET A 22 6.46 -11.22 -3.07
N ILE A 23 6.28 -11.10 -4.40
CA ILE A 23 5.12 -10.45 -5.02
C ILE A 23 4.04 -11.52 -5.31
N SER A 24 2.95 -11.48 -4.53
CA SER A 24 1.89 -12.49 -4.57
C SER A 24 1.07 -12.43 -5.88
N GLY A 25 0.37 -11.31 -6.12
CA GLY A 25 -0.47 -11.13 -7.31
C GLY A 25 -1.91 -11.54 -7.08
N LEU A 26 -2.14 -12.84 -6.79
CA LEU A 26 -3.50 -13.40 -6.52
C LEU A 26 -3.89 -13.26 -5.03
N ASN A 27 -3.19 -12.37 -4.32
CA ASN A 27 -3.40 -12.07 -2.89
C ASN A 27 -3.28 -10.55 -2.72
N PRO A 28 -4.14 -9.88 -1.87
CA PRO A 28 -4.16 -8.42 -1.74
C PRO A 28 -2.80 -7.86 -1.27
N THR A 29 -2.07 -7.33 -2.24
CA THR A 29 -0.73 -6.77 -2.03
C THR A 29 -0.78 -5.43 -1.26
N LEU A 30 -2.00 -4.90 -1.07
CA LEU A 30 -2.25 -3.70 -0.27
C LEU A 30 -3.23 -4.13 0.82
N ARG A 31 -2.90 -3.90 2.08
CA ARG A 31 -3.78 -4.29 3.19
C ARG A 31 -3.71 -3.24 4.30
N LEU A 32 -4.83 -3.03 5.00
CA LEU A 32 -4.91 -2.10 6.12
C LEU A 32 -5.26 -2.92 7.36
N PHE A 33 -4.33 -2.91 8.33
CA PHE A 33 -4.50 -3.53 9.65
C PHE A 33 -4.63 -2.43 10.73
N LYS A 34 -5.08 -2.85 11.91
CA LYS A 34 -5.11 -2.05 13.13
C LYS A 34 -5.15 -2.99 14.33
N ASP A 35 -4.13 -2.85 15.21
CA ASP A 35 -4.00 -3.62 16.46
C ASP A 35 -3.96 -5.14 16.13
N HIS A 36 -3.01 -5.48 15.23
CA HIS A 36 -2.69 -6.85 14.80
C HIS A 36 -3.88 -7.56 14.10
N LYS A 37 -4.89 -6.80 13.65
CA LYS A 37 -6.09 -7.37 13.00
C LYS A 37 -6.38 -6.71 11.67
N ILE A 38 -7.04 -7.48 10.80
CA ILE A 38 -7.31 -7.07 9.42
C ILE A 38 -8.54 -6.14 9.37
N LEU A 39 -8.40 -4.99 8.70
CA LEU A 39 -9.50 -4.05 8.44
C LEU A 39 -9.94 -4.17 6.98
N TYR A 40 -8.95 -4.04 6.07
CA TYR A 40 -9.21 -3.96 4.62
C TYR A 40 -8.15 -4.75 3.85
N SER A 41 -8.54 -5.31 2.69
CA SER A 41 -7.66 -6.08 1.80
C SER A 41 -7.95 -5.67 0.33
N ASN A 42 -6.90 -5.28 -0.41
CA ASN A 42 -7.02 -4.69 -1.75
C ASN A 42 -5.76 -4.96 -2.61
N MET A 43 -5.90 -4.89 -3.94
CA MET A 43 -4.77 -4.97 -4.89
C MET A 43 -4.62 -3.64 -5.63
N GLU A 44 -3.37 -3.27 -5.94
CA GLU A 44 -3.03 -2.09 -6.76
C GLU A 44 -3.75 -2.11 -8.13
N ARG A 45 -3.97 -3.32 -8.65
CA ARG A 45 -4.57 -3.55 -9.96
C ARG A 45 -6.08 -3.29 -9.90
N GLY A 46 -6.58 -2.51 -10.87
CA GLY A 46 -7.97 -2.09 -10.90
C GLY A 46 -8.10 -0.58 -11.09
N LEU A 47 -9.30 -0.04 -10.85
CA LEU A 47 -9.61 1.38 -11.08
C LEU A 47 -8.99 2.27 -9.98
N LYS A 48 -9.00 1.76 -8.74
CA LYS A 48 -8.44 2.46 -7.57
C LYS A 48 -7.06 1.87 -7.20
N PRO A 49 -5.94 2.66 -7.35
CA PRO A 49 -4.58 2.21 -6.98
C PRO A 49 -4.29 2.25 -5.47
N LEU A 50 -3.19 1.57 -5.08
CA LEU A 50 -2.73 1.51 -3.67
C LEU A 50 -2.37 2.91 -3.14
N LEU A 51 -1.98 3.81 -4.07
CA LEU A 51 -1.64 5.20 -3.75
C LEU A 51 -2.88 5.99 -3.33
N GLU A 52 -3.94 5.93 -4.16
CA GLU A 52 -5.16 6.72 -3.97
C GLU A 52 -6.03 6.18 -2.81
N VAL A 53 -6.12 4.83 -2.66
CA VAL A 53 -6.99 4.23 -1.61
C VAL A 53 -6.58 4.69 -0.19
N ASP A 54 -5.26 4.73 0.07
CA ASP A 54 -4.72 5.23 1.36
C ASP A 54 -4.77 6.77 1.39
N ASN A 55 -4.68 7.40 0.20
CA ASN A 55 -4.61 8.88 0.07
C ASN A 55 -5.94 9.49 0.57
N PHE A 56 -7.04 8.72 0.44
CA PHE A 56 -8.27 9.04 1.18
C PHE A 56 -8.37 8.08 2.38
N ILE A 57 -7.38 8.23 3.28
CA ILE A 57 -7.45 7.75 4.67
C ILE A 57 -8.49 8.59 5.43
N ASN A 58 -8.66 9.86 4.98
CA ASN A 58 -9.64 10.81 5.51
C ASN A 58 -11.05 10.22 5.41
N LYS A 59 -11.33 9.57 4.26
CA LYS A 59 -12.61 8.89 4.06
C LYS A 59 -12.60 7.52 4.73
N TYR A 60 -11.58 6.70 4.43
CA TYR A 60 -11.59 5.26 4.73
C TYR A 60 -11.46 4.98 6.24
N ILE A 61 -10.63 5.79 6.90
CA ILE A 61 -10.32 5.66 8.34
C ILE A 61 -10.73 6.96 9.06
N GLN A 62 -11.16 6.86 10.33
CA GLN A 62 -11.67 8.01 11.09
C GLN A 62 -10.53 8.89 11.65
N ASN A 63 -9.44 8.27 12.14
CA ASN A 63 -8.33 9.00 12.81
C ASN A 63 -6.95 8.59 12.27
N LYS A 64 -6.88 7.43 11.58
CA LYS A 64 -5.62 6.72 11.19
C LYS A 64 -4.61 6.62 12.36
N GLU A 65 -5.13 6.61 13.60
CA GLU A 65 -4.31 6.61 14.80
C GLU A 65 -3.58 5.27 14.89
N GLY A 66 -2.24 5.31 14.77
CA GLY A 66 -1.39 4.12 14.72
C GLY A 66 -1.87 3.08 13.70
N LEU A 67 -2.33 3.56 12.53
CA LEU A 67 -2.88 2.70 11.46
C LEU A 67 -1.74 1.87 10.86
N GLU A 68 -2.01 0.59 10.58
CA GLU A 68 -1.01 -0.33 10.06
C GLU A 68 -1.34 -0.63 8.59
N ILE A 69 -0.34 -0.64 7.73
CA ILE A 69 -0.55 -0.95 6.30
C ILE A 69 0.43 -2.06 5.84
N TYR A 70 0.11 -2.65 4.68
CA TYR A 70 0.91 -3.66 3.99
C TYR A 70 0.95 -3.25 2.52
N ASP A 71 2.15 -3.25 1.93
CA ASP A 71 2.38 -2.87 0.53
C ASP A 71 3.19 -3.98 -0.17
N LYS A 72 3.34 -3.87 -1.50
CA LYS A 72 4.15 -4.81 -2.30
C LYS A 72 5.64 -4.52 -2.09
N VAL A 73 6.04 -3.33 -2.54
CA VAL A 73 7.42 -2.87 -2.57
C VAL A 73 7.42 -1.41 -2.10
N VAL A 74 8.11 -1.11 -0.99
CA VAL A 74 8.29 0.28 -0.58
C VAL A 74 9.46 0.86 -1.39
N GLY A 75 9.13 1.28 -2.62
CA GLY A 75 10.06 1.96 -3.50
C GLY A 75 10.19 3.42 -3.15
N LYS A 76 10.75 4.20 -4.06
CA LYS A 76 10.99 5.65 -3.85
C LYS A 76 9.64 6.41 -3.82
N ALA A 77 8.71 5.98 -4.71
CA ALA A 77 7.33 6.51 -4.77
C ALA A 77 6.52 6.13 -3.55
N ALA A 78 6.63 4.86 -3.15
CA ALA A 78 5.95 4.36 -1.96
C ALA A 78 6.50 5.04 -0.71
N ALA A 79 7.81 5.39 -0.72
CA ALA A 79 8.49 6.10 0.38
C ALA A 79 7.97 7.53 0.53
N VAL A 80 7.98 8.29 -0.59
CA VAL A 80 7.52 9.69 -0.58
C VAL A 80 6.04 9.74 -0.17
N ILE A 81 5.23 8.79 -0.70
CA ILE A 81 3.81 8.75 -0.41
C ILE A 81 3.54 8.41 1.08
N ILE A 82 4.11 7.31 1.58
CA ILE A 82 3.89 6.84 2.97
C ILE A 82 4.35 7.91 3.97
N TYR A 83 5.47 8.60 3.64
CA TYR A 83 6.02 9.65 4.48
C TYR A 83 5.13 10.91 4.46
N ASN A 84 4.64 11.28 3.25
CA ASN A 84 3.73 12.45 3.05
C ASN A 84 2.37 12.25 3.74
N ILE A 85 1.89 11.01 3.76
CA ILE A 85 0.67 10.62 4.47
C ILE A 85 0.90 10.67 5.99
N GLY A 86 1.89 9.90 6.46
CA GLY A 86 2.25 9.86 7.88
C GLY A 86 1.73 8.59 8.55
N LEU A 87 1.91 7.46 7.86
CA LEU A 87 1.62 6.12 8.41
C LEU A 87 2.77 5.72 9.33
N GLN A 88 2.44 5.26 10.55
CA GLN A 88 3.43 4.98 11.62
C GLN A 88 3.76 3.49 11.71
N ASN A 89 2.87 2.64 11.17
CA ASN A 89 3.00 1.17 11.21
C ASN A 89 2.79 0.62 9.80
N VAL A 90 3.85 0.01 9.24
CA VAL A 90 3.85 -0.44 7.83
C VAL A 90 4.50 -1.83 7.72
N GLN A 91 4.10 -2.57 6.68
CA GLN A 91 4.70 -3.82 6.27
C GLN A 91 4.79 -3.82 4.74
N ALA A 92 5.75 -4.56 4.18
CA ALA A 92 5.92 -4.69 2.72
C ALA A 92 6.41 -6.10 2.37
N GLY A 93 6.31 -6.45 1.08
CA GLY A 93 6.90 -7.68 0.56
C GLY A 93 8.38 -7.49 0.30
N VAL A 94 8.71 -6.27 -0.16
CA VAL A 94 10.09 -5.82 -0.40
C VAL A 94 10.21 -4.32 -0.12
N VAL A 95 11.45 -3.84 0.02
CA VAL A 95 11.72 -2.38 0.13
C VAL A 95 12.92 -1.94 -0.75
N SER A 96 13.14 -0.63 -0.89
CA SER A 96 14.39 -0.05 -1.41
C SER A 96 15.24 0.41 -0.20
N GLN A 97 16.59 0.35 -0.31
CA GLN A 97 17.52 0.77 0.77
C GLN A 97 17.22 2.21 1.27
N PRO A 98 17.14 3.27 0.37
CA PRO A 98 16.87 4.65 0.83
C PRO A 98 15.49 4.77 1.52
N ALA A 99 14.48 4.08 0.94
CA ALA A 99 13.10 4.08 1.46
C ALA A 99 13.04 3.51 2.90
N LYS A 100 13.71 2.37 3.06
CA LYS A 100 13.90 1.69 4.36
C LYS A 100 14.51 2.66 5.40
N ASP A 101 15.66 3.21 4.97
CA ASP A 101 16.47 4.14 5.76
C ASP A 101 15.66 5.37 6.21
N PHE A 102 14.77 5.88 5.34
CA PHE A 102 13.94 7.04 5.67
C PHE A 102 12.86 6.64 6.68
N LEU A 103 12.11 5.59 6.34
CA LEU A 103 10.95 5.12 7.13
C LEU A 103 11.33 4.83 8.60
N GLU A 104 12.34 3.97 8.81
CA GLU A 104 12.76 3.57 10.19
C GLU A 104 13.38 4.74 10.98
N SER A 105 13.99 5.68 10.26
CA SER A 105 14.74 6.81 10.89
C SER A 105 13.78 7.92 11.33
N ARG A 106 12.71 8.10 10.54
CA ARG A 106 11.67 9.12 10.80
C ARG A 106 10.60 8.59 11.78
N GLY A 107 10.88 7.41 12.36
CA GLY A 107 10.11 6.87 13.47
C GLY A 107 8.91 6.04 13.05
N ILE A 108 8.99 5.47 11.84
CA ILE A 108 7.94 4.60 11.30
C ILE A 108 8.35 3.13 11.55
N LYS A 109 7.52 2.40 12.30
CA LYS A 109 7.72 0.98 12.62
C LYS A 109 7.33 0.12 11.42
N VAL A 110 8.33 -0.40 10.68
CA VAL A 110 8.09 -1.12 9.41
C VAL A 110 8.68 -2.55 9.41
N ALA A 111 7.96 -3.48 8.79
CA ALA A 111 8.39 -4.88 8.60
C ALA A 111 8.50 -5.20 7.11
N TYR A 112 9.73 -5.28 6.56
CA TYR A 112 9.96 -5.51 5.12
C TYR A 112 11.29 -6.23 4.86
N LYS A 113 11.51 -6.56 3.57
CA LYS A 113 12.66 -7.34 3.13
C LYS A 113 13.38 -6.61 1.97
N LYS A 114 14.65 -6.28 2.21
CA LYS A 114 15.65 -6.08 1.15
C LYS A 114 17.04 -5.90 1.77
N LEU A 115 17.91 -6.88 1.53
CA LEU A 115 19.32 -6.80 1.89
C LEU A 115 20.04 -6.16 0.69
N VAL A 116 20.23 -4.84 0.75
CA VAL A 116 20.88 -4.06 -0.31
C VAL A 116 21.57 -2.85 0.31
N GLU A 117 22.53 -2.32 -0.44
CA GLU A 117 23.17 -1.04 -0.12
C GLU A 117 22.64 0.04 -1.09
N LYS A 118 22.14 -0.39 -2.25
CA LYS A 118 21.74 0.50 -3.34
C LYS A 118 20.68 -0.17 -4.23
N ILE A 119 19.90 0.67 -4.93
CA ILE A 119 19.11 0.26 -6.11
C ILE A 119 19.77 0.97 -7.30
N ASN A 120 19.79 0.31 -8.48
CA ASN A 120 20.41 0.88 -9.70
C ASN A 120 19.58 2.05 -10.23
N ASP A 121 19.85 3.21 -9.62
CA ASP A 121 19.22 4.50 -9.89
C ASP A 121 20.33 5.55 -9.91
N ARG A 122 20.55 6.15 -11.08
CA ARG A 122 21.49 7.28 -11.23
C ARG A 122 21.04 8.45 -10.33
N ALA A 123 19.71 8.56 -10.23
CA ALA A 123 19.02 9.54 -9.37
C ALA A 123 19.42 9.37 -7.88
N GLU A 124 19.35 8.12 -7.39
CA GLU A 124 19.62 7.79 -5.96
C GLU A 124 21.04 8.20 -5.53
N SER A 125 22.01 7.94 -6.41
CA SER A 125 23.44 8.22 -6.15
C SER A 125 23.81 9.69 -6.49
N LEU A 126 22.86 10.45 -7.07
CA LEU A 126 23.05 11.87 -7.44
C LEU A 126 22.55 12.79 -6.30
N ILE A 127 21.43 12.39 -5.68
CA ILE A 127 20.76 13.17 -4.62
C ILE A 127 21.57 13.09 -3.31
N GLU A 128 21.86 14.27 -2.74
CA GLU A 128 22.65 14.41 -1.50
C GLU A 128 21.72 14.63 -0.30
N SER A 129 20.85 15.59 -0.50
CA SER A 129 19.81 15.99 0.45
C SER A 129 18.72 14.90 0.57
N LEU A 130 18.87 14.07 1.61
CA LEU A 130 17.94 12.95 1.91
C LEU A 130 16.74 13.42 2.76
N GLU A 131 16.75 14.72 3.12
CA GLU A 131 15.69 15.35 3.92
C GLU A 131 14.46 15.70 3.08
N ASN A 132 14.70 16.14 1.84
CA ASN A 132 13.69 16.78 0.99
C ASN A 132 12.98 15.73 0.11
N PRO A 133 11.64 15.47 0.34
CA PRO A 133 10.88 14.49 -0.46
C PRO A 133 10.40 15.07 -1.82
N GLU A 134 10.54 16.41 -2.00
CA GLU A 134 10.14 17.10 -3.21
C GLU A 134 11.16 16.86 -4.35
N GLU A 135 12.46 17.06 -4.07
CA GLU A 135 13.51 16.90 -5.09
C GLU A 135 13.60 15.45 -5.55
N VAL A 136 13.52 14.49 -4.60
CA VAL A 136 13.58 13.06 -4.90
C VAL A 136 12.36 12.63 -5.73
N TYR A 137 11.21 13.28 -5.47
CA TYR A 137 9.96 13.10 -6.23
C TYR A 137 10.14 13.45 -7.73
N LYS A 138 10.93 14.49 -8.02
CA LYS A 138 11.24 14.91 -9.41
C LYS A 138 12.09 13.83 -10.12
N TYR A 139 13.18 13.44 -9.45
CA TYR A 139 14.11 12.39 -9.95
C TYR A 139 13.39 11.04 -10.10
N MET A 140 12.41 10.82 -9.20
CA MET A 140 11.51 9.67 -9.21
C MET A 140 10.73 9.55 -10.54
N ILE A 141 10.28 10.71 -11.06
CA ILE A 141 9.61 10.79 -12.36
C ILE A 141 10.59 10.42 -13.48
N LYS A 142 11.81 10.98 -13.40
CA LYS A 142 12.85 10.86 -14.43
C LYS A 142 13.32 9.41 -14.61
N ARG A 143 13.59 8.74 -13.49
CA ARG A 143 14.03 7.33 -13.45
C ARG A 143 12.80 6.40 -13.61
N GLY A 144 11.60 6.93 -13.30
CA GLY A 144 10.33 6.26 -13.61
C GLY A 144 10.04 5.08 -12.69
N ILE A 145 10.25 5.29 -11.38
CA ILE A 145 9.97 4.26 -10.36
C ILE A 145 8.64 4.56 -9.62
N ILE A 146 7.76 5.38 -10.24
CA ILE A 146 6.45 5.75 -9.64
C ILE A 146 5.40 4.68 -9.96
N VAL A 147 5.53 4.08 -11.15
CA VAL A 147 4.69 2.97 -11.60
C VAL A 147 5.59 1.73 -11.80
N ASN A 148 5.16 0.60 -11.22
CA ASN A 148 5.90 -0.67 -11.28
C ASN A 148 4.88 -1.83 -11.33
N ASN A 149 4.63 -2.32 -12.55
CA ASN A 149 3.69 -3.41 -12.83
C ASN A 149 4.40 -4.45 -13.70
N LEU A 150 4.99 -5.45 -13.03
CA LEU A 150 5.79 -6.51 -13.66
C LEU A 150 4.88 -7.66 -14.15
N MET A 1 -38.02 0.67 -65.12
CA MET A 1 -38.56 0.65 -63.73
C MET A 1 -37.73 1.55 -62.79
N ALA A 2 -36.64 2.14 -63.31
CA ALA A 2 -35.80 3.09 -62.56
C ALA A 2 -36.49 4.46 -62.54
N HIS A 3 -36.88 4.92 -61.35
CA HIS A 3 -37.56 6.21 -61.15
C HIS A 3 -37.23 6.71 -59.74
N HIS A 4 -36.13 7.47 -59.63
CA HIS A 4 -35.66 8.04 -58.35
C HIS A 4 -36.10 9.52 -58.23
N HIS A 5 -35.69 10.15 -57.12
CA HIS A 5 -35.94 11.57 -56.85
C HIS A 5 -34.73 12.16 -56.08
N HIS A 6 -34.88 13.40 -55.62
CA HIS A 6 -33.88 14.09 -54.81
C HIS A 6 -34.43 14.27 -53.39
N HIS A 7 -34.09 13.35 -52.47
CA HIS A 7 -34.49 13.44 -51.05
C HIS A 7 -33.39 12.89 -50.14
N HIS A 8 -33.17 13.54 -48.98
CA HIS A 8 -32.30 13.02 -47.91
C HIS A 8 -32.58 13.80 -46.61
N MET A 9 -33.34 13.16 -45.71
CA MET A 9 -33.56 13.67 -44.34
C MET A 9 -32.40 13.22 -43.45
N GLY A 10 -32.11 14.01 -42.41
CA GLY A 10 -31.20 13.59 -41.35
C GLY A 10 -31.91 12.68 -40.36
N THR A 11 -31.17 12.20 -39.37
CA THR A 11 -31.69 11.29 -38.34
C THR A 11 -30.90 11.43 -37.04
N LEU A 12 -31.54 11.08 -35.92
CA LEU A 12 -30.95 11.18 -34.57
C LEU A 12 -31.61 10.17 -33.63
N GLU A 13 -30.83 9.68 -32.67
CA GLU A 13 -31.28 8.75 -31.64
C GLU A 13 -30.23 8.71 -30.54
N ALA A 14 -30.59 9.25 -29.36
CA ALA A 14 -29.71 9.30 -28.20
C ALA A 14 -30.32 8.43 -27.08
N GLN A 15 -30.11 7.10 -27.20
CA GLN A 15 -30.64 6.11 -26.27
C GLN A 15 -29.82 6.10 -24.96
N THR A 16 -30.53 6.16 -23.82
CA THR A 16 -29.94 5.99 -22.49
C THR A 16 -29.38 4.56 -22.34
N GLN A 17 -28.11 4.46 -21.89
CA GLN A 17 -27.43 3.17 -21.62
C GLN A 17 -27.60 2.79 -20.13
N GLY A 18 -27.09 1.62 -19.76
CA GLY A 18 -27.15 1.12 -18.39
C GLY A 18 -25.92 0.28 -18.05
N PRO A 19 -24.95 0.82 -17.25
CA PRO A 19 -23.67 0.10 -16.94
C PRO A 19 -23.88 -1.13 -16.05
N GLY A 20 -23.10 -2.20 -16.34
CA GLY A 20 -23.08 -3.40 -15.51
C GLY A 20 -22.25 -3.20 -14.26
N SER A 21 -22.92 -2.94 -13.13
CA SER A 21 -22.26 -2.61 -11.86
C SER A 21 -21.94 -3.89 -11.05
N MET A 22 -20.67 -4.34 -11.12
CA MET A 22 -20.11 -5.37 -10.22
C MET A 22 -18.59 -5.13 -10.06
N ILE A 23 -18.08 -5.27 -8.83
CA ILE A 23 -16.64 -5.08 -8.53
C ILE A 23 -15.95 -6.45 -8.37
N SER A 24 -14.67 -6.51 -8.76
CA SER A 24 -13.85 -7.73 -8.71
C SER A 24 -12.61 -7.49 -7.84
N GLY A 25 -12.14 -8.56 -7.18
CA GLY A 25 -10.94 -8.50 -6.33
C GLY A 25 -10.38 -9.88 -6.06
N LEU A 26 -9.21 -10.18 -6.66
CA LEU A 26 -8.52 -11.49 -6.53
C LEU A 26 -7.73 -11.52 -5.21
N ASN A 27 -6.87 -10.50 -5.02
CA ASN A 27 -6.03 -10.36 -3.83
C ASN A 27 -5.52 -8.92 -3.73
N PRO A 28 -5.54 -8.32 -2.49
CA PRO A 28 -4.94 -7.01 -2.24
C PRO A 28 -3.40 -7.13 -2.03
N THR A 29 -2.65 -6.26 -2.68
CA THR A 29 -1.18 -6.22 -2.57
C THR A 29 -0.76 -5.14 -1.55
N LEU A 30 -1.70 -4.22 -1.27
CA LEU A 30 -1.56 -3.20 -0.21
C LEU A 30 -2.71 -3.46 0.78
N ARG A 31 -2.40 -4.03 1.93
CA ARG A 31 -3.41 -4.36 2.93
C ARG A 31 -3.16 -3.48 4.14
N LEU A 32 -4.23 -2.95 4.70
CA LEU A 32 -4.18 -1.88 5.68
C LEU A 32 -4.77 -2.41 6.97
N PHE A 33 -3.97 -2.33 8.03
CA PHE A 33 -4.28 -2.87 9.33
C PHE A 33 -4.48 -1.75 10.35
N LYS A 34 -4.95 -2.14 11.52
CA LYS A 34 -4.96 -1.31 12.71
C LYS A 34 -5.02 -2.23 13.91
N ASP A 35 -3.91 -2.27 14.70
CA ASP A 35 -3.75 -3.19 15.84
C ASP A 35 -3.80 -4.66 15.33
N HIS A 36 -3.21 -4.86 14.12
CA HIS A 36 -3.12 -6.15 13.40
C HIS A 36 -4.49 -6.65 12.88
N LYS A 37 -5.51 -5.78 12.92
CA LYS A 37 -6.84 -6.09 12.37
C LYS A 37 -6.90 -5.63 10.92
N ILE A 38 -7.42 -6.50 10.04
CA ILE A 38 -7.56 -6.19 8.61
C ILE A 38 -8.66 -5.12 8.46
N LEU A 39 -8.22 -3.86 8.34
CA LEU A 39 -9.11 -2.69 8.28
C LEU A 39 -9.57 -2.52 6.83
N TYR A 40 -8.63 -2.65 5.89
CA TYR A 40 -8.87 -2.38 4.47
C TYR A 40 -7.96 -3.29 3.59
N SER A 41 -8.38 -3.50 2.35
CA SER A 41 -7.72 -4.39 1.40
C SER A 41 -7.77 -3.74 0.01
N ASN A 42 -6.61 -3.33 -0.52
CA ASN A 42 -6.50 -2.59 -1.80
C ASN A 42 -5.36 -3.19 -2.65
N MET A 43 -5.43 -3.02 -3.97
CA MET A 43 -4.50 -3.68 -4.92
C MET A 43 -3.86 -2.64 -5.85
N GLU A 44 -2.58 -2.83 -6.18
CA GLU A 44 -1.86 -2.03 -7.21
C GLU A 44 -2.09 -2.65 -8.59
N ARG A 45 -2.41 -3.97 -8.59
CA ARG A 45 -2.77 -4.72 -9.79
C ARG A 45 -4.28 -4.98 -9.77
N GLY A 46 -5.00 -4.37 -10.73
CA GLY A 46 -6.46 -4.47 -10.82
C GLY A 46 -7.10 -3.10 -10.87
N LEU A 47 -7.96 -2.81 -9.88
CA LEU A 47 -8.63 -1.48 -9.73
C LEU A 47 -7.93 -0.69 -8.61
N LYS A 48 -7.99 0.67 -8.73
CA LYS A 48 -7.52 1.65 -7.72
C LYS A 48 -6.16 1.29 -7.03
N PRO A 49 -4.99 1.63 -7.68
CA PRO A 49 -3.62 1.25 -7.21
C PRO A 49 -3.17 1.89 -5.85
N LEU A 50 -1.86 1.67 -5.56
CA LEU A 50 -1.18 2.18 -4.33
C LEU A 50 -1.25 3.73 -4.21
N LEU A 51 -1.40 4.40 -5.37
CA LEU A 51 -1.60 5.86 -5.42
C LEU A 51 -3.00 6.19 -4.87
N GLU A 52 -4.01 5.44 -5.37
CA GLU A 52 -5.43 5.66 -5.00
C GLU A 52 -5.78 5.24 -3.56
N VAL A 53 -5.12 4.20 -3.00
CA VAL A 53 -5.34 3.84 -1.58
C VAL A 53 -4.91 5.00 -0.65
N ASP A 54 -3.78 5.65 -1.01
CA ASP A 54 -3.31 6.87 -0.33
C ASP A 54 -4.28 8.04 -0.57
N ASN A 55 -4.75 8.15 -1.83
CA ASN A 55 -5.37 9.38 -2.35
C ASN A 55 -6.67 9.69 -1.62
N PHE A 56 -7.31 8.67 -1.02
CA PHE A 56 -8.40 8.93 -0.07
C PHE A 56 -8.24 8.03 1.20
N ILE A 57 -7.13 8.23 1.95
CA ILE A 57 -6.95 7.63 3.30
C ILE A 57 -7.90 8.26 4.31
N ASN A 58 -7.93 9.59 4.38
CA ASN A 58 -8.78 10.32 5.35
C ASN A 58 -10.29 10.12 5.03
N LYS A 59 -10.56 9.68 3.78
CA LYS A 59 -11.91 9.37 3.31
C LYS A 59 -12.31 7.94 3.75
N TYR A 60 -11.48 6.90 3.46
CA TYR A 60 -11.84 5.51 3.87
C TYR A 60 -11.76 5.39 5.41
N ILE A 61 -10.70 5.98 5.97
CA ILE A 61 -10.33 5.85 7.40
C ILE A 61 -10.19 7.26 8.00
N GLN A 62 -11.23 7.71 8.73
CA GLN A 62 -11.14 8.94 9.54
C GLN A 62 -10.21 8.71 10.75
N ASN A 63 -10.23 7.46 11.25
CA ASN A 63 -9.52 7.02 12.46
C ASN A 63 -8.13 6.44 12.09
N LYS A 64 -7.51 7.03 11.03
CA LYS A 64 -6.16 6.63 10.53
C LYS A 64 -5.01 7.01 11.50
N GLU A 65 -5.37 7.49 12.70
CA GLU A 65 -4.43 7.74 13.80
C GLU A 65 -3.94 6.40 14.39
N GLY A 66 -2.61 6.20 14.45
CA GLY A 66 -2.02 4.94 14.92
C GLY A 66 -2.36 3.77 14.00
N LEU A 67 -2.37 4.06 12.69
CA LEU A 67 -2.76 3.11 11.63
C LEU A 67 -1.56 2.23 11.26
N GLU A 68 -1.84 1.02 10.77
CA GLU A 68 -0.81 0.06 10.33
C GLU A 68 -1.06 -0.27 8.84
N ILE A 69 0.01 -0.64 8.12
CA ILE A 69 -0.11 -1.02 6.70
C ILE A 69 0.83 -2.19 6.36
N TYR A 70 0.56 -2.82 5.22
CA TYR A 70 1.35 -3.86 4.60
C TYR A 70 1.45 -3.54 3.10
N ASP A 71 2.59 -2.98 2.70
CA ASP A 71 2.93 -2.80 1.28
C ASP A 71 3.51 -4.12 0.73
N LYS A 72 3.69 -4.19 -0.59
CA LYS A 72 4.30 -5.38 -1.23
C LYS A 72 5.75 -5.05 -1.60
N VAL A 73 5.90 -4.09 -2.54
CA VAL A 73 7.18 -3.55 -3.01
C VAL A 73 7.23 -2.07 -2.62
N VAL A 74 8.20 -1.71 -1.78
CA VAL A 74 8.40 -0.32 -1.34
C VAL A 74 9.56 0.31 -2.14
N GLY A 75 9.19 1.12 -3.15
CA GLY A 75 10.15 1.96 -3.88
C GLY A 75 10.25 3.36 -3.26
N LYS A 76 10.90 4.31 -3.98
CA LYS A 76 10.95 5.72 -3.56
C LYS A 76 9.52 6.29 -3.40
N ALA A 77 8.58 5.81 -4.25
CA ALA A 77 7.17 6.25 -4.22
C ALA A 77 6.43 5.76 -2.99
N ALA A 78 6.56 4.47 -2.69
CA ALA A 78 5.92 3.88 -1.51
C ALA A 78 6.54 4.49 -0.23
N ALA A 79 7.85 4.84 -0.29
CA ALA A 79 8.56 5.52 0.83
C ALA A 79 8.02 6.94 1.09
N VAL A 80 7.96 7.77 0.03
CA VAL A 80 7.48 9.14 0.16
C VAL A 80 6.01 9.15 0.57
N ILE A 81 5.24 8.17 0.04
CA ILE A 81 3.83 8.04 0.36
C ILE A 81 3.64 7.70 1.84
N ILE A 82 4.26 6.61 2.32
CA ILE A 82 4.12 6.16 3.73
C ILE A 82 4.57 7.27 4.70
N TYR A 83 5.65 7.98 4.31
CA TYR A 83 6.18 9.12 5.08
C TYR A 83 5.15 10.30 5.09
N ASN A 84 4.56 10.58 3.92
CA ASN A 84 3.58 11.68 3.73
C ASN A 84 2.29 11.42 4.50
N ILE A 85 1.89 10.14 4.59
CA ILE A 85 0.75 9.72 5.42
C ILE A 85 1.11 9.86 6.91
N GLY A 86 2.32 9.42 7.27
CA GLY A 86 2.80 9.49 8.65
C GLY A 86 2.41 8.25 9.44
N LEU A 87 2.54 7.09 8.77
CA LEU A 87 2.24 5.77 9.35
C LEU A 87 3.34 5.36 10.34
N GLN A 88 2.95 4.67 11.40
CA GLN A 88 3.83 4.32 12.55
C GLN A 88 4.16 2.83 12.55
N ASN A 89 3.24 2.01 12.00
CA ASN A 89 3.36 0.54 11.97
C ASN A 89 3.19 0.08 10.51
N VAL A 90 4.27 -0.46 9.92
CA VAL A 90 4.28 -0.86 8.50
C VAL A 90 4.93 -2.24 8.36
N GLN A 91 4.52 -2.98 7.32
CA GLN A 91 5.13 -4.23 6.92
C GLN A 91 5.22 -4.25 5.38
N ALA A 92 6.22 -4.91 4.81
CA ALA A 92 6.38 -5.02 3.35
C ALA A 92 6.95 -6.39 2.97
N GLY A 93 6.98 -6.69 1.65
CA GLY A 93 7.69 -7.87 1.16
C GLY A 93 9.14 -7.52 0.90
N VAL A 94 9.33 -6.55 -0.01
CA VAL A 94 10.65 -5.99 -0.34
C VAL A 94 10.63 -4.47 -0.13
N VAL A 95 11.78 -3.90 0.27
CA VAL A 95 11.93 -2.44 0.43
C VAL A 95 13.20 -1.90 -0.25
N SER A 96 13.19 -0.64 -0.71
CA SER A 96 14.40 0.05 -1.17
C SER A 96 15.26 0.43 0.06
N GLN A 97 16.60 0.38 -0.08
CA GLN A 97 17.55 0.76 0.99
C GLN A 97 17.27 2.22 1.51
N PRO A 98 17.17 3.27 0.62
CA PRO A 98 16.87 4.65 1.11
C PRO A 98 15.50 4.72 1.83
N ALA A 99 14.55 3.93 1.31
CA ALA A 99 13.18 3.86 1.84
C ALA A 99 13.18 3.38 3.29
N LYS A 100 13.85 2.24 3.53
CA LYS A 100 13.91 1.62 4.86
C LYS A 100 14.70 2.51 5.83
N ASP A 101 15.77 3.12 5.28
CA ASP A 101 16.58 4.14 5.98
C ASP A 101 15.68 5.27 6.52
N PHE A 102 14.78 5.80 5.66
CA PHE A 102 13.88 6.93 6.04
C PHE A 102 12.91 6.47 7.14
N LEU A 103 12.23 5.37 6.84
CA LEU A 103 11.14 4.82 7.68
C LEU A 103 11.62 4.58 9.14
N GLU A 104 12.69 3.80 9.28
CA GLU A 104 13.25 3.45 10.60
C GLU A 104 13.86 4.67 11.32
N SER A 105 14.26 5.66 10.54
CA SER A 105 14.92 6.90 11.04
C SER A 105 13.85 7.88 11.56
N ARG A 106 12.67 7.83 10.93
CA ARG A 106 11.50 8.67 11.26
C ARG A 106 10.62 8.01 12.32
N GLY A 107 11.15 6.95 12.92
CA GLY A 107 10.55 6.31 14.10
C GLY A 107 9.36 5.45 13.72
N ILE A 108 9.38 4.91 12.49
CA ILE A 108 8.32 4.07 11.98
C ILE A 108 8.74 2.60 12.19
N LYS A 109 7.95 1.87 12.99
CA LYS A 109 8.18 0.44 13.30
C LYS A 109 7.80 -0.40 12.07
N VAL A 110 8.80 -0.94 11.34
CA VAL A 110 8.54 -1.62 10.05
C VAL A 110 9.14 -3.05 10.03
N ALA A 111 8.36 -4.01 9.46
CA ALA A 111 8.80 -5.41 9.22
C ALA A 111 8.90 -5.68 7.71
N TYR A 112 10.12 -5.65 7.16
CA TYR A 112 10.38 -5.83 5.71
C TYR A 112 11.78 -6.41 5.47
N LYS A 113 12.11 -6.67 4.19
CA LYS A 113 13.43 -7.18 3.81
C LYS A 113 13.84 -6.65 2.42
N LYS A 114 15.16 -6.62 2.20
CA LYS A 114 15.79 -6.50 0.88
C LYS A 114 17.29 -6.72 1.03
N LEU A 115 17.90 -7.47 0.09
CA LEU A 115 19.36 -7.58 0.03
C LEU A 115 19.86 -6.59 -1.04
N VAL A 116 20.23 -5.36 -0.59
CA VAL A 116 20.79 -4.27 -1.42
C VAL A 116 21.55 -3.31 -0.49
N GLU A 117 22.40 -2.47 -1.09
CA GLU A 117 23.05 -1.34 -0.42
C GLU A 117 22.63 -0.04 -1.11
N LYS A 118 22.30 -0.15 -2.41
CA LYS A 118 21.69 0.92 -3.23
C LYS A 118 20.89 0.28 -4.38
N ILE A 119 19.94 1.03 -4.95
CA ILE A 119 19.11 0.55 -6.08
C ILE A 119 19.63 1.22 -7.36
N ASN A 120 19.70 0.42 -8.44
CA ASN A 120 20.27 0.86 -9.73
C ASN A 120 19.28 1.75 -10.51
N ASP A 121 19.35 3.04 -10.17
CA ASP A 121 18.77 4.14 -10.96
C ASP A 121 19.58 5.41 -10.71
N ARG A 122 19.44 6.39 -11.61
CA ARG A 122 20.16 7.67 -11.47
C ARG A 122 19.59 8.46 -10.29
N ALA A 123 18.26 8.42 -10.12
CA ALA A 123 17.52 9.18 -9.07
C ALA A 123 18.08 8.89 -7.66
N GLU A 124 18.55 7.66 -7.45
CA GLU A 124 19.18 7.20 -6.20
C GLU A 124 20.35 8.12 -5.80
N SER A 125 21.29 8.30 -6.74
CA SER A 125 22.55 9.06 -6.55
C SER A 125 22.39 10.57 -6.91
N LEU A 126 21.34 10.90 -7.68
CA LEU A 126 21.16 12.24 -8.30
C LEU A 126 20.55 13.25 -7.31
N ILE A 127 19.91 12.74 -6.24
CA ILE A 127 19.35 13.58 -5.16
C ILE A 127 20.47 14.23 -4.36
N GLU A 128 20.29 15.51 -4.03
CA GLU A 128 21.29 16.30 -3.30
C GLU A 128 21.30 15.90 -1.83
N SER A 129 20.15 16.11 -1.17
CA SER A 129 19.88 15.67 0.19
C SER A 129 18.69 14.70 0.16
N LEU A 130 18.94 13.42 0.52
CA LEU A 130 17.93 12.33 0.46
C LEU A 130 16.69 12.64 1.32
N GLU A 131 16.92 13.33 2.45
CA GLU A 131 15.89 13.65 3.47
C GLU A 131 14.85 14.70 2.97
N ASN A 132 15.02 15.21 1.74
CA ASN A 132 14.09 16.18 1.12
C ASN A 132 13.01 15.39 0.32
N PRO A 133 11.75 15.32 0.86
CA PRO A 133 10.68 14.40 0.35
C PRO A 133 10.11 14.85 -0.99
N GLU A 134 9.96 16.17 -1.16
CA GLU A 134 9.40 16.76 -2.37
C GLU A 134 10.42 16.73 -3.53
N GLU A 135 11.72 16.69 -3.19
CA GLU A 135 12.80 16.55 -4.19
C GLU A 135 12.84 15.13 -4.74
N VAL A 136 12.88 14.13 -3.83
CA VAL A 136 12.90 12.72 -4.23
C VAL A 136 11.61 12.34 -4.98
N TYR A 137 10.49 12.99 -4.59
CA TYR A 137 9.17 12.86 -5.26
C TYR A 137 9.23 13.39 -6.73
N LYS A 138 9.97 14.49 -6.91
CA LYS A 138 10.12 15.17 -8.21
C LYS A 138 10.99 14.35 -9.20
N TYR A 139 12.06 13.75 -8.66
CA TYR A 139 13.01 12.88 -9.43
C TYR A 139 12.38 11.49 -9.68
N MET A 140 11.48 11.10 -8.76
CA MET A 140 10.65 9.88 -8.83
C MET A 140 9.87 9.79 -10.16
N ILE A 141 9.56 10.97 -10.74
CA ILE A 141 8.92 11.08 -12.06
C ILE A 141 9.87 10.56 -13.16
N LYS A 142 11.14 11.01 -13.08
CA LYS A 142 12.16 10.77 -14.12
C LYS A 142 12.45 9.27 -14.32
N ARG A 143 12.67 8.54 -13.22
CA ARG A 143 12.88 7.08 -13.26
C ARG A 143 11.53 6.33 -13.28
N GLY A 144 10.45 6.99 -12.82
CA GLY A 144 9.10 6.43 -12.93
C GLY A 144 8.86 5.28 -11.97
N ILE A 145 9.46 5.38 -10.77
CA ILE A 145 9.31 4.37 -9.69
C ILE A 145 8.03 4.61 -8.86
N ILE A 146 7.07 5.34 -9.44
CA ILE A 146 5.74 5.54 -8.85
C ILE A 146 4.84 4.36 -9.26
N VAL A 147 5.11 3.83 -10.44
CA VAL A 147 4.58 2.55 -10.90
C VAL A 147 5.66 1.49 -10.68
N ASN A 148 5.39 0.52 -9.78
CA ASN A 148 6.32 -0.60 -9.49
C ASN A 148 6.56 -1.42 -10.77
N ASN A 149 7.75 -1.25 -11.35
CA ASN A 149 8.09 -1.77 -12.67
C ASN A 149 9.61 -1.89 -12.73
N LEU A 150 10.06 -3.11 -13.02
CA LEU A 150 11.48 -3.51 -13.07
C LEU A 150 12.39 -2.53 -13.87
#